data_8GIU
#
_entry.id   8GIU
#
loop_
_entity.id
_entity.type
_entity.pdbx_description
1 polymer 'gp_4 (capsid accessory protein)'
2 polymer 'Capsid protein'
3 polymer 'gp_22 (Minor Capsid Protein)'
#
loop_
_entity_poly.entity_id
_entity_poly.type
_entity_poly.pdbx_seq_one_letter_code
_entity_poly.pdbx_strand_id
1 'polypeptide(L)'
;MANRTVSPSTQGVRPAMRQMYNGRNVATRPIPLIVDTSEIRAIMAAAADARPKTSAVNFPQSGPRPAGAAVVFGTKVSGA
PGNVVSNNAATFAPLTGTQNFE
;
Z,Y
2 'polypeptide(L)'
;MATKELKIGGVPVFPIFGGTAPVRQEGIMTQGDLVTVTSDGIDLNALWNSFAESIAIYNEAMDNLIQLLTYPVTVPVEPV
VQIGETTFEEATELGVPRGAGLPIEVFQMGYDLRHYDKRNAYSWMFLADADGRQVEAIHDAVLWADKRLVFRKVMEALFD
NRTRRANIRNQAYNVYPLYNGDGVPPPRFKNNVFDETHSHYVISHNSVVDSSDLEDLMELLAEHGYSPQAGTQFLLLANK
AETDAIRQFRRGVVNNNGATAGYDFIPSPTQPAMMLPNAEGLLGNQPAPTFGGLAVIGSYGFWNIVEEDYIPPGYLVGVG
YGGAFNLGNPVGLRQHANPAMQGLRIIAGNYQRYPLVDGFYARSFGTGVRQRGGAAIMQIKASGAYECPPIYKKGGGFLV
;
E,F,A,B,C,D,G
3 'polypeptide(L)'
;MALKTKPRWDKYDGYVGNYRGVLGEDIDLDTEANRVLAVGTNSNGAIVVGAGQTGIKGLMIVAVGADIHGAMLDGGINNH
AGDPQDVGKHGEITNFQPTVFGRTFGVAISATEGNVKLAVNGVDTGNIAYDTSAANLKSGIVAVDDGFTADDFTVTGTAP
NFTIVTTRTDVTITASGEGVTVTEATSVAAAGTNYYGHADGTVNAVKGSDGVYVGHTQEADRLIVNVKDEED
;
1,2,3,4,5,6,7
#
# COMPACT_ATOMS: atom_id res chain seq x y z
N ALA A 2 57.69 2.96 34.23
CA ALA A 2 56.36 2.74 33.64
C ALA A 2 55.32 3.65 34.29
N ASN A 3 54.16 3.82 33.64
CA ASN A 3 53.00 4.48 34.24
C ASN A 3 52.31 3.57 35.26
N ARG A 4 52.41 3.91 36.55
CA ARG A 4 51.81 3.18 37.68
C ARG A 4 50.37 3.57 38.02
N THR A 5 49.67 4.33 37.17
CA THR A 5 48.36 4.87 37.53
C THR A 5 47.30 3.77 37.67
N VAL A 6 46.49 3.81 38.73
CA VAL A 6 45.39 2.86 38.99
C VAL A 6 44.12 3.59 39.32
N SER A 7 42.99 2.93 39.09
CA SER A 7 41.66 3.41 39.42
C SER A 7 40.72 2.23 39.65
N PRO A 8 39.54 2.47 40.24
CA PRO A 8 38.48 1.48 40.29
C PRO A 8 38.17 0.84 38.94
N SER A 9 38.28 1.58 37.83
CA SER A 9 38.18 1.03 36.48
C SER A 9 39.31 0.04 36.17
N THR A 10 40.56 0.42 36.38
CA THR A 10 41.74 -0.40 36.03
C THR A 10 41.80 -1.70 36.81
N GLN A 11 41.39 -1.66 38.07
CA GLN A 11 41.29 -2.80 38.96
C GLN A 11 39.97 -3.57 38.82
N GLY A 12 38.98 -2.98 38.17
CA GLY A 12 37.62 -3.50 38.06
C GLY A 12 37.42 -4.56 36.98
N VAL A 13 36.15 -4.75 36.59
CA VAL A 13 35.71 -5.80 35.66
C VAL A 13 34.94 -5.19 34.49
N ARG A 14 35.08 -5.84 33.32
CA ARG A 14 34.44 -5.38 32.07
C ARG A 14 32.92 -5.37 32.28
N PRO A 15 32.16 -4.34 31.84
CA PRO A 15 30.73 -4.31 32.09
C PRO A 15 29.99 -5.48 31.44
N ALA A 16 28.95 -5.98 32.11
CA ALA A 16 28.06 -7.00 31.58
C ALA A 16 26.97 -6.37 30.69
N MET A 17 27.40 -5.77 29.58
CA MET A 17 26.48 -5.03 28.69
C MET A 17 25.89 -5.93 27.62
N ARG A 18 24.63 -5.70 27.27
CA ARG A 18 23.93 -6.44 26.19
C ARG A 18 23.33 -5.33 25.34
N GLN A 19 22.66 -5.64 24.22
CA GLN A 19 21.95 -4.64 23.39
C GLN A 19 20.44 -4.78 23.58
N MET A 20 19.72 -3.67 23.82
CA MET A 20 18.26 -3.67 23.83
C MET A 20 17.67 -4.03 22.47
N TYR A 21 16.37 -4.28 22.42
CA TYR A 21 15.67 -4.19 21.14
C TYR A 21 15.70 -2.75 20.64
N ASN A 22 16.45 -2.51 19.58
CA ASN A 22 16.66 -1.17 19.07
C ASN A 22 15.40 -0.65 18.37
N GLY A 23 14.74 -1.50 17.57
CA GLY A 23 13.63 -1.10 16.73
C GLY A 23 14.07 -0.12 15.65
N ARG A 24 15.22 -0.46 15.05
CA ARG A 24 15.84 0.37 14.00
C ARG A 24 16.58 -0.51 12.99
N ASN A 25 16.77 -0.02 11.76
CA ASN A 25 17.49 -0.70 10.69
C ASN A 25 16.94 -2.11 10.41
N VAL A 26 15.62 -2.15 10.37
CA VAL A 26 14.75 -3.27 10.02
C VAL A 26 13.60 -2.73 9.18
N ALA A 27 12.99 -3.57 8.35
CA ALA A 27 11.84 -3.16 7.57
C ALA A 27 10.57 -3.03 8.43
N THR A 28 10.36 -3.97 9.38
CA THR A 28 9.13 -3.99 10.24
C THR A 28 9.48 -4.16 11.74
N ARG A 29 8.62 -3.68 12.65
CA ARG A 29 8.81 -3.79 14.13
C ARG A 29 7.57 -4.51 14.69
N PRO A 30 7.63 -5.66 15.40
CA PRO A 30 6.40 -6.33 15.85
C PRO A 30 5.48 -5.42 16.68
N ILE A 31 4.14 -5.56 16.58
CA ILE A 31 3.27 -4.77 17.47
C ILE A 31 3.59 -5.12 18.92
N PRO A 32 3.89 -4.16 19.81
CA PRO A 32 4.13 -4.45 21.22
C PRO A 32 2.82 -4.84 21.91
N LEU A 33 2.63 -6.13 22.16
CA LEU A 33 1.36 -6.68 22.64
C LEU A 33 1.48 -7.18 24.09
N ILE A 34 1.29 -6.29 25.07
CA ILE A 34 1.36 -6.65 26.50
C ILE A 34 0.19 -7.58 26.83
N VAL A 35 0.46 -8.71 27.49
CA VAL A 35 -0.57 -9.67 27.90
C VAL A 35 -0.18 -10.32 29.22
N ASP A 36 -0.83 -9.91 30.30
CA ASP A 36 -0.56 -10.41 31.65
C ASP A 36 -1.17 -11.80 31.90
N THR A 37 -0.65 -12.54 32.87
CA THR A 37 -1.09 -13.92 33.12
C THR A 37 -2.57 -14.01 33.50
N SER A 38 -3.13 -13.03 34.20
CA SER A 38 -4.58 -12.97 34.41
C SER A 38 -5.37 -12.89 33.11
N GLU A 39 -4.88 -12.21 32.09
CA GLU A 39 -5.51 -12.14 30.77
C GLU A 39 -5.43 -13.46 30.04
N ILE A 40 -4.29 -14.15 30.08
CA ILE A 40 -4.16 -15.46 29.46
C ILE A 40 -5.13 -16.43 30.12
N ARG A 41 -5.20 -16.48 31.45
CA ARG A 41 -6.16 -17.34 32.15
C ARG A 41 -7.61 -17.00 31.79
N ALA A 42 -8.00 -15.73 31.79
CA ALA A 42 -9.34 -15.30 31.39
C ALA A 42 -9.68 -15.69 29.95
N ILE A 43 -8.76 -15.51 29.00
CA ILE A 43 -8.92 -15.99 27.63
C ILE A 43 -9.08 -17.51 27.60
N MET A 44 -8.14 -18.25 28.18
CA MET A 44 -8.10 -19.71 28.10
C MET A 44 -9.32 -20.36 28.76
N ALA A 45 -9.73 -19.86 29.92
CA ALA A 45 -10.92 -20.32 30.63
C ALA A 45 -12.20 -20.05 29.83
N ALA A 46 -12.38 -18.84 29.30
CA ALA A 46 -13.54 -18.54 28.47
C ALA A 46 -13.55 -19.41 27.20
N ALA A 47 -12.43 -19.61 26.54
CA ALA A 47 -12.33 -20.50 25.40
C ALA A 47 -12.72 -21.94 25.75
N ALA A 48 -12.36 -22.43 26.94
CA ALA A 48 -12.77 -23.74 27.40
C ALA A 48 -14.27 -23.79 27.72
N ASP A 49 -14.82 -22.79 28.39
CA ASP A 49 -16.25 -22.71 28.72
C ASP A 49 -17.14 -22.57 27.49
N ALA A 50 -16.69 -21.86 26.47
CA ALA A 50 -17.46 -21.63 25.24
C ALA A 50 -17.42 -22.79 24.26
N ARG A 51 -16.44 -23.71 24.36
CA ARG A 51 -16.33 -24.86 23.47
C ARG A 51 -17.53 -25.80 23.65
N PRO A 52 -18.31 -26.14 22.61
CA PRO A 52 -19.42 -27.07 22.74
C PRO A 52 -18.90 -28.47 23.07
N LYS A 53 -19.51 -29.13 24.06
CA LYS A 53 -18.99 -30.34 24.71
C LYS A 53 -19.50 -31.63 24.07
N THR A 54 -20.60 -31.56 23.34
CA THR A 54 -21.12 -32.66 22.54
C THR A 54 -21.95 -32.13 21.38
N SER A 55 -22.26 -32.98 20.41
CA SER A 55 -23.14 -32.68 19.29
C SER A 55 -24.33 -33.62 19.27
N ALA A 56 -25.47 -33.13 18.82
CA ALA A 56 -26.65 -33.96 18.62
C ALA A 56 -26.44 -34.93 17.45
N VAL A 57 -26.69 -36.22 17.64
CA VAL A 57 -26.53 -37.21 16.56
C VAL A 57 -27.57 -36.97 15.46
N ASN A 58 -27.15 -36.89 14.20
CA ASN A 58 -28.08 -36.74 13.09
C ASN A 58 -28.59 -38.10 12.59
N PHE A 59 -29.82 -38.10 12.12
CA PHE A 59 -30.58 -39.30 11.78
C PHE A 59 -31.40 -39.05 10.50
N PRO A 60 -30.74 -39.15 9.33
CA PRO A 60 -31.29 -38.68 8.07
C PRO A 60 -32.28 -39.65 7.43
N GLN A 61 -32.01 -40.96 7.44
CA GLN A 61 -32.94 -41.98 6.97
C GLN A 61 -33.86 -42.43 8.11
N SER A 62 -34.98 -41.72 8.28
CA SER A 62 -36.04 -42.06 9.24
C SER A 62 -36.59 -43.48 9.05
N GLY A 63 -36.70 -43.91 7.80
CA GLY A 63 -37.01 -45.27 7.36
C GLY A 63 -36.63 -45.45 5.88
N PRO A 64 -37.14 -46.48 5.19
CA PRO A 64 -36.97 -46.61 3.75
C PRO A 64 -37.60 -45.45 2.97
N ARG A 65 -37.09 -45.22 1.76
CA ARG A 65 -37.57 -44.23 0.79
C ARG A 65 -38.33 -44.92 -0.35
N PRO A 66 -39.38 -44.29 -0.91
CA PRO A 66 -40.24 -44.93 -1.89
C PRO A 66 -39.51 -45.31 -3.19
N ALA A 67 -39.70 -46.53 -3.67
CA ALA A 67 -39.14 -46.99 -4.94
C ALA A 67 -39.83 -46.36 -6.15
N GLY A 68 -39.11 -46.31 -7.27
CA GLY A 68 -39.59 -45.81 -8.56
C GLY A 68 -39.51 -44.29 -8.73
N ALA A 69 -39.19 -43.53 -7.69
CA ALA A 69 -39.01 -42.08 -7.75
C ALA A 69 -37.70 -41.62 -8.41
N ALA A 70 -36.81 -42.54 -8.79
CA ALA A 70 -35.43 -42.30 -9.19
C ALA A 70 -35.25 -41.43 -10.45
N VAL A 71 -36.29 -41.22 -11.24
CA VAL A 71 -36.32 -40.32 -12.41
C VAL A 71 -36.79 -38.91 -12.07
N VAL A 72 -37.57 -38.73 -11.01
CA VAL A 72 -38.07 -37.42 -10.57
C VAL A 72 -36.93 -36.56 -10.04
N PHE A 73 -35.93 -37.20 -9.47
CA PHE A 73 -34.64 -36.64 -9.14
C PHE A 73 -33.66 -36.98 -10.26
N GLY A 74 -32.85 -36.03 -10.68
CA GLY A 74 -31.99 -36.23 -11.85
C GLY A 74 -30.78 -37.13 -11.63
N THR A 75 -29.96 -37.20 -12.67
CA THR A 75 -28.55 -37.61 -12.54
C THR A 75 -27.74 -36.42 -12.07
N LYS A 76 -26.74 -36.65 -11.20
CA LYS A 76 -25.85 -35.58 -10.68
C LYS A 76 -24.78 -35.28 -11.73
N VAL A 77 -24.84 -34.14 -12.42
CA VAL A 77 -23.75 -33.75 -13.38
C VAL A 77 -22.47 -33.69 -12.53
N SER A 78 -21.35 -34.26 -13.00
CA SER A 78 -20.11 -34.39 -12.18
C SER A 78 -19.27 -33.11 -12.17
N GLY A 79 -19.04 -32.44 -13.31
CA GLY A 79 -18.13 -31.29 -13.37
C GLY A 79 -18.72 -29.95 -12.97
N ALA A 80 -19.94 -29.90 -12.43
CA ALA A 80 -20.66 -28.64 -12.26
C ALA A 80 -19.86 -27.63 -11.41
N PRO A 81 -19.63 -26.39 -11.85
CA PRO A 81 -18.85 -25.43 -11.07
C PRO A 81 -19.46 -25.12 -9.70
N GLY A 82 -20.78 -25.11 -9.56
CA GLY A 82 -21.43 -24.94 -8.25
C GLY A 82 -21.28 -26.12 -7.30
N ASN A 83 -20.79 -27.28 -7.73
CA ASN A 83 -20.54 -28.39 -6.82
C ASN A 83 -19.42 -28.09 -5.82
N VAL A 84 -18.62 -27.03 -5.96
CA VAL A 84 -17.75 -26.57 -4.88
C VAL A 84 -18.52 -26.30 -3.58
N VAL A 85 -19.75 -25.79 -3.67
CA VAL A 85 -20.58 -25.51 -2.48
C VAL A 85 -21.14 -26.80 -1.91
N SER A 86 -21.79 -27.62 -2.70
CA SER A 86 -22.39 -28.87 -2.20
C SER A 86 -21.38 -29.98 -1.89
N ASN A 87 -20.15 -29.93 -2.39
CA ASN A 87 -19.07 -30.76 -1.86
C ASN A 87 -18.69 -30.36 -0.43
N ASN A 88 -18.94 -29.10 -0.06
CA ASN A 88 -18.60 -28.52 1.23
C ASN A 88 -19.81 -28.44 2.18
N ALA A 89 -20.79 -29.33 2.02
CA ALA A 89 -22.04 -29.32 2.76
C ALA A 89 -22.35 -30.66 3.41
N ALA A 90 -23.25 -30.66 4.40
CA ALA A 90 -23.61 -31.84 5.17
C ALA A 90 -25.08 -31.84 5.56
N THR A 91 -25.60 -32.98 6.02
CA THR A 91 -27.03 -33.17 6.30
C THR A 91 -27.38 -32.68 7.70
N PHE A 92 -28.20 -31.64 7.81
CA PHE A 92 -28.81 -31.23 9.08
C PHE A 92 -30.08 -32.04 9.32
N ALA A 93 -30.01 -33.04 10.18
CA ALA A 93 -31.15 -33.83 10.58
C ALA A 93 -30.99 -34.31 12.03
N PRO A 94 -30.81 -33.42 13.02
CA PRO A 94 -30.55 -33.81 14.40
C PRO A 94 -31.71 -34.62 14.98
N LEU A 95 -31.39 -35.71 15.67
CA LEU A 95 -32.39 -36.55 16.33
C LEU A 95 -32.94 -35.90 17.61
N THR A 96 -32.10 -35.16 18.33
CA THR A 96 -32.34 -34.72 19.70
C THR A 96 -32.22 -33.20 19.84
N GLY A 97 -32.93 -32.61 20.79
CA GLY A 97 -32.84 -31.19 21.12
C GLY A 97 -33.61 -30.26 20.19
N THR A 98 -34.47 -30.78 19.34
CA THR A 98 -35.27 -30.02 18.37
C THR A 98 -36.30 -29.09 19.01
N GLN A 99 -36.71 -29.26 20.26
CA GLN A 99 -37.53 -28.28 20.98
C GLN A 99 -36.67 -27.18 21.64
N ASN A 100 -35.35 -27.34 21.60
CA ASN A 100 -34.35 -26.47 22.22
C ASN A 100 -33.50 -25.69 21.21
N PHE A 101 -34.01 -25.45 20.02
CA PHE A 101 -33.48 -24.38 19.17
C PHE A 101 -33.83 -23.03 19.80
N GLU A 102 -32.85 -22.12 19.93
CA GLU A 102 -33.02 -20.83 20.61
C GLU A 102 -32.54 -19.67 19.73
N ALA B 2 -2.92 -20.74 -7.65
CA ALA B 2 -2.01 -19.95 -6.81
C ALA B 2 -2.15 -18.45 -7.12
N ASN B 3 -1.47 -17.58 -6.36
CA ASN B 3 -1.42 -16.14 -6.58
C ASN B 3 -0.52 -15.78 -7.78
N ARG B 4 -1.15 -15.27 -8.83
CA ARG B 4 -0.47 -14.84 -10.07
C ARG B 4 0.03 -13.39 -10.04
N THR B 5 -0.10 -12.67 -8.92
CA THR B 5 0.22 -11.23 -8.86
C THR B 5 1.68 -10.96 -9.16
N VAL B 6 1.95 -9.97 -10.00
CA VAL B 6 3.30 -9.52 -10.37
C VAL B 6 3.42 -8.02 -10.22
N SER B 7 4.64 -7.53 -10.07
CA SER B 7 4.95 -6.11 -10.05
C SER B 7 6.39 -5.92 -10.51
N PRO B 8 6.82 -4.68 -10.81
CA PRO B 8 8.23 -4.41 -11.06
C PRO B 8 9.13 -4.89 -9.93
N SER B 9 8.62 -5.01 -8.70
CA SER B 9 9.31 -5.60 -7.56
C SER B 9 9.42 -7.12 -7.65
N THR B 10 8.36 -7.87 -7.94
CA THR B 10 8.50 -9.35 -8.04
C THR B 10 9.40 -9.74 -9.21
N GLN B 11 9.41 -8.94 -10.26
CA GLN B 11 10.26 -9.11 -11.43
C GLN B 11 11.65 -8.49 -11.26
N GLY B 12 11.88 -7.78 -10.17
CA GLY B 12 13.04 -6.96 -9.91
C GLY B 12 14.29 -7.72 -9.45
N VAL B 13 15.19 -6.97 -8.83
CA VAL B 13 16.46 -7.46 -8.25
C VAL B 13 16.59 -7.01 -6.79
N ARG B 14 17.24 -7.80 -5.95
CA ARG B 14 17.52 -7.43 -4.55
C ARG B 14 18.30 -6.11 -4.49
N PRO B 15 17.93 -5.14 -3.64
CA PRO B 15 18.46 -3.77 -3.72
C PRO B 15 19.97 -3.54 -3.53
N ALA B 16 20.78 -4.57 -3.26
CA ALA B 16 22.23 -4.44 -3.05
C ALA B 16 22.60 -3.35 -2.01
N MET B 17 21.79 -3.30 -0.95
CA MET B 17 21.88 -2.26 0.10
C MET B 17 22.95 -2.64 1.11
N ARG B 18 23.50 -1.66 1.85
CA ARG B 18 24.50 -1.90 2.92
C ARG B 18 24.21 -0.92 4.05
N GLN B 19 24.82 -1.10 5.22
CA GLN B 19 24.71 -0.14 6.36
C GLN B 19 25.91 0.80 6.24
N MET B 20 25.72 2.12 6.43
CA MET B 20 26.82 3.07 6.48
C MET B 20 27.02 3.60 7.90
N TYR B 21 28.26 3.89 8.27
CA TYR B 21 28.63 4.30 9.63
C TYR B 21 27.77 5.45 10.14
N ASN B 22 27.20 5.31 11.34
CA ASN B 22 26.26 6.27 11.93
C ASN B 22 26.69 6.86 13.29
N GLY B 23 27.81 6.41 13.88
CA GLY B 23 28.31 6.93 15.15
C GLY B 23 27.53 6.55 16.40
N ARG B 24 26.44 5.78 16.30
CA ARG B 24 25.68 5.27 17.44
C ARG B 24 26.29 4.00 18.00
N ASN B 25 26.10 3.76 19.29
CA ASN B 25 26.38 2.50 19.95
C ASN B 25 27.85 2.06 19.87
N VAL B 26 28.72 3.04 20.02
CA VAL B 26 30.18 2.94 20.16
C VAL B 26 30.61 3.91 21.24
N ALA B 27 31.76 3.68 21.86
CA ALA B 27 32.25 4.58 22.91
C ALA B 27 32.69 5.93 22.36
N THR B 28 33.39 5.94 21.21
CA THR B 28 33.97 7.17 20.61
C THR B 28 33.68 7.27 19.11
N ARG B 29 33.88 8.44 18.49
CA ARG B 29 33.65 8.69 17.04
C ARG B 29 34.92 9.33 16.45
N PRO B 30 35.58 8.85 15.38
CA PRO B 30 36.78 9.54 14.88
C PRO B 30 36.48 10.99 14.49
N ILE B 31 37.38 11.96 14.75
CA ILE B 31 37.14 13.33 14.28
C ILE B 31 37.01 13.32 12.75
N PRO B 32 35.96 13.90 12.15
CA PRO B 32 35.83 13.97 10.70
C PRO B 32 36.80 15.01 10.13
N LEU B 33 38.01 14.57 9.79
CA LEU B 33 39.10 15.42 9.32
C LEU B 33 39.16 15.39 7.78
N ILE B 34 38.47 16.31 7.10
CA ILE B 34 38.49 16.38 5.62
C ILE B 34 39.82 16.97 5.17
N VAL B 35 40.48 16.32 4.20
CA VAL B 35 41.78 16.75 3.67
C VAL B 35 41.79 16.54 2.16
N ASP B 36 41.57 17.59 1.37
CA ASP B 36 41.62 17.48 -0.09
C ASP B 36 43.05 17.43 -0.60
N THR B 37 43.25 16.86 -1.79
CA THR B 37 44.60 16.60 -2.31
C THR B 37 45.43 17.88 -2.47
N SER B 38 44.83 19.02 -2.79
CA SER B 38 45.56 20.28 -2.85
C SER B 38 46.25 20.64 -1.54
N GLU B 39 45.66 20.28 -0.41
CA GLU B 39 46.21 20.51 0.92
C GLU B 39 47.31 19.50 1.24
N ILE B 40 47.17 18.26 0.80
CA ILE B 40 48.24 17.27 0.88
C ILE B 40 49.44 17.71 0.06
N ARG B 41 49.26 18.22 -1.16
CA ARG B 41 50.37 18.74 -1.97
C ARG B 41 51.08 19.87 -1.25
N ALA B 42 50.34 20.84 -0.69
CA ALA B 42 50.97 21.94 0.02
C ALA B 42 51.79 21.48 1.23
N ILE B 43 51.28 20.55 2.04
CA ILE B 43 52.04 19.95 3.15
C ILE B 43 53.29 19.28 2.63
N MET B 44 53.19 18.36 1.68
CA MET B 44 54.34 17.59 1.21
C MET B 44 55.40 18.46 0.54
N ALA B 45 55.00 19.48 -0.21
CA ALA B 45 55.93 20.44 -0.78
C ALA B 45 56.63 21.24 0.31
N ALA B 46 55.88 21.79 1.27
CA ALA B 46 56.45 22.57 2.35
C ALA B 46 57.40 21.75 3.24
N ALA B 47 57.06 20.50 3.56
CA ALA B 47 57.93 19.63 4.35
C ALA B 47 59.26 19.39 3.65
N ALA B 48 59.21 19.06 2.36
CA ALA B 48 60.40 18.85 1.54
C ALA B 48 61.23 20.12 1.36
N ASP B 49 60.62 21.31 1.34
CA ASP B 49 61.36 22.57 1.31
C ASP B 49 62.06 22.87 2.62
N ALA B 50 61.38 22.69 3.75
CA ALA B 50 61.90 23.00 5.07
C ALA B 50 62.96 22.01 5.59
N ARG B 51 62.98 20.78 5.09
CA ARG B 51 63.96 19.75 5.47
C ARG B 51 65.38 20.21 5.13
N PRO B 52 66.32 20.33 6.09
CA PRO B 52 67.67 20.77 5.78
C PRO B 52 68.46 19.74 4.95
N LYS B 53 69.21 20.23 3.96
CA LYS B 53 69.87 19.40 2.93
C LYS B 53 71.34 19.08 3.23
N THR B 54 71.98 19.83 4.12
CA THR B 54 73.34 19.57 4.61
C THR B 54 73.56 20.20 5.97
N SER B 55 74.64 19.85 6.64
CA SER B 55 75.03 20.38 7.95
C SER B 55 76.49 20.83 7.96
N ALA B 56 76.82 21.87 8.74
CA ALA B 56 78.19 22.26 8.98
C ALA B 56 78.90 21.19 9.82
N VAL B 57 80.03 20.67 9.35
CA VAL B 57 80.88 19.74 10.11
C VAL B 57 81.52 20.44 11.32
N ASN B 58 81.72 19.75 12.44
CA ASN B 58 82.47 20.33 13.55
C ASN B 58 83.98 20.35 13.27
N PHE B 59 84.67 21.45 13.59
CA PHE B 59 86.13 21.55 13.45
C PHE B 59 86.87 20.64 14.45
N PRO B 60 87.98 20.00 14.06
CA PRO B 60 88.78 19.15 14.95
C PRO B 60 89.50 20.00 16.00
N GLN B 61 89.82 19.41 17.15
CA GLN B 61 90.41 20.13 18.30
C GLN B 61 91.68 20.91 17.90
N SER B 62 91.68 22.23 18.12
CA SER B 62 92.67 23.17 17.59
C SER B 62 94.05 23.01 18.24
N GLY B 63 94.95 22.32 17.56
CA GLY B 63 96.23 21.89 18.13
C GLY B 63 96.05 20.95 19.33
N PRO B 64 97.15 20.56 19.97
CA PRO B 64 97.09 19.90 21.27
C PRO B 64 96.66 20.88 22.35
N ARG B 65 95.81 20.44 23.27
CA ARG B 65 95.46 21.19 24.49
C ARG B 65 96.66 21.23 25.42
N PRO B 66 96.75 22.20 26.33
CA PRO B 66 97.78 22.14 27.37
C PRO B 66 98.04 20.90 28.22
N ALA B 67 99.20 20.84 28.88
CA ALA B 67 99.50 19.70 29.73
C ALA B 67 99.83 19.90 31.23
N GLY B 68 99.67 18.82 32.01
CA GLY B 68 99.60 18.88 33.47
C GLY B 68 98.35 19.59 34.02
N ALA B 69 97.36 19.91 33.19
CA ALA B 69 96.17 20.67 33.58
C ALA B 69 95.05 19.81 34.22
N ALA B 70 95.15 18.48 34.21
CA ALA B 70 94.07 17.58 34.60
C ALA B 70 93.46 17.87 35.99
N VAL B 71 94.29 18.24 36.97
CA VAL B 71 93.86 18.58 38.32
C VAL B 71 92.87 19.75 38.35
N VAL B 72 92.90 20.64 37.37
CA VAL B 72 92.03 21.81 37.31
C VAL B 72 90.62 21.44 36.86
N PHE B 73 90.47 20.37 36.08
CA PHE B 73 89.19 19.92 35.54
C PHE B 73 88.56 18.79 36.35
N GLY B 74 89.35 18.09 37.16
CA GLY B 74 88.88 17.11 38.11
C GLY B 74 88.54 15.74 37.52
N THR B 75 87.92 14.92 38.35
CA THR B 75 87.36 13.62 37.99
C THR B 75 85.86 13.53 37.67
N LYS B 76 85.48 12.68 36.73
CA LYS B 76 84.09 12.54 36.26
C LYS B 76 83.24 11.70 37.21
N VAL B 77 82.14 12.23 37.72
CA VAL B 77 81.28 11.52 38.69
C VAL B 77 80.38 10.51 37.97
N SER B 78 80.62 9.22 38.18
CA SER B 78 79.83 8.13 37.60
C SER B 78 78.42 8.05 38.17
N GLY B 79 77.42 7.91 37.30
CA GLY B 79 76.04 7.67 37.69
C GLY B 79 75.33 8.87 38.29
N ALA B 80 75.86 10.09 38.16
CA ALA B 80 75.22 11.27 38.74
C ALA B 80 73.81 11.49 38.14
N PRO B 81 72.79 11.86 38.94
CA PRO B 81 71.43 12.00 38.45
C PRO B 81 71.28 12.99 37.30
N GLY B 82 72.07 14.08 37.28
CA GLY B 82 72.06 15.07 36.21
C GLY B 82 72.72 14.62 34.92
N ASN B 83 73.41 13.49 34.86
CA ASN B 83 74.08 13.04 33.65
C ASN B 83 73.13 12.61 32.54
N VAL B 84 71.83 12.48 32.79
CA VAL B 84 70.84 12.27 31.71
C VAL B 84 70.80 13.43 30.71
N VAL B 85 71.14 14.64 31.15
CA VAL B 85 71.26 15.82 30.27
C VAL B 85 72.57 15.78 29.52
N SER B 86 73.72 15.64 30.18
CA SER B 86 75.01 15.62 29.49
C SER B 86 75.23 14.38 28.62
N ASN B 87 74.58 13.25 28.88
CA ASN B 87 74.61 12.10 27.98
C ASN B 87 73.77 12.33 26.71
N ASN B 88 72.83 13.27 26.76
CA ASN B 88 71.96 13.65 25.67
C ASN B 88 72.44 14.93 24.96
N ALA B 89 73.75 15.20 24.98
CA ALA B 89 74.38 16.42 24.49
C ALA B 89 75.52 16.13 23.50
N ALA B 90 75.89 17.12 22.71
CA ALA B 90 76.96 17.03 21.70
C ALA B 90 77.73 18.34 21.61
N THR B 91 78.89 18.32 20.97
CA THR B 91 79.75 19.50 20.83
C THR B 91 79.20 20.43 19.75
N PHE B 92 79.18 21.73 19.98
CA PHE B 92 78.91 22.72 18.94
C PHE B 92 80.19 23.49 18.62
N ALA B 93 80.76 23.21 17.46
CA ALA B 93 82.01 23.81 17.01
C ALA B 93 82.03 23.82 15.48
N PRO B 94 81.06 24.46 14.81
CA PRO B 94 80.95 24.36 13.36
C PRO B 94 82.15 24.99 12.65
N LEU B 95 82.69 24.27 11.67
CA LEU B 95 83.84 24.71 10.90
C LEU B 95 83.48 25.83 9.93
N THR B 96 82.25 25.87 9.44
CA THR B 96 81.82 26.72 8.33
C THR B 96 80.46 27.35 8.58
N GLY B 97 80.12 28.38 7.81
CA GLY B 97 78.85 29.08 7.91
C GLY B 97 78.69 29.92 9.18
N THR B 98 79.78 30.13 9.90
CA THR B 98 79.79 30.77 11.20
C THR B 98 79.59 32.28 11.14
N GLN B 99 79.76 32.94 10.00
CA GLN B 99 79.37 34.34 9.79
C GLN B 99 77.91 34.47 9.34
N ASN B 100 77.30 33.37 8.89
CA ASN B 100 75.91 33.27 8.48
C ASN B 100 74.96 32.81 9.60
N PHE B 101 75.28 33.07 10.87
CA PHE B 101 74.29 32.89 11.94
C PHE B 101 73.20 33.95 11.86
N GLU B 102 71.95 33.50 11.88
CA GLU B 102 70.75 34.34 11.90
C GLU B 102 69.64 33.68 12.70
N THR C 20 22.64 -9.34 72.39
CA THR C 20 21.48 -8.70 71.71
C THR C 20 20.87 -7.55 72.52
N ALA C 21 19.99 -7.82 73.49
CA ALA C 21 19.48 -6.77 74.38
C ALA C 21 20.61 -6.15 75.21
N PRO C 22 20.63 -4.83 75.44
CA PRO C 22 21.70 -4.13 76.13
C PRO C 22 21.63 -4.26 77.66
N VAL C 23 21.26 -5.43 78.18
CA VAL C 23 21.18 -5.68 79.63
C VAL C 23 22.40 -6.47 80.08
N ARG C 24 23.05 -6.02 81.14
CA ARG C 24 24.33 -6.55 81.64
C ARG C 24 24.16 -7.01 83.08
N GLN C 25 23.86 -8.28 83.27
CA GLN C 25 23.79 -8.90 84.59
C GLN C 25 25.21 -9.10 85.13
N GLU C 26 25.53 -8.50 86.26
CA GLU C 26 26.85 -8.60 86.89
C GLU C 26 26.69 -8.98 88.36
N GLY C 27 27.32 -10.07 88.79
CA GLY C 27 27.30 -10.50 90.17
C GLY C 27 27.88 -11.89 90.35
N ILE C 28 27.85 -12.40 91.58
CA ILE C 28 28.09 -13.81 91.85
C ILE C 28 26.83 -14.56 91.43
N MET C 29 26.94 -15.54 90.54
CA MET C 29 25.82 -16.37 90.07
C MET C 29 25.36 -17.30 91.19
N THR C 30 24.13 -17.15 91.64
CA THR C 30 23.53 -17.97 92.70
C THR C 30 22.47 -18.90 92.14
N GLN C 31 21.96 -19.85 92.94
CA GLN C 31 20.62 -20.38 92.68
C GLN C 31 19.63 -19.23 92.54
N GLY C 32 18.57 -19.41 91.75
CA GLY C 32 17.73 -18.29 91.33
C GLY C 32 18.28 -17.53 90.12
N ASP C 33 19.59 -17.55 89.88
CA ASP C 33 20.18 -17.24 88.58
C ASP C 33 20.31 -18.49 87.69
N LEU C 34 19.92 -19.66 88.19
CA LEU C 34 19.91 -20.90 87.43
C LEU C 34 18.83 -20.91 86.36
N VAL C 35 19.18 -21.47 85.22
CA VAL C 35 18.28 -21.76 84.11
C VAL C 35 18.19 -23.27 83.97
N THR C 36 16.98 -23.77 83.92
CA THR C 36 16.66 -25.20 83.98
C THR C 36 15.61 -25.55 82.94
N VAL C 37 15.45 -26.85 82.66
CA VAL C 37 14.30 -27.29 81.87
C VAL C 37 13.02 -26.80 82.56
N THR C 38 12.10 -26.21 81.81
CA THR C 38 10.80 -25.78 82.32
C THR C 38 9.94 -26.97 82.69
N SER C 39 8.94 -26.80 83.56
CA SER C 39 7.96 -27.86 83.82
C SER C 39 7.20 -28.30 82.55
N ASP C 40 7.08 -27.39 81.58
CA ASP C 40 6.52 -27.64 80.24
C ASP C 40 7.42 -28.50 79.32
N GLY C 41 8.64 -28.84 79.76
CA GLY C 41 9.61 -29.65 79.00
C GLY C 41 10.44 -28.85 77.99
N ILE C 42 10.30 -27.52 77.94
CA ILE C 42 11.19 -26.65 77.14
C ILE C 42 12.56 -26.61 77.80
N ASP C 43 13.58 -27.13 77.13
CA ASP C 43 14.96 -27.07 77.58
C ASP C 43 15.58 -25.73 77.19
N LEU C 44 15.43 -24.72 78.04
CA LEU C 44 16.01 -23.40 77.80
C LEU C 44 17.52 -23.43 77.60
N ASN C 45 18.21 -24.42 78.14
CA ASN C 45 19.64 -24.57 77.95
C ASN C 45 20.04 -25.04 76.55
N ALA C 46 19.09 -25.44 75.71
CA ALA C 46 19.34 -25.65 74.29
C ALA C 46 19.36 -24.33 73.49
N LEU C 47 18.78 -23.26 74.01
CA LEU C 47 18.48 -22.06 73.24
C LEU C 47 19.57 -21.00 73.27
N TRP C 48 20.61 -21.15 74.10
CA TRP C 48 21.61 -20.10 74.32
C TRP C 48 22.25 -19.60 73.03
N ASN C 49 22.69 -20.50 72.17
CA ASN C 49 23.35 -20.18 70.92
C ASN C 49 22.38 -20.04 69.73
N SER C 50 21.16 -19.58 69.94
CA SER C 50 20.17 -19.38 68.87
C SER C 50 20.35 -18.08 68.07
N PHE C 51 20.93 -17.05 68.67
CA PHE C 51 21.28 -15.80 67.98
C PHE C 51 22.46 -15.91 67.01
N ALA C 52 23.15 -17.05 66.96
CA ALA C 52 24.50 -17.17 66.42
C ALA C 52 24.67 -16.69 64.98
N GLU C 53 23.61 -16.65 64.18
CA GLU C 53 23.65 -16.15 62.80
C GLU C 53 23.48 -14.61 62.67
N SER C 54 22.74 -13.95 63.57
CA SER C 54 22.74 -12.49 63.65
C SER C 54 24.06 -11.96 64.24
N ILE C 55 24.61 -12.71 65.21
CA ILE C 55 25.98 -12.50 65.68
C ILE C 55 26.97 -12.74 64.55
N ALA C 56 26.83 -13.81 63.76
CA ALA C 56 27.74 -14.10 62.65
C ALA C 56 27.85 -12.96 61.62
N ILE C 57 26.78 -12.22 61.32
CA ILE C 57 26.90 -11.05 60.43
C ILE C 57 27.66 -9.89 61.07
N TYR C 58 27.41 -9.54 62.34
CA TYR C 58 28.20 -8.54 63.04
C TYR C 58 29.67 -8.96 63.17
N ASN C 59 29.91 -10.23 63.46
CA ASN C 59 31.22 -10.84 63.54
C ASN C 59 31.99 -10.73 62.22
N GLU C 60 31.33 -11.03 61.10
CA GLU C 60 31.90 -10.92 59.76
C GLU C 60 32.25 -9.47 59.43
N ALA C 61 31.38 -8.53 59.76
CA ALA C 61 31.63 -7.13 59.50
C ALA C 61 32.83 -6.61 60.31
N MET C 62 32.90 -6.94 61.60
CA MET C 62 34.06 -6.60 62.42
C MET C 62 35.34 -7.31 61.94
N ASP C 63 35.29 -8.58 61.52
CA ASP C 63 36.46 -9.27 60.97
C ASP C 63 37.04 -8.56 59.75
N ASN C 64 36.18 -8.18 58.81
CA ASN C 64 36.61 -7.53 57.59
C ASN C 64 37.20 -6.15 57.86
N LEU C 65 36.57 -5.35 58.71
CA LEU C 65 37.14 -4.06 59.10
C LEU C 65 38.47 -4.23 59.85
N ILE C 66 38.58 -5.15 60.79
CA ILE C 66 39.82 -5.30 61.57
C ILE C 66 40.96 -5.73 60.66
N GLN C 67 40.77 -6.70 59.77
CA GLN C 67 41.88 -7.13 58.94
C GLN C 67 42.28 -6.09 57.90
N LEU C 68 41.40 -5.16 57.55
CA LEU C 68 41.68 -4.10 56.60
C LEU C 68 42.17 -2.80 57.24
N LEU C 69 41.94 -2.59 58.54
CA LEU C 69 42.39 -1.40 59.26
C LEU C 69 43.61 -1.61 60.15
N THR C 70 44.03 -2.84 60.44
CA THR C 70 45.07 -3.10 61.45
C THR C 70 46.30 -3.85 60.93
N TYR C 71 47.44 -3.66 61.59
CA TYR C 71 48.62 -4.52 61.47
C TYR C 71 49.23 -4.77 62.85
N PRO C 72 49.93 -5.89 63.08
CA PRO C 72 50.65 -6.14 64.31
C PRO C 72 51.92 -5.29 64.41
N VAL C 73 52.06 -4.53 65.49
CA VAL C 73 53.26 -3.73 65.79
C VAL C 73 54.40 -4.65 66.17
N THR C 74 55.48 -4.62 65.41
CA THR C 74 56.72 -5.35 65.72
C THR C 74 57.83 -4.43 66.24
N VAL C 75 57.73 -3.13 66.02
CA VAL C 75 58.71 -2.10 66.40
C VAL C 75 58.02 -1.02 67.22
N PRO C 76 58.13 -1.00 68.56
CA PRO C 76 57.26 -0.18 69.41
C PRO C 76 57.36 1.34 69.24
N VAL C 77 58.46 1.85 68.69
CA VAL C 77 58.73 3.28 68.50
C VAL C 77 59.24 3.54 67.08
N GLU C 78 58.65 4.50 66.38
CA GLU C 78 58.92 4.83 64.97
C GLU C 78 59.58 6.21 64.84
N PRO C 79 60.65 6.38 64.06
CA PRO C 79 61.31 7.67 63.84
C PRO C 79 60.83 8.38 62.56
N VAL C 80 60.83 9.70 62.56
CA VAL C 80 60.70 10.54 61.35
C VAL C 80 61.74 11.64 61.35
N VAL C 81 62.33 11.98 60.20
CA VAL C 81 63.44 12.95 60.08
C VAL C 81 63.14 14.06 59.11
N GLN C 82 63.76 15.21 59.30
CA GLN C 82 63.76 16.33 58.36
C GLN C 82 65.21 16.71 58.01
N ILE C 83 65.57 16.64 56.73
CA ILE C 83 66.92 16.91 56.19
C ILE C 83 66.87 18.17 55.30
N GLY C 84 67.91 19.00 55.34
CA GLY C 84 68.03 20.23 54.52
C GLY C 84 68.42 19.99 53.07
N GLU C 85 68.88 21.01 52.37
CA GLU C 85 69.28 20.93 50.96
C GLU C 85 70.46 21.86 50.65
N THR C 86 70.93 21.85 49.41
CA THR C 86 71.89 22.84 48.90
C THR C 86 71.63 23.17 47.43
N THR C 87 72.42 24.06 46.85
CA THR C 87 72.31 24.59 45.49
C THR C 87 73.68 24.77 44.84
N PHE C 88 73.79 24.63 43.53
CA PHE C 88 74.96 25.11 42.78
C PHE C 88 74.90 26.63 42.66
N GLU C 89 75.95 27.23 42.13
CA GLU C 89 75.96 28.61 41.66
C GLU C 89 76.71 28.71 40.33
N GLU C 90 76.58 29.84 39.65
CA GLU C 90 77.30 30.09 38.41
C GLU C 90 78.78 30.39 38.65
N ALA C 91 79.68 29.72 37.95
CA ALA C 91 81.12 29.84 38.12
C ALA C 91 81.68 31.18 37.61
N THR C 92 82.87 31.54 38.08
CA THR C 92 83.67 32.67 37.58
C THR C 92 85.11 32.23 37.43
N GLU C 93 85.94 33.00 36.71
CA GLU C 93 87.29 32.54 36.37
C GLU C 93 88.36 32.78 37.45
N LEU C 94 88.10 33.58 38.49
CA LEU C 94 89.06 33.86 39.58
C LEU C 94 88.53 33.60 41.00
N GLY C 95 87.24 33.76 41.27
CA GLY C 95 86.65 33.52 42.60
C GLY C 95 86.38 32.05 42.90
N VAL C 96 85.75 31.77 44.04
CA VAL C 96 85.35 30.42 44.46
C VAL C 96 83.91 30.38 44.99
N PRO C 97 83.18 29.27 44.79
CA PRO C 97 81.80 29.13 45.25
C PRO C 97 81.64 28.97 46.77
N ARG C 98 80.42 29.10 47.27
CA ARG C 98 80.05 28.86 48.67
C ARG C 98 80.08 27.38 49.05
N GLY C 99 80.37 27.11 50.32
CA GLY C 99 80.38 25.79 50.93
C GLY C 99 79.00 25.13 51.02
N ALA C 100 78.92 23.96 51.66
CA ALA C 100 77.70 23.17 51.81
C ALA C 100 77.66 22.42 53.15
N GLY C 101 76.48 22.24 53.72
CA GLY C 101 76.25 21.35 54.86
C GLY C 101 74.78 20.96 54.98
N LEU C 102 74.49 19.84 55.63
CA LEU C 102 73.12 19.38 55.87
C LEU C 102 72.80 19.40 57.36
N PRO C 103 71.74 20.08 57.79
CA PRO C 103 71.20 19.91 59.12
C PRO C 103 70.11 18.83 59.11
N ILE C 104 70.14 17.92 60.08
CA ILE C 104 69.14 16.88 60.31
C ILE C 104 68.52 17.02 61.68
N GLU C 105 67.23 16.72 61.80
CA GLU C 105 66.61 16.46 63.10
C GLU C 105 65.62 15.32 63.01
N VAL C 106 65.28 14.74 64.14
CA VAL C 106 64.46 13.53 64.26
C VAL C 106 63.41 13.68 65.35
N PHE C 107 62.29 13.02 65.14
CA PHE C 107 61.20 12.90 66.09
C PHE C 107 60.78 11.44 66.17
N GLN C 108 60.07 11.06 67.21
CA GLN C 108 59.63 9.69 67.45
C GLN C 108 58.19 9.63 67.90
N MET C 109 57.53 8.50 67.64
CA MET C 109 56.15 8.20 68.05
C MET C 109 55.97 6.72 68.34
N GLY C 110 55.07 6.37 69.23
CA GLY C 110 54.83 5.00 69.66
C GLY C 110 53.39 4.56 69.59
N TYR C 111 53.10 3.44 70.25
CA TYR C 111 51.80 2.81 70.38
C TYR C 111 51.56 2.48 71.85
N ASP C 112 50.38 2.73 72.41
CA ASP C 112 50.16 2.47 73.83
C ASP C 112 49.91 0.99 74.13
N LEU C 113 49.66 0.68 75.40
CA LEU C 113 49.36 -0.66 75.90
C LEU C 113 48.60 -0.53 77.21
N ARG C 114 47.41 -1.12 77.29
CA ARG C 114 46.51 -1.07 78.44
C ARG C 114 46.03 -2.47 78.77
N HIS C 115 45.45 -2.63 79.94
CA HIS C 115 45.07 -3.91 80.52
C HIS C 115 43.58 -3.94 80.82
N TYR C 116 42.91 -5.01 80.42
CA TYR C 116 41.49 -5.19 80.60
C TYR C 116 41.23 -6.55 81.19
N ASP C 117 40.25 -6.66 82.07
CA ASP C 117 39.87 -7.93 82.66
C ASP C 117 38.38 -8.03 83.00
N LYS C 118 37.94 -9.25 83.30
CA LYS C 118 36.57 -9.59 83.69
C LYS C 118 36.63 -10.71 84.71
N ARG C 119 35.65 -10.81 85.61
CA ARG C 119 35.50 -11.92 86.55
C ARG C 119 34.25 -12.68 86.22
N ASN C 120 34.21 -13.97 86.52
CA ASN C 120 32.93 -14.60 86.83
C ASN C 120 33.06 -15.44 88.10
N ALA C 121 31.97 -15.56 88.84
CA ALA C 121 31.94 -16.13 90.17
C ALA C 121 30.62 -16.86 90.36
N TYR C 122 30.65 -18.00 91.03
CA TYR C 122 29.49 -18.86 91.24
C TYR C 122 29.41 -19.28 92.71
N SER C 123 28.21 -19.39 93.28
CA SER C 123 28.08 -20.08 94.56
C SER C 123 28.02 -21.59 94.36
N TRP C 124 28.31 -22.35 95.41
CA TRP C 124 28.24 -23.80 95.39
C TRP C 124 26.85 -24.32 95.03
N MET C 125 25.78 -23.64 95.47
CA MET C 125 24.42 -24.00 95.11
C MET C 125 24.12 -23.80 93.63
N PHE C 126 24.70 -22.79 92.98
CA PHE C 126 24.66 -22.69 91.53
C PHE C 126 25.40 -23.87 90.91
N LEU C 127 26.66 -24.07 91.26
CA LEU C 127 27.49 -25.12 90.65
C LEU C 127 26.97 -26.53 90.85
N ALA C 128 26.23 -26.79 91.92
CA ALA C 128 25.63 -28.09 92.20
C ALA C 128 24.53 -28.46 91.21
N ASP C 129 23.79 -27.48 90.69
CA ASP C 129 22.58 -27.67 89.90
C ASP C 129 22.67 -27.14 88.45
N ALA C 130 23.61 -26.27 88.13
CA ALA C 130 23.75 -25.67 86.81
C ALA C 130 24.00 -26.69 85.70
N ASP C 131 23.33 -26.48 84.57
CA ASP C 131 23.64 -27.15 83.31
C ASP C 131 24.95 -26.59 82.74
N GLY C 132 25.87 -27.44 82.27
CA GLY C 132 27.13 -26.98 81.69
C GLY C 132 26.95 -25.98 80.56
N ARG C 133 25.85 -26.09 79.82
CA ARG C 133 25.49 -25.17 78.75
C ARG C 133 25.22 -23.75 79.24
N GLN C 134 24.74 -23.55 80.47
CA GLN C 134 24.57 -22.18 80.98
C GLN C 134 25.91 -21.50 81.20
N VAL C 135 26.92 -22.21 81.71
CA VAL C 135 28.24 -21.62 81.93
C VAL C 135 29.05 -21.52 80.64
N GLU C 136 28.89 -22.46 79.70
CA GLU C 136 29.42 -22.31 78.35
C GLU C 136 28.84 -21.08 77.65
N ALA C 137 27.56 -20.77 77.83
CA ALA C 137 26.99 -19.58 77.26
C ALA C 137 27.61 -18.30 77.84
N ILE C 138 27.92 -18.29 79.14
CA ILE C 138 28.59 -17.14 79.76
C ILE C 138 30.00 -16.99 79.22
N HIS C 139 30.75 -18.08 79.05
CA HIS C 139 32.04 -18.06 78.39
C HIS C 139 31.95 -17.48 76.98
N ASP C 140 30.98 -17.90 76.18
CA ASP C 140 30.78 -17.36 74.85
C ASP C 140 30.43 -15.87 74.85
N ALA C 141 29.61 -15.40 75.79
CA ALA C 141 29.36 -13.98 75.95
C ALA C 141 30.63 -13.20 76.33
N VAL C 142 31.55 -13.79 77.09
CA VAL C 142 32.83 -13.14 77.37
C VAL C 142 33.68 -13.04 76.11
N LEU C 143 33.79 -14.09 75.29
CA LEU C 143 34.53 -13.98 74.03
C LEU C 143 33.93 -12.92 73.10
N TRP C 144 32.60 -12.79 73.08
CA TRP C 144 31.96 -11.74 72.29
C TRP C 144 32.30 -10.35 72.81
N ALA C 145 32.28 -10.14 74.12
CA ALA C 145 32.72 -8.89 74.73
C ALA C 145 34.20 -8.57 74.49
N ASP C 146 35.07 -9.57 74.47
CA ASP C 146 36.47 -9.42 74.12
C ASP C 146 36.63 -8.87 72.69
N LYS C 147 35.96 -9.49 71.72
CA LYS C 147 36.01 -9.01 70.33
C LYS C 147 35.48 -7.59 70.19
N ARG C 148 34.38 -7.26 70.86
CA ARG C 148 33.81 -5.91 70.87
C ARG C 148 34.76 -4.91 71.53
N LEU C 149 35.49 -5.29 72.57
CA LEU C 149 36.52 -4.45 73.19
C LEU C 149 37.62 -4.11 72.20
N VAL C 150 38.17 -5.13 71.52
CA VAL C 150 39.20 -4.93 70.50
C VAL C 150 38.69 -4.05 69.37
N PHE C 151 37.51 -4.31 68.83
CA PHE C 151 36.95 -3.47 67.78
C PHE C 151 36.77 -2.02 68.22
N ARG C 152 36.22 -1.76 69.41
CA ARG C 152 36.04 -0.40 69.91
C ARG C 152 37.39 0.33 69.99
N LYS C 153 38.42 -0.30 70.53
CA LYS C 153 39.73 0.34 70.69
C LYS C 153 40.47 0.55 69.37
N VAL C 154 40.28 -0.32 68.37
CA VAL C 154 40.81 -0.08 67.02
C VAL C 154 40.12 1.11 66.38
N MET C 155 38.80 1.18 66.46
CA MET C 155 38.03 2.25 65.89
C MET C 155 38.25 3.59 66.61
N GLU C 156 38.48 3.59 67.92
CA GLU C 156 38.95 4.76 68.67
C GLU C 156 40.30 5.27 68.16
N ALA C 157 41.24 4.38 67.84
CA ALA C 157 42.55 4.78 67.36
C ALA C 157 42.48 5.59 66.05
N LEU C 158 41.47 5.31 65.23
CA LEU C 158 41.21 6.00 63.98
C LEU C 158 40.33 7.23 64.16
N PHE C 159 39.21 7.15 64.88
CA PHE C 159 38.28 8.28 65.04
C PHE C 159 38.64 9.28 66.11
N ASP C 160 39.29 8.90 67.21
CA ASP C 160 39.53 9.82 68.33
C ASP C 160 40.70 10.76 68.00
N ASN C 161 40.35 12.02 67.78
CA ASN C 161 41.19 13.09 67.27
C ASN C 161 42.38 13.48 68.19
N ARG C 162 42.38 13.08 69.46
CA ARG C 162 43.33 13.52 70.49
C ARG C 162 44.64 12.71 70.52
N THR C 163 45.75 13.35 70.82
CA THR C 163 47.05 12.70 71.07
C THR C 163 47.08 12.01 72.43
N ARG C 164 47.74 10.87 72.52
CA ARG C 164 47.96 10.08 73.75
C ARG C 164 49.44 10.08 74.15
N ARG C 165 49.74 9.64 75.38
CA ARG C 165 51.09 9.42 75.92
C ARG C 165 51.24 7.99 76.40
N ALA C 166 52.41 7.41 76.27
CA ALA C 166 52.71 6.05 76.73
C ALA C 166 54.17 5.91 77.13
N ASN C 167 54.50 5.00 78.05
CA ASN C 167 55.86 4.74 78.48
C ASN C 167 56.34 3.45 77.83
N ILE C 168 57.42 3.49 77.05
CA ILE C 168 57.98 2.32 76.36
C ILE C 168 59.46 2.23 76.72
N ARG C 169 59.95 1.05 77.14
CA ARG C 169 61.31 0.81 77.66
C ARG C 169 61.81 1.97 78.53
N ASN C 170 61.02 2.31 79.55
CA ASN C 170 61.36 3.33 80.54
C ASN C 170 61.56 4.76 79.98
N GLN C 171 60.93 5.11 78.86
CA GLN C 171 60.85 6.49 78.34
C GLN C 171 59.46 6.79 77.79
N ALA C 172 58.94 8.01 77.98
CA ALA C 172 57.62 8.39 77.51
C ALA C 172 57.62 8.90 76.06
N TYR C 173 56.57 8.61 75.31
CA TYR C 173 56.39 8.92 73.90
C TYR C 173 55.01 9.47 73.61
N ASN C 174 54.87 10.21 72.51
CA ASN C 174 53.57 10.54 71.96
C ASN C 174 53.03 9.37 71.15
N VAL C 175 51.73 9.18 71.23
CA VAL C 175 50.97 8.17 70.52
C VAL C 175 49.93 8.92 69.72
N TYR C 176 49.99 8.83 68.40
CA TYR C 176 49.26 9.74 67.53
C TYR C 176 48.08 9.07 66.81
N PRO C 177 47.02 9.85 66.52
CA PRO C 177 46.07 9.54 65.48
C PRO C 177 46.60 9.98 64.10
N LEU C 178 45.74 10.16 63.10
CA LEU C 178 46.06 10.86 61.85
C LEU C 178 46.45 12.32 62.12
N TYR C 179 46.93 13.09 61.15
CA TYR C 179 47.24 14.50 61.41
C TYR C 179 46.07 15.23 62.05
N ASN C 180 46.32 16.00 63.10
CA ASN C 180 45.31 16.56 63.98
C ASN C 180 45.67 17.96 64.47
N GLY C 181 46.59 18.66 63.82
CA GLY C 181 47.10 19.94 64.28
C GLY C 181 48.06 19.84 65.47
N ASP C 182 48.62 18.66 65.73
CA ASP C 182 49.55 18.40 66.82
C ASP C 182 50.67 17.45 66.38
N GLY C 183 51.86 17.57 66.95
CA GLY C 183 53.08 16.90 66.49
C GLY C 183 53.79 17.62 65.35
N VAL C 184 54.81 16.96 64.81
CA VAL C 184 55.64 17.44 63.68
C VAL C 184 54.81 17.63 62.41
N PRO C 185 54.98 18.72 61.64
CA PRO C 185 54.25 18.92 60.39
C PRO C 185 54.55 17.83 59.37
N PRO C 186 53.64 17.52 58.44
CA PRO C 186 53.94 16.64 57.34
C PRO C 186 55.14 17.16 56.53
N PRO C 187 55.96 16.29 55.95
CA PRO C 187 57.06 16.70 55.09
C PRO C 187 56.54 17.39 53.84
N ARG C 188 57.34 18.31 53.27
CA ARG C 188 57.09 18.86 51.94
C ARG C 188 56.99 17.74 50.91
N PHE C 189 56.02 17.81 50.01
CA PHE C 189 55.98 16.97 48.81
C PHE C 189 55.72 17.86 47.59
N LYS C 190 56.62 17.83 46.60
CA LYS C 190 56.61 18.73 45.44
C LYS C 190 56.41 20.18 45.88
N ASN C 191 55.38 20.85 45.40
CA ASN C 191 55.05 22.23 45.76
C ASN C 191 54.12 22.36 46.97
N ASN C 192 53.79 21.28 47.67
CA ASN C 192 52.90 21.31 48.83
C ASN C 192 53.72 21.44 50.11
N VAL C 193 53.43 22.45 50.91
CA VAL C 193 54.05 22.70 52.21
C VAL C 193 52.98 22.78 53.29
N PHE C 194 53.29 22.27 54.48
CA PHE C 194 52.35 22.10 55.57
C PHE C 194 52.92 22.69 56.85
N ASP C 195 52.09 23.28 57.70
CA ASP C 195 52.51 23.73 59.03
C ASP C 195 51.96 22.81 60.12
N GLU C 196 52.31 23.05 61.38
CA GLU C 196 51.91 22.18 62.49
C GLU C 196 50.39 22.11 62.69
N THR C 197 49.61 23.07 62.20
CA THR C 197 48.14 23.03 62.33
C THR C 197 47.47 22.06 61.35
N HIS C 198 48.21 21.50 60.40
CA HIS C 198 47.61 20.65 59.40
C HIS C 198 46.90 19.43 60.02
N SER C 199 45.69 19.17 59.53
CA SER C 199 44.76 18.20 60.08
C SER C 199 44.07 17.40 59.00
N HIS C 200 43.79 16.11 59.28
CA HIS C 200 43.03 15.22 58.37
C HIS C 200 41.59 15.15 58.87
N TYR C 201 41.31 15.59 60.09
CA TYR C 201 39.95 15.64 60.68
C TYR C 201 39.31 16.97 60.33
N VAL C 202 38.86 17.14 59.08
CA VAL C 202 38.24 18.40 58.57
C VAL C 202 36.72 18.23 58.61
N ILE C 203 35.93 19.24 58.23
CA ILE C 203 34.44 19.12 58.12
C ILE C 203 34.03 19.52 56.70
N SER C 204 32.82 19.13 56.25
CA SER C 204 32.32 19.52 54.93
C SER C 204 31.97 21.01 54.82
N HIS C 205 31.70 21.69 55.94
CA HIS C 205 31.13 23.04 55.98
C HIS C 205 29.72 23.16 55.39
N ASN C 206 29.02 22.04 55.22
CA ASN C 206 27.63 21.97 54.76
C ASN C 206 26.90 20.79 55.37
N SER C 207 25.57 20.90 55.50
CA SER C 207 24.72 19.93 56.18
C SER C 207 24.54 18.57 55.46
N VAL C 208 24.98 18.44 54.20
CA VAL C 208 24.78 17.26 53.34
C VAL C 208 26.06 17.02 52.51
N VAL C 209 26.36 15.78 52.15
CA VAL C 209 27.56 15.46 51.36
C VAL C 209 27.48 15.98 49.93
N ASP C 210 28.54 16.62 49.46
CA ASP C 210 28.75 17.01 48.07
C ASP C 210 29.68 16.04 47.36
N SER C 211 29.69 16.06 46.04
CA SER C 211 30.80 15.51 45.26
C SER C 211 32.12 16.23 45.54
N SER C 212 32.09 17.51 45.85
CA SER C 212 33.30 18.25 46.16
C SER C 212 33.88 17.83 47.51
N ASP C 213 33.08 17.31 48.43
CA ASP C 213 33.58 16.72 49.66
C ASP C 213 34.40 15.47 49.38
N LEU C 214 33.93 14.61 48.48
CA LEU C 214 34.70 13.42 48.09
C LEU C 214 36.00 13.83 47.37
N GLU C 215 36.01 14.93 46.65
CA GLU C 215 37.22 15.45 46.00
C GLU C 215 38.16 16.13 47.01
N ASP C 216 37.65 16.80 48.04
CA ASP C 216 38.42 17.36 49.15
C ASP C 216 39.06 16.28 50.02
N LEU C 217 38.30 15.25 50.37
CA LEU C 217 38.80 14.13 51.13
C LEU C 217 39.91 13.40 50.36
N MET C 218 39.78 13.30 49.04
CA MET C 218 40.79 12.72 48.17
C MET C 218 42.05 13.59 48.14
N GLU C 219 41.91 14.91 48.09
CA GLU C 219 43.05 15.82 48.12
C GLU C 219 43.84 15.73 49.43
N LEU C 220 43.22 15.49 50.59
CA LEU C 220 43.95 15.27 51.83
C LEU C 220 44.93 14.10 51.77
N LEU C 221 44.77 13.12 50.89
CA LEU C 221 45.78 12.07 50.74
C LEU C 221 46.76 12.46 49.63
N ALA C 222 46.25 12.91 48.49
CA ALA C 222 47.07 13.27 47.34
C ALA C 222 48.06 14.41 47.60
N GLU C 223 47.77 15.32 48.53
CA GLU C 223 48.69 16.38 48.92
C GLU C 223 50.05 15.84 49.40
N HIS C 224 50.13 14.64 49.93
CA HIS C 224 51.36 14.01 50.42
C HIS C 224 51.97 13.01 49.43
N GLY C 225 51.49 12.99 48.20
CA GLY C 225 52.00 12.09 47.15
C GLY C 225 51.31 10.73 47.13
N TYR C 226 50.52 10.40 48.14
CA TYR C 226 49.63 9.23 48.16
C TYR C 226 48.50 9.45 47.15
N SER C 227 48.65 8.94 45.93
CA SER C 227 47.87 9.42 44.79
C SER C 227 47.62 8.33 43.77
N PRO C 228 46.59 8.46 42.94
CA PRO C 228 46.32 7.52 41.87
C PRO C 228 47.51 7.35 40.93
N GLN C 229 48.20 8.45 40.62
CA GLN C 229 49.38 8.49 39.76
C GLN C 229 50.57 7.74 40.37
N ALA C 230 50.75 7.79 41.69
CA ALA C 230 51.73 6.99 42.43
C ALA C 230 51.29 5.52 42.63
N GLY C 231 50.11 5.13 42.16
CA GLY C 231 49.61 3.76 42.28
C GLY C 231 48.85 3.47 43.58
N THR C 232 48.51 4.47 44.38
CA THR C 232 47.70 4.28 45.60
C THR C 232 46.28 3.88 45.22
N GLN C 233 45.73 2.84 45.84
CA GLN C 233 44.30 2.50 45.75
C GLN C 233 43.52 3.14 46.89
N PHE C 234 42.26 3.45 46.66
CA PHE C 234 41.45 4.25 47.59
C PHE C 234 40.14 3.57 47.94
N LEU C 235 39.85 3.53 49.23
CA LEU C 235 38.65 3.01 49.84
C LEU C 235 37.93 4.14 50.56
N LEU C 236 36.66 4.34 50.26
CA LEU C 236 35.78 5.21 51.01
C LEU C 236 34.83 4.34 51.80
N LEU C 237 34.85 4.48 53.12
CA LEU C 237 33.90 3.85 54.03
C LEU C 237 32.90 4.92 54.45
N ALA C 238 31.61 4.65 54.32
CA ALA C 238 30.56 5.62 54.57
C ALA C 238 29.29 4.97 55.13
N ASN C 239 28.47 5.73 55.86
CA ASN C 239 27.15 5.28 56.29
C ASN C 239 26.18 5.25 55.09
N LYS C 240 25.12 4.43 55.14
CA LYS C 240 24.04 4.46 54.14
C LYS C 240 23.45 5.86 53.93
N ALA C 241 23.36 6.64 54.99
CA ALA C 241 22.89 8.03 54.92
C ALA C 241 23.70 8.94 53.98
N GLU C 242 24.97 8.61 53.75
CA GLU C 242 25.81 9.28 52.77
C GLU C 242 25.78 8.59 51.41
N THR C 243 25.86 7.26 51.35
CA THR C 243 25.88 6.58 50.06
C THR C 243 24.60 6.73 49.27
N ASP C 244 23.43 6.83 49.91
CA ASP C 244 22.18 7.20 49.23
C ASP C 244 22.25 8.54 48.49
N ALA C 245 23.05 9.50 48.97
CA ALA C 245 23.30 10.75 48.26
C ALA C 245 24.38 10.58 47.19
N ILE C 246 25.46 9.86 47.48
CA ILE C 246 26.58 9.71 46.53
C ILE C 246 26.14 8.95 45.28
N ARG C 247 25.26 7.95 45.39
CA ARG C 247 24.67 7.22 44.26
C ARG C 247 24.00 8.15 43.22
N GLN C 248 23.60 9.37 43.60
CA GLN C 248 22.98 10.34 42.70
C GLN C 248 23.97 11.18 41.89
N PHE C 249 25.28 11.09 42.14
CA PHE C 249 26.26 11.98 41.51
C PHE C 249 26.49 11.61 40.03
N ARG C 250 26.28 12.56 39.11
CA ARG C 250 26.38 12.41 37.65
C ARG C 250 27.25 13.50 37.06
N ARG C 251 28.19 13.18 36.18
CA ARG C 251 29.18 14.13 35.63
C ARG C 251 28.50 15.35 35.02
N GLY C 252 28.95 16.53 35.41
CA GLY C 252 28.42 17.81 34.91
C GLY C 252 27.06 18.21 35.47
N VAL C 253 26.42 17.39 36.31
CA VAL C 253 25.13 17.71 36.92
C VAL C 253 25.33 18.43 38.25
N VAL C 254 24.56 19.49 38.47
CA VAL C 254 24.55 20.23 39.73
C VAL C 254 23.96 19.39 40.87
N ASN C 255 24.50 19.57 42.06
CA ASN C 255 24.39 18.65 43.19
C ASN C 255 23.93 19.40 44.45
N ASN C 256 24.04 18.75 45.61
CA ASN C 256 23.85 19.38 46.90
C ASN C 256 24.77 20.61 47.04
N ASN C 257 24.29 21.62 47.77
CA ASN C 257 25.03 22.85 48.08
C ASN C 257 25.62 23.59 46.87
N GLY C 258 25.09 23.36 45.67
CA GLY C 258 25.58 23.97 44.43
C GLY C 258 26.89 23.40 43.88
N ALA C 259 27.39 22.29 44.40
CA ALA C 259 28.53 21.59 43.81
C ALA C 259 28.18 21.01 42.43
N THR C 260 29.16 20.79 41.57
CA THR C 260 29.00 20.07 40.29
C THR C 260 29.82 18.79 40.33
N ALA C 261 29.24 17.66 40.00
CA ALA C 261 29.97 16.39 40.03
C ALA C 261 31.00 16.29 38.91
N GLY C 262 32.24 15.96 39.23
CA GLY C 262 33.31 15.78 38.26
C GLY C 262 33.36 14.40 37.64
N TYR C 263 32.68 13.44 38.24
CA TYR C 263 32.59 12.05 37.83
C TYR C 263 31.14 11.56 37.95
N ASP C 264 30.87 10.40 37.39
CA ASP C 264 29.66 9.64 37.70
C ASP C 264 29.91 8.69 38.86
N PHE C 265 28.90 8.42 39.69
CA PHE C 265 28.90 7.19 40.46
C PHE C 265 28.70 6.03 39.50
N ILE C 266 29.62 5.07 39.48
CA ILE C 266 29.57 3.88 38.65
C ILE C 266 29.22 2.69 39.54
N PRO C 267 28.11 1.99 39.30
CA PRO C 267 27.70 0.87 40.12
C PRO C 267 28.58 -0.36 39.94
N SER C 268 28.78 -1.09 41.02
CA SER C 268 29.41 -2.40 41.07
C SER C 268 28.55 -3.46 40.36
N PRO C 269 29.12 -4.55 39.81
CA PRO C 269 28.34 -5.59 39.13
C PRO C 269 27.32 -6.32 40.00
N THR C 270 27.32 -6.12 41.32
CA THR C 270 26.31 -6.67 42.24
C THR C 270 25.06 -5.82 42.37
N GLN C 271 25.04 -4.60 41.84
CA GLN C 271 23.87 -3.72 41.88
C GLN C 271 22.78 -4.18 40.89
N PRO C 272 21.51 -3.81 41.06
CA PRO C 272 20.43 -4.25 40.19
C PRO C 272 20.57 -3.64 38.79
N ALA C 273 20.12 -4.36 37.77
CA ALA C 273 20.31 -3.98 36.38
C ALA C 273 19.70 -2.61 36.02
N MET C 274 20.22 -1.97 34.98
CA MET C 274 19.78 -0.63 34.55
C MET C 274 19.95 -0.43 33.06
N MET C 275 19.10 0.39 32.46
CA MET C 275 19.16 0.75 31.05
C MET C 275 20.06 1.96 30.85
N LEU C 276 20.80 1.98 29.75
CA LEU C 276 21.80 2.99 29.42
C LEU C 276 21.57 3.57 28.02
N PRO C 277 21.89 4.86 27.80
CA PRO C 277 21.69 5.51 26.52
C PRO C 277 22.50 4.95 25.35
N ASN C 278 23.39 3.98 25.55
CA ASN C 278 24.36 3.52 24.56
C ASN C 278 24.60 2.02 24.75
N ALA C 279 24.75 1.24 23.68
CA ALA C 279 24.99 -0.19 23.78
C ALA C 279 26.39 -0.56 24.26
N GLU C 280 27.37 0.33 24.13
CA GLU C 280 28.52 0.37 25.00
C GLU C 280 28.10 1.22 26.19
N GLY C 281 28.09 0.70 27.40
CA GLY C 281 27.41 1.41 28.50
C GLY C 281 28.28 2.49 29.13
N LEU C 282 29.52 2.13 29.39
CA LEU C 282 30.52 2.91 30.10
C LEU C 282 31.75 3.07 29.20
N LEU C 283 32.45 4.17 29.33
CA LEU C 283 33.86 4.23 28.94
C LEU C 283 34.68 3.82 30.15
N GLY C 284 35.33 2.66 30.07
CA GLY C 284 35.97 1.97 31.18
C GLY C 284 35.15 0.83 31.81
N ASN C 285 35.67 0.27 32.89
CA ASN C 285 35.13 -0.89 33.61
C ASN C 285 34.24 -0.51 34.78
N GLN C 286 33.45 -1.46 35.28
CA GLN C 286 32.80 -1.35 36.59
C GLN C 286 33.82 -1.65 37.70
N PRO C 287 33.69 -1.11 38.92
CA PRO C 287 34.58 -1.47 40.02
C PRO C 287 34.47 -2.95 40.40
N ALA C 288 35.51 -3.53 40.97
CA ALA C 288 35.46 -4.90 41.47
C ALA C 288 34.46 -5.00 42.63
N PRO C 289 33.69 -6.08 42.77
CA PRO C 289 32.58 -6.13 43.71
C PRO C 289 33.01 -6.23 45.17
N THR C 290 34.24 -6.67 45.45
CA THR C 290 34.79 -6.70 46.82
C THR C 290 36.15 -6.03 46.89
N PHE C 291 36.40 -5.29 47.96
CA PHE C 291 37.69 -4.68 48.28
C PHE C 291 38.18 -5.25 49.60
N GLY C 292 39.31 -5.94 49.63
CA GLY C 292 39.57 -6.87 50.74
C GLY C 292 38.45 -7.90 50.81
N GLY C 293 37.81 -8.04 51.96
CA GLY C 293 36.55 -8.78 52.12
C GLY C 293 35.28 -7.93 52.08
N LEU C 294 35.39 -6.60 52.00
CA LEU C 294 34.25 -5.69 52.06
C LEU C 294 33.46 -5.64 50.76
N ALA C 295 32.14 -5.50 50.85
CA ALA C 295 31.26 -5.42 49.71
C ALA C 295 31.17 -4.00 49.14
N VAL C 296 31.63 -3.81 47.90
CA VAL C 296 31.67 -2.53 47.19
C VAL C 296 30.36 -2.27 46.47
N ILE C 297 29.75 -1.12 46.71
CA ILE C 297 28.53 -0.70 46.01
C ILE C 297 28.82 -0.11 44.64
N GLY C 298 29.98 0.49 44.46
CA GLY C 298 30.34 1.23 43.27
C GLY C 298 31.61 2.01 43.48
N SER C 299 31.86 2.96 42.60
CA SER C 299 33.00 3.86 42.70
C SER C 299 32.65 5.26 42.25
N TYR C 300 33.33 6.25 42.80
CA TYR C 300 33.19 7.64 42.38
C TYR C 300 34.56 8.27 42.23
N GLY C 301 34.92 8.73 41.04
CA GLY C 301 36.31 9.09 40.78
C GLY C 301 37.22 7.91 41.13
N PHE C 302 38.32 8.17 41.83
CA PHE C 302 39.25 7.13 42.27
C PHE C 302 38.82 6.35 43.53
N TRP C 303 37.75 6.73 44.23
CA TRP C 303 37.24 6.00 45.39
C TRP C 303 36.52 4.71 45.00
N ASN C 304 36.91 3.56 45.54
CA ASN C 304 36.01 2.44 45.72
C ASN C 304 35.09 2.76 46.89
N ILE C 305 33.78 2.54 46.79
CA ILE C 305 32.84 2.91 47.86
C ILE C 305 32.27 1.66 48.51
N VAL C 306 32.46 1.55 49.82
CA VAL C 306 31.84 0.57 50.70
C VAL C 306 30.90 1.29 51.63
N GLU C 307 29.66 0.83 51.76
CA GLU C 307 28.74 1.36 52.75
C GLU C 307 28.66 0.43 53.96
N GLU C 308 28.79 0.97 55.17
CA GLU C 308 28.32 0.28 56.37
C GLU C 308 28.10 1.24 57.53
N ASP C 309 27.14 0.92 58.39
CA ASP C 309 26.78 1.75 59.54
C ASP C 309 27.61 1.46 60.80
N TYR C 310 28.67 0.65 60.71
CA TYR C 310 29.78 0.79 61.66
C TYR C 310 30.53 2.12 61.45
N ILE C 311 30.39 2.77 60.29
CA ILE C 311 30.66 4.19 60.15
C ILE C 311 29.41 4.96 60.59
N PRO C 312 29.44 5.81 61.62
CA PRO C 312 28.27 6.54 62.07
C PRO C 312 27.76 7.54 61.02
N PRO C 313 26.46 7.88 61.00
CA PRO C 313 25.89 8.84 60.06
C PRO C 313 26.58 10.19 60.13
N GLY C 314 26.87 10.77 58.98
CA GLY C 314 27.52 12.07 58.89
C GLY C 314 29.04 11.99 58.99
N TYR C 315 29.65 10.81 58.81
CA TYR C 315 31.09 10.66 58.78
C TYR C 315 31.53 9.91 57.52
N LEU C 316 32.56 10.43 56.85
CA LEU C 316 33.24 9.77 55.73
C LEU C 316 34.66 9.42 56.12
N VAL C 317 35.07 8.18 55.92
CA VAL C 317 36.44 7.72 56.19
C VAL C 317 37.10 7.34 54.87
N GLY C 318 38.13 8.06 54.46
CA GLY C 318 38.92 7.75 53.26
C GLY C 318 40.26 7.16 53.62
N VAL C 319 40.60 6.00 53.07
CA VAL C 319 41.83 5.27 53.38
C VAL C 319 42.58 4.94 52.11
N GLY C 320 43.87 5.25 52.06
CA GLY C 320 44.75 4.91 50.96
C GLY C 320 45.58 3.66 51.24
N TYR C 321 45.79 2.85 50.22
CA TYR C 321 46.56 1.61 50.27
C TYR C 321 47.59 1.54 49.15
N GLY C 322 48.72 0.90 49.39
CA GLY C 322 49.70 0.57 48.36
C GLY C 322 50.39 1.78 47.75
N GLY C 323 50.72 1.70 46.47
CA GLY C 323 51.41 2.77 45.73
C GLY C 323 52.89 2.92 46.07
N ALA C 324 53.53 3.95 45.54
CA ALA C 324 54.97 4.12 45.64
C ALA C 324 55.46 4.36 47.08
N PHE C 325 54.62 4.95 47.92
CA PHE C 325 54.88 5.15 49.33
C PHE C 325 54.51 3.95 50.21
N ASN C 326 54.04 2.84 49.62
CA ASN C 326 53.71 1.60 50.34
C ASN C 326 52.77 1.85 51.53
N LEU C 327 51.65 2.54 51.32
CA LEU C 327 50.68 2.74 52.39
C LEU C 327 50.13 1.39 52.88
N GLY C 328 50.32 1.10 54.15
CA GLY C 328 49.76 -0.07 54.83
C GLY C 328 48.40 0.23 55.44
N ASN C 329 47.94 -0.67 56.30
CA ASN C 329 46.74 -0.48 57.10
C ASN C 329 47.00 0.59 58.19
N PRO C 330 46.10 1.54 58.47
CA PRO C 330 46.42 2.73 59.27
C PRO C 330 46.72 2.51 60.76
N VAL C 331 46.15 1.50 61.43
CA VAL C 331 46.26 1.34 62.88
C VAL C 331 47.17 0.18 63.24
N GLY C 332 48.15 0.40 64.08
CA GLY C 332 48.99 -0.67 64.61
C GLY C 332 48.43 -1.20 65.92
N LEU C 333 48.34 -2.50 66.08
CA LEU C 333 48.00 -3.14 67.35
C LEU C 333 49.27 -3.59 68.06
N ARG C 334 49.51 -3.10 69.26
CA ARG C 334 50.63 -3.51 70.10
C ARG C 334 50.13 -4.49 71.13
N GLN C 335 50.73 -5.66 71.18
CA GLN C 335 50.57 -6.57 72.31
C GLN C 335 51.73 -6.44 73.28
N HIS C 336 51.61 -7.00 74.48
CA HIS C 336 52.72 -7.06 75.45
C HIS C 336 53.90 -7.84 74.86
N ALA C 337 55.12 -7.48 75.22
CA ALA C 337 56.32 -8.07 74.66
C ALA C 337 56.55 -9.52 75.10
N ASN C 338 56.16 -9.87 76.33
CA ASN C 338 56.26 -11.22 76.87
C ASN C 338 55.18 -12.12 76.26
N PRO C 339 55.51 -13.23 75.57
CA PRO C 339 54.51 -14.11 74.98
C PRO C 339 53.51 -14.68 75.98
N ALA C 340 53.87 -14.83 77.25
CA ALA C 340 52.95 -15.29 78.28
C ALA C 340 51.85 -14.27 78.62
N MET C 341 52.06 -12.97 78.34
CA MET C 341 51.07 -11.91 78.52
C MET C 341 50.21 -11.64 77.28
N GLN C 342 50.56 -12.21 76.13
CA GLN C 342 49.85 -12.02 74.86
C GLN C 342 48.55 -12.84 74.78
N GLY C 343 47.61 -12.43 73.94
CA GLY C 343 46.31 -13.11 73.78
C GLY C 343 45.32 -12.83 74.90
N LEU C 344 44.14 -13.45 74.83
CA LEU C 344 43.18 -13.53 75.91
C LEU C 344 43.50 -14.74 76.80
N ARG C 345 43.53 -14.55 78.10
CA ARG C 345 44.01 -15.55 79.07
C ARG C 345 43.00 -15.74 80.18
N ILE C 346 42.91 -16.95 80.71
CA ILE C 346 42.06 -17.31 81.84
C ILE C 346 42.93 -17.55 83.06
N ILE C 347 42.64 -16.87 84.16
CA ILE C 347 43.42 -16.93 85.40
C ILE C 347 42.55 -17.54 86.48
N ALA C 348 43.05 -18.54 87.20
CA ALA C 348 42.36 -19.12 88.34
C ALA C 348 42.10 -18.06 89.42
N GLY C 349 40.93 -18.08 90.04
CA GLY C 349 40.51 -17.01 90.93
C GLY C 349 41.08 -17.06 92.33
N ASN C 350 40.62 -16.15 93.19
CA ASN C 350 40.97 -16.13 94.60
C ASN C 350 40.11 -17.06 95.44
N TYR C 351 38.90 -17.36 94.98
CA TYR C 351 37.99 -18.32 95.59
C TYR C 351 37.97 -19.59 94.75
N GLN C 352 38.30 -20.73 95.34
CA GLN C 352 38.50 -21.97 94.61
C GLN C 352 37.89 -23.19 95.30
N ARG C 353 37.03 -22.98 96.30
CA ARG C 353 36.56 -24.05 97.19
C ARG C 353 35.06 -23.97 97.50
N TYR C 354 34.71 -23.35 98.60
CA TYR C 354 33.34 -23.33 99.12
C TYR C 354 33.24 -22.17 100.12
N PRO C 355 32.16 -21.38 100.14
CA PRO C 355 30.95 -21.52 99.34
C PRO C 355 31.02 -20.86 97.94
N LEU C 356 32.13 -20.23 97.56
CA LEU C 356 32.31 -19.56 96.27
C LEU C 356 33.43 -20.16 95.44
N VAL C 357 33.30 -20.04 94.13
CA VAL C 357 34.41 -20.21 93.18
C VAL C 357 34.42 -19.03 92.22
N ASP C 358 35.59 -18.47 91.91
CA ASP C 358 35.74 -17.43 90.91
C ASP C 358 36.98 -17.62 90.02
N GLY C 359 37.06 -16.81 88.97
CA GLY C 359 38.15 -16.80 88.03
C GLY C 359 38.11 -15.54 87.18
N PHE C 360 39.19 -15.26 86.44
CA PHE C 360 39.32 -14.05 85.65
C PHE C 360 39.62 -14.33 84.19
N TYR C 361 39.19 -13.43 83.32
CA TYR C 361 39.65 -13.28 81.94
C TYR C 361 40.47 -12.01 81.85
N ALA C 362 41.59 -12.02 81.13
CA ALA C 362 42.41 -10.83 80.95
C ALA C 362 43.00 -10.74 79.54
N ARG C 363 43.11 -9.53 79.02
CA ARG C 363 43.81 -9.19 77.77
C ARG C 363 44.56 -7.88 77.95
N SER C 364 45.72 -7.78 77.33
CA SER C 364 46.44 -6.51 77.19
C SER C 364 46.76 -6.23 75.73
N PHE C 365 46.51 -5.01 75.29
CA PHE C 365 46.81 -4.52 73.95
C PHE C 365 46.71 -2.99 73.92
N GLY C 366 47.17 -2.37 72.86
CA GLY C 366 46.99 -0.94 72.63
C GLY C 366 47.27 -0.58 71.20
N THR C 367 47.12 0.68 70.86
CA THR C 367 46.91 1.14 69.48
C THR C 367 47.59 2.46 69.18
N GLY C 368 47.98 2.68 67.93
CA GLY C 368 48.47 3.97 67.44
C GLY C 368 48.66 4.01 65.94
N VAL C 369 48.96 5.18 65.38
CA VAL C 369 49.14 5.38 63.93
C VAL C 369 50.58 5.73 63.58
N ARG C 370 51.20 4.98 62.68
CA ARG C 370 52.53 5.24 62.11
C ARG C 370 52.52 6.24 60.95
N GLN C 371 51.70 5.97 59.94
CA GLN C 371 51.59 6.71 58.67
C GLN C 371 50.45 7.72 58.72
N ARG C 372 50.63 8.80 59.46
CA ARG C 372 49.55 9.73 59.86
C ARG C 372 48.77 10.38 58.72
N GLY C 373 49.30 10.40 57.52
CA GLY C 373 48.65 10.97 56.34
C GLY C 373 47.89 9.97 55.48
N GLY C 374 48.01 8.67 55.71
CA GLY C 374 47.45 7.62 54.84
C GLY C 374 45.93 7.49 54.85
N ALA C 375 45.24 8.23 55.71
CA ALA C 375 43.80 8.26 55.80
C ALA C 375 43.33 9.63 56.25
N ALA C 376 42.04 9.89 56.09
CA ALA C 376 41.38 11.10 56.52
C ALA C 376 39.94 10.82 56.95
N ILE C 377 39.38 11.66 57.80
CA ILE C 377 37.99 11.56 58.24
C ILE C 377 37.31 12.91 58.09
N MET C 378 36.16 12.94 57.43
CA MET C 378 35.32 14.14 57.33
C MET C 378 33.97 13.96 58.03
N GLN C 379 33.68 14.84 58.98
CA GLN C 379 32.34 14.97 59.57
C GLN C 379 31.52 15.93 58.72
N ILE C 380 30.36 15.50 58.25
CA ILE C 380 29.51 16.32 57.42
C ILE C 380 28.65 17.21 58.30
N LYS C 381 29.02 18.48 58.42
CA LYS C 381 28.25 19.50 59.14
C LYS C 381 28.61 20.91 58.68
N ALA C 382 27.75 21.86 58.99
CA ALA C 382 27.91 23.25 58.59
C ALA C 382 29.09 23.99 59.24
N SER C 383 29.38 23.70 60.50
CA SER C 383 30.21 24.60 61.33
C SER C 383 30.89 23.89 62.52
N GLY C 384 31.91 24.52 63.09
CA GLY C 384 32.65 24.04 64.26
C GLY C 384 33.68 22.95 63.97
N ALA C 385 34.49 22.60 64.96
CA ALA C 385 35.53 21.59 64.81
C ALA C 385 34.95 20.19 64.60
N TYR C 386 35.75 19.30 64.04
CA TYR C 386 35.43 17.88 64.03
C TYR C 386 35.14 17.38 65.45
N GLU C 387 34.09 16.61 65.61
CA GLU C 387 33.77 15.88 66.84
C GLU C 387 33.98 14.38 66.62
N CYS C 388 34.67 13.71 67.53
CA CYS C 388 34.68 12.25 67.53
C CYS C 388 33.27 11.72 67.81
N PRO C 389 32.73 10.78 67.02
CA PRO C 389 31.46 10.15 67.35
C PRO C 389 31.56 9.49 68.73
N PRO C 390 30.61 9.70 69.66
CA PRO C 390 30.70 9.16 71.01
C PRO C 390 30.90 7.66 71.10
N ILE C 391 30.38 6.91 70.13
CA ILE C 391 30.57 5.47 69.98
C ILE C 391 32.06 5.07 69.96
N TYR C 392 32.95 5.96 69.53
CA TYR C 392 34.40 5.74 69.45
C TYR C 392 35.23 6.82 70.13
N LYS C 393 34.66 7.61 71.04
CA LYS C 393 35.44 8.48 71.93
C LYS C 393 35.98 7.64 73.07
N LYS C 394 37.28 7.76 73.41
CA LYS C 394 38.02 6.85 74.32
C LYS C 394 37.32 6.52 75.63
N GLY C 395 36.77 7.51 76.32
CA GLY C 395 36.16 7.33 77.63
C GLY C 395 34.77 6.71 77.64
N GLY C 396 34.13 6.47 76.48
CA GLY C 396 32.71 6.14 76.41
C GLY C 396 32.32 4.70 76.79
N GLY C 397 33.29 3.82 77.01
CA GLY C 397 33.06 2.45 77.49
C GLY C 397 33.95 1.42 76.82
N PHE C 398 33.56 0.15 76.90
CA PHE C 398 34.35 -0.99 76.40
C PHE C 398 33.64 -1.84 75.35
N LEU C 399 32.45 -1.44 74.92
CA LEU C 399 31.64 -2.07 73.87
C LEU C 399 31.34 -1.08 72.75
N VAL C 400 31.13 -1.59 71.55
CA VAL C 400 30.88 -0.82 70.31
C VAL C 400 29.57 -0.03 70.39
N THR D 20 -26.58 -12.87 37.65
CA THR D 20 -25.13 -12.55 37.60
C THR D 20 -24.38 -13.01 38.85
N ALA D 21 -24.69 -12.53 40.06
CA ALA D 21 -24.01 -12.95 41.29
C ALA D 21 -24.38 -14.39 41.74
N PRO D 22 -23.46 -15.18 42.31
CA PRO D 22 -23.74 -16.57 42.66
C PRO D 22 -24.84 -16.80 43.72
N VAL D 23 -25.54 -17.92 43.56
CA VAL D 23 -26.56 -18.46 44.47
C VAL D 23 -26.27 -19.93 44.75
N ARG D 24 -26.52 -20.38 45.96
CA ARG D 24 -26.28 -21.76 46.40
C ARG D 24 -27.61 -22.45 46.68
N GLN D 25 -27.89 -23.53 45.96
CA GLN D 25 -28.99 -24.40 46.31
C GLN D 25 -28.58 -25.30 47.47
N GLU D 26 -29.37 -25.32 48.52
CA GLU D 26 -29.10 -26.10 49.73
C GLU D 26 -30.39 -26.75 50.24
N GLY D 27 -30.28 -28.00 50.67
CA GLY D 27 -31.39 -28.80 51.17
C GLY D 27 -31.26 -30.26 50.77
N ILE D 28 -32.25 -31.06 51.12
CA ILE D 28 -32.32 -32.44 50.63
C ILE D 28 -32.66 -32.41 49.14
N MET D 29 -31.90 -33.11 48.32
CA MET D 29 -32.21 -33.31 46.91
C MET D 29 -33.40 -34.25 46.78
N THR D 30 -34.53 -33.74 46.29
CA THR D 30 -35.76 -34.50 46.09
C THR D 30 -36.01 -34.80 44.61
N GLN D 31 -37.02 -35.64 44.31
CA GLN D 31 -37.69 -35.52 43.01
C GLN D 31 -38.05 -34.05 42.74
N GLY D 32 -38.01 -33.59 41.50
CA GLY D 32 -38.13 -32.17 41.19
C GLY D 32 -36.82 -31.38 41.28
N ASP D 33 -35.79 -31.93 41.91
CA ASP D 33 -34.39 -31.54 41.75
C ASP D 33 -33.63 -32.46 40.79
N LEU D 34 -34.31 -33.48 40.24
CA LEU D 34 -33.73 -34.40 39.27
C LEU D 34 -33.42 -33.68 37.96
N VAL D 35 -32.28 -34.02 37.37
CA VAL D 35 -31.97 -33.76 35.96
C VAL D 35 -32.04 -35.08 35.22
N THR D 36 -32.81 -35.11 34.15
CA THR D 36 -33.20 -36.29 33.38
C THR D 36 -33.16 -35.99 31.89
N VAL D 37 -33.12 -37.01 31.04
CA VAL D 37 -33.16 -36.84 29.58
C VAL D 37 -34.39 -36.02 29.18
N THR D 38 -34.22 -34.98 28.38
CA THR D 38 -35.32 -34.06 28.04
C THR D 38 -36.40 -34.74 27.21
N SER D 39 -37.56 -34.08 27.07
CA SER D 39 -38.64 -34.52 26.19
C SER D 39 -38.18 -34.83 24.77
N ASP D 40 -37.18 -34.09 24.27
CA ASP D 40 -36.55 -34.23 22.98
C ASP D 40 -35.15 -34.84 23.04
N GLY D 41 -34.83 -35.65 24.04
CA GLY D 41 -33.72 -36.61 23.99
C GLY D 41 -32.32 -36.06 24.28
N ILE D 42 -32.18 -34.84 24.78
CA ILE D 42 -30.87 -34.32 25.24
C ILE D 42 -30.51 -35.01 26.54
N ASP D 43 -29.39 -35.73 26.55
CA ASP D 43 -28.81 -36.25 27.77
C ASP D 43 -28.04 -35.16 28.53
N LEU D 44 -28.75 -34.36 29.30
CA LEU D 44 -28.16 -33.35 30.18
C LEU D 44 -27.15 -33.94 31.19
N ASN D 45 -27.23 -35.23 31.53
CA ASN D 45 -26.30 -35.85 32.46
C ASN D 45 -24.94 -36.20 31.84
N ALA D 46 -24.78 -36.13 30.53
CA ALA D 46 -23.48 -36.22 29.87
C ALA D 46 -22.66 -34.92 29.99
N LEU D 47 -23.25 -33.85 30.52
CA LEU D 47 -22.73 -32.49 30.39
C LEU D 47 -22.22 -31.86 31.70
N TRP D 48 -22.26 -32.53 32.84
CA TRP D 48 -21.83 -31.93 34.11
C TRP D 48 -20.36 -31.53 34.15
N ASN D 49 -19.49 -32.20 33.41
CA ASN D 49 -18.07 -31.85 33.28
C ASN D 49 -17.81 -30.63 32.38
N SER D 50 -18.83 -29.93 31.92
CA SER D 50 -18.73 -28.92 30.87
C SER D 50 -17.91 -27.68 31.24
N PHE D 51 -17.73 -27.39 32.52
CA PHE D 51 -16.89 -26.30 33.03
C PHE D 51 -15.67 -26.79 33.83
N ALA D 52 -15.35 -28.09 33.75
CA ALA D 52 -14.23 -28.68 34.47
C ALA D 52 -12.88 -28.06 34.09
N GLU D 53 -12.64 -27.82 32.80
CA GLU D 53 -11.40 -27.25 32.29
C GLU D 53 -11.18 -25.82 32.77
N SER D 54 -12.24 -25.03 32.83
CA SER D 54 -12.20 -23.67 33.40
C SER D 54 -11.89 -23.69 34.89
N ILE D 55 -12.54 -24.57 35.66
CA ILE D 55 -12.19 -24.81 37.05
C ILE D 55 -10.73 -25.27 37.16
N ALA D 56 -10.22 -26.12 36.27
CA ALA D 56 -8.82 -26.51 36.27
C ALA D 56 -7.84 -25.33 36.07
N ILE D 57 -8.18 -24.32 35.27
CA ILE D 57 -7.33 -23.13 35.11
C ILE D 57 -7.19 -22.40 36.43
N TYR D 58 -8.31 -22.08 37.08
CA TYR D 58 -8.29 -21.36 38.34
C TYR D 58 -7.80 -22.23 39.51
N ASN D 59 -7.93 -23.55 39.43
CA ASN D 59 -7.33 -24.48 40.37
C ASN D 59 -5.80 -24.46 40.27
N GLU D 60 -5.22 -24.56 39.08
CA GLU D 60 -3.76 -24.54 38.93
C GLU D 60 -3.17 -23.20 39.37
N ALA D 61 -3.89 -22.11 39.15
CA ALA D 61 -3.54 -20.80 39.67
C ALA D 61 -3.43 -20.78 41.19
N MET D 62 -4.37 -21.42 41.91
CA MET D 62 -4.30 -21.56 43.35
C MET D 62 -3.16 -22.47 43.81
N ASP D 63 -2.90 -23.60 43.14
CA ASP D 63 -1.77 -24.47 43.48
C ASP D 63 -0.44 -23.71 43.46
N ASN D 64 -0.19 -22.89 42.44
CA ASN D 64 1.08 -22.19 42.34
C ASN D 64 1.28 -21.19 43.48
N LEU D 65 0.23 -20.49 43.93
CA LEU D 65 0.33 -19.66 45.13
C LEU D 65 0.48 -20.49 46.39
N ILE D 66 -0.33 -21.52 46.62
CA ILE D 66 -0.26 -22.31 47.85
C ILE D 66 1.13 -22.90 48.03
N GLN D 67 1.70 -23.51 47.00
CA GLN D 67 2.99 -24.17 47.12
C GLN D 67 4.15 -23.18 47.32
N LEU D 68 3.95 -21.90 47.01
CA LEU D 68 4.94 -20.84 47.18
C LEU D 68 4.74 -20.02 48.47
N LEU D 69 3.51 -19.89 48.95
CA LEU D 69 3.21 -19.18 50.18
C LEU D 69 3.31 -20.06 51.42
N THR D 70 3.26 -21.39 51.31
CA THR D 70 3.10 -22.25 52.49
C THR D 70 4.13 -23.35 52.63
N TYR D 71 4.24 -23.90 53.83
CA TYR D 71 4.98 -25.12 54.15
C TYR D 71 4.19 -25.95 55.19
N PRO D 72 4.36 -27.27 55.24
CA PRO D 72 3.69 -28.12 56.22
C PRO D 72 4.33 -27.99 57.59
N VAL D 73 3.53 -27.66 58.60
CA VAL D 73 3.95 -27.51 60.00
C VAL D 73 4.21 -28.89 60.60
N THR D 74 5.39 -29.07 61.17
CA THR D 74 5.80 -30.28 61.90
C THR D 74 6.19 -30.00 63.35
N VAL D 75 6.41 -28.74 63.70
CA VAL D 75 6.79 -28.25 65.04
C VAL D 75 5.69 -27.28 65.46
N PRO D 76 4.66 -27.71 66.22
CA PRO D 76 3.43 -26.92 66.41
C PRO D 76 3.59 -25.61 67.19
N VAL D 77 4.73 -25.42 67.87
CA VAL D 77 5.04 -24.26 68.72
C VAL D 77 6.49 -23.88 68.53
N GLU D 78 6.76 -22.62 68.22
CA GLU D 78 8.09 -22.08 67.88
C GLU D 78 8.53 -21.04 68.91
N PRO D 79 9.72 -21.15 69.53
CA PRO D 79 10.24 -20.18 70.49
C PRO D 79 11.06 -19.06 69.84
N VAL D 80 11.02 -17.87 70.43
CA VAL D 80 11.91 -16.73 70.15
C VAL D 80 12.53 -16.22 71.44
N VAL D 81 13.76 -15.74 71.40
CA VAL D 81 14.68 -15.70 72.55
C VAL D 81 15.36 -14.35 72.70
N GLN D 82 15.67 -13.90 73.91
CA GLN D 82 16.56 -12.76 74.23
C GLN D 82 17.58 -13.18 75.29
N ILE D 83 18.85 -12.75 75.25
CA ILE D 83 19.87 -13.28 76.18
C ILE D 83 20.71 -12.27 76.98
N GLY D 84 20.67 -10.96 76.72
CA GLY D 84 21.58 -10.02 77.39
C GLY D 84 23.06 -10.17 76.98
N GLU D 85 23.94 -9.35 77.56
CA GLU D 85 25.32 -9.19 77.10
C GLU D 85 26.27 -8.95 78.27
N THR D 86 27.57 -8.89 78.02
CA THR D 86 28.54 -8.55 79.07
C THR D 86 29.64 -7.61 78.58
N THR D 87 30.36 -6.96 79.49
CA THR D 87 31.43 -6.00 79.18
C THR D 87 32.67 -6.25 80.01
N PHE D 88 33.84 -6.06 79.42
CA PHE D 88 35.10 -5.90 80.16
C PHE D 88 35.16 -4.55 80.89
N GLU D 89 36.20 -4.39 81.68
CA GLU D 89 36.65 -3.13 82.29
C GLU D 89 38.18 -3.09 82.28
N GLU D 90 38.78 -1.95 82.61
CA GLU D 90 40.21 -1.87 82.81
C GLU D 90 40.67 -2.54 84.10
N ALA D 91 41.76 -3.30 84.03
CA ALA D 91 42.45 -3.87 85.17
C ALA D 91 43.20 -2.79 85.96
N THR D 92 43.06 -2.78 87.28
CA THR D 92 43.96 -2.05 88.21
C THR D 92 44.94 -3.02 88.87
N GLU D 93 45.91 -2.51 89.64
CA GLU D 93 47.00 -3.33 90.18
C GLU D 93 46.62 -4.22 91.37
N LEU D 94 45.71 -3.76 92.23
CA LEU D 94 45.36 -4.38 93.50
C LEU D 94 43.92 -4.91 93.55
N GLY D 95 42.96 -4.28 92.87
CA GLY D 95 41.54 -4.65 92.91
C GLY D 95 41.18 -5.83 92.01
N VAL D 96 39.90 -6.18 91.94
CA VAL D 96 39.34 -7.25 91.08
C VAL D 96 38.18 -6.75 90.22
N PRO D 97 37.94 -7.32 89.02
CA PRO D 97 36.82 -6.94 88.18
C PRO D 97 35.46 -7.42 88.69
N ARG D 98 34.39 -6.82 88.19
CA ARG D 98 32.99 -7.22 88.39
C ARG D 98 32.67 -8.56 87.74
N GLY D 99 31.60 -9.19 88.20
CA GLY D 99 31.13 -10.48 87.69
C GLY D 99 30.33 -10.43 86.39
N ALA D 100 29.78 -11.57 85.96
CA ALA D 100 28.97 -11.72 84.75
C ALA D 100 27.88 -12.78 84.89
N GLY D 101 26.74 -12.56 84.22
CA GLY D 101 25.65 -13.51 84.06
C GLY D 101 24.91 -13.25 82.76
N LEU D 102 24.00 -14.15 82.36
CA LEU D 102 23.11 -13.92 81.21
C LEU D 102 21.65 -14.15 81.60
N PRO D 103 20.77 -13.16 81.50
CA PRO D 103 19.35 -13.35 81.74
C PRO D 103 18.61 -13.79 80.45
N ILE D 104 18.51 -15.08 80.16
CA ILE D 104 17.66 -15.55 79.05
C ILE D 104 16.17 -15.33 79.33
N GLU D 105 15.40 -14.98 78.30
CA GLU D 105 13.95 -15.14 78.30
C GLU D 105 13.43 -15.51 76.92
N VAL D 106 12.24 -16.10 76.90
CA VAL D 106 11.66 -16.78 75.74
C VAL D 106 10.18 -16.45 75.61
N PHE D 107 9.70 -16.39 74.38
CA PHE D 107 8.30 -16.27 74.00
C PHE D 107 7.97 -17.34 72.97
N GLN D 108 6.71 -17.70 72.80
CA GLN D 108 6.31 -18.77 71.88
C GLN D 108 5.08 -18.41 71.06
N MET D 109 5.03 -18.97 69.85
CA MET D 109 3.94 -18.80 68.90
C MET D 109 3.59 -20.13 68.26
N GLY D 110 2.30 -20.35 68.00
CA GLY D 110 1.79 -21.58 67.40
C GLY D 110 1.08 -21.34 66.08
N TYR D 111 0.30 -22.32 65.66
CA TYR D 111 -0.55 -22.30 64.48
C TYR D 111 -1.93 -22.79 64.89
N ASP D 112 -3.01 -22.19 64.42
CA ASP D 112 -4.34 -22.66 64.81
C ASP D 112 -4.73 -23.96 64.12
N LEU D 113 -5.90 -24.48 64.46
CA LEU D 113 -6.50 -25.65 63.86
C LEU D 113 -8.01 -25.53 64.02
N ARG D 114 -8.76 -25.63 62.92
CA ARG D 114 -10.21 -25.46 62.88
C ARG D 114 -10.82 -26.55 62.01
N HIS D 115 -12.06 -26.93 62.32
CA HIS D 115 -12.74 -28.05 61.63
C HIS D 115 -13.76 -27.42 60.69
N TYR D 116 -14.07 -28.08 59.58
CA TYR D 116 -15.03 -27.58 58.58
C TYR D 116 -15.86 -28.80 58.19
N ASP D 117 -17.06 -28.62 57.63
CA ASP D 117 -17.85 -29.78 57.16
C ASP D 117 -18.96 -29.41 56.18
N LYS D 118 -19.33 -30.34 55.30
CA LYS D 118 -20.45 -30.20 54.37
C LYS D 118 -21.33 -31.46 54.38
N ARG D 119 -22.62 -31.35 54.09
CA ARG D 119 -23.56 -32.48 53.94
C ARG D 119 -23.98 -32.66 52.48
N ASN D 120 -24.11 -33.88 52.02
CA ASN D 120 -24.93 -34.23 50.87
C ASN D 120 -26.12 -35.05 51.37
N ALA D 121 -27.35 -34.67 51.04
CA ALA D 121 -28.56 -35.39 51.44
C ALA D 121 -29.53 -35.58 50.27
N TYR D 122 -30.04 -36.79 50.10
CA TYR D 122 -30.92 -37.19 49.01
C TYR D 122 -32.12 -37.93 49.56
N SER D 123 -33.31 -37.72 48.99
CA SER D 123 -34.44 -38.60 49.28
C SER D 123 -34.41 -39.87 48.43
N TRP D 124 -35.10 -40.91 48.84
CA TRP D 124 -35.18 -42.17 48.11
C TRP D 124 -35.79 -41.98 46.72
N MET D 125 -36.81 -41.12 46.58
CA MET D 125 -37.41 -40.80 45.28
C MET D 125 -36.46 -40.06 44.35
N PHE D 126 -35.48 -39.34 44.87
CA PHE D 126 -34.38 -38.84 44.06
C PHE D 126 -33.51 -40.03 43.63
N LEU D 127 -32.98 -40.81 44.57
CA LEU D 127 -32.05 -41.89 44.24
C LEU D 127 -32.66 -43.00 43.37
N ALA D 128 -33.97 -43.16 43.38
CA ALA D 128 -34.68 -44.12 42.54
C ALA D 128 -34.60 -43.78 41.05
N ASP D 129 -34.57 -42.49 40.70
CA ASP D 129 -34.62 -41.98 39.33
C ASP D 129 -33.34 -41.29 38.87
N ALA D 130 -32.49 -40.86 39.79
CA ALA D 130 -31.26 -40.14 39.51
C ALA D 130 -30.26 -40.92 38.66
N ASP D 131 -29.57 -40.20 37.77
CA ASP D 131 -28.35 -40.68 37.14
C ASP D 131 -27.16 -40.48 38.08
N GLY D 132 -26.30 -41.47 38.25
CA GLY D 132 -25.07 -41.34 39.03
C GLY D 132 -24.20 -40.16 38.63
N ARG D 133 -24.22 -39.78 37.35
CA ARG D 133 -23.53 -38.59 36.85
C ARG D 133 -24.03 -37.31 37.51
N GLN D 134 -25.31 -37.20 37.88
CA GLN D 134 -25.81 -36.02 38.60
C GLN D 134 -25.21 -35.90 39.99
N VAL D 135 -25.01 -37.01 40.72
CA VAL D 135 -24.41 -36.94 42.06
C VAL D 135 -22.89 -36.80 41.99
N GLU D 136 -22.24 -37.42 41.01
CA GLU D 136 -20.82 -37.15 40.73
C GLU D 136 -20.56 -35.68 40.42
N ALA D 137 -21.49 -34.98 39.78
CA ALA D 137 -21.36 -33.54 39.62
C ALA D 137 -21.30 -32.78 40.95
N ILE D 138 -22.17 -33.13 41.90
CA ILE D 138 -22.23 -32.48 43.21
C ILE D 138 -21.00 -32.84 44.06
N HIS D 139 -20.51 -34.07 43.99
CA HIS D 139 -19.22 -34.43 44.57
C HIS D 139 -18.07 -33.56 44.04
N ASP D 140 -17.97 -33.40 42.73
CA ASP D 140 -16.93 -32.55 42.14
C ASP D 140 -17.07 -31.08 42.53
N ALA D 141 -18.28 -30.56 42.69
CA ALA D 141 -18.47 -29.21 43.20
C ALA D 141 -17.99 -29.09 44.65
N VAL D 142 -18.14 -30.12 45.49
CA VAL D 142 -17.58 -30.13 46.84
C VAL D 142 -16.06 -30.16 46.82
N LEU D 143 -15.43 -31.00 45.99
CA LEU D 143 -13.99 -30.99 45.84
C LEU D 143 -13.44 -29.62 45.41
N TRP D 144 -14.17 -28.86 44.62
CA TRP D 144 -13.78 -27.50 44.29
C TRP D 144 -14.01 -26.52 45.45
N ALA D 145 -15.11 -26.62 46.19
CA ALA D 145 -15.36 -25.78 47.36
C ALA D 145 -14.36 -26.04 48.49
N ASP D 146 -13.85 -27.25 48.63
CA ASP D 146 -12.76 -27.56 49.55
C ASP D 146 -11.48 -26.80 49.18
N LYS D 147 -11.12 -26.80 47.90
CA LYS D 147 -9.94 -26.05 47.45
C LYS D 147 -10.08 -24.56 47.67
N ARG D 148 -11.25 -24.00 47.41
CA ARG D 148 -11.54 -22.59 47.65
C ARG D 148 -11.52 -22.23 49.13
N LEU D 149 -11.87 -23.16 50.03
CA LEU D 149 -11.72 -23.01 51.48
C LEU D 149 -10.24 -22.94 51.86
N VAL D 150 -9.42 -23.92 51.49
CA VAL D 150 -7.99 -23.93 51.84
C VAL D 150 -7.29 -22.66 51.36
N PHE D 151 -7.54 -22.25 50.12
CA PHE D 151 -6.99 -21.03 49.57
C PHE D 151 -7.42 -19.80 50.36
N ARG D 152 -8.71 -19.65 50.69
CA ARG D 152 -9.15 -18.51 51.49
C ARG D 152 -8.44 -18.45 52.84
N LYS D 153 -8.32 -19.57 53.56
CA LYS D 153 -7.70 -19.54 54.90
C LYS D 153 -6.20 -19.29 54.82
N VAL D 154 -5.52 -19.79 53.79
CA VAL D 154 -4.10 -19.46 53.53
C VAL D 154 -3.91 -17.98 53.24
N MET D 155 -4.73 -17.37 52.39
CA MET D 155 -4.64 -15.94 52.12
C MET D 155 -5.02 -15.11 53.35
N GLU D 156 -6.06 -15.47 54.09
CA GLU D 156 -6.38 -14.86 55.39
C GLU D 156 -5.22 -14.92 56.36
N ALA D 157 -4.43 -15.98 56.39
CA ALA D 157 -3.32 -16.10 57.33
C ALA D 157 -2.27 -15.00 57.14
N LEU D 158 -2.18 -14.48 55.91
CA LEU D 158 -1.23 -13.46 55.50
C LEU D 158 -1.88 -12.07 55.49
N PHE D 159 -3.09 -11.93 54.98
CA PHE D 159 -3.76 -10.63 54.84
C PHE D 159 -4.51 -10.19 56.09
N ASP D 160 -5.03 -11.09 56.93
CA ASP D 160 -5.77 -10.67 58.12
C ASP D 160 -4.81 -10.17 59.20
N ASN D 161 -4.94 -8.91 59.54
CA ASN D 161 -4.05 -8.13 60.37
C ASN D 161 -4.04 -8.59 61.85
N ARG D 162 -4.99 -9.41 62.29
CA ARG D 162 -5.30 -9.67 63.71
C ARG D 162 -4.59 -10.89 64.31
N THR D 163 -4.25 -10.80 65.58
CA THR D 163 -3.69 -11.90 66.37
C THR D 163 -4.78 -12.88 66.79
N ARG D 164 -4.51 -14.18 66.68
CA ARG D 164 -5.40 -15.28 67.09
C ARG D 164 -4.83 -16.01 68.30
N ARG D 165 -5.61 -16.91 68.89
CA ARG D 165 -5.21 -17.82 69.98
C ARG D 165 -5.48 -19.26 69.59
N ALA D 166 -4.67 -20.21 70.04
CA ALA D 166 -4.94 -21.63 69.89
C ALA D 166 -4.54 -22.44 71.12
N ASN D 167 -5.37 -23.40 71.52
CA ASN D 167 -5.02 -24.35 72.57
C ASN D 167 -4.20 -25.48 71.96
N ILE D 168 -2.96 -25.67 72.40
CA ILE D 168 -2.09 -26.78 71.99
C ILE D 168 -1.63 -27.49 73.25
N ARG D 169 -1.87 -28.80 73.37
CA ARG D 169 -1.51 -29.64 74.53
C ARG D 169 -1.85 -29.01 75.89
N ASN D 170 -3.04 -28.42 76.00
CA ASN D 170 -3.56 -27.78 77.22
C ASN D 170 -2.81 -26.52 77.67
N GLN D 171 -2.12 -25.83 76.75
CA GLN D 171 -1.68 -24.45 76.90
C GLN D 171 -2.23 -23.61 75.75
N ALA D 172 -2.58 -22.35 76.00
CA ALA D 172 -3.00 -21.41 74.98
C ALA D 172 -1.80 -20.63 74.44
N TYR D 173 -1.60 -20.62 73.13
CA TYR D 173 -0.56 -19.89 72.42
C TYR D 173 -1.13 -18.73 71.63
N ASN D 174 -0.34 -17.70 71.40
CA ASN D 174 -0.61 -16.74 70.33
C ASN D 174 -0.32 -17.36 68.97
N VAL D 175 -1.18 -17.08 68.01
CA VAL D 175 -1.04 -17.41 66.59
C VAL D 175 -0.99 -16.10 65.83
N TYR D 176 0.05 -15.87 65.03
CA TYR D 176 0.34 -14.54 64.53
C TYR D 176 0.24 -14.43 63.02
N PRO D 177 -0.07 -13.22 62.50
CA PRO D 177 0.24 -12.78 61.16
C PRO D 177 1.68 -12.23 61.11
N LEU D 178 2.03 -11.43 60.10
CA LEU D 178 3.29 -10.66 60.08
C LEU D 178 3.33 -9.64 61.22
N TYR D 179 4.43 -8.92 61.46
CA TYR D 179 4.44 -7.89 62.50
C TYR D 179 3.28 -6.91 62.29
N ASN D 180 2.54 -6.59 63.33
CA ASN D 180 1.22 -5.95 63.22
C ASN D 180 0.92 -4.98 64.37
N GLY D 181 1.93 -4.49 65.06
CA GLY D 181 1.76 -3.65 66.24
C GLY D 181 1.38 -4.39 67.52
N ASP D 182 1.58 -5.71 67.55
CA ASP D 182 1.18 -6.60 68.65
C ASP D 182 2.13 -7.80 68.81
N GLY D 183 2.25 -8.32 70.03
CA GLY D 183 3.19 -9.36 70.43
C GLY D 183 4.60 -8.82 70.74
N VAL D 184 5.56 -9.72 70.93
CA VAL D 184 6.94 -9.38 71.27
C VAL D 184 7.58 -8.52 70.16
N PRO D 185 8.27 -7.40 70.45
CA PRO D 185 8.87 -6.57 69.42
C PRO D 185 9.90 -7.32 68.59
N PRO D 186 10.14 -6.94 67.33
CA PRO D 186 11.17 -7.57 66.51
C PRO D 186 12.55 -7.41 67.17
N PRO D 187 13.44 -8.41 67.13
CA PRO D 187 14.77 -8.25 67.71
C PRO D 187 15.56 -7.18 66.95
N ARG D 188 16.30 -6.34 67.68
CA ARG D 188 17.22 -5.34 67.14
C ARG D 188 18.15 -5.94 66.08
N PHE D 189 18.38 -5.22 65.00
CA PHE D 189 19.37 -5.58 63.99
C PHE D 189 20.26 -4.38 63.70
N LYS D 190 21.58 -4.53 63.89
CA LYS D 190 22.55 -3.43 63.80
C LYS D 190 22.09 -2.23 64.62
N ASN D 191 21.84 -1.08 63.99
CA ASN D 191 21.31 0.14 64.61
C ASN D 191 19.79 0.31 64.46
N ASN D 192 19.08 -0.63 63.81
CA ASN D 192 17.63 -0.63 63.79
C ASN D 192 17.10 -1.19 65.10
N VAL D 193 16.34 -0.40 65.84
CA VAL D 193 15.67 -0.80 67.09
C VAL D 193 14.16 -0.67 66.94
N PHE D 194 13.41 -1.61 67.50
CA PHE D 194 11.98 -1.74 67.27
C PHE D 194 11.19 -1.80 68.57
N ASP D 195 9.96 -1.31 68.55
CA ASP D 195 9.04 -1.34 69.69
C ASP D 195 7.77 -2.13 69.35
N GLU D 196 6.89 -2.31 70.33
CA GLU D 196 5.68 -3.13 70.19
C GLU D 196 4.80 -2.68 69.02
N THR D 197 4.75 -1.39 68.69
CA THR D 197 3.88 -0.83 67.67
C THR D 197 4.39 -1.08 66.25
N HIS D 198 5.55 -1.70 66.07
CA HIS D 198 6.11 -1.97 64.75
C HIS D 198 5.22 -2.91 63.93
N SER D 199 4.95 -2.53 62.69
CA SER D 199 3.98 -3.19 61.83
C SER D 199 4.46 -3.29 60.39
N HIS D 200 4.17 -4.43 59.76
CA HIS D 200 4.37 -4.73 58.36
C HIS D 200 3.06 -4.65 57.56
N TYR D 201 2.00 -4.10 58.14
CA TYR D 201 0.74 -3.81 57.47
C TYR D 201 0.59 -2.30 57.36
N VAL D 202 0.95 -1.75 56.21
CA VAL D 202 1.16 -0.30 56.02
C VAL D 202 0.35 0.25 54.85
N ILE D 203 0.30 1.58 54.71
CA ILE D 203 -0.30 2.24 53.55
C ILE D 203 0.71 3.09 52.78
N SER D 204 0.48 3.27 51.48
CA SER D 204 1.26 4.18 50.62
C SER D 204 1.22 5.64 51.08
N HIS D 205 0.14 6.06 51.73
CA HIS D 205 -0.26 7.46 51.92
C HIS D 205 -0.60 8.21 50.63
N ASN D 206 -0.83 7.51 49.52
CA ASN D 206 -1.21 8.08 48.23
C ASN D 206 -2.19 7.18 47.48
N SER D 207 -3.00 7.75 46.60
CA SER D 207 -4.02 7.00 45.84
C SER D 207 -3.51 6.17 44.66
N VAL D 208 -2.26 6.35 44.24
CA VAL D 208 -1.60 5.60 43.15
C VAL D 208 -0.20 5.20 43.58
N VAL D 209 0.29 4.04 43.15
CA VAL D 209 1.59 3.50 43.55
C VAL D 209 2.78 4.32 43.03
N ASP D 210 3.70 4.69 43.92
CA ASP D 210 4.99 5.29 43.61
C ASP D 210 6.08 4.24 43.42
N SER D 211 7.18 4.62 42.79
CA SER D 211 8.45 3.94 43.01
C SER D 211 8.84 3.93 44.50
N SER D 212 8.56 4.99 45.23
CA SER D 212 8.78 5.09 46.67
C SER D 212 8.06 3.98 47.43
N ASP D 213 6.92 3.53 46.96
CA ASP D 213 6.15 2.51 47.66
C ASP D 213 6.83 1.15 47.58
N LEU D 214 7.37 0.78 46.42
CA LEU D 214 8.16 -0.43 46.31
C LEU D 214 9.46 -0.31 47.11
N GLU D 215 10.01 0.87 47.23
CA GLU D 215 11.24 1.13 47.97
C GLU D 215 10.99 1.11 49.49
N ASP D 216 9.85 1.59 49.96
CA ASP D 216 9.41 1.45 51.36
C ASP D 216 9.06 0.01 51.72
N LEU D 217 8.36 -0.70 50.84
CA LEU D 217 8.03 -2.09 51.08
C LEU D 217 9.29 -2.93 51.24
N MET D 218 10.33 -2.64 50.46
CA MET D 218 11.61 -3.31 50.58
C MET D 218 12.29 -3.01 51.91
N GLU D 219 12.21 -1.77 52.39
CA GLU D 219 12.80 -1.41 53.68
C GLU D 219 12.20 -2.21 54.83
N LEU D 220 10.92 -2.53 54.80
CA LEU D 220 10.30 -3.35 55.84
C LEU D 220 10.89 -4.76 55.92
N LEU D 221 11.49 -5.31 54.88
CA LEU D 221 12.21 -6.58 54.99
C LEU D 221 13.67 -6.32 55.36
N ALA D 222 14.30 -5.35 54.69
CA ALA D 222 15.71 -5.06 54.86
C ALA D 222 16.06 -4.63 56.28
N GLU D 223 15.18 -3.93 56.99
CA GLU D 223 15.38 -3.46 58.35
C GLU D 223 15.70 -4.58 59.35
N HIS D 224 15.26 -5.80 59.11
CA HIS D 224 15.52 -6.95 59.97
C HIS D 224 16.70 -7.81 59.52
N GLY D 225 17.43 -7.41 58.49
CA GLY D 225 18.53 -8.17 57.88
C GLY D 225 18.12 -8.98 56.66
N TYR D 226 16.83 -9.11 56.36
CA TYR D 226 16.34 -9.81 55.17
C TYR D 226 16.56 -8.91 53.95
N SER D 227 17.73 -9.03 53.35
CA SER D 227 18.29 -7.99 52.49
C SER D 227 19.00 -8.58 51.28
N PRO D 228 19.11 -7.82 50.17
CA PRO D 228 19.79 -8.29 48.98
C PRO D 228 21.25 -8.68 49.22
N GLN D 229 21.95 -7.93 50.07
CA GLN D 229 23.33 -8.17 50.48
C GLN D 229 23.50 -9.51 51.17
N ALA D 230 22.51 -9.90 51.99
CA ALA D 230 22.42 -11.22 52.62
C ALA D 230 22.01 -12.33 51.64
N GLY D 231 21.75 -12.05 50.37
CA GLY D 231 21.33 -13.05 49.39
C GLY D 231 19.86 -13.45 49.47
N THR D 232 19.04 -12.70 50.22
CA THR D 232 17.60 -12.87 50.21
C THR D 232 17.07 -12.56 48.81
N GLN D 233 16.27 -13.45 48.24
CA GLN D 233 15.52 -13.23 47.00
C GLN D 233 14.19 -12.57 47.32
N PHE D 234 13.71 -11.68 46.46
CA PHE D 234 12.50 -10.91 46.74
C PHE D 234 11.45 -11.07 45.66
N LEU D 235 10.22 -11.29 46.07
CA LEU D 235 9.04 -11.43 45.23
C LEU D 235 8.03 -10.35 45.59
N LEU D 236 7.56 -9.58 44.61
CA LEU D 236 6.44 -8.68 44.75
C LEU D 236 5.26 -9.26 43.98
N LEU D 237 4.16 -9.50 44.67
CA LEU D 237 2.90 -9.93 44.09
C LEU D 237 1.96 -8.74 44.04
N ALA D 238 1.41 -8.44 42.86
CA ALA D 238 0.55 -7.29 42.66
C ALA D 238 -0.57 -7.54 41.67
N ASN D 239 -1.67 -6.82 41.83
CA ASN D 239 -2.74 -6.83 40.86
C ASN D 239 -2.27 -6.19 39.55
N LYS D 240 -2.90 -6.53 38.42
CA LYS D 240 -2.66 -5.88 37.13
C LYS D 240 -2.66 -4.36 37.24
N ALA D 241 -3.61 -3.79 37.96
CA ALA D 241 -3.76 -2.35 38.14
C ALA D 241 -2.49 -1.65 38.63
N GLU D 242 -1.77 -2.26 39.58
CA GLU D 242 -0.49 -1.77 40.06
C GLU D 242 0.63 -2.07 39.08
N THR D 243 0.72 -3.27 38.51
CA THR D 243 1.81 -3.61 37.60
C THR D 243 1.82 -2.77 36.33
N ASP D 244 0.66 -2.32 35.85
CA ASP D 244 0.59 -1.38 34.74
C ASP D 244 1.24 -0.03 35.06
N ALA D 245 1.25 0.40 36.33
CA ALA D 245 2.03 1.57 36.75
C ALA D 245 3.51 1.22 36.84
N ILE D 246 3.84 0.10 37.48
CA ILE D 246 5.23 -0.29 37.75
C ILE D 246 6.03 -0.53 36.47
N ARG D 247 5.42 -1.09 35.43
CA ARG D 247 6.03 -1.26 34.10
C ARG D 247 6.63 0.03 33.54
N GLN D 248 6.06 1.18 33.91
CA GLN D 248 6.43 2.49 33.39
C GLN D 248 7.59 3.16 34.14
N PHE D 249 8.08 2.60 35.25
CA PHE D 249 9.11 3.23 36.06
C PHE D 249 10.47 3.23 35.34
N ARG D 250 11.11 4.39 35.23
CA ARG D 250 12.43 4.59 34.62
C ARG D 250 13.31 5.44 35.54
N ARG D 251 14.56 5.03 35.78
CA ARG D 251 15.43 5.63 36.78
C ARG D 251 15.67 7.12 36.56
N GLY D 252 15.66 7.88 37.64
CA GLY D 252 15.83 9.32 37.59
C GLY D 252 14.67 10.10 36.96
N VAL D 253 13.70 9.44 36.32
CA VAL D 253 12.50 10.11 35.78
C VAL D 253 11.46 10.28 36.88
N VAL D 254 10.70 11.36 36.84
CA VAL D 254 9.57 11.59 37.76
C VAL D 254 8.40 10.67 37.44
N ASN D 255 7.57 10.44 38.43
CA ASN D 255 6.59 9.35 38.53
C ASN D 255 5.26 9.89 39.10
N ASN D 256 4.37 9.00 39.54
CA ASN D 256 3.20 9.36 40.33
C ASN D 256 3.58 10.09 41.63
N ASN D 257 2.68 10.95 42.12
CA ASN D 257 2.81 11.75 43.36
C ASN D 257 4.15 12.49 43.52
N GLY D 258 4.80 12.83 42.42
CA GLY D 258 6.09 13.53 42.41
C GLY D 258 7.29 12.65 42.79
N ALA D 259 7.13 11.34 43.00
CA ALA D 259 8.26 10.45 43.29
C ALA D 259 9.21 10.34 42.09
N THR D 260 10.48 10.03 42.34
CA THR D 260 11.46 9.68 41.30
C THR D 260 11.78 8.19 41.38
N ALA D 261 11.80 7.47 40.27
CA ALA D 261 12.18 6.07 40.34
C ALA D 261 13.68 5.92 40.60
N GLY D 262 14.05 5.12 41.59
CA GLY D 262 15.45 4.81 41.87
C GLY D 262 16.06 3.82 40.88
N TYR D 263 15.22 3.08 40.14
CA TYR D 263 15.61 2.02 39.22
C TYR D 263 14.77 2.04 37.96
N ASP D 264 15.19 1.29 36.95
CA ASP D 264 14.34 0.95 35.81
C ASP D 264 13.50 -0.29 36.11
N PHE D 265 12.31 -0.36 35.54
CA PHE D 265 11.64 -1.64 35.35
C PHE D 265 12.34 -2.42 34.25
N ILE D 266 12.90 -3.59 34.56
CA ILE D 266 13.57 -4.46 33.60
C ILE D 266 12.61 -5.57 33.19
N PRO D 267 12.10 -5.61 31.95
CA PRO D 267 11.16 -6.64 31.52
C PRO D 267 11.84 -8.01 31.45
N SER D 268 11.15 -9.07 31.80
CA SER D 268 11.70 -10.44 31.69
C SER D 268 11.69 -10.96 30.25
N PRO D 269 12.39 -12.07 29.93
CA PRO D 269 12.51 -12.55 28.56
C PRO D 269 11.20 -12.89 27.83
N THR D 270 10.11 -13.14 28.54
CA THR D 270 8.81 -13.44 27.92
C THR D 270 8.05 -12.22 27.44
N GLN D 271 8.45 -11.02 27.87
CA GLN D 271 7.76 -9.78 27.52
C GLN D 271 8.01 -9.39 26.06
N PRO D 272 7.13 -8.60 25.42
CA PRO D 272 7.29 -8.22 24.02
C PRO D 272 8.48 -7.28 23.81
N ALA D 273 9.14 -7.43 22.67
CA ALA D 273 10.20 -6.53 22.23
C ALA D 273 9.63 -5.15 21.88
N MET D 274 9.95 -4.15 22.70
CA MET D 274 9.30 -2.85 22.71
C MET D 274 10.33 -1.70 22.77
N MET D 275 10.14 -0.65 21.98
CA MET D 275 11.03 0.51 22.00
C MET D 275 10.85 1.33 23.27
N LEU D 276 11.96 1.80 23.83
CA LEU D 276 12.00 2.69 24.99
C LEU D 276 12.96 3.85 24.74
N PRO D 277 12.64 5.08 25.16
CA PRO D 277 13.60 6.18 25.16
C PRO D 277 14.85 5.85 25.96
N ASN D 278 15.99 6.42 25.59
CA ASN D 278 17.24 6.42 26.37
C ASN D 278 17.72 5.04 26.83
N ALA D 279 17.45 4.00 26.04
CA ALA D 279 17.69 2.61 26.41
C ALA D 279 18.19 1.83 25.19
N GLU D 280 19.45 2.04 24.84
CA GLU D 280 20.10 1.29 23.76
C GLU D 280 20.76 0.02 24.30
N GLY D 281 21.17 0.02 25.57
CA GLY D 281 21.80 -1.11 26.21
C GLY D 281 21.28 -1.36 27.62
N LEU D 282 21.36 -2.61 28.05
CA LEU D 282 21.07 -3.07 29.39
C LEU D 282 22.39 -3.43 30.07
N LEU D 283 22.62 -2.92 31.27
CA LEU D 283 23.75 -3.32 32.11
C LEU D 283 23.26 -4.31 33.15
N GLY D 284 23.81 -5.52 33.14
CA GLY D 284 23.39 -6.61 34.01
C GLY D 284 22.38 -7.54 33.33
N ASN D 285 21.68 -8.34 34.12
CA ASN D 285 20.81 -9.41 33.62
C ASN D 285 19.33 -9.03 33.54
N GLN D 286 18.56 -9.67 32.65
CA GLN D 286 17.10 -9.71 32.81
C GLN D 286 16.71 -10.72 33.90
N PRO D 287 15.64 -10.46 34.66
CA PRO D 287 15.13 -11.42 35.62
C PRO D 287 14.66 -12.69 34.93
N ALA D 288 14.82 -13.84 35.59
CA ALA D 288 14.33 -15.12 35.09
C ALA D 288 12.83 -15.07 34.81
N PRO D 289 12.32 -15.78 33.79
CA PRO D 289 10.93 -15.68 33.39
C PRO D 289 9.95 -16.25 34.43
N THR D 290 10.41 -17.12 35.33
CA THR D 290 9.58 -17.72 36.38
C THR D 290 10.25 -17.63 37.75
N PHE D 291 9.47 -17.35 38.79
CA PHE D 291 9.88 -17.43 40.19
C PHE D 291 9.01 -18.48 40.88
N GLY D 292 9.61 -19.55 41.39
CA GLY D 292 8.83 -20.76 41.66
C GLY D 292 8.06 -21.18 40.41
N GLY D 293 6.75 -21.40 40.54
CA GLY D 293 5.86 -21.65 39.42
C GLY D 293 5.24 -20.40 38.79
N LEU D 294 5.38 -19.22 39.39
CA LEU D 294 4.74 -18.00 38.92
C LEU D 294 5.52 -17.33 37.80
N ALA D 295 4.83 -16.69 36.87
CA ALA D 295 5.43 -15.97 35.75
C ALA D 295 5.82 -14.55 36.16
N VAL D 296 7.08 -14.21 36.01
CA VAL D 296 7.67 -12.91 36.40
C VAL D 296 7.59 -11.96 35.21
N ILE D 297 6.94 -10.80 35.35
CA ILE D 297 6.86 -9.83 34.25
C ILE D 297 8.14 -9.02 34.10
N GLY D 298 8.89 -8.85 35.17
CA GLY D 298 10.10 -8.03 35.18
C GLY D 298 10.65 -7.85 36.58
N SER D 299 11.56 -6.92 36.75
CA SER D 299 12.10 -6.57 38.06
C SER D 299 12.25 -5.07 38.22
N TYR D 300 12.31 -4.61 39.46
CA TYR D 300 12.52 -3.21 39.81
C TYR D 300 13.43 -3.17 41.02
N GLY D 301 14.67 -2.73 40.87
CA GLY D 301 15.67 -2.96 41.89
C GLY D 301 15.86 -4.47 42.09
N PHE D 302 15.77 -4.94 43.33
CA PHE D 302 15.86 -6.35 43.68
C PHE D 302 14.52 -7.10 43.69
N TRP D 303 13.38 -6.43 43.49
CA TRP D 303 12.09 -7.10 43.40
C TRP D 303 11.93 -7.86 42.09
N ASN D 304 11.67 -9.16 42.11
CA ASN D 304 10.97 -9.83 41.01
C ASN D 304 9.49 -9.53 41.10
N ILE D 305 8.85 -9.06 40.03
CA ILE D 305 7.45 -8.63 40.04
C ILE D 305 6.58 -9.68 39.34
N VAL D 306 5.49 -10.08 39.99
CA VAL D 306 4.51 -11.02 39.46
C VAL D 306 3.14 -10.37 39.43
N GLU D 307 2.47 -10.41 38.27
CA GLU D 307 1.06 -10.05 38.17
C GLU D 307 0.20 -11.22 38.62
N GLU D 308 -0.76 -10.96 39.49
CA GLU D 308 -1.69 -11.98 39.96
C GLU D 308 -3.03 -11.35 40.34
N ASP D 309 -4.11 -11.81 39.70
CA ASP D 309 -5.47 -11.31 39.95
C ASP D 309 -6.05 -11.74 41.31
N TYR D 310 -5.47 -12.74 41.98
CA TYR D 310 -5.81 -13.06 43.37
C TYR D 310 -5.29 -12.04 44.38
N ILE D 311 -4.33 -11.19 44.04
CA ILE D 311 -4.04 -10.02 44.85
C ILE D 311 -5.09 -8.97 44.52
N PRO D 312 -5.90 -8.48 45.46
CA PRO D 312 -6.94 -7.51 45.14
C PRO D 312 -6.35 -6.19 44.62
N PRO D 313 -7.06 -5.44 43.77
CA PRO D 313 -6.61 -4.13 43.32
C PRO D 313 -6.29 -3.22 44.49
N GLY D 314 -5.17 -2.52 44.43
CA GLY D 314 -4.74 -1.61 45.48
C GLY D 314 -3.89 -2.24 46.58
N TYR D 315 -3.37 -3.45 46.43
CA TYR D 315 -2.50 -4.08 47.42
C TYR D 315 -1.20 -4.58 46.79
N LEU D 316 -0.10 -4.42 47.51
CA LEU D 316 1.22 -4.96 47.19
C LEU D 316 1.66 -5.93 48.28
N VAL D 317 2.08 -7.12 47.91
CA VAL D 317 2.52 -8.14 48.86
C VAL D 317 3.98 -8.46 48.56
N GLY D 318 4.88 -8.12 49.48
CA GLY D 318 6.31 -8.32 49.29
C GLY D 318 6.80 -9.45 50.18
N VAL D 319 7.48 -10.43 49.61
CA VAL D 319 7.90 -11.65 50.31
C VAL D 319 9.36 -11.97 50.04
N GLY D 320 10.14 -12.27 51.08
CA GLY D 320 11.54 -12.63 50.99
C GLY D 320 11.76 -14.14 51.10
N TYR D 321 12.77 -14.66 50.42
CA TYR D 321 13.11 -16.08 50.34
C TYR D 321 14.61 -16.30 50.46
N GLY D 322 15.05 -17.41 51.05
CA GLY D 322 16.46 -17.80 51.11
C GLY D 322 17.34 -16.80 51.85
N GLY D 323 18.57 -16.62 51.37
CA GLY D 323 19.56 -15.72 51.98
C GLY D 323 20.19 -16.25 53.27
N ALA D 324 21.06 -15.45 53.87
CA ALA D 324 21.86 -15.85 55.03
C ALA D 324 21.01 -16.13 56.28
N PHE D 325 19.90 -15.41 56.47
CA PHE D 325 18.92 -15.72 57.51
C PHE D 325 17.97 -16.87 57.14
N ASN D 326 18.05 -17.42 55.92
CA ASN D 326 17.24 -18.52 55.40
C ASN D 326 15.73 -18.32 55.62
N LEU D 327 15.14 -17.35 54.94
CA LEU D 327 13.68 -17.20 54.92
C LEU D 327 13.02 -18.34 54.15
N GLY D 328 12.08 -19.03 54.78
CA GLY D 328 11.22 -20.02 54.14
C GLY D 328 9.96 -19.40 53.58
N ASN D 329 9.07 -20.23 53.04
CA ASN D 329 7.73 -19.81 52.65
C ASN D 329 6.98 -19.19 53.85
N PRO D 330 6.18 -18.13 53.70
CA PRO D 330 5.73 -17.36 54.85
C PRO D 330 4.70 -18.02 55.78
N VAL D 331 3.82 -18.91 55.31
CA VAL D 331 2.65 -19.39 56.07
C VAL D 331 2.76 -20.87 56.39
N GLY D 332 2.66 -21.24 57.67
CA GLY D 332 2.61 -22.65 58.05
C GLY D 332 1.21 -23.21 57.90
N LEU D 333 1.06 -24.41 57.34
CA LEU D 333 -0.18 -25.17 57.36
C LEU D 333 -0.11 -26.32 58.37
N ARG D 334 -0.99 -26.28 59.37
CA ARG D 334 -1.12 -27.27 60.45
C ARG D 334 -2.27 -28.21 60.17
N GLN D 335 -2.03 -29.51 60.23
CA GLN D 335 -3.06 -30.53 60.25
C GLN D 335 -3.35 -31.02 61.67
N HIS D 336 -4.43 -31.77 61.85
CA HIS D 336 -4.64 -32.57 63.06
C HIS D 336 -3.54 -33.63 63.20
N ALA D 337 -3.15 -33.94 64.44
CA ALA D 337 -2.06 -34.87 64.71
C ALA D 337 -2.35 -36.31 64.26
N ASN D 338 -3.61 -36.74 64.33
CA ASN D 338 -4.02 -38.12 64.06
C ASN D 338 -4.10 -38.40 62.55
N PRO D 339 -3.47 -39.46 62.02
CA PRO D 339 -3.60 -39.80 60.60
C PRO D 339 -5.03 -40.00 60.11
N ALA D 340 -5.92 -40.51 60.96
CA ALA D 340 -7.33 -40.70 60.64
C ALA D 340 -8.12 -39.39 60.44
N MET D 341 -7.52 -38.25 60.79
CA MET D 341 -8.11 -36.92 60.70
C MET D 341 -7.54 -36.07 59.55
N GLN D 342 -6.52 -36.56 58.85
CA GLN D 342 -5.80 -35.82 57.81
C GLN D 342 -6.43 -35.93 56.42
N GLY D 343 -6.27 -34.88 55.62
CA GLY D 343 -6.93 -34.74 54.32
C GLY D 343 -8.41 -34.36 54.41
N LEU D 344 -9.07 -34.25 53.26
CA LEU D 344 -10.53 -34.24 53.15
C LEU D 344 -11.06 -35.66 53.28
N ARG D 345 -12.06 -35.87 54.13
CA ARG D 345 -12.60 -37.19 54.46
C ARG D 345 -14.06 -37.26 54.07
N ILE D 346 -14.47 -38.41 53.52
CA ILE D 346 -15.86 -38.71 53.15
C ILE D 346 -16.42 -39.63 54.23
N ILE D 347 -17.48 -39.23 54.91
CA ILE D 347 -18.04 -39.93 56.08
C ILE D 347 -19.48 -40.35 55.79
N ALA D 348 -19.78 -41.62 56.02
CA ALA D 348 -21.14 -42.16 55.86
C ALA D 348 -22.13 -41.46 56.80
N GLY D 349 -23.35 -41.23 56.34
CA GLY D 349 -24.32 -40.40 57.06
C GLY D 349 -25.12 -41.06 58.15
N ASN D 350 -25.95 -40.27 58.81
CA ASN D 350 -26.84 -40.73 59.86
C ASN D 350 -28.07 -41.44 59.28
N TYR D 351 -28.45 -41.09 58.05
CA TYR D 351 -29.58 -41.62 57.31
C TYR D 351 -29.10 -42.46 56.14
N GLN D 352 -29.64 -43.68 55.95
CA GLN D 352 -28.94 -44.69 55.16
C GLN D 352 -29.74 -45.47 54.11
N ARG D 353 -31.08 -45.55 54.16
CA ARG D 353 -31.88 -46.31 53.16
C ARG D 353 -33.05 -45.52 52.62
N TYR D 354 -33.98 -45.19 53.50
CA TYR D 354 -35.34 -44.84 53.16
C TYR D 354 -36.00 -44.16 54.36
N PRO D 355 -36.63 -42.98 54.24
CA PRO D 355 -36.77 -42.18 53.04
C PRO D 355 -35.57 -41.30 52.68
N LEU D 356 -34.56 -41.15 53.54
CA LEU D 356 -33.41 -40.28 53.32
C LEU D 356 -32.11 -41.07 53.28
N VAL D 357 -31.15 -40.56 52.52
CA VAL D 357 -29.74 -40.94 52.60
C VAL D 357 -28.92 -39.67 52.71
N ASP D 358 -27.96 -39.63 53.62
CA ASP D 358 -27.01 -38.53 53.67
C ASP D 358 -25.59 -39.01 53.91
N GLY D 359 -24.66 -38.08 53.88
CA GLY D 359 -23.24 -38.28 54.07
C GLY D 359 -22.53 -36.95 54.22
N PHE D 360 -21.33 -36.96 54.75
CA PHE D 360 -20.57 -35.77 55.09
C PHE D 360 -19.21 -35.72 54.41
N TYR D 361 -18.74 -34.51 54.19
CA TYR D 361 -17.36 -34.20 53.91
C TYR D 361 -16.79 -33.44 55.08
N ALA D 362 -15.55 -33.72 55.48
CA ALA D 362 -14.91 -32.96 56.53
C ALA D 362 -13.43 -32.75 56.29
N ARG D 363 -12.91 -31.58 56.67
CA ARG D 363 -11.46 -31.26 56.70
C ARG D 363 -11.13 -30.58 58.02
N SER D 364 -9.97 -30.86 58.59
CA SER D 364 -9.42 -30.07 59.70
C SER D 364 -8.05 -29.54 59.33
N PHE D 365 -7.84 -28.24 59.49
CA PHE D 365 -6.54 -27.61 59.28
C PHE D 365 -6.50 -26.22 59.90
N GLY D 366 -5.32 -25.63 59.97
CA GLY D 366 -5.18 -24.25 60.36
C GLY D 366 -3.83 -23.67 59.98
N THR D 367 -3.56 -22.47 60.42
CA THR D 367 -2.51 -21.63 59.85
C THR D 367 -1.85 -20.74 60.89
N GLY D 368 -0.65 -20.27 60.59
CA GLY D 368 0.04 -19.23 61.34
C GLY D 368 1.34 -18.80 60.66
N VAL D 369 1.86 -17.64 61.05
CA VAL D 369 3.14 -17.11 60.55
C VAL D 369 4.22 -17.30 61.61
N ARG D 370 5.38 -17.79 61.18
CA ARG D 370 6.59 -17.97 62.01
C ARG D 370 7.60 -16.82 61.87
N GLN D 371 8.16 -16.63 60.68
CA GLN D 371 9.10 -15.54 60.38
C GLN D 371 8.30 -14.26 60.15
N ARG D 372 7.92 -13.56 61.21
CA ARG D 372 6.99 -12.41 61.16
C ARG D 372 7.50 -11.22 60.36
N GLY D 373 8.80 -11.10 60.17
CA GLY D 373 9.45 -10.03 59.42
C GLY D 373 9.72 -10.33 57.94
N GLY D 374 9.54 -11.57 57.50
CA GLY D 374 9.94 -12.07 56.17
C GLY D 374 9.04 -11.64 55.00
N ALA D 375 7.98 -10.89 55.27
CA ALA D 375 7.05 -10.37 54.29
C ALA D 375 6.38 -9.10 54.84
N ALA D 376 5.73 -8.34 53.98
CA ALA D 376 4.98 -7.16 54.34
C ALA D 376 3.86 -6.89 53.33
N ILE D 377 2.78 -6.23 53.76
CA ILE D 377 1.68 -5.82 52.89
C ILE D 377 1.56 -4.30 52.92
N MET D 378 1.49 -3.69 51.75
CA MET D 378 1.09 -2.29 51.62
C MET D 378 -0.27 -2.17 50.94
N GLN D 379 -1.14 -1.32 51.45
CA GLN D 379 -2.36 -0.92 50.75
C GLN D 379 -2.19 0.48 50.16
N ILE D 380 -2.53 0.64 48.88
CA ILE D 380 -2.46 1.92 48.21
C ILE D 380 -3.69 2.74 48.63
N LYS D 381 -3.52 3.70 49.52
CA LYS D 381 -4.58 4.64 49.94
C LYS D 381 -4.00 5.91 50.56
N ALA D 382 -4.77 6.98 50.56
CA ALA D 382 -4.33 8.29 51.03
C ALA D 382 -4.08 8.36 52.54
N SER D 383 -5.00 7.84 53.36
CA SER D 383 -5.00 8.05 54.82
C SER D 383 -5.84 7.01 55.57
N GLY D 384 -5.67 6.95 56.89
CA GLY D 384 -6.32 5.96 57.74
C GLY D 384 -5.54 4.65 57.86
N ALA D 385 -6.11 3.68 58.56
CA ALA D 385 -5.47 2.39 58.82
C ALA D 385 -5.37 1.49 57.59
N TYR D 386 -4.49 0.50 57.64
CA TYR D 386 -4.56 -0.66 56.76
C TYR D 386 -5.90 -1.39 56.96
N GLU D 387 -6.56 -1.75 55.87
CA GLU D 387 -7.74 -2.61 55.85
C GLU D 387 -7.41 -3.97 55.27
N CYS D 388 -7.81 -5.04 55.95
CA CYS D 388 -7.82 -6.35 55.33
C CYS D 388 -8.87 -6.35 54.19
N PRO D 389 -8.54 -6.82 52.98
CA PRO D 389 -9.49 -6.87 51.90
C PRO D 389 -10.60 -7.87 52.24
N PRO D 390 -11.90 -7.56 52.03
CA PRO D 390 -13.00 -8.40 52.50
C PRO D 390 -12.94 -9.86 52.01
N ILE D 391 -12.42 -10.10 50.81
CA ILE D 391 -12.19 -11.44 50.27
C ILE D 391 -11.26 -12.32 51.12
N TYR D 392 -10.43 -11.74 52.00
CA TYR D 392 -9.50 -12.44 52.88
C TYR D 392 -9.61 -12.01 54.35
N LYS D 393 -10.75 -11.45 54.77
CA LYS D 393 -11.08 -11.17 56.18
C LYS D 393 -11.63 -12.42 56.87
N LYS D 394 -11.19 -12.83 58.07
CA LYS D 394 -11.52 -14.14 58.68
C LYS D 394 -13.00 -14.49 58.78
N GLY D 395 -13.84 -13.55 59.19
CA GLY D 395 -15.27 -13.81 59.40
C GLY D 395 -16.14 -13.74 58.15
N GLY D 396 -15.56 -13.47 56.98
CA GLY D 396 -16.33 -13.08 55.79
C GLY D 396 -16.95 -14.24 54.99
N GLY D 397 -16.50 -15.48 55.19
CA GLY D 397 -17.03 -16.64 54.48
C GLY D 397 -16.01 -17.77 54.35
N PHE D 398 -16.30 -18.75 53.50
CA PHE D 398 -15.48 -19.95 53.31
C PHE D 398 -15.08 -20.18 51.85
N LEU D 399 -15.29 -19.18 50.98
CA LEU D 399 -14.88 -19.21 49.58
C LEU D 399 -14.08 -17.95 49.23
N VAL D 400 -13.06 -18.13 48.39
CA VAL D 400 -12.46 -17.07 47.58
C VAL D 400 -13.28 -16.84 46.31
N THR E 20 -19.88 -11.56 -20.27
CA THR E 20 -21.13 -11.65 -21.08
C THR E 20 -22.13 -10.57 -20.66
N ALA E 21 -23.06 -10.16 -21.55
CA ALA E 21 -24.06 -9.12 -21.28
C ALA E 21 -25.24 -9.62 -20.43
N PRO E 22 -25.92 -8.77 -19.65
CA PRO E 22 -27.14 -9.12 -18.94
C PRO E 22 -28.36 -9.15 -19.87
N VAL E 23 -28.36 -10.05 -20.86
CA VAL E 23 -29.47 -10.29 -21.79
C VAL E 23 -29.86 -11.77 -21.70
N ARG E 24 -31.14 -12.07 -21.48
CA ARG E 24 -31.63 -13.43 -21.23
C ARG E 24 -32.77 -13.80 -22.15
N GLN E 25 -32.46 -14.53 -23.22
CA GLN E 25 -33.50 -15.22 -23.98
C GLN E 25 -34.03 -16.39 -23.16
N GLU E 26 -35.35 -16.55 -23.13
CA GLU E 26 -36.05 -17.67 -22.54
C GLU E 26 -37.06 -18.22 -23.54
N GLY E 27 -37.66 -19.36 -23.19
CA GLY E 27 -38.69 -20.03 -23.96
C GLY E 27 -38.17 -21.26 -24.71
N ILE E 28 -39.00 -21.81 -25.59
CA ILE E 28 -38.67 -22.95 -26.42
C ILE E 28 -37.71 -22.52 -27.54
N MET E 29 -36.58 -23.21 -27.67
CA MET E 29 -35.67 -23.06 -28.79
C MET E 29 -36.30 -23.61 -30.06
N THR E 30 -36.40 -22.77 -31.08
CA THR E 30 -37.06 -23.09 -32.35
C THR E 30 -36.10 -22.94 -33.53
N GLN E 31 -36.43 -23.45 -34.71
CA GLN E 31 -35.77 -23.01 -35.93
C GLN E 31 -35.79 -21.47 -35.98
N GLY E 32 -34.71 -20.84 -36.42
CA GLY E 32 -34.54 -19.39 -36.30
C GLY E 32 -33.93 -18.92 -34.96
N ASP E 33 -33.96 -19.74 -33.92
CA ASP E 33 -33.04 -19.63 -32.79
C ASP E 33 -31.76 -20.48 -32.99
N LEU E 34 -31.61 -21.10 -34.16
CA LEU E 34 -30.45 -21.91 -34.54
C LEU E 34 -29.22 -21.04 -34.80
N VAL E 35 -28.07 -21.57 -34.41
CA VAL E 35 -26.75 -21.05 -34.78
C VAL E 35 -26.09 -22.06 -35.71
N THR E 36 -25.63 -21.57 -36.87
CA THR E 36 -25.02 -22.36 -37.94
C THR E 36 -23.86 -21.57 -38.53
N VAL E 37 -22.98 -22.23 -39.28
CA VAL E 37 -21.96 -21.53 -40.09
C VAL E 37 -22.63 -20.45 -40.94
N THR E 38 -22.14 -19.21 -40.92
CA THR E 38 -22.72 -18.12 -41.71
C THR E 38 -22.50 -18.32 -43.21
N SER E 39 -23.21 -17.60 -44.08
CA SER E 39 -23.03 -17.70 -45.53
C SER E 39 -21.62 -17.30 -46.00
N ASP E 40 -20.97 -16.40 -45.26
CA ASP E 40 -19.56 -16.03 -45.40
C ASP E 40 -18.60 -16.87 -44.53
N GLY E 41 -19.04 -18.05 -44.08
CA GLY E 41 -18.18 -19.13 -43.59
C GLY E 41 -17.72 -19.06 -42.14
N ILE E 42 -18.21 -18.11 -41.33
CA ILE E 42 -17.87 -18.01 -39.91
C ILE E 42 -18.58 -19.12 -39.16
N ASP E 43 -17.84 -20.06 -38.59
CA ASP E 43 -18.39 -21.10 -37.75
C ASP E 43 -18.74 -20.56 -36.36
N LEU E 44 -19.88 -19.88 -36.22
CA LEU E 44 -20.30 -19.30 -34.94
C LEU E 44 -20.31 -20.32 -33.79
N ASN E 45 -20.58 -21.59 -34.09
CA ASN E 45 -20.58 -22.65 -33.10
C ASN E 45 -19.20 -23.00 -32.54
N ALA E 46 -18.12 -22.51 -33.13
CA ALA E 46 -16.79 -22.57 -32.53
C ALA E 46 -16.56 -21.51 -31.45
N LEU E 47 -17.37 -20.45 -31.40
CA LEU E 47 -17.09 -19.25 -30.62
C LEU E 47 -17.74 -19.22 -29.23
N TRP E 48 -18.50 -20.24 -28.83
CA TRP E 48 -19.19 -20.26 -27.55
C TRP E 48 -18.25 -20.18 -26.34
N ASN E 49 -17.09 -20.82 -26.40
CA ASN E 49 -16.11 -20.81 -25.31
C ASN E 49 -15.25 -19.53 -25.25
N SER E 50 -15.51 -18.51 -26.07
CA SER E 50 -14.62 -17.35 -26.22
C SER E 50 -14.45 -16.50 -24.96
N PHE E 51 -15.34 -16.62 -23.98
CA PHE E 51 -15.20 -15.98 -22.67
C PHE E 51 -14.61 -16.87 -21.57
N ALA E 52 -14.08 -18.05 -21.88
CA ALA E 52 -13.59 -19.01 -20.89
C ALA E 52 -12.56 -18.42 -19.91
N GLU E 53 -11.74 -17.47 -20.34
CA GLU E 53 -10.76 -16.78 -19.49
C GLU E 53 -11.41 -15.95 -18.38
N SER E 54 -12.39 -15.12 -18.73
CA SER E 54 -13.13 -14.33 -17.75
C SER E 54 -13.91 -15.23 -16.82
N ILE E 55 -14.57 -16.27 -17.33
CA ILE E 55 -15.27 -17.26 -16.51
C ILE E 55 -14.32 -18.01 -15.58
N ALA E 56 -13.10 -18.33 -16.01
CA ALA E 56 -12.10 -18.95 -15.15
C ALA E 56 -11.61 -18.02 -14.04
N ILE E 57 -11.40 -16.74 -14.38
CA ILE E 57 -10.97 -15.69 -13.39
C ILE E 57 -12.11 -15.53 -12.39
N TYR E 58 -13.37 -15.57 -12.83
CA TYR E 58 -14.57 -15.52 -11.94
C TYR E 58 -14.69 -16.81 -11.13
N ASN E 59 -14.34 -17.97 -11.67
CA ASN E 59 -14.46 -19.29 -10.99
C ASN E 59 -13.43 -19.40 -9.87
N GLU E 60 -12.21 -18.91 -10.05
CA GLU E 60 -11.14 -18.91 -9.05
C GLU E 60 -11.43 -17.94 -7.91
N ALA E 61 -11.97 -16.76 -8.18
CA ALA E 61 -12.33 -15.80 -7.15
C ALA E 61 -13.44 -16.32 -6.22
N MET E 62 -14.51 -16.86 -6.79
CA MET E 62 -15.60 -17.44 -6.00
C MET E 62 -15.14 -18.66 -5.21
N ASP E 63 -14.34 -19.54 -5.78
CA ASP E 63 -13.90 -20.74 -5.06
C ASP E 63 -13.00 -20.42 -3.88
N ASN E 64 -12.11 -19.44 -4.01
CA ASN E 64 -11.31 -19.02 -2.88
C ASN E 64 -12.16 -18.41 -1.77
N LEU E 65 -13.15 -17.57 -2.10
CA LEU E 65 -14.05 -17.06 -1.07
C LEU E 65 -14.88 -18.15 -0.41
N ILE E 66 -15.46 -19.06 -1.18
CA ILE E 66 -16.30 -20.15 -0.67
C ILE E 66 -15.51 -21.02 0.31
N GLN E 67 -14.28 -21.41 -0.03
CA GLN E 67 -13.42 -22.21 0.83
C GLN E 67 -13.01 -21.52 2.15
N LEU E 68 -13.12 -20.19 2.26
CA LEU E 68 -12.83 -19.45 3.49
C LEU E 68 -14.08 -19.04 4.27
N LEU E 69 -15.20 -18.86 3.59
CA LEU E 69 -16.43 -18.42 4.20
C LEU E 69 -17.35 -19.56 4.65
N THR E 70 -17.17 -20.78 4.15
CA THR E 70 -18.17 -21.84 4.31
C THR E 70 -17.63 -23.18 4.79
N TYR E 71 -18.44 -23.97 5.48
CA TYR E 71 -18.08 -25.31 5.98
C TYR E 71 -19.31 -26.22 6.08
N PRO E 72 -19.16 -27.55 6.07
CA PRO E 72 -20.27 -28.47 6.26
C PRO E 72 -20.93 -28.32 7.63
N VAL E 73 -22.26 -28.22 7.70
CA VAL E 73 -22.98 -28.12 8.99
C VAL E 73 -22.70 -29.29 9.92
N THR E 74 -22.73 -28.98 11.20
CA THR E 74 -22.81 -29.90 12.34
C THR E 74 -23.81 -29.33 13.32
N VAL E 75 -24.23 -30.08 14.33
CA VAL E 75 -25.17 -29.58 15.35
C VAL E 75 -24.56 -29.72 16.73
N PRO E 76 -23.66 -28.80 17.15
CA PRO E 76 -23.14 -28.78 18.50
C PRO E 76 -24.23 -28.39 19.48
N VAL E 77 -24.17 -28.94 20.69
CA VAL E 77 -25.02 -28.53 21.80
C VAL E 77 -24.37 -27.31 22.45
N GLU E 78 -25.03 -26.17 22.39
CA GLU E 78 -24.47 -24.88 22.78
C GLU E 78 -24.52 -24.73 24.31
N PRO E 79 -23.37 -24.53 24.98
CA PRO E 79 -23.31 -24.48 26.43
C PRO E 79 -23.84 -23.14 26.93
N VAL E 80 -24.66 -23.16 27.99
CA VAL E 80 -25.05 -21.95 28.73
C VAL E 80 -24.27 -21.95 30.02
N VAL E 81 -23.47 -20.91 30.28
CA VAL E 81 -22.64 -20.87 31.49
C VAL E 81 -23.50 -20.70 32.75
N GLN E 82 -23.25 -21.54 33.74
CA GLN E 82 -24.08 -21.66 34.93
C GLN E 82 -23.28 -21.44 36.21
N ILE E 83 -24.00 -21.04 37.25
CA ILE E 83 -23.46 -20.60 38.55
C ILE E 83 -22.85 -21.77 39.32
N GLY E 84 -23.65 -22.81 39.63
CA GLY E 84 -23.18 -24.06 40.24
C GLY E 84 -22.37 -23.92 41.54
N GLU E 85 -22.76 -23.04 42.46
CA GLU E 85 -21.98 -22.72 43.66
C GLU E 85 -22.29 -23.65 44.84
N THR E 86 -21.28 -23.98 45.63
CA THR E 86 -21.41 -24.70 46.91
C THR E 86 -20.32 -24.28 47.89
N THR E 87 -20.53 -24.40 49.20
CA THR E 87 -19.58 -23.97 50.25
C THR E 87 -19.58 -24.89 51.47
N PHE E 88 -18.44 -25.02 52.13
CA PHE E 88 -18.32 -25.59 53.48
C PHE E 88 -18.83 -24.60 54.55
N GLU E 89 -18.86 -25.04 55.79
CA GLU E 89 -19.06 -24.23 57.00
C GLU E 89 -18.22 -24.79 58.16
N GLU E 90 -18.06 -24.03 59.25
CA GLU E 90 -17.33 -24.54 60.42
C GLU E 90 -18.15 -25.62 61.14
N ALA E 91 -17.52 -26.74 61.42
CA ALA E 91 -18.12 -27.86 62.15
C ALA E 91 -18.36 -27.54 63.63
N THR E 92 -19.23 -28.31 64.27
CA THR E 92 -19.53 -28.29 65.72
C THR E 92 -19.59 -29.73 66.21
N GLU E 93 -19.27 -30.02 67.48
CA GLU E 93 -19.21 -31.42 67.93
C GLU E 93 -20.59 -32.09 68.04
N LEU E 94 -21.63 -31.29 68.21
CA LEU E 94 -23.04 -31.68 68.05
C LEU E 94 -23.68 -30.84 66.95
N GLY E 95 -24.63 -31.42 66.22
CA GLY E 95 -25.28 -30.78 65.07
C GLY E 95 -24.64 -31.14 63.73
N VAL E 96 -25.26 -30.74 62.63
CA VAL E 96 -24.89 -31.17 61.26
C VAL E 96 -24.93 -30.04 60.22
N PRO E 97 -24.11 -30.09 59.17
CA PRO E 97 -24.09 -29.06 58.11
C PRO E 97 -25.26 -29.13 57.12
N ARG E 98 -25.43 -28.08 56.31
CA ARG E 98 -26.42 -27.98 55.21
C ARG E 98 -26.05 -28.75 53.93
N GLY E 99 -27.05 -29.06 53.11
CA GLY E 99 -26.93 -29.73 51.79
C GLY E 99 -26.42 -28.85 50.64
N ALA E 100 -26.50 -29.38 49.42
CA ALA E 100 -26.03 -28.77 48.17
C ALA E 100 -26.84 -29.24 46.95
N GLY E 101 -26.83 -28.48 45.84
CA GLY E 101 -27.42 -28.85 44.54
C GLY E 101 -26.98 -27.93 43.40
N LEU E 102 -27.11 -28.36 42.14
CA LEU E 102 -26.55 -27.68 40.95
C LEU E 102 -27.53 -27.61 39.78
N PRO E 103 -27.56 -26.53 38.97
CA PRO E 103 -28.34 -26.41 37.73
C PRO E 103 -27.56 -26.78 36.46
N ILE E 104 -28.25 -27.02 35.34
CA ILE E 104 -27.63 -27.14 34.00
C ILE E 104 -28.63 -26.78 32.89
N GLU E 105 -28.15 -26.24 31.77
CA GLU E 105 -28.97 -25.77 30.65
C GLU E 105 -28.16 -25.70 29.35
N VAL E 106 -28.79 -25.90 28.20
CA VAL E 106 -28.17 -25.88 26.86
C VAL E 106 -29.16 -25.48 25.78
N PHE E 107 -28.68 -25.17 24.58
CA PHE E 107 -29.52 -24.90 23.41
C PHE E 107 -28.89 -25.39 22.12
N GLN E 108 -29.56 -25.19 20.99
CA GLN E 108 -29.08 -25.54 19.65
C GLN E 108 -29.39 -24.44 18.65
N MET E 109 -28.72 -24.49 17.50
CA MET E 109 -29.00 -23.66 16.33
C MET E 109 -29.07 -24.49 15.05
N GLY E 110 -29.89 -24.03 14.10
CA GLY E 110 -30.15 -24.72 12.83
C GLY E 110 -29.89 -23.90 11.57
N TYR E 111 -30.20 -24.48 10.43
CA TYR E 111 -29.88 -23.99 9.08
C TYR E 111 -31.10 -24.14 8.16
N ASP E 112 -31.27 -23.26 7.17
CA ASP E 112 -32.40 -23.38 6.23
C ASP E 112 -32.08 -24.32 5.06
N LEU E 113 -33.08 -24.66 4.25
CA LEU E 113 -32.89 -25.32 2.96
C LEU E 113 -33.95 -24.85 1.97
N ARG E 114 -33.56 -24.64 0.72
CA ARG E 114 -34.42 -24.14 -0.36
C ARG E 114 -34.10 -24.82 -1.69
N HIS E 115 -35.00 -24.72 -2.66
CA HIS E 115 -34.98 -25.49 -3.90
C HIS E 115 -35.00 -24.58 -5.13
N TYR E 116 -34.10 -24.78 -6.06
CA TYR E 116 -33.95 -23.96 -7.25
C TYR E 116 -33.97 -24.85 -8.48
N ASP E 117 -34.52 -24.35 -9.58
CA ASP E 117 -34.56 -25.10 -10.82
C ASP E 117 -34.55 -24.22 -12.07
N LYS E 118 -34.26 -24.84 -13.20
CA LYS E 118 -34.27 -24.23 -14.53
C LYS E 118 -34.78 -25.24 -15.55
N ARG E 119 -35.32 -24.78 -16.67
CA ARG E 119 -35.80 -25.63 -17.76
C ARG E 119 -35.17 -25.21 -19.07
N ASN E 120 -34.90 -26.15 -19.94
CA ASN E 120 -34.58 -25.90 -21.34
C ASN E 120 -35.49 -26.76 -22.23
N ALA E 121 -35.91 -26.22 -23.36
CA ALA E 121 -36.91 -26.87 -24.21
C ALA E 121 -36.58 -26.60 -25.67
N TYR E 122 -36.75 -27.58 -26.53
CA TYR E 122 -36.40 -27.54 -27.95
C TYR E 122 -37.56 -28.04 -28.79
N SER E 123 -37.81 -27.45 -29.95
CA SER E 123 -38.69 -28.09 -30.93
C SER E 123 -37.97 -29.18 -31.70
N TRP E 124 -38.71 -30.11 -32.27
CA TRP E 124 -38.18 -31.17 -33.12
C TRP E 124 -37.44 -30.62 -34.34
N MET E 125 -37.90 -29.51 -34.92
CA MET E 125 -37.21 -28.81 -36.01
C MET E 125 -35.87 -28.26 -35.56
N PHE E 126 -35.80 -27.67 -34.37
CA PHE E 126 -34.51 -27.24 -33.82
C PHE E 126 -33.57 -28.43 -33.68
N LEU E 127 -34.00 -29.50 -33.04
CA LEU E 127 -33.16 -30.67 -32.81
C LEU E 127 -32.76 -31.42 -34.08
N ALA E 128 -33.49 -31.26 -35.19
CA ALA E 128 -33.13 -31.87 -36.47
C ALA E 128 -31.94 -31.17 -37.12
N ASP E 129 -31.82 -29.86 -36.95
CA ASP E 129 -30.84 -29.00 -37.62
C ASP E 129 -29.71 -28.52 -36.72
N ALA E 130 -29.88 -28.51 -35.40
CA ALA E 130 -28.91 -27.95 -34.47
C ALA E 130 -27.56 -28.66 -34.49
N ASP E 131 -26.50 -27.89 -34.26
CA ASP E 131 -25.18 -28.41 -33.94
C ASP E 131 -25.13 -28.80 -32.47
N GLY E 132 -24.53 -29.93 -32.11
CA GLY E 132 -24.36 -30.31 -30.71
C GLY E 132 -23.66 -29.23 -29.91
N ARG E 133 -22.73 -28.49 -30.52
CA ARG E 133 -22.03 -27.37 -29.88
C ARG E 133 -22.98 -26.28 -29.39
N GLN E 134 -24.13 -26.04 -30.04
CA GLN E 134 -25.10 -25.08 -29.52
C GLN E 134 -25.77 -25.56 -28.25
N VAL E 135 -26.26 -26.80 -28.18
CA VAL E 135 -26.88 -27.28 -26.95
C VAL E 135 -25.87 -27.49 -25.83
N GLU E 136 -24.62 -27.84 -26.13
CA GLU E 136 -23.57 -27.85 -25.11
C GLU E 136 -23.28 -26.45 -24.56
N ALA E 137 -23.31 -25.41 -25.38
CA ALA E 137 -23.17 -24.05 -24.87
C ALA E 137 -24.28 -23.67 -23.92
N ILE E 138 -25.53 -24.07 -24.19
CA ILE E 138 -26.66 -23.81 -23.30
C ILE E 138 -26.49 -24.58 -21.99
N HIS E 139 -26.03 -25.82 -22.04
CA HIS E 139 -25.67 -26.56 -20.84
C HIS E 139 -24.62 -25.83 -20.00
N ASP E 140 -23.52 -25.40 -20.62
CA ASP E 140 -22.48 -24.65 -19.94
C ASP E 140 -22.97 -23.34 -19.33
N ALA E 141 -23.82 -22.60 -20.03
CA ALA E 141 -24.37 -21.36 -19.51
C ALA E 141 -25.31 -21.59 -18.34
N VAL E 142 -26.02 -22.71 -18.29
CA VAL E 142 -26.80 -23.11 -17.12
C VAL E 142 -25.88 -23.49 -15.97
N LEU E 143 -24.82 -24.26 -16.20
CA LEU E 143 -23.80 -24.55 -15.20
C LEU E 143 -23.11 -23.31 -14.68
N TRP E 144 -23.01 -22.26 -15.47
CA TRP E 144 -22.50 -20.99 -15.00
C TRP E 144 -23.53 -20.24 -14.15
N ALA E 145 -24.81 -20.22 -14.53
CA ALA E 145 -25.87 -19.67 -13.70
C ALA E 145 -26.04 -20.40 -12.36
N ASP E 146 -25.72 -21.69 -12.32
CA ASP E 146 -25.66 -22.47 -11.09
C ASP E 146 -24.56 -21.96 -10.15
N LYS E 147 -23.32 -21.74 -10.60
CA LYS E 147 -22.29 -21.17 -9.71
C LYS E 147 -22.74 -19.84 -9.15
N ARG E 148 -23.21 -18.93 -10.02
CA ARG E 148 -23.62 -17.58 -9.63
C ARG E 148 -24.73 -17.59 -8.60
N LEU E 149 -25.61 -18.58 -8.60
CA LEU E 149 -26.62 -18.79 -7.58
C LEU E 149 -26.02 -19.24 -6.26
N VAL E 150 -25.22 -20.29 -6.24
CA VAL E 150 -24.70 -20.80 -4.97
C VAL E 150 -23.74 -19.83 -4.31
N PHE E 151 -22.94 -19.10 -5.09
CA PHE E 151 -22.12 -18.02 -4.57
C PHE E 151 -22.96 -16.89 -4.00
N ARG E 152 -24.00 -16.42 -4.69
CA ARG E 152 -24.89 -15.39 -4.14
C ARG E 152 -25.48 -15.83 -2.80
N LYS E 153 -25.94 -17.06 -2.66
CA LYS E 153 -26.53 -17.54 -1.41
C LYS E 153 -25.52 -17.67 -0.27
N VAL E 154 -24.28 -18.01 -0.56
CA VAL E 154 -23.19 -17.92 0.42
C VAL E 154 -22.95 -16.49 0.89
N MET E 155 -22.92 -15.51 0.00
CA MET E 155 -22.74 -14.11 0.38
C MET E 155 -23.96 -13.58 1.12
N GLU E 156 -25.15 -13.78 0.60
CA GLU E 156 -26.42 -13.38 1.19
C GLU E 156 -26.63 -13.95 2.60
N ALA E 157 -26.14 -15.16 2.89
CA ALA E 157 -26.16 -15.76 4.21
C ALA E 157 -25.35 -14.99 5.26
N LEU E 158 -24.37 -14.20 4.83
CA LEU E 158 -23.50 -13.40 5.68
C LEU E 158 -23.89 -11.92 5.66
N PHE E 159 -24.28 -11.39 4.52
CA PHE E 159 -24.62 -9.98 4.33
C PHE E 159 -26.04 -9.62 4.72
N ASP E 160 -27.04 -10.48 4.50
CA ASP E 160 -28.42 -10.13 4.85
C ASP E 160 -28.63 -10.31 6.36
N ASN E 161 -28.70 -9.21 7.09
CA ASN E 161 -28.80 -9.17 8.54
C ASN E 161 -30.18 -9.58 9.08
N ARG E 162 -31.16 -9.92 8.23
CA ARG E 162 -32.47 -10.40 8.68
C ARG E 162 -32.47 -11.85 9.10
N THR E 163 -33.17 -12.13 10.19
CA THR E 163 -33.40 -13.49 10.69
C THR E 163 -34.39 -14.24 9.80
N ARG E 164 -34.05 -15.48 9.45
CA ARG E 164 -34.89 -16.38 8.67
C ARG E 164 -35.65 -17.35 9.57
N ARG E 165 -36.68 -18.01 9.06
CA ARG E 165 -37.38 -19.13 9.72
C ARG E 165 -37.21 -20.40 8.89
N ALA E 166 -37.15 -21.54 9.55
CA ALA E 166 -37.15 -22.86 8.94
C ALA E 166 -37.93 -23.83 9.83
N ASN E 167 -38.23 -25.04 9.37
CA ASN E 167 -38.93 -26.05 10.14
C ASN E 167 -38.26 -27.42 9.99
N ILE E 168 -38.10 -28.16 11.09
CA ILE E 168 -37.66 -29.56 11.08
C ILE E 168 -38.39 -30.31 12.19
N ARG E 169 -38.76 -31.58 11.97
CA ARG E 169 -39.43 -32.42 12.98
C ARG E 169 -40.62 -31.72 13.63
N ASN E 170 -41.37 -31.01 12.79
CA ASN E 170 -42.47 -30.09 13.09
C ASN E 170 -42.14 -28.87 13.97
N GLN E 171 -40.91 -28.68 14.41
CA GLN E 171 -40.47 -27.51 15.19
C GLN E 171 -40.04 -26.37 14.26
N ALA E 172 -40.63 -25.18 14.41
CA ALA E 172 -40.12 -23.97 13.78
C ALA E 172 -38.98 -23.37 14.59
N TYR E 173 -37.94 -22.90 13.93
CA TYR E 173 -36.76 -22.32 14.55
C TYR E 173 -36.22 -21.17 13.71
N ASN E 174 -35.60 -20.20 14.36
CA ASN E 174 -34.89 -19.14 13.67
C ASN E 174 -33.58 -19.66 13.07
N VAL E 175 -33.26 -19.19 11.86
CA VAL E 175 -31.96 -19.36 11.21
C VAL E 175 -31.29 -17.99 11.20
N TYR E 176 -30.06 -17.92 11.69
CA TYR E 176 -29.42 -16.65 12.04
C TYR E 176 -28.29 -16.25 11.10
N PRO E 177 -28.10 -14.93 10.86
CA PRO E 177 -26.85 -14.36 10.36
C PRO E 177 -25.86 -14.15 11.53
N LEU E 178 -24.88 -13.26 11.42
CA LEU E 178 -24.04 -12.83 12.55
C LEU E 178 -24.90 -12.16 13.65
N TYR E 179 -24.34 -11.78 14.80
CA TYR E 179 -25.16 -11.11 15.82
C TYR E 179 -25.86 -9.89 15.23
N ASN E 180 -27.17 -9.75 15.45
CA ASN E 180 -28.03 -8.81 14.72
C ASN E 180 -29.19 -8.26 15.56
N GLY E 181 -29.14 -8.35 16.87
CA GLY E 181 -30.24 -7.96 17.74
C GLY E 181 -31.38 -8.97 17.87
N ASP E 182 -31.24 -10.17 17.32
CA ASP E 182 -32.13 -11.31 17.54
C ASP E 182 -31.39 -12.52 18.11
N GLY E 183 -32.12 -13.37 18.83
CA GLY E 183 -31.63 -14.62 19.40
C GLY E 183 -30.89 -14.47 20.72
N VAL E 184 -30.24 -15.55 21.14
CA VAL E 184 -29.47 -15.62 22.40
C VAL E 184 -28.38 -14.54 22.40
N PRO E 185 -28.27 -13.65 23.40
CA PRO E 185 -27.22 -12.65 23.45
C PRO E 185 -25.83 -13.29 23.47
N PRO E 186 -24.74 -12.59 23.09
CA PRO E 186 -23.41 -13.14 23.25
C PRO E 186 -23.11 -13.42 24.73
N PRO E 187 -22.36 -14.47 25.07
CA PRO E 187 -21.95 -14.71 26.43
C PRO E 187 -21.02 -13.60 26.93
N ARG E 188 -20.99 -13.38 28.25
CA ARG E 188 -20.05 -12.45 28.91
C ARG E 188 -18.60 -12.88 28.66
N PHE E 189 -17.71 -11.92 28.46
CA PHE E 189 -16.27 -12.15 28.42
C PHE E 189 -15.55 -11.12 29.28
N LYS E 190 -14.77 -11.55 30.28
CA LYS E 190 -14.18 -10.68 31.30
C LYS E 190 -15.27 -9.75 31.88
N ASN E 191 -15.19 -8.45 31.62
CA ASN E 191 -16.19 -7.46 32.03
C ASN E 191 -17.08 -6.97 30.88
N ASN E 192 -16.83 -7.37 29.63
CA ASN E 192 -17.76 -7.13 28.54
C ASN E 192 -19.00 -8.00 28.73
N VAL E 193 -20.17 -7.38 28.74
CA VAL E 193 -21.46 -8.02 28.94
C VAL E 193 -22.45 -7.46 27.93
N PHE E 194 -23.27 -8.33 27.34
CA PHE E 194 -24.03 -8.03 26.13
C PHE E 194 -25.52 -8.28 26.33
N ASP E 195 -26.34 -7.30 26.00
CA ASP E 195 -27.79 -7.39 26.03
C ASP E 195 -28.34 -7.91 24.69
N GLU E 196 -29.65 -8.13 24.62
CA GLU E 196 -30.32 -8.71 23.45
C GLU E 196 -30.11 -7.95 22.15
N THR E 197 -29.81 -6.65 22.20
CA THR E 197 -29.76 -5.81 21.00
C THR E 197 -28.40 -5.82 20.30
N HIS E 198 -27.37 -6.42 20.90
CA HIS E 198 -26.01 -6.41 20.37
C HIS E 198 -25.93 -6.93 18.94
N SER E 199 -25.17 -6.24 18.10
CA SER E 199 -25.11 -6.46 16.66
C SER E 199 -23.72 -6.23 16.08
N HIS E 200 -23.38 -7.04 15.09
CA HIS E 200 -22.16 -6.96 14.29
C HIS E 200 -22.39 -6.41 12.87
N TYR E 201 -23.52 -5.73 12.66
CA TYR E 201 -23.85 -5.00 11.44
C TYR E 201 -23.89 -3.52 11.78
N VAL E 202 -22.83 -2.80 11.47
CA VAL E 202 -22.57 -1.44 11.97
C VAL E 202 -22.27 -0.46 10.84
N ILE E 203 -22.31 0.84 11.13
CA ILE E 203 -21.87 1.88 10.19
C ILE E 203 -20.60 2.58 10.67
N SER E 204 -19.84 3.16 9.75
CA SER E 204 -18.66 3.95 10.09
C SER E 204 -18.98 5.30 10.75
N HIS E 205 -20.18 5.85 10.56
CA HIS E 205 -20.54 7.24 10.87
C HIS E 205 -19.79 8.30 10.08
N ASN E 206 -19.15 7.94 8.97
CA ASN E 206 -18.50 8.88 8.04
C ASN E 206 -18.58 8.37 6.60
N SER E 207 -18.59 9.29 5.63
CA SER E 207 -18.75 8.97 4.21
C SER E 207 -17.53 8.33 3.56
N VAL E 208 -16.39 8.29 4.25
CA VAL E 208 -15.10 7.77 3.77
C VAL E 208 -14.47 6.95 4.89
N VAL E 209 -13.74 5.89 4.55
CA VAL E 209 -13.14 4.99 5.55
C VAL E 209 -11.97 5.62 6.32
N ASP E 210 -11.93 5.44 7.63
CA ASP E 210 -10.82 5.82 8.50
C ASP E 210 -9.95 4.62 8.88
N SER E 211 -8.73 4.89 9.33
CA SER E 211 -8.00 3.92 10.14
C SER E 211 -8.76 3.57 11.42
N SER E 212 -9.47 4.53 12.00
CA SER E 212 -10.36 4.31 13.14
C SER E 212 -11.38 3.23 12.88
N ASP E 213 -11.93 3.14 11.68
CA ASP E 213 -12.94 2.15 11.36
C ASP E 213 -12.36 0.75 11.41
N LEU E 214 -11.11 0.56 11.00
CA LEU E 214 -10.42 -0.72 11.16
C LEU E 214 -10.13 -1.04 12.63
N GLU E 215 -10.05 -0.04 13.51
CA GLU E 215 -9.96 -0.26 14.95
C GLU E 215 -11.33 -0.63 15.53
N ASP E 216 -12.38 0.10 15.16
CA ASP E 216 -13.75 -0.14 15.60
C ASP E 216 -14.26 -1.51 15.13
N LEU E 217 -13.90 -1.94 13.93
CA LEU E 217 -14.28 -3.23 13.40
C LEU E 217 -13.60 -4.35 14.19
N MET E 218 -12.30 -4.19 14.49
CA MET E 218 -11.52 -5.15 15.26
C MET E 218 -12.13 -5.35 16.65
N GLU E 219 -12.58 -4.26 17.28
CA GLU E 219 -13.19 -4.30 18.59
C GLU E 219 -14.43 -5.20 18.62
N LEU E 220 -15.23 -5.23 17.56
CA LEU E 220 -16.39 -6.12 17.51
C LEU E 220 -16.01 -7.60 17.62
N LEU E 221 -14.82 -8.02 17.21
CA LEU E 221 -14.40 -9.41 17.40
C LEU E 221 -13.72 -9.55 18.76
N ALA E 222 -12.93 -8.56 19.16
CA ALA E 222 -12.17 -8.60 20.40
C ALA E 222 -13.02 -8.45 21.66
N GLU E 223 -14.18 -7.81 21.61
CA GLU E 223 -15.10 -7.73 22.76
C GLU E 223 -15.54 -9.10 23.26
N HIS E 224 -15.56 -10.12 22.40
CA HIS E 224 -15.89 -11.50 22.74
C HIS E 224 -14.65 -12.37 23.05
N GLY E 225 -13.47 -11.78 23.08
CA GLY E 225 -12.20 -12.48 23.28
C GLY E 225 -11.50 -12.97 22.02
N TYR E 226 -12.13 -12.93 20.84
CA TYR E 226 -11.50 -13.27 19.56
C TYR E 226 -10.52 -12.16 19.18
N SER E 227 -9.22 -12.38 19.41
CA SER E 227 -8.28 -11.28 19.59
C SER E 227 -6.85 -11.68 19.26
N PRO E 228 -5.96 -10.72 18.97
CA PRO E 228 -4.56 -11.00 18.75
C PRO E 228 -3.87 -11.65 19.95
N GLN E 229 -4.25 -11.27 21.17
CA GLN E 229 -3.78 -11.89 22.42
C GLN E 229 -4.16 -13.37 22.50
N ALA E 230 -5.36 -13.71 22.03
CA ALA E 230 -5.84 -15.08 21.97
C ALA E 230 -5.22 -15.91 20.82
N GLY E 231 -4.44 -15.31 19.93
CA GLY E 231 -3.87 -15.97 18.74
C GLY E 231 -4.80 -15.99 17.52
N THR E 232 -5.90 -15.24 17.54
CA THR E 232 -6.83 -15.17 16.42
C THR E 232 -6.17 -14.53 15.22
N GLN E 233 -6.20 -15.19 14.07
CA GLN E 233 -5.85 -14.61 12.78
C GLN E 233 -7.00 -13.78 12.25
N PHE E 234 -6.73 -12.69 11.55
CA PHE E 234 -7.76 -11.80 11.04
C PHE E 234 -7.61 -11.56 9.54
N LEU E 235 -8.72 -11.65 8.83
CA LEU E 235 -8.87 -11.33 7.42
C LEU E 235 -9.83 -10.16 7.26
N LEU E 236 -9.46 -9.16 6.48
CA LEU E 236 -10.33 -8.08 6.08
C LEU E 236 -10.57 -8.18 4.58
N LEU E 237 -11.82 -8.34 4.16
CA LEU E 237 -12.23 -8.32 2.77
C LEU E 237 -12.79 -6.93 2.49
N ALA E 238 -12.32 -6.27 1.43
CA ALA E 238 -12.83 -4.97 1.05
C ALA E 238 -12.77 -4.76 -0.46
N ASN E 239 -13.58 -3.83 -0.95
CA ASN E 239 -13.56 -3.40 -2.34
C ASN E 239 -12.35 -2.48 -2.61
N LYS E 240 -11.96 -2.35 -3.88
CA LYS E 240 -11.00 -1.34 -4.34
C LYS E 240 -11.29 0.06 -3.83
N ALA E 241 -12.55 0.44 -3.74
CA ALA E 241 -12.95 1.75 -3.26
C ALA E 241 -12.43 2.04 -1.83
N GLU E 242 -12.33 1.03 -0.98
CA GLU E 242 -11.82 1.14 0.38
C GLU E 242 -10.32 0.89 0.45
N THR E 243 -9.82 -0.14 -0.22
CA THR E 243 -8.39 -0.45 -0.15
C THR E 243 -7.51 0.67 -0.68
N ASP E 244 -7.95 1.44 -1.67
CA ASP E 244 -7.23 2.63 -2.12
C ASP E 244 -7.10 3.74 -1.08
N ALA E 245 -7.96 3.81 -0.08
CA ALA E 245 -7.73 4.67 1.08
C ALA E 245 -6.83 3.99 2.12
N ILE E 246 -7.06 2.71 2.39
CA ILE E 246 -6.34 1.96 3.43
C ILE E 246 -4.84 1.86 3.11
N ARG E 247 -4.45 1.76 1.84
CA ARG E 247 -3.05 1.79 1.41
C ARG E 247 -2.30 3.07 1.83
N GLN E 248 -2.98 4.16 2.15
CA GLN E 248 -2.39 5.44 2.56
C GLN E 248 -2.10 5.57 4.05
N PHE E 249 -2.47 4.60 4.89
CA PHE E 249 -2.34 4.73 6.34
C PHE E 249 -0.87 4.66 6.77
N ARG E 250 -0.34 5.80 7.22
CA ARG E 250 1.02 5.96 7.76
C ARG E 250 0.94 6.26 9.25
N ARG E 251 1.67 5.52 10.07
CA ARG E 251 1.64 5.61 11.54
C ARG E 251 1.87 7.05 12.02
N GLY E 252 0.96 7.56 12.84
CA GLY E 252 1.01 8.91 13.39
C GLY E 252 0.63 10.02 12.42
N VAL E 253 0.26 9.71 11.17
CA VAL E 253 -0.23 10.69 10.20
C VAL E 253 -1.75 10.65 10.15
N VAL E 254 -2.38 11.82 10.05
CA VAL E 254 -3.83 11.97 9.91
C VAL E 254 -4.35 11.43 8.57
N ASN E 255 -5.53 10.82 8.56
CA ASN E 255 -6.20 10.24 7.38
C ASN E 255 -7.48 11.03 7.11
N ASN E 256 -8.55 10.36 6.68
CA ASN E 256 -9.88 10.92 6.52
C ASN E 256 -10.51 11.26 7.89
N ASN E 257 -11.47 12.18 7.90
CA ASN E 257 -12.32 12.54 9.05
C ASN E 257 -11.57 12.89 10.35
N GLY E 258 -10.31 13.31 10.26
CA GLY E 258 -9.46 13.62 11.41
C GLY E 258 -8.90 12.40 12.15
N ALA E 259 -9.10 11.18 11.67
CA ALA E 259 -8.49 9.99 12.27
C ALA E 259 -6.97 10.03 12.16
N THR E 260 -6.22 9.49 13.10
CA THR E 260 -4.76 9.28 12.96
C THR E 260 -4.43 7.80 13.01
N ALA E 261 -3.68 7.29 12.05
CA ALA E 261 -3.39 5.87 11.97
C ALA E 261 -2.45 5.42 13.09
N GLY E 262 -2.83 4.38 13.82
CA GLY E 262 -2.04 3.83 14.91
C GLY E 262 -0.94 2.85 14.48
N TYR E 263 -0.94 2.46 13.21
CA TYR E 263 -0.05 1.46 12.63
C TYR E 263 0.32 1.86 11.20
N ASP E 264 1.31 1.21 10.60
CA ASP E 264 1.56 1.37 9.17
C ASP E 264 0.77 0.34 8.36
N PHE E 265 0.23 0.73 7.21
CA PHE E 265 -0.08 -0.25 6.19
C PHE E 265 1.23 -0.89 5.71
N ILE E 266 1.34 -2.21 5.77
CA ILE E 266 2.52 -2.95 5.28
C ILE E 266 2.17 -3.67 3.97
N PRO E 267 2.70 -3.29 2.81
CA PRO E 267 2.44 -4.00 1.56
C PRO E 267 2.91 -5.44 1.59
N SER E 268 2.20 -6.36 0.94
CA SER E 268 2.66 -7.73 0.74
C SER E 268 3.90 -7.83 -0.14
N PRO E 269 4.63 -8.96 -0.15
CA PRO E 269 5.77 -9.17 -1.03
C PRO E 269 5.52 -8.95 -2.53
N THR E 270 4.26 -9.13 -2.97
CA THR E 270 3.84 -8.97 -4.37
C THR E 270 3.66 -7.52 -4.81
N GLN E 271 3.35 -6.62 -3.89
CA GLN E 271 3.08 -5.21 -4.24
C GLN E 271 4.35 -4.51 -4.74
N PRO E 272 4.22 -3.43 -5.51
CA PRO E 272 5.36 -2.58 -5.81
C PRO E 272 6.06 -2.07 -4.55
N ALA E 273 7.37 -1.88 -4.65
CA ALA E 273 8.22 -1.55 -3.52
C ALA E 273 7.97 -0.12 -2.99
N MET E 274 8.41 0.14 -1.77
CA MET E 274 8.39 1.48 -1.16
C MET E 274 9.72 1.77 -0.49
N MET E 275 10.09 3.04 -0.39
CA MET E 275 11.23 3.47 0.42
C MET E 275 10.83 3.46 1.89
N LEU E 276 11.61 2.82 2.75
CA LEU E 276 11.36 2.86 4.19
C LEU E 276 11.59 4.29 4.69
N PRO E 277 10.59 4.96 5.27
CA PRO E 277 10.62 6.41 5.46
C PRO E 277 11.45 6.86 6.68
N ASN E 278 11.73 5.98 7.64
CA ASN E 278 12.41 6.31 8.89
C ASN E 278 13.39 5.20 9.26
N ALA E 279 14.36 5.49 10.11
CA ALA E 279 15.30 4.50 10.60
C ALA E 279 14.63 3.38 11.40
N GLU E 280 13.48 3.64 12.02
CA GLU E 280 12.80 2.70 12.90
C GLU E 280 12.23 1.48 12.16
N GLY E 281 11.71 1.66 10.97
CA GLY E 281 10.92 0.63 10.29
C GLY E 281 9.45 0.66 10.70
N LEU E 282 8.64 -0.05 9.94
CA LEU E 282 7.20 0.09 9.93
C LEU E 282 6.55 -0.68 11.08
N LEU E 283 5.56 -0.10 11.75
CA LEU E 283 4.91 -0.70 12.91
C LEU E 283 3.82 -1.66 12.45
N GLY E 284 4.12 -2.96 12.50
CA GLY E 284 3.29 -4.03 11.98
C GLY E 284 4.11 -5.26 11.62
N ASN E 285 3.52 -6.18 10.87
CA ASN E 285 4.22 -7.31 10.29
C ASN E 285 3.84 -7.46 8.82
N GLN E 286 4.82 -7.77 7.95
CA GLN E 286 4.53 -7.98 6.55
C GLN E 286 3.85 -9.34 6.32
N PRO E 287 2.64 -9.39 5.74
CA PRO E 287 1.88 -10.63 5.62
C PRO E 287 2.45 -11.57 4.56
N ALA E 288 2.05 -12.84 4.60
CA ALA E 288 2.21 -13.72 3.46
C ALA E 288 1.43 -13.18 2.25
N PRO E 289 1.86 -13.46 1.01
CA PRO E 289 1.16 -12.97 -0.18
C PRO E 289 -0.26 -13.54 -0.34
N THR E 290 -0.64 -14.59 0.39
CA THR E 290 -2.00 -15.16 0.41
C THR E 290 -2.54 -15.45 1.79
N PHE E 291 -3.86 -15.33 1.94
CA PHE E 291 -4.63 -15.88 3.06
C PHE E 291 -5.58 -16.95 2.52
N GLY E 292 -5.47 -18.19 2.99
CA GLY E 292 -6.06 -19.30 2.24
C GLY E 292 -5.57 -19.26 0.80
N GLY E 293 -6.46 -19.10 -0.18
CA GLY E 293 -6.09 -18.89 -1.59
C GLY E 293 -6.17 -17.44 -2.09
N LEU E 294 -6.74 -16.52 -1.31
CA LEU E 294 -6.92 -15.12 -1.72
C LEU E 294 -5.60 -14.37 -1.72
N ALA E 295 -5.37 -13.50 -2.69
CA ALA E 295 -4.22 -12.62 -2.75
C ALA E 295 -4.33 -11.45 -1.76
N VAL E 296 -3.42 -11.37 -0.81
CA VAL E 296 -3.37 -10.33 0.22
C VAL E 296 -2.60 -9.14 -0.31
N ILE E 297 -3.11 -7.93 -0.17
CA ILE E 297 -2.39 -6.72 -0.60
C ILE E 297 -1.43 -6.18 0.44
N GLY E 298 -1.67 -6.43 1.72
CA GLY E 298 -0.86 -5.94 2.82
C GLY E 298 -1.57 -6.14 4.15
N SER E 299 -1.01 -5.63 5.24
CA SER E 299 -1.65 -5.67 6.55
C SER E 299 -1.81 -4.26 7.10
N TYR E 300 -2.69 -4.08 8.08
CA TYR E 300 -2.73 -2.89 8.91
C TYR E 300 -3.10 -3.33 10.32
N GLY E 301 -2.22 -3.09 11.28
CA GLY E 301 -2.32 -3.73 12.58
C GLY E 301 -2.27 -5.25 12.43
N PHE E 302 -3.32 -5.93 12.87
CA PHE E 302 -3.44 -7.39 12.77
C PHE E 302 -4.30 -7.89 11.60
N TRP E 303 -5.03 -7.03 10.90
CA TRP E 303 -5.78 -7.36 9.69
C TRP E 303 -4.86 -7.71 8.53
N ASN E 304 -4.96 -8.92 7.96
CA ASN E 304 -4.53 -9.18 6.59
C ASN E 304 -5.58 -8.60 5.64
N ILE E 305 -5.20 -7.77 4.69
CA ILE E 305 -6.15 -7.03 3.85
C ILE E 305 -6.19 -7.67 2.46
N VAL E 306 -7.38 -8.06 2.03
CA VAL E 306 -7.64 -8.62 0.70
C VAL E 306 -8.51 -7.68 -0.12
N GLU E 307 -8.00 -7.36 -1.29
CA GLU E 307 -8.69 -6.64 -2.36
C GLU E 307 -9.68 -7.58 -3.08
N GLU E 308 -10.97 -7.28 -3.06
CA GLU E 308 -11.99 -8.14 -3.65
C GLU E 308 -13.21 -7.38 -4.16
N ASP E 309 -13.43 -7.32 -5.48
CA ASP E 309 -14.60 -6.65 -6.05
C ASP E 309 -15.93 -7.35 -5.79
N TYR E 310 -15.96 -8.62 -5.39
CA TYR E 310 -17.17 -9.27 -4.91
C TYR E 310 -17.65 -8.77 -3.55
N ILE E 311 -16.85 -8.00 -2.82
CA ILE E 311 -17.37 -7.18 -1.74
C ILE E 311 -17.83 -5.86 -2.35
N PRO E 312 -19.06 -5.38 -2.17
CA PRO E 312 -19.51 -4.16 -2.81
C PRO E 312 -18.80 -2.91 -2.29
N PRO E 313 -18.72 -1.83 -3.08
CA PRO E 313 -18.13 -0.57 -2.62
C PRO E 313 -18.85 -0.01 -1.40
N GLY E 314 -18.10 0.43 -0.40
CA GLY E 314 -18.65 0.97 0.84
C GLY E 314 -18.92 -0.08 1.93
N TYR E 315 -18.39 -1.29 1.81
CA TYR E 315 -18.51 -2.32 2.84
C TYR E 315 -17.16 -2.93 3.20
N LEU E 316 -16.95 -3.12 4.49
CA LEU E 316 -15.83 -3.87 5.07
C LEU E 316 -16.37 -5.14 5.69
N VAL E 317 -15.76 -6.30 5.42
CA VAL E 317 -16.07 -7.55 6.10
C VAL E 317 -14.82 -8.01 6.84
N GLY E 318 -14.85 -8.02 8.16
CA GLY E 318 -13.77 -8.54 9.00
C GLY E 318 -14.12 -9.94 9.47
N VAL E 319 -13.22 -10.91 9.34
CA VAL E 319 -13.43 -12.30 9.75
C VAL E 319 -12.23 -12.77 10.57
N GLY E 320 -12.47 -13.38 11.73
CA GLY E 320 -11.46 -14.04 12.54
C GLY E 320 -11.35 -15.54 12.28
N TYR E 321 -10.18 -16.13 12.47
CA TYR E 321 -9.94 -17.57 12.38
C TYR E 321 -8.99 -18.04 13.47
N GLY E 322 -9.04 -19.32 13.84
CA GLY E 322 -8.12 -19.92 14.80
C GLY E 322 -8.19 -19.31 16.20
N GLY E 323 -7.04 -19.21 16.86
CA GLY E 323 -6.92 -18.75 18.23
C GLY E 323 -7.39 -19.75 19.29
N ALA E 324 -7.36 -19.34 20.56
CA ALA E 324 -7.81 -20.17 21.68
C ALA E 324 -9.28 -20.59 21.54
N PHE E 325 -10.15 -19.68 21.09
CA PHE E 325 -11.56 -19.96 20.80
C PHE E 325 -11.82 -20.84 19.58
N ASN E 326 -10.78 -21.16 18.81
CA ASN E 326 -10.81 -22.02 17.64
C ASN E 326 -11.85 -21.59 16.58
N LEU E 327 -11.86 -20.31 16.19
CA LEU E 327 -12.78 -19.83 15.17
C LEU E 327 -12.57 -20.52 13.83
N GLY E 328 -13.65 -20.77 13.11
CA GLY E 328 -13.66 -21.35 11.77
C GLY E 328 -14.46 -20.51 10.79
N ASN E 329 -14.72 -21.07 9.61
CA ASN E 329 -15.46 -20.40 8.54
C ASN E 329 -16.88 -20.02 9.03
N PRO E 330 -17.41 -18.81 8.79
CA PRO E 330 -18.65 -18.38 9.45
C PRO E 330 -19.94 -19.10 9.00
N VAL E 331 -20.06 -19.58 7.75
CA VAL E 331 -21.35 -20.03 7.19
C VAL E 331 -21.43 -21.55 7.09
N GLY E 332 -22.41 -22.16 7.75
CA GLY E 332 -22.68 -23.59 7.61
C GLY E 332 -23.47 -23.88 6.36
N LEU E 333 -23.09 -24.92 5.62
CA LEU E 333 -23.77 -25.38 4.41
C LEU E 333 -24.52 -26.69 4.60
N ARG E 334 -25.81 -26.65 4.33
CA ARG E 334 -26.75 -27.77 4.46
C ARG E 334 -27.10 -28.34 3.10
N GLN E 335 -26.96 -29.64 2.94
CA GLN E 335 -27.54 -30.40 1.82
C GLN E 335 -28.87 -31.04 2.22
N HIS E 336 -29.65 -31.49 1.24
CA HIS E 336 -30.89 -32.24 1.47
C HIS E 336 -30.61 -33.66 1.97
N ALA E 337 -31.44 -34.20 2.89
CA ALA E 337 -31.21 -35.50 3.51
C ALA E 337 -31.35 -36.68 2.56
N ASN E 338 -32.09 -36.55 1.47
CA ASN E 338 -32.23 -37.58 0.45
C ASN E 338 -30.98 -37.62 -0.43
N PRO E 339 -30.26 -38.75 -0.57
CA PRO E 339 -29.05 -38.80 -1.40
C PRO E 339 -29.26 -38.39 -2.86
N ALA E 340 -30.44 -38.65 -3.41
CA ALA E 340 -30.78 -38.30 -4.79
C ALA E 340 -31.01 -36.79 -4.98
N MET E 341 -31.16 -36.02 -3.90
CA MET E 341 -31.39 -34.58 -3.93
C MET E 341 -30.11 -33.75 -3.91
N GLN E 342 -28.94 -34.38 -3.94
CA GLN E 342 -27.66 -33.72 -3.65
C GLN E 342 -26.87 -33.37 -4.91
N GLY E 343 -26.20 -32.22 -4.92
CA GLY E 343 -25.51 -31.68 -6.09
C GLY E 343 -26.44 -30.99 -7.09
N LEU E 344 -25.87 -30.44 -8.16
CA LEU E 344 -26.65 -30.04 -9.34
C LEU E 344 -27.06 -31.28 -10.10
N ARG E 345 -28.33 -31.38 -10.46
CA ARG E 345 -28.90 -32.55 -11.13
C ARG E 345 -29.63 -32.16 -12.39
N ILE E 346 -29.49 -32.96 -13.44
CA ILE E 346 -30.21 -32.82 -14.70
C ILE E 346 -31.30 -33.89 -14.78
N ILE E 347 -32.52 -33.49 -15.13
CA ILE E 347 -33.73 -34.28 -15.02
C ILE E 347 -34.46 -34.35 -16.36
N ALA E 348 -34.94 -35.52 -16.75
CA ALA E 348 -35.78 -35.72 -17.93
C ALA E 348 -37.09 -34.92 -17.83
N GLY E 349 -37.53 -34.30 -18.93
CA GLY E 349 -38.73 -33.48 -18.93
C GLY E 349 -40.02 -34.25 -19.19
N ASN E 350 -41.13 -33.51 -19.24
CA ASN E 350 -42.44 -34.09 -19.52
C ASN E 350 -42.69 -34.30 -21.02
N TYR E 351 -42.03 -33.52 -21.87
CA TYR E 351 -42.10 -33.65 -23.32
C TYR E 351 -40.84 -34.37 -23.83
N GLN E 352 -40.99 -35.38 -24.68
CA GLN E 352 -39.93 -36.37 -24.90
C GLN E 352 -39.49 -36.58 -26.36
N ARG E 353 -40.32 -36.33 -27.38
CA ARG E 353 -40.00 -36.71 -28.78
C ARG E 353 -40.41 -35.69 -29.82
N TYR E 354 -41.68 -35.33 -29.87
CA TYR E 354 -42.29 -34.60 -30.97
C TYR E 354 -43.63 -34.03 -30.49
N PRO E 355 -43.96 -32.74 -30.72
CA PRO E 355 -43.17 -31.73 -31.40
C PRO E 355 -42.07 -31.11 -30.53
N LEU E 356 -42.05 -31.38 -29.23
CA LEU E 356 -41.19 -30.76 -28.22
C LEU E 356 -40.37 -31.79 -27.48
N VAL E 357 -39.21 -31.39 -27.00
CA VAL E 357 -38.44 -32.06 -25.95
C VAL E 357 -38.14 -31.04 -24.87
N ASP E 358 -38.22 -31.39 -23.59
CA ASP E 358 -37.74 -30.53 -22.50
C ASP E 358 -36.97 -31.29 -21.42
N GLY E 359 -36.26 -30.55 -20.59
CA GLY E 359 -35.45 -31.06 -19.50
C GLY E 359 -35.30 -30.02 -18.40
N PHE E 360 -34.98 -30.47 -17.19
CA PHE E 360 -34.78 -29.60 -16.04
C PHE E 360 -33.38 -29.70 -15.47
N TYR E 361 -32.95 -28.64 -14.81
CA TYR E 361 -31.83 -28.67 -13.87
C TYR E 361 -32.34 -28.27 -12.51
N ALA E 362 -31.93 -28.92 -11.43
CA ALA E 362 -32.35 -28.56 -10.09
C ALA E 362 -31.22 -28.66 -9.08
N ARG E 363 -31.19 -27.74 -8.11
CA ARG E 363 -30.30 -27.77 -6.94
C ARG E 363 -31.11 -27.49 -5.68
N SER E 364 -30.82 -28.20 -4.60
CA SER E 364 -31.32 -27.81 -3.29
C SER E 364 -30.22 -27.87 -2.24
N PHE E 365 -30.15 -26.81 -1.44
CA PHE E 365 -29.17 -26.57 -0.39
C PHE E 365 -29.69 -25.42 0.46
N GLY E 366 -29.04 -25.14 1.57
CA GLY E 366 -29.27 -23.93 2.33
C GLY E 366 -28.15 -23.64 3.31
N THR E 367 -28.34 -22.64 4.14
CA THR E 367 -27.29 -21.99 4.91
C THR E 367 -27.73 -21.57 6.31
N GLY E 368 -26.77 -21.32 7.19
CA GLY E 368 -26.98 -20.55 8.42
C GLY E 368 -25.68 -20.32 9.19
N VAL E 369 -25.63 -19.29 10.03
CA VAL E 369 -24.44 -18.96 10.82
C VAL E 369 -24.64 -19.47 12.23
N ARG E 370 -23.78 -20.38 12.67
CA ARG E 370 -23.69 -20.85 14.06
C ARG E 370 -22.75 -19.99 14.90
N GLN E 371 -21.57 -19.70 14.38
CA GLN E 371 -20.50 -18.98 15.07
C GLN E 371 -20.68 -17.45 15.01
N ARG E 372 -21.74 -16.91 15.59
CA ARG E 372 -22.30 -15.59 15.25
C ARG E 372 -21.45 -14.37 15.56
N GLY E 373 -20.39 -14.51 16.35
CA GLY E 373 -19.49 -13.42 16.72
C GLY E 373 -18.16 -13.39 15.98
N GLY E 374 -17.82 -14.43 15.22
CA GLY E 374 -16.49 -14.59 14.59
C GLY E 374 -16.21 -13.67 13.40
N ALA E 375 -17.16 -12.80 13.04
CA ALA E 375 -17.06 -11.87 11.93
C ALA E 375 -17.95 -10.65 12.16
N ALA E 376 -17.73 -9.59 11.39
CA ALA E 376 -18.50 -8.37 11.46
C ALA E 376 -18.49 -7.66 10.10
N ILE E 377 -19.54 -6.89 9.82
CA ILE E 377 -19.67 -6.11 8.60
C ILE E 377 -19.88 -4.65 8.95
N MET E 378 -19.11 -3.76 8.34
CA MET E 378 -19.31 -2.33 8.44
C MET E 378 -19.68 -1.70 7.11
N GLN E 379 -20.76 -0.93 7.08
CA GLN E 379 -21.08 -0.08 5.94
C GLN E 379 -20.51 1.31 6.17
N ILE E 380 -19.72 1.80 5.24
CA ILE E 380 -19.15 3.14 5.32
C ILE E 380 -20.16 4.17 4.85
N LYS E 381 -20.81 4.84 5.81
CA LYS E 381 -21.69 5.99 5.60
C LYS E 381 -21.90 6.77 6.89
N ALA E 382 -22.44 7.99 6.76
CA ALA E 382 -22.63 8.94 7.83
C ALA E 382 -23.70 8.57 8.87
N SER E 383 -24.82 7.97 8.48
CA SER E 383 -26.00 7.87 9.36
C SER E 383 -26.98 6.75 8.97
N GLY E 384 -27.96 6.48 9.83
CA GLY E 384 -28.96 5.44 9.67
C GLY E 384 -28.46 4.04 10.02
N ALA E 385 -29.34 3.05 9.93
CA ALA E 385 -28.98 1.66 10.15
C ALA E 385 -28.10 1.12 9.02
N TYR E 386 -27.47 -0.02 9.25
CA TYR E 386 -26.88 -0.82 8.20
C TYR E 386 -27.93 -1.22 7.16
N GLU E 387 -27.56 -1.17 5.88
CA GLU E 387 -28.33 -1.67 4.74
C GLU E 387 -27.64 -2.91 4.18
N CYS E 388 -28.38 -3.98 3.93
CA CYS E 388 -27.83 -5.06 3.10
C CYS E 388 -27.51 -4.50 1.71
N PRO E 389 -26.34 -4.80 1.12
CA PRO E 389 -26.10 -4.41 -0.25
C PRO E 389 -27.09 -5.13 -1.16
N PRO E 390 -27.77 -4.47 -2.11
CA PRO E 390 -28.86 -5.08 -2.86
C PRO E 390 -28.47 -6.34 -3.61
N ILE E 391 -27.23 -6.42 -4.07
CA ILE E 391 -26.66 -7.60 -4.75
C ILE E 391 -26.63 -8.88 -3.87
N TYR E 392 -26.74 -8.75 -2.56
CA TYR E 392 -26.75 -9.88 -1.62
C TYR E 392 -27.96 -9.88 -0.70
N LYS E 393 -29.00 -9.10 -0.99
CA LYS E 393 -30.27 -9.14 -0.27
C LYS E 393 -31.12 -10.31 -0.78
N LYS E 394 -31.79 -11.02 0.12
CA LYS E 394 -32.51 -12.30 -0.13
C LYS E 394 -33.51 -12.31 -1.29
N GLY E 395 -34.34 -11.28 -1.42
CA GLY E 395 -35.37 -11.21 -2.47
C GLY E 395 -34.92 -10.68 -3.83
N GLY E 396 -33.65 -10.28 -3.99
CA GLY E 396 -33.23 -9.44 -5.11
C GLY E 396 -33.02 -10.14 -6.46
N GLY E 397 -32.77 -11.44 -6.45
CA GLY E 397 -32.58 -12.22 -7.68
C GLY E 397 -31.79 -13.50 -7.42
N PHE E 398 -31.36 -14.16 -8.48
CA PHE E 398 -30.70 -15.47 -8.40
C PHE E 398 -29.27 -15.45 -8.93
N LEU E 399 -28.75 -14.29 -9.30
CA LEU E 399 -27.38 -14.09 -9.78
C LEU E 399 -26.65 -13.03 -8.96
N VAL E 400 -25.37 -13.25 -8.70
CA VAL E 400 -24.43 -12.19 -8.31
C VAL E 400 -24.17 -11.25 -9.49
N THR F 20 20.16 12.69 -41.46
CA THR F 20 20.01 13.24 -42.83
C THR F 20 19.36 14.62 -42.81
N ALA F 21 19.76 15.51 -43.71
CA ALA F 21 19.06 16.78 -43.93
C ALA F 21 17.66 16.51 -44.52
N PRO F 22 16.66 17.36 -44.27
CA PRO F 22 15.29 17.24 -44.77
C PRO F 22 15.17 17.65 -46.25
N VAL F 23 16.12 17.26 -47.09
CA VAL F 23 16.25 17.72 -48.48
C VAL F 23 16.11 16.55 -49.44
N ARG F 24 15.10 16.58 -50.32
CA ARG F 24 14.79 15.51 -51.28
C ARG F 24 15.00 15.95 -52.71
N GLN F 25 16.18 15.70 -53.27
CA GLN F 25 16.38 15.75 -54.72
C GLN F 25 15.74 14.52 -55.36
N GLU F 26 15.06 14.70 -56.47
CA GLU F 26 14.42 13.64 -57.24
C GLU F 26 14.35 14.01 -58.73
N GLY F 27 14.22 13.01 -59.59
CA GLY F 27 14.30 13.14 -61.03
C GLY F 27 15.28 12.14 -61.65
N ILE F 28 15.47 12.18 -62.96
CA ILE F 28 16.50 11.41 -63.66
C ILE F 28 17.86 11.99 -63.28
N MET F 29 18.80 11.18 -62.83
CA MET F 29 20.18 11.59 -62.63
C MET F 29 20.87 11.79 -63.96
N THR F 30 21.60 12.88 -64.09
CA THR F 30 22.23 13.35 -65.30
C THR F 30 23.67 13.78 -65.03
N GLN F 31 24.48 13.96 -66.07
CA GLN F 31 25.73 14.70 -65.92
C GLN F 31 25.49 16.01 -65.16
N GLY F 32 26.41 16.42 -64.30
CA GLY F 32 26.17 17.54 -63.39
C GLY F 32 25.36 17.23 -62.13
N ASP F 33 24.68 16.09 -62.04
CA ASP F 33 24.34 15.46 -60.76
C ASP F 33 25.48 14.57 -60.24
N LEU F 34 26.56 14.41 -61.01
CA LEU F 34 27.78 13.73 -60.62
C LEU F 34 28.52 14.49 -59.52
N VAL F 35 29.17 13.77 -58.61
CA VAL F 35 30.09 14.31 -57.60
C VAL F 35 31.53 13.85 -57.82
N THR F 36 32.49 14.66 -57.39
CA THR F 36 33.94 14.52 -57.60
C THR F 36 34.69 15.34 -56.56
N VAL F 37 36.01 15.15 -56.40
CA VAL F 37 36.83 15.94 -55.47
C VAL F 37 36.54 17.44 -55.50
N THR F 38 36.41 18.06 -54.33
CA THR F 38 36.27 19.52 -54.20
C THR F 38 37.64 20.22 -54.30
N SER F 39 37.69 21.55 -54.33
CA SER F 39 38.90 22.37 -54.45
C SER F 39 39.96 22.04 -53.41
N ASP F 40 39.51 21.57 -52.25
CA ASP F 40 40.35 21.25 -51.11
C ASP F 40 40.81 19.76 -51.11
N GLY F 41 40.49 19.00 -52.15
CA GLY F 41 40.96 17.62 -52.37
C GLY F 41 40.17 16.53 -51.68
N ILE F 42 39.05 16.86 -51.01
CA ILE F 42 38.17 15.88 -50.38
C ILE F 42 37.41 15.08 -51.43
N ASP F 43 37.58 13.76 -51.47
CA ASP F 43 36.83 12.87 -52.35
C ASP F 43 35.41 12.62 -51.83
N LEU F 44 34.44 13.37 -52.35
CA LEU F 44 33.04 13.23 -51.96
C LEU F 44 32.52 11.80 -52.06
N ASN F 45 33.02 10.98 -52.98
CA ASN F 45 32.58 9.60 -53.09
C ASN F 45 33.13 8.66 -52.01
N ALA F 46 34.14 9.05 -51.25
CA ALA F 46 34.57 8.30 -50.06
C ALA F 46 33.65 8.56 -48.86
N LEU F 47 32.97 9.70 -48.82
CA LEU F 47 32.25 10.16 -47.64
C LEU F 47 30.88 9.52 -47.46
N TRP F 48 30.30 8.86 -48.47
CA TRP F 48 28.94 8.36 -48.44
C TRP F 48 28.64 7.39 -47.30
N ASN F 49 29.59 6.52 -46.94
CA ASN F 49 29.40 5.57 -45.85
C ASN F 49 29.35 6.24 -44.46
N SER F 50 29.79 7.49 -44.31
CA SER F 50 29.86 8.13 -43.00
C SER F 50 28.47 8.35 -42.37
N PHE F 51 27.41 8.41 -43.16
CA PHE F 51 26.03 8.52 -42.65
C PHE F 51 25.61 7.29 -41.84
N ALA F 52 26.19 6.12 -42.11
CA ALA F 52 25.88 4.89 -41.41
C ALA F 52 26.30 4.91 -39.94
N GLU F 53 27.22 5.79 -39.55
CA GLU F 53 27.51 6.06 -38.15
C GLU F 53 26.48 6.99 -37.52
N SER F 54 25.99 8.02 -38.22
CA SER F 54 25.03 8.97 -37.64
C SER F 54 23.62 8.39 -37.55
N ILE F 55 23.19 7.55 -38.48
CA ILE F 55 21.89 6.85 -38.40
C ILE F 55 21.87 5.70 -37.39
N ALA F 56 23.00 5.18 -36.92
CA ALA F 56 23.05 3.92 -36.15
C ALA F 56 22.16 3.90 -34.90
N ILE F 57 22.13 5.00 -34.14
CA ILE F 57 21.29 5.12 -32.95
C ILE F 57 19.80 5.22 -33.30
N TYR F 58 19.43 5.92 -34.36
CA TYR F 58 18.04 5.97 -34.83
C TYR F 58 17.58 4.59 -35.24
N ASN F 59 18.41 3.86 -35.98
CA ASN F 59 18.15 2.49 -36.40
C ASN F 59 17.91 1.56 -35.21
N GLU F 60 18.83 1.56 -34.23
CA GLU F 60 18.72 0.72 -33.04
C GLU F 60 17.44 0.99 -32.24
N ALA F 61 17.06 2.25 -32.08
CA ALA F 61 15.83 2.63 -31.40
C ALA F 61 14.58 2.11 -32.12
N MET F 62 14.51 2.28 -33.44
CA MET F 62 13.39 1.76 -34.21
C MET F 62 13.28 0.25 -34.13
N ASP F 63 14.39 -0.49 -34.14
CA ASP F 63 14.35 -1.93 -33.94
C ASP F 63 13.77 -2.32 -32.59
N ASN F 64 14.20 -1.68 -31.51
CA ASN F 64 13.73 -2.06 -30.20
C ASN F 64 12.24 -1.80 -30.03
N LEU F 65 11.74 -0.69 -30.55
CA LEU F 65 10.32 -0.43 -30.56
C LEU F 65 9.58 -1.40 -31.48
N ILE F 66 10.05 -1.65 -32.69
CA ILE F 66 9.36 -2.55 -33.61
C ILE F 66 9.21 -3.93 -32.96
N GLN F 67 10.27 -4.52 -32.42
CA GLN F 67 10.16 -5.88 -31.89
C GLN F 67 9.35 -5.99 -30.60
N LEU F 68 9.02 -4.87 -29.95
CA LEU F 68 8.24 -4.82 -28.72
C LEU F 68 6.79 -4.36 -28.93
N LEU F 69 6.54 -3.52 -29.92
CA LEU F 69 5.20 -3.08 -30.30
C LEU F 69 4.51 -3.96 -31.32
N THR F 70 5.22 -4.75 -32.13
CA THR F 70 4.60 -5.41 -33.30
C THR F 70 4.61 -6.93 -33.25
N TYR F 71 3.72 -7.58 -34.00
CA TYR F 71 3.77 -9.02 -34.27
C TYR F 71 3.36 -9.34 -35.70
N PRO F 72 3.88 -10.41 -36.32
CA PRO F 72 3.50 -10.81 -37.66
C PRO F 72 2.09 -11.39 -37.68
N VAL F 73 1.21 -10.87 -38.53
CA VAL F 73 -0.14 -11.41 -38.70
C VAL F 73 -0.11 -12.71 -39.47
N THR F 74 -0.86 -13.71 -39.00
CA THR F 74 -1.10 -14.98 -39.71
C THR F 74 -2.58 -15.29 -39.93
N VAL F 75 -3.49 -14.53 -39.32
CA VAL F 75 -4.93 -14.68 -39.48
C VAL F 75 -5.52 -13.29 -39.78
N PRO F 76 -5.84 -12.95 -41.04
CA PRO F 76 -6.13 -11.56 -41.41
C PRO F 76 -7.42 -10.97 -40.84
N VAL F 77 -8.33 -11.77 -40.32
CA VAL F 77 -9.60 -11.34 -39.73
C VAL F 77 -9.83 -12.02 -38.39
N GLU F 78 -10.32 -11.28 -37.41
CA GLU F 78 -10.56 -11.74 -36.04
C GLU F 78 -12.02 -11.50 -35.64
N PRO F 79 -12.71 -12.50 -35.05
CA PRO F 79 -14.06 -12.32 -34.51
C PRO F 79 -14.04 -11.82 -33.07
N VAL F 80 -15.07 -11.08 -32.70
CA VAL F 80 -15.47 -10.82 -31.31
C VAL F 80 -16.97 -11.01 -31.21
N VAL F 81 -17.45 -11.57 -30.11
CA VAL F 81 -18.83 -12.04 -29.95
C VAL F 81 -19.49 -11.50 -28.69
N GLN F 82 -20.81 -11.41 -28.69
CA GLN F 82 -21.63 -11.09 -27.52
C GLN F 82 -22.63 -12.22 -27.28
N ILE F 83 -22.62 -12.90 -26.12
CA ILE F 83 -23.29 -14.22 -25.97
C ILE F 83 -24.64 -14.22 -25.23
N GLY F 84 -24.88 -13.33 -24.27
CA GLY F 84 -26.04 -13.42 -23.35
C GLY F 84 -25.83 -14.43 -22.22
N GLU F 85 -26.82 -14.60 -21.34
CA GLU F 85 -26.68 -15.35 -20.08
C GLU F 85 -27.97 -16.10 -19.72
N THR F 86 -27.97 -16.89 -18.64
CA THR F 86 -29.17 -17.54 -18.11
C THR F 86 -29.28 -17.31 -16.60
N THR F 87 -30.45 -17.55 -15.99
CA THR F 87 -30.69 -17.44 -14.54
C THR F 87 -31.45 -18.65 -14.03
N PHE F 88 -31.19 -19.12 -12.82
CA PHE F 88 -32.14 -20.02 -12.15
C PHE F 88 -33.36 -19.25 -11.64
N GLU F 89 -34.35 -19.99 -11.20
CA GLU F 89 -35.49 -19.49 -10.43
C GLU F 89 -35.74 -20.45 -9.26
N GLU F 90 -36.56 -20.05 -8.29
CA GLU F 90 -36.90 -20.92 -7.17
C GLU F 90 -38.04 -21.89 -7.53
N ALA F 91 -37.93 -23.15 -7.12
CA ALA F 91 -38.89 -24.19 -7.45
C ALA F 91 -40.23 -24.03 -6.72
N THR F 92 -41.32 -24.40 -7.38
CA THR F 92 -42.64 -24.64 -6.77
C THR F 92 -42.97 -26.12 -6.74
N GLU F 93 -44.03 -26.50 -6.03
CA GLU F 93 -44.39 -27.90 -5.91
C GLU F 93 -45.01 -28.49 -7.19
N LEU F 94 -45.83 -27.76 -7.94
CA LEU F 94 -46.59 -28.31 -9.07
C LEU F 94 -46.11 -27.79 -10.42
N GLY F 95 -45.93 -26.48 -10.57
CA GLY F 95 -45.55 -25.83 -11.82
C GLY F 95 -44.10 -26.04 -12.24
N VAL F 96 -43.75 -25.52 -13.41
CA VAL F 96 -42.44 -25.74 -14.07
C VAL F 96 -41.70 -24.43 -14.37
N PRO F 97 -40.37 -24.45 -14.45
CA PRO F 97 -39.57 -23.25 -14.72
C PRO F 97 -39.72 -22.68 -16.14
N ARG F 98 -39.27 -21.45 -16.35
CA ARG F 98 -39.10 -20.84 -17.69
C ARG F 98 -37.93 -21.45 -18.46
N GLY F 99 -38.02 -21.48 -19.79
CA GLY F 99 -37.00 -21.99 -20.71
C GLY F 99 -35.69 -21.18 -20.75
N ALA F 100 -34.73 -21.57 -21.58
CA ALA F 100 -33.41 -20.94 -21.70
C ALA F 100 -32.91 -20.93 -23.16
N GLY F 101 -32.18 -19.89 -23.55
CA GLY F 101 -31.44 -19.85 -24.82
C GLY F 101 -30.31 -18.84 -24.79
N LEU F 102 -29.34 -18.93 -25.70
CA LEU F 102 -28.24 -17.97 -25.83
C LEU F 102 -28.26 -17.29 -27.19
N PRO F 103 -28.57 -15.99 -27.28
CA PRO F 103 -28.51 -15.24 -28.52
C PRO F 103 -27.07 -14.76 -28.75
N ILE F 104 -26.28 -15.46 -29.56
CA ILE F 104 -24.95 -15.00 -29.98
C ILE F 104 -25.05 -13.97 -31.11
N GLU F 105 -24.10 -13.04 -31.18
CA GLU F 105 -23.78 -12.33 -32.42
C GLU F 105 -22.27 -12.09 -32.51
N VAL F 106 -21.77 -11.88 -33.71
CA VAL F 106 -20.35 -11.65 -33.99
C VAL F 106 -20.14 -10.34 -34.72
N PHE F 107 -19.00 -9.72 -34.47
CA PHE F 107 -18.43 -8.64 -35.25
C PHE F 107 -17.01 -9.01 -35.61
N GLN F 108 -16.51 -8.51 -36.73
CA GLN F 108 -15.18 -8.87 -37.20
C GLN F 108 -14.33 -7.64 -37.48
N MET F 109 -13.03 -7.77 -37.30
CA MET F 109 -12.04 -6.74 -37.55
C MET F 109 -10.84 -7.35 -38.27
N GLY F 110 -10.08 -6.56 -39.01
CA GLY F 110 -8.91 -7.04 -39.75
C GLY F 110 -7.73 -6.09 -39.68
N TYR F 111 -6.80 -6.25 -40.61
CA TYR F 111 -5.62 -5.41 -40.80
C TYR F 111 -5.58 -4.93 -42.25
N ASP F 112 -5.19 -3.69 -42.53
CA ASP F 112 -5.10 -3.25 -43.92
C ASP F 112 -3.83 -3.79 -44.60
N LEU F 113 -3.67 -3.49 -45.88
CA LEU F 113 -2.53 -3.90 -46.69
C LEU F 113 -2.40 -2.91 -47.83
N ARG F 114 -1.34 -2.11 -47.86
CA ARG F 114 -1.13 -1.07 -48.86
C ARG F 114 0.18 -1.25 -49.59
N HIS F 115 0.34 -0.59 -50.73
CA HIS F 115 1.50 -0.76 -51.61
C HIS F 115 2.27 0.55 -51.72
N TYR F 116 3.59 0.46 -51.65
CA TYR F 116 4.48 1.61 -51.73
C TYR F 116 5.59 1.31 -52.72
N ASP F 117 5.99 2.30 -53.51
CA ASP F 117 7.12 2.16 -54.41
C ASP F 117 7.99 3.42 -54.55
N LYS F 118 9.18 3.23 -55.07
CA LYS F 118 10.15 4.28 -55.39
C LYS F 118 10.80 3.96 -56.72
N ARG F 119 11.17 4.96 -57.49
CA ARG F 119 11.96 4.83 -58.71
C ARG F 119 13.35 5.39 -58.49
N ASN F 120 14.32 4.89 -59.21
CA ASN F 120 15.50 5.68 -59.52
C ASN F 120 15.87 5.51 -60.98
N ALA F 121 16.37 6.56 -61.60
CA ALA F 121 16.52 6.67 -63.04
C ALA F 121 17.81 7.42 -63.34
N TYR F 122 18.52 7.02 -64.39
CA TYR F 122 19.80 7.61 -64.76
C TYR F 122 19.88 7.80 -66.26
N SER F 123 20.45 8.89 -66.75
CA SER F 123 20.84 8.98 -68.15
C SER F 123 22.11 8.20 -68.41
N TRP F 124 22.31 7.78 -69.65
CA TRP F 124 23.50 7.07 -70.09
C TRP F 124 24.76 7.89 -69.87
N MET F 125 24.68 9.22 -70.01
CA MET F 125 25.82 10.10 -69.71
C MET F 125 26.19 10.07 -68.24
N PHE F 126 25.25 9.96 -67.32
CA PHE F 126 25.56 9.75 -65.91
C PHE F 126 26.23 8.39 -65.70
N LEU F 127 25.65 7.31 -66.20
CA LEU F 127 26.19 5.97 -65.95
C LEU F 127 27.55 5.71 -66.60
N ALA F 128 27.89 6.42 -67.67
CA ALA F 128 29.19 6.35 -68.31
C ALA F 128 30.30 7.01 -67.48
N ASP F 129 29.97 7.96 -66.61
CA ASP F 129 30.94 8.79 -65.87
C ASP F 129 30.93 8.56 -64.35
N ALA F 130 29.83 8.09 -63.77
CA ALA F 130 29.65 7.97 -62.33
C ALA F 130 30.54 6.91 -61.67
N ASP F 131 30.96 7.22 -60.44
CA ASP F 131 31.57 6.26 -59.51
C ASP F 131 30.49 5.31 -58.97
N GLY F 132 30.80 4.01 -58.87
CA GLY F 132 29.91 3.04 -58.23
C GLY F 132 29.52 3.44 -56.81
N ARG F 133 30.40 4.12 -56.08
CA ARG F 133 30.12 4.63 -54.74
C ARG F 133 28.99 5.66 -54.72
N GLN F 134 28.79 6.49 -55.75
CA GLN F 134 27.63 7.38 -55.81
C GLN F 134 26.32 6.62 -55.98
N VAL F 135 26.24 5.62 -56.87
CA VAL F 135 24.95 4.92 -57.06
C VAL F 135 24.61 4.02 -55.87
N GLU F 136 25.59 3.37 -55.23
CA GLU F 136 25.32 2.61 -54.02
C GLU F 136 24.94 3.49 -52.85
N ALA F 137 25.35 4.75 -52.82
CA ALA F 137 24.87 5.69 -51.82
C ALA F 137 23.36 5.92 -51.98
N ILE F 138 22.89 6.12 -53.21
CA ILE F 138 21.46 6.33 -53.48
C ILE F 138 20.66 5.07 -53.15
N HIS F 139 21.20 3.89 -53.41
CA HIS F 139 20.59 2.64 -52.97
C HIS F 139 20.45 2.56 -51.45
N ASP F 140 21.50 2.87 -50.69
CA ASP F 140 21.43 2.91 -49.23
C ASP F 140 20.40 3.91 -48.73
N ALA F 141 20.29 5.09 -49.34
CA ALA F 141 19.29 6.07 -48.94
C ALA F 141 17.85 5.59 -49.20
N VAL F 142 17.62 4.76 -50.21
CA VAL F 142 16.32 4.12 -50.37
C VAL F 142 16.09 3.09 -49.27
N LEU F 143 17.06 2.25 -48.94
CA LEU F 143 16.92 1.31 -47.83
C LEU F 143 16.69 2.00 -46.48
N TRP F 144 17.25 3.19 -46.27
CA TRP F 144 16.94 3.98 -45.09
C TRP F 144 15.50 4.53 -45.12
N ALA F 145 15.01 5.03 -46.26
CA ALA F 145 13.63 5.48 -46.42
C ALA F 145 12.62 4.34 -46.26
N ASP F 146 12.95 3.13 -46.70
CA ASP F 146 12.14 1.93 -46.48
C ASP F 146 11.94 1.68 -44.98
N LYS F 147 13.01 1.74 -44.18
CA LYS F 147 12.92 1.50 -42.74
C LYS F 147 12.17 2.60 -42.00
N ARG F 148 12.33 3.85 -42.41
CA ARG F 148 11.52 4.97 -41.90
C ARG F 148 10.06 4.90 -42.32
N LEU F 149 9.71 4.27 -43.45
CA LEU F 149 8.33 3.99 -43.86
C LEU F 149 7.69 2.96 -42.94
N VAL F 150 8.34 1.82 -42.73
CA VAL F 150 7.82 0.79 -41.85
C VAL F 150 7.62 1.33 -40.44
N PHE F 151 8.61 2.03 -39.91
CA PHE F 151 8.47 2.58 -38.56
C PHE F 151 7.34 3.60 -38.47
N ARG F 152 7.18 4.54 -39.41
CA ARG F 152 6.06 5.48 -39.35
C ARG F 152 4.72 4.78 -39.34
N LYS F 153 4.54 3.72 -40.14
CA LYS F 153 3.28 3.00 -40.20
C LYS F 153 2.99 2.23 -38.92
N VAL F 154 3.98 1.64 -38.26
CA VAL F 154 3.82 1.07 -36.92
C VAL F 154 3.38 2.12 -35.93
N MET F 155 4.00 3.28 -35.90
CA MET F 155 3.62 4.32 -34.95
C MET F 155 2.23 4.89 -35.23
N GLU F 156 1.87 5.10 -36.49
CA GLU F 156 0.51 5.47 -36.87
C GLU F 156 -0.53 4.46 -36.42
N ALA F 157 -0.23 3.16 -36.49
CA ALA F 157 -1.19 2.14 -36.10
C ALA F 157 -1.58 2.23 -34.63
N LEU F 158 -0.67 2.69 -33.78
CA LEU F 158 -0.85 2.84 -32.35
C LEU F 158 -1.38 4.22 -31.97
N PHE F 159 -0.87 5.29 -32.57
CA PHE F 159 -1.21 6.67 -32.20
C PHE F 159 -2.40 7.25 -32.95
N ASP F 160 -2.65 6.90 -34.20
CA ASP F 160 -3.72 7.53 -34.98
C ASP F 160 -5.04 6.84 -34.68
N ASN F 161 -5.87 7.48 -33.88
CA ASN F 161 -7.07 6.92 -33.29
C ASN F 161 -8.26 6.86 -34.25
N ARG F 162 -8.08 7.06 -35.55
CA ARG F 162 -9.15 6.93 -36.56
C ARG F 162 -9.29 5.50 -37.07
N THR F 163 -10.52 5.04 -37.23
CA THR F 163 -10.83 3.73 -37.79
C THR F 163 -10.60 3.71 -39.30
N ARG F 164 -9.97 2.65 -39.80
CA ARG F 164 -9.72 2.40 -41.23
C ARG F 164 -10.66 1.31 -41.76
N ARG F 165 -10.78 1.14 -43.07
CA ARG F 165 -11.48 0.04 -43.74
C ARG F 165 -10.51 -0.73 -44.63
N ALA F 166 -10.73 -2.02 -44.82
CA ALA F 166 -9.96 -2.82 -45.77
C ALA F 166 -10.81 -3.92 -46.43
N ASN F 167 -10.52 -4.25 -47.69
CA ASN F 167 -11.07 -5.44 -48.35
C ASN F 167 -10.20 -6.66 -48.04
N ILE F 168 -10.79 -7.74 -47.57
CA ILE F 168 -10.13 -9.05 -47.43
C ILE F 168 -11.09 -10.09 -47.99
N ARG F 169 -10.62 -10.90 -48.95
CA ARG F 169 -11.41 -11.91 -49.68
C ARG F 169 -12.81 -11.45 -50.08
N ASN F 170 -12.87 -10.40 -50.88
CA ASN F 170 -14.13 -9.84 -51.42
C ASN F 170 -15.16 -9.41 -50.35
N GLN F 171 -14.72 -8.97 -49.18
CA GLN F 171 -15.57 -8.45 -48.12
C GLN F 171 -14.85 -7.32 -47.36
N ALA F 172 -15.54 -6.28 -46.91
CA ALA F 172 -14.92 -5.14 -46.25
C ALA F 172 -15.02 -5.18 -44.72
N TYR F 173 -13.90 -4.97 -44.04
CA TYR F 173 -13.75 -5.03 -42.58
C TYR F 173 -13.29 -3.70 -42.00
N ASN F 174 -13.71 -3.39 -40.77
CA ASN F 174 -13.09 -2.33 -39.98
C ASN F 174 -11.70 -2.75 -39.49
N VAL F 175 -10.75 -1.85 -39.63
CA VAL F 175 -9.38 -2.00 -39.16
C VAL F 175 -9.22 -0.98 -38.05
N TYR F 176 -9.04 -1.45 -36.83
CA TYR F 176 -9.17 -0.60 -35.66
C TYR F 176 -7.83 -0.21 -35.05
N PRO F 177 -7.76 0.97 -34.41
CA PRO F 177 -6.77 1.28 -33.39
C PRO F 177 -7.15 0.64 -32.04
N LEU F 178 -6.58 1.13 -30.92
CA LEU F 178 -7.10 0.86 -29.58
C LEU F 178 -8.57 1.32 -29.45
N TYR F 179 -9.25 1.04 -28.35
CA TYR F 179 -10.61 1.55 -28.15
C TYR F 179 -10.66 3.06 -28.36
N ASN F 180 -11.57 3.56 -29.17
CA ASN F 180 -11.58 4.94 -29.66
C ASN F 180 -12.99 5.54 -29.78
N GLY F 181 -13.95 5.01 -29.03
CA GLY F 181 -15.36 5.40 -29.15
C GLY F 181 -16.05 4.90 -30.42
N ASP F 182 -15.48 3.90 -31.08
CA ASP F 182 -16.00 3.30 -32.30
C ASP F 182 -15.80 1.79 -32.29
N GLY F 183 -16.66 1.05 -32.97
CA GLY F 183 -16.74 -0.41 -32.93
C GLY F 183 -17.60 -0.94 -31.78
N VAL F 184 -17.71 -2.26 -31.70
CA VAL F 184 -18.48 -2.94 -30.65
C VAL F 184 -17.91 -2.61 -29.26
N PRO F 185 -18.71 -2.37 -28.22
CA PRO F 185 -18.20 -2.00 -26.91
C PRO F 185 -17.29 -3.07 -26.31
N PRO F 186 -16.35 -2.71 -25.43
CA PRO F 186 -15.56 -3.70 -24.72
C PRO F 186 -16.46 -4.68 -23.94
N PRO F 187 -16.06 -5.95 -23.75
CA PRO F 187 -16.81 -6.87 -22.92
C PRO F 187 -16.91 -6.37 -21.48
N ARG F 188 -18.08 -6.50 -20.85
CA ARG F 188 -18.27 -6.29 -19.40
C ARG F 188 -17.32 -7.19 -18.62
N PHE F 189 -16.63 -6.68 -17.61
CA PHE F 189 -15.74 -7.45 -16.75
C PHE F 189 -16.05 -7.21 -15.29
N LYS F 190 -16.34 -8.26 -14.53
CA LYS F 190 -16.92 -8.15 -13.18
C LYS F 190 -18.03 -7.12 -13.16
N ASN F 191 -17.90 -6.05 -12.38
CA ASN F 191 -18.87 -4.97 -12.27
C ASN F 191 -18.59 -3.78 -13.20
N ASN F 192 -17.56 -3.86 -14.05
CA ASN F 192 -17.20 -2.81 -14.99
C ASN F 192 -17.99 -2.97 -16.29
N VAL F 193 -18.83 -1.99 -16.60
CA VAL F 193 -19.63 -1.93 -17.83
C VAL F 193 -19.11 -0.82 -18.72
N PHE F 194 -18.96 -1.12 -20.01
CA PHE F 194 -18.44 -0.19 -21.01
C PHE F 194 -19.49 0.02 -22.10
N ASP F 195 -19.72 1.27 -22.52
CA ASP F 195 -20.61 1.59 -23.64
C ASP F 195 -19.83 1.90 -24.92
N GLU F 196 -20.53 2.11 -26.03
CA GLU F 196 -19.95 2.30 -27.35
C GLU F 196 -18.96 3.46 -27.45
N THR F 197 -19.11 4.50 -26.63
CA THR F 197 -18.24 5.70 -26.65
C THR F 197 -16.91 5.51 -25.95
N HIS F 198 -16.68 4.37 -25.29
CA HIS F 198 -15.49 4.17 -24.47
C HIS F 198 -14.19 4.23 -25.29
N SER F 199 -13.18 4.91 -24.76
CA SER F 199 -11.95 5.24 -25.47
C SER F 199 -10.71 5.09 -24.60
N HIS F 200 -9.62 4.60 -25.20
CA HIS F 200 -8.26 4.50 -24.65
C HIS F 200 -7.32 5.59 -25.18
N TYR F 201 -7.89 6.59 -25.85
CA TYR F 201 -7.20 7.79 -26.26
C TYR F 201 -7.78 8.96 -25.46
N VAL F 202 -7.03 9.51 -24.52
CA VAL F 202 -7.56 10.41 -23.48
C VAL F 202 -6.62 11.58 -23.22
N ILE F 203 -7.10 12.59 -22.50
CA ILE F 203 -6.29 13.69 -22.01
C ILE F 203 -6.14 13.65 -20.48
N SER F 204 -5.08 14.25 -19.95
CA SER F 204 -4.87 14.40 -18.50
C SER F 204 -5.82 15.37 -17.80
N HIS F 205 -6.43 16.32 -18.54
CA HIS F 205 -7.16 17.48 -18.00
C HIS F 205 -6.30 18.46 -17.20
N ASN F 206 -4.97 18.41 -17.33
CA ASN F 206 -4.03 19.34 -16.72
C ASN F 206 -2.82 19.54 -17.63
N SER F 207 -2.18 20.71 -17.57
CA SER F 207 -1.05 21.04 -18.44
C SER F 207 0.27 20.35 -18.11
N VAL F 208 0.35 19.64 -16.98
CA VAL F 208 1.55 18.94 -16.51
C VAL F 208 1.13 17.59 -15.91
N VAL F 209 1.98 16.57 -16.03
CA VAL F 209 1.65 15.21 -15.55
C VAL F 209 1.53 15.13 -14.02
N ASP F 210 0.48 14.47 -13.55
CA ASP F 210 0.25 14.09 -12.16
C ASP F 210 0.66 12.65 -11.90
N SER F 211 0.89 12.30 -10.64
CA SER F 211 0.79 10.90 -10.24
C SER F 211 -0.60 10.30 -10.51
N SER F 212 -1.65 11.11 -10.44
CA SER F 212 -3.00 10.68 -10.78
C SER F 212 -3.10 10.16 -12.20
N ASP F 213 -2.37 10.74 -13.14
CA ASP F 213 -2.46 10.35 -14.54
C ASP F 213 -1.97 8.93 -14.74
N LEU F 214 -0.92 8.54 -14.03
CA LEU F 214 -0.40 7.19 -14.11
C LEU F 214 -1.36 6.17 -13.50
N GLU F 215 -2.23 6.56 -12.58
CA GLU F 215 -3.26 5.67 -12.06
C GLU F 215 -4.46 5.61 -12.99
N ASP F 216 -4.93 6.73 -13.53
CA ASP F 216 -6.00 6.75 -14.51
C ASP F 216 -5.61 5.93 -15.75
N LEU F 217 -4.37 6.07 -16.23
CA LEU F 217 -3.86 5.30 -17.34
C LEU F 217 -3.81 3.80 -17.02
N MET F 218 -3.37 3.42 -15.82
CA MET F 218 -3.36 2.03 -15.38
C MET F 218 -4.78 1.47 -15.31
N GLU F 219 -5.72 2.26 -14.82
CA GLU F 219 -7.11 1.86 -14.72
C GLU F 219 -7.72 1.58 -16.09
N LEU F 220 -7.36 2.31 -17.15
CA LEU F 220 -7.83 1.99 -18.50
C LEU F 220 -7.46 0.56 -18.93
N LEU F 221 -6.41 -0.04 -18.40
CA LEU F 221 -6.09 -1.44 -18.71
C LEU F 221 -6.76 -2.36 -17.69
N ALA F 222 -6.65 -2.03 -16.40
CA ALA F 222 -7.20 -2.85 -15.33
C ALA F 222 -8.72 -3.02 -15.41
N GLU F 223 -9.45 -2.05 -15.96
CA GLU F 223 -10.89 -2.11 -16.09
C GLU F 223 -11.34 -3.34 -16.88
N HIS F 224 -10.58 -3.74 -17.90
CA HIS F 224 -10.86 -4.91 -18.72
C HIS F 224 -10.34 -6.22 -18.12
N GLY F 225 -9.82 -6.19 -16.90
CA GLY F 225 -9.23 -7.34 -16.23
C GLY F 225 -7.75 -7.56 -16.52
N TYR F 226 -7.17 -6.81 -17.44
CA TYR F 226 -5.73 -6.81 -17.70
C TYR F 226 -5.02 -6.13 -16.53
N SER F 227 -4.54 -6.90 -15.57
CA SER F 227 -4.30 -6.40 -14.23
C SER F 227 -3.12 -7.09 -13.58
N PRO F 228 -2.46 -6.46 -12.61
CA PRO F 228 -1.36 -7.07 -11.88
C PRO F 228 -1.72 -8.41 -11.28
N GLN F 229 -2.95 -8.53 -10.77
CA GLN F 229 -3.49 -9.74 -10.14
C GLN F 229 -3.70 -10.87 -11.13
N ALA F 230 -4.03 -10.55 -12.39
CA ALA F 230 -4.09 -11.50 -13.49
C ALA F 230 -2.69 -11.87 -14.01
N GLY F 231 -1.62 -11.28 -13.47
CA GLY F 231 -0.25 -11.53 -13.87
C GLY F 231 0.23 -10.66 -15.03
N THR F 232 -0.50 -9.60 -15.39
CA THR F 232 -0.12 -8.69 -16.47
C THR F 232 1.06 -7.82 -16.04
N GLN F 233 2.13 -7.78 -16.83
CA GLN F 233 3.24 -6.84 -16.65
C GLN F 233 2.97 -5.53 -17.38
N PHE F 234 3.38 -4.40 -16.82
CA PHE F 234 3.06 -3.09 -17.38
C PHE F 234 4.31 -2.30 -17.74
N LEU F 235 4.31 -1.73 -18.92
CA LEU F 235 5.35 -0.86 -19.44
C LEU F 235 4.78 0.53 -19.70
N LEU F 236 5.42 1.56 -19.16
CA LEU F 236 5.13 2.94 -19.51
C LEU F 236 6.27 3.46 -20.37
N LEU F 237 5.95 3.88 -21.59
CA LEU F 237 6.87 4.59 -22.48
C LEU F 237 6.50 6.07 -22.40
N ALA F 238 7.48 6.93 -22.18
CA ALA F 238 7.25 8.36 -21.99
C ALA F 238 8.40 9.20 -22.53
N ASN F 239 8.13 10.43 -22.92
CA ASN F 239 9.19 11.37 -23.27
C ASN F 239 9.94 11.82 -22.00
N LYS F 240 11.18 12.27 -22.15
CA LYS F 240 11.96 12.81 -21.03
C LYS F 240 11.24 13.95 -20.30
N ALA F 241 10.45 14.75 -21.00
CA ALA F 241 9.64 15.81 -20.40
C ALA F 241 8.68 15.29 -19.33
N GLU F 242 8.15 14.09 -19.48
CA GLU F 242 7.29 13.45 -18.49
C GLU F 242 8.13 12.70 -17.45
N THR F 243 9.13 11.92 -17.85
CA THR F 243 9.89 11.15 -16.87
C THR F 243 10.65 12.02 -15.88
N ASP F 244 11.13 13.21 -16.27
CA ASP F 244 11.70 14.17 -15.33
C ASP F 244 10.71 14.60 -14.23
N ALA F 245 9.41 14.65 -14.50
CA ALA F 245 8.40 14.94 -13.49
C ALA F 245 8.04 13.70 -12.66
N ILE F 246 7.93 12.54 -13.29
CA ILE F 246 7.58 11.29 -12.63
C ILE F 246 8.61 10.88 -11.59
N ARG F 247 9.90 11.13 -11.84
CA ARG F 247 10.98 10.93 -10.86
C ARG F 247 10.77 11.72 -9.55
N GLN F 248 9.94 12.76 -9.51
CA GLN F 248 9.66 13.55 -8.30
C GLN F 248 8.54 12.98 -7.43
N PHE F 249 7.89 11.88 -7.82
CA PHE F 249 6.78 11.30 -7.07
C PHE F 249 7.26 10.52 -5.85
N ARG F 250 6.74 10.87 -4.66
CA ARG F 250 7.03 10.20 -3.37
C ARG F 250 5.73 9.96 -2.60
N ARG F 251 5.55 8.77 -2.03
CA ARG F 251 4.29 8.32 -1.40
C ARG F 251 3.78 9.30 -0.36
N GLY F 252 2.54 9.72 -0.48
CA GLY F 252 1.92 10.67 0.44
C GLY F 252 2.37 12.13 0.27
N VAL F 253 3.22 12.43 -0.72
CA VAL F 253 3.66 13.80 -1.02
C VAL F 253 2.86 14.31 -2.22
N VAL F 254 2.29 15.50 -2.09
CA VAL F 254 1.62 16.19 -3.19
C VAL F 254 2.62 16.62 -4.26
N ASN F 255 2.36 16.28 -5.51
CA ASN F 255 3.12 16.69 -6.68
C ASN F 255 2.33 17.74 -7.47
N ASN F 256 2.18 17.60 -8.78
CA ASN F 256 1.52 18.59 -9.61
C ASN F 256 0.00 18.64 -9.42
N ASN F 257 -0.61 19.79 -9.72
CA ASN F 257 -2.06 20.03 -9.75
C ASN F 257 -2.84 19.58 -8.48
N GLY F 258 -2.18 19.47 -7.34
CA GLY F 258 -2.77 18.97 -6.09
C GLY F 258 -2.90 17.45 -5.97
N ALA F 259 -2.35 16.68 -6.89
CA ALA F 259 -2.35 15.22 -6.84
C ALA F 259 -1.37 14.67 -5.79
N THR F 260 -1.77 13.66 -5.00
CA THR F 260 -0.91 13.00 -4.00
C THR F 260 -0.49 11.62 -4.48
N ALA F 261 0.77 11.25 -4.35
CA ALA F 261 1.24 9.97 -4.88
C ALA F 261 0.87 8.77 -4.00
N GLY F 262 0.34 7.70 -4.61
CA GLY F 262 0.10 6.42 -3.94
C GLY F 262 1.37 5.59 -3.72
N TYR F 263 2.43 5.88 -4.45
CA TYR F 263 3.67 5.11 -4.48
C TYR F 263 4.90 6.03 -4.53
N ASP F 264 6.08 5.50 -4.23
CA ASP F 264 7.34 6.16 -4.57
C ASP F 264 7.76 5.81 -6.01
N PHE F 265 8.36 6.74 -6.74
CA PHE F 265 9.19 6.34 -7.85
C PHE F 265 10.41 5.59 -7.31
N ILE F 266 10.64 4.36 -7.74
CA ILE F 266 11.75 3.53 -7.30
C ILE F 266 12.81 3.51 -8.40
N PRO F 267 14.05 3.93 -8.16
CA PRO F 267 15.08 3.95 -9.18
C PRO F 267 15.50 2.55 -9.60
N SER F 268 15.80 2.39 -10.88
CA SER F 268 16.40 1.18 -11.44
C SER F 268 17.86 1.00 -11.01
N PRO F 269 18.44 -0.21 -11.06
CA PRO F 269 19.84 -0.45 -10.70
C PRO F 269 20.89 0.33 -11.52
N THR F 270 20.56 0.79 -12.71
CA THR F 270 21.44 1.62 -13.55
C THR F 270 21.50 3.08 -13.12
N GLN F 271 20.61 3.52 -12.22
CA GLN F 271 20.58 4.89 -11.71
C GLN F 271 21.73 5.14 -10.71
N PRO F 272 22.12 6.40 -10.48
CA PRO F 272 23.20 6.71 -9.56
C PRO F 272 22.82 6.40 -8.11
N ALA F 273 23.80 6.06 -7.28
CA ALA F 273 23.60 5.68 -5.88
C ALA F 273 22.95 6.79 -5.05
N MET F 274 22.29 6.41 -3.95
CA MET F 274 21.59 7.34 -3.04
C MET F 274 21.63 6.83 -1.60
N MET F 275 21.47 7.73 -0.63
CA MET F 275 21.41 7.40 0.80
C MET F 275 19.95 7.30 1.25
N LEU F 276 19.61 6.28 2.03
CA LEU F 276 18.24 6.04 2.51
C LEU F 276 18.17 6.15 4.04
N PRO F 277 17.04 6.63 4.61
CA PRO F 277 16.90 6.83 6.06
C PRO F 277 16.98 5.55 6.89
N ASN F 278 16.95 4.39 6.26
CA ASN F 278 16.93 3.07 6.88
C ASN F 278 17.95 2.19 6.18
N ALA F 279 18.71 1.40 6.93
CA ALA F 279 19.72 0.52 6.37
C ALA F 279 19.17 -0.62 5.51
N GLU F 280 17.88 -0.95 5.61
CA GLU F 280 17.21 -1.90 4.71
C GLU F 280 16.78 -1.27 3.38
N GLY F 281 16.62 0.06 3.38
CA GLY F 281 16.36 0.86 2.21
C GLY F 281 14.94 0.73 1.66
N LEU F 282 14.67 -0.36 0.97
CA LEU F 282 13.40 -0.63 0.32
C LEU F 282 12.68 -1.81 0.98
N LEU F 283 11.37 -1.68 1.17
CA LEU F 283 10.48 -2.82 1.34
C LEU F 283 10.15 -3.34 -0.06
N GLY F 284 10.84 -4.37 -0.51
CA GLY F 284 10.75 -4.92 -1.86
C GLY F 284 11.98 -4.65 -2.72
N ASN F 285 11.98 -5.16 -3.95
CA ASN F 285 13.08 -5.08 -4.90
C ASN F 285 13.13 -3.79 -5.73
N GLN F 286 14.28 -3.48 -6.32
CA GLN F 286 14.35 -2.52 -7.43
C GLN F 286 13.87 -3.16 -8.74
N PRO F 287 13.26 -2.43 -9.67
CA PRO F 287 12.81 -2.98 -10.93
C PRO F 287 13.96 -3.52 -11.76
N ALA F 288 13.74 -4.51 -12.61
CA ALA F 288 14.79 -4.99 -13.49
C ALA F 288 15.23 -3.88 -14.46
N PRO F 289 16.51 -3.81 -14.82
CA PRO F 289 17.07 -2.67 -15.54
C PRO F 289 16.66 -2.59 -17.01
N THR F 290 16.14 -3.66 -17.61
CA THR F 290 15.61 -3.68 -18.98
C THR F 290 14.25 -4.36 -19.04
N PHE F 291 13.36 -3.87 -19.89
CA PHE F 291 12.08 -4.49 -20.23
C PHE F 291 12.00 -4.70 -21.74
N GLY F 292 11.75 -5.91 -22.20
CA GLY F 292 12.02 -6.25 -23.60
C GLY F 292 13.51 -6.04 -23.87
N GLY F 293 13.85 -5.24 -24.88
CA GLY F 293 15.22 -4.75 -25.09
C GLY F 293 15.48 -3.29 -24.69
N LEU F 294 14.49 -2.60 -24.12
CA LEU F 294 14.59 -1.20 -23.72
C LEU F 294 15.15 -1.07 -22.30
N ALA F 295 15.81 0.05 -22.01
CA ALA F 295 16.37 0.34 -20.69
C ALA F 295 15.36 1.08 -19.81
N VAL F 296 15.14 0.56 -18.60
CA VAL F 296 14.18 1.02 -17.61
C VAL F 296 14.86 1.95 -16.62
N ILE F 297 14.32 3.15 -16.41
CA ILE F 297 14.90 4.15 -15.48
C ILE F 297 14.42 3.94 -14.05
N GLY F 298 13.28 3.30 -13.85
CA GLY F 298 12.68 3.04 -12.56
C GLY F 298 11.28 2.49 -12.72
N SER F 299 10.49 2.51 -11.67
CA SER F 299 9.10 2.06 -11.67
C SER F 299 8.26 2.93 -10.76
N TYR F 300 6.97 2.99 -11.01
CA TYR F 300 6.01 3.73 -10.18
C TYR F 300 4.71 2.95 -10.13
N GLY F 301 4.21 2.61 -8.95
CA GLY F 301 3.16 1.61 -8.85
C GLY F 301 3.56 0.36 -9.62
N PHE F 302 2.68 -0.18 -10.46
CA PHE F 302 2.97 -1.35 -11.27
C PHE F 302 3.68 -1.05 -12.60
N TRP F 303 3.88 0.20 -13.01
CA TRP F 303 4.59 0.53 -14.26
C TRP F 303 6.10 0.31 -14.15
N ASN F 304 6.69 -0.45 -15.06
CA ASN F 304 8.10 -0.27 -15.42
C ASN F 304 8.22 0.95 -16.32
N ILE F 305 9.15 1.88 -16.08
CA ILE F 305 9.19 3.15 -16.82
C ILE F 305 10.39 3.18 -17.74
N VAL F 306 10.16 3.45 -19.01
CA VAL F 306 11.17 3.60 -20.05
C VAL F 306 11.01 4.98 -20.63
N GLU F 307 12.04 5.82 -20.57
CA GLU F 307 12.04 7.04 -21.36
C GLU F 307 12.47 6.76 -22.79
N GLU F 308 11.80 7.39 -23.72
CA GLU F 308 11.92 7.13 -25.14
C GLU F 308 11.62 8.41 -25.92
N ASP F 309 12.58 8.89 -26.69
CA ASP F 309 12.47 10.10 -27.49
C ASP F 309 11.50 9.99 -28.67
N TYR F 310 11.24 8.77 -29.16
CA TYR F 310 10.17 8.53 -30.10
C TYR F 310 8.77 8.56 -29.48
N ILE F 311 8.60 8.70 -28.17
CA ILE F 311 7.34 9.19 -27.64
C ILE F 311 7.41 10.72 -27.65
N PRO F 312 6.52 11.46 -28.32
CA PRO F 312 6.60 12.90 -28.34
C PRO F 312 6.40 13.51 -26.94
N PRO F 313 6.92 14.71 -26.66
CA PRO F 313 6.60 15.43 -25.44
C PRO F 313 5.09 15.54 -25.22
N GLY F 314 4.64 15.32 -24.00
CA GLY F 314 3.24 15.44 -23.63
C GLY F 314 2.38 14.26 -24.02
N TYR F 315 2.95 13.08 -24.25
CA TYR F 315 2.19 11.84 -24.38
C TYR F 315 2.77 10.78 -23.46
N LEU F 316 1.90 9.97 -22.85
CA LEU F 316 2.24 8.76 -22.12
C LEU F 316 1.65 7.58 -22.88
N VAL F 317 2.44 6.56 -23.20
CA VAL F 317 1.94 5.34 -23.81
C VAL F 317 2.10 4.20 -22.82
N GLY F 318 1.00 3.59 -22.41
CA GLY F 318 0.99 2.52 -21.42
C GLY F 318 0.54 1.20 -22.03
N VAL F 319 1.31 0.12 -21.89
CA VAL F 319 1.07 -1.15 -22.60
C VAL F 319 1.16 -2.32 -21.63
N GLY F 320 0.19 -3.23 -21.68
CA GLY F 320 0.19 -4.44 -20.87
C GLY F 320 0.73 -5.65 -21.63
N TYR F 321 1.42 -6.55 -20.95
CA TYR F 321 2.04 -7.75 -21.52
C TYR F 321 1.72 -8.98 -20.67
N GLY F 322 1.50 -10.12 -21.31
CA GLY F 322 1.28 -11.40 -20.63
C GLY F 322 0.03 -11.44 -19.77
N GLY F 323 0.10 -12.19 -18.68
CA GLY F 323 -1.02 -12.43 -17.77
C GLY F 323 -2.00 -13.48 -18.29
N ALA F 324 -3.06 -13.72 -17.53
CA ALA F 324 -4.08 -14.73 -17.83
C ALA F 324 -4.85 -14.48 -19.13
N PHE F 325 -4.88 -13.23 -19.61
CA PHE F 325 -5.41 -12.83 -20.91
C PHE F 325 -4.38 -12.86 -22.05
N ASN F 326 -3.12 -13.19 -21.81
CA ASN F 326 -2.04 -13.22 -22.80
C ASN F 326 -1.98 -11.96 -23.66
N LEU F 327 -1.86 -10.78 -23.05
CA LEU F 327 -1.63 -9.58 -23.84
C LEU F 327 -0.32 -9.71 -24.62
N GLY F 328 -0.42 -9.63 -25.94
CA GLY F 328 0.71 -9.68 -26.87
C GLY F 328 1.22 -8.30 -27.23
N ASN F 329 2.14 -8.24 -28.18
CA ASN F 329 2.56 -6.96 -28.72
C ASN F 329 1.35 -6.28 -29.38
N PRO F 330 1.10 -4.98 -29.18
CA PRO F 330 -0.18 -4.37 -29.55
C PRO F 330 -0.53 -4.32 -31.04
N VAL F 331 0.43 -4.18 -31.96
CA VAL F 331 0.18 -3.85 -33.38
C VAL F 331 0.48 -5.04 -34.31
N GLY F 332 -0.47 -5.46 -35.13
CA GLY F 332 -0.22 -6.49 -36.13
C GLY F 332 0.38 -5.90 -37.39
N LEU F 333 1.41 -6.56 -37.94
CA LEU F 333 1.96 -6.31 -39.27
C LEU F 333 1.45 -7.36 -40.25
N ARG F 334 0.72 -6.95 -41.28
CA ARG F 334 0.22 -7.81 -42.36
C ARG F 334 1.02 -7.58 -43.62
N GLN F 335 1.58 -8.64 -44.17
CA GLN F 335 2.16 -8.68 -45.52
C GLN F 335 1.14 -9.26 -46.51
N HIS F 336 1.43 -9.15 -47.80
CA HIS F 336 0.67 -9.83 -48.85
C HIS F 336 0.77 -11.35 -48.71
N ALA F 337 -0.29 -12.05 -49.07
CA ALA F 337 -0.39 -13.50 -48.90
C ALA F 337 0.59 -14.28 -49.79
N ASN F 338 0.90 -13.77 -50.98
CA ASN F 338 1.80 -14.40 -51.94
C ASN F 338 3.27 -14.21 -51.52
N PRO F 339 4.04 -15.27 -51.22
CA PRO F 339 5.43 -15.16 -50.83
C PRO F 339 6.32 -14.41 -51.84
N ALA F 340 5.94 -14.40 -53.11
CA ALA F 340 6.62 -13.64 -54.16
C ALA F 340 6.46 -12.12 -54.00
N MET F 341 5.51 -11.64 -53.21
CA MET F 341 5.32 -10.22 -52.87
C MET F 341 5.81 -9.80 -51.47
N GLN F 342 6.31 -10.71 -50.66
CA GLN F 342 6.75 -10.40 -49.29
C GLN F 342 8.13 -9.73 -49.26
N GLY F 343 8.33 -8.75 -48.38
CA GLY F 343 9.58 -8.02 -48.21
C GLY F 343 9.74 -6.85 -49.18
N LEU F 344 10.88 -6.16 -49.10
CA LEU F 344 11.28 -5.14 -50.07
C LEU F 344 11.77 -5.81 -51.35
N ARG F 345 11.30 -5.37 -52.51
CA ARG F 345 11.59 -5.98 -53.81
C ARG F 345 12.21 -4.97 -54.75
N ILE F 346 13.22 -5.39 -55.48
CA ILE F 346 13.87 -4.60 -56.54
C ILE F 346 13.38 -5.13 -57.88
N ILE F 347 12.95 -4.24 -58.76
CA ILE F 347 12.31 -4.56 -60.04
C ILE F 347 13.02 -3.80 -61.17
N ALA F 348 13.33 -4.48 -62.26
CA ALA F 348 13.91 -3.87 -63.45
C ALA F 348 12.94 -2.88 -64.12
N GLY F 349 13.45 -1.74 -64.58
CA GLY F 349 12.63 -0.68 -65.16
C GLY F 349 12.09 -0.95 -66.56
N ASN F 350 11.36 0.02 -67.07
CA ASN F 350 10.85 0.03 -68.44
C ASN F 350 11.83 0.68 -69.40
N TYR F 351 12.66 1.61 -68.91
CA TYR F 351 13.76 2.16 -69.66
C TYR F 351 15.01 1.39 -69.28
N GLN F 352 15.70 0.81 -70.25
CA GLN F 352 16.61 -0.31 -69.99
C GLN F 352 17.97 -0.21 -70.67
N ARG F 353 18.20 0.78 -71.54
CA ARG F 353 19.30 0.75 -72.50
C ARG F 353 19.94 2.12 -72.70
N TYR F 354 19.27 2.96 -73.46
CA TYR F 354 19.78 4.24 -73.95
C TYR F 354 18.60 5.02 -74.53
N PRO F 355 18.42 6.31 -74.22
CA PRO F 355 19.25 7.16 -73.40
C PRO F 355 19.07 6.99 -71.90
N LEU F 356 17.95 6.43 -71.43
CA LEU F 356 17.65 6.28 -70.00
C LEU F 356 17.72 4.84 -69.55
N VAL F 357 18.02 4.66 -68.27
CA VAL F 357 17.81 3.43 -67.51
C VAL F 357 17.00 3.76 -66.27
N ASP F 358 16.01 2.96 -65.91
CA ASP F 358 15.30 3.07 -64.63
C ASP F 358 15.02 1.72 -63.97
N GLY F 359 14.40 1.76 -62.80
CA GLY F 359 14.05 0.61 -61.98
C GLY F 359 13.29 1.01 -60.73
N PHE F 360 12.66 0.06 -60.07
CA PHE F 360 11.76 0.29 -58.96
C PHE F 360 12.13 -0.49 -57.71
N TYR F 361 11.80 0.09 -56.56
CA TYR F 361 11.73 -0.56 -55.26
C TYR F 361 10.27 -0.63 -54.86
N ALA F 362 9.81 -1.74 -54.32
CA ALA F 362 8.43 -1.92 -53.91
C ALA F 362 8.31 -2.65 -52.58
N ARG F 363 7.37 -2.26 -51.73
CA ARG F 363 6.98 -3.00 -50.52
C ARG F 363 5.47 -2.95 -50.37
N SER F 364 4.86 -4.04 -49.91
CA SER F 364 3.43 -4.07 -49.60
C SER F 364 3.20 -4.63 -48.21
N PHE F 365 2.66 -3.81 -47.33
CA PHE F 365 2.35 -4.18 -45.95
C PHE F 365 1.24 -3.29 -45.40
N GLY F 366 0.68 -3.68 -44.28
CA GLY F 366 -0.33 -2.90 -43.56
C GLY F 366 -0.46 -3.33 -42.11
N THR F 367 -1.36 -2.70 -41.38
CA THR F 367 -1.39 -2.72 -39.92
C THR F 367 -2.81 -2.73 -39.35
N GLY F 368 -2.96 -3.12 -38.10
CA GLY F 368 -4.21 -3.08 -37.33
C GLY F 368 -4.03 -3.57 -35.89
N VAL F 369 -4.97 -3.29 -35.01
CA VAL F 369 -4.94 -3.71 -33.61
C VAL F 369 -5.99 -4.79 -33.34
N ARG F 370 -5.58 -5.91 -32.73
CA ARG F 370 -6.45 -7.01 -32.29
C ARG F 370 -6.94 -6.83 -30.86
N GLN F 371 -6.03 -6.78 -29.88
CA GLN F 371 -6.36 -6.61 -28.46
C GLN F 371 -6.56 -5.13 -28.13
N ARG F 372 -7.68 -4.54 -28.55
CA ARG F 372 -7.94 -3.09 -28.48
C ARG F 372 -7.85 -2.45 -27.09
N GLY F 373 -7.97 -3.24 -26.03
CA GLY F 373 -7.90 -2.77 -24.64
C GLY F 373 -6.54 -2.91 -23.98
N GLY F 374 -5.55 -3.53 -24.64
CA GLY F 374 -4.25 -3.87 -24.06
C GLY F 374 -3.22 -2.73 -23.98
N ALA F 375 -3.57 -1.54 -24.45
CA ALA F 375 -2.77 -0.33 -24.30
C ALA F 375 -3.67 0.90 -24.26
N ALA F 376 -3.11 2.03 -23.85
CA ALA F 376 -3.78 3.33 -23.84
C ALA F 376 -2.77 4.45 -24.02
N ILE F 377 -3.22 5.59 -24.52
CA ILE F 377 -2.40 6.79 -24.70
C ILE F 377 -3.08 7.96 -24.03
N MET F 378 -2.34 8.69 -23.21
CA MET F 378 -2.81 9.91 -22.58
C MET F 378 -1.99 11.10 -23.07
N GLN F 379 -2.64 12.14 -23.57
CA GLN F 379 -1.99 13.41 -23.88
C GLN F 379 -2.08 14.35 -22.68
N ILE F 380 -0.98 14.99 -22.31
CA ILE F 380 -0.96 15.94 -21.20
C ILE F 380 -1.42 17.29 -21.75
N LYS F 381 -2.68 17.64 -21.54
CA LYS F 381 -3.30 18.91 -21.95
C LYS F 381 -4.52 19.21 -21.11
N ALA F 382 -4.87 20.48 -20.98
CA ALA F 382 -5.93 20.92 -20.06
C ALA F 382 -7.36 20.62 -20.55
N SER F 383 -7.63 20.70 -21.85
CA SER F 383 -9.00 20.67 -22.40
C SER F 383 -9.05 20.27 -23.88
N GLY F 384 -10.22 19.89 -24.37
CA GLY F 384 -10.43 19.51 -25.78
C GLY F 384 -10.12 18.04 -26.06
N ALA F 385 -10.31 17.62 -27.32
CA ALA F 385 -10.12 16.22 -27.69
C ALA F 385 -8.65 15.79 -27.65
N TYR F 386 -8.43 14.48 -27.60
CA TYR F 386 -7.14 13.87 -27.91
C TYR F 386 -6.69 14.21 -29.34
N GLU F 387 -5.42 14.59 -29.52
CA GLU F 387 -4.82 14.87 -30.83
C GLU F 387 -3.73 13.87 -31.13
N CYS F 388 -3.82 13.19 -32.25
CA CYS F 388 -2.73 12.38 -32.74
C CYS F 388 -1.52 13.28 -33.06
N PRO F 389 -0.31 13.01 -32.56
CA PRO F 389 0.86 13.81 -32.87
C PRO F 389 1.15 13.79 -34.38
N PRO F 390 1.35 14.94 -35.05
CA PRO F 390 1.44 15.03 -36.51
C PRO F 390 2.50 14.15 -37.18
N ILE F 391 3.58 13.86 -36.47
CA ILE F 391 4.64 12.94 -36.92
C ILE F 391 4.16 11.50 -37.09
N TYR F 392 3.02 11.13 -36.50
CA TYR F 392 2.39 9.82 -36.57
C TYR F 392 0.91 9.88 -37.01
N LYS F 393 0.48 10.93 -37.71
CA LYS F 393 -0.87 11.02 -38.27
C LYS F 393 -0.86 10.52 -39.72
N LYS F 394 -1.83 9.71 -40.15
CA LYS F 394 -1.78 8.93 -41.41
C LYS F 394 -1.54 9.73 -42.69
N GLY F 395 -2.12 10.92 -42.79
CA GLY F 395 -2.03 11.74 -44.01
C GLY F 395 -0.71 12.48 -44.19
N GLY F 396 0.15 12.54 -43.18
CA GLY F 396 1.24 13.51 -43.12
C GLY F 396 2.52 13.16 -43.89
N GLY F 397 2.69 11.93 -44.34
CA GLY F 397 3.86 11.54 -45.12
C GLY F 397 4.27 10.08 -44.98
N PHE F 398 5.44 9.74 -45.50
CA PHE F 398 5.96 8.37 -45.52
C PHE F 398 7.25 8.18 -44.73
N LEU F 399 7.68 9.18 -43.96
CA LEU F 399 8.87 9.13 -43.12
C LEU F 399 8.54 9.53 -41.68
N VAL F 400 9.19 8.91 -40.71
CA VAL F 400 9.32 9.41 -39.34
C VAL F 400 10.34 10.54 -39.26
N THR G 20 54.67 37.77 -2.19
CA THR G 20 55.38 38.47 -3.28
C THR G 20 55.69 37.51 -4.43
N ALA G 21 55.86 38.02 -5.64
CA ALA G 21 56.16 37.24 -6.83
C ALA G 21 57.59 36.64 -6.82
N PRO G 22 57.83 35.52 -7.53
CA PRO G 22 59.19 35.09 -7.85
C PRO G 22 59.89 36.08 -8.77
N VAL G 23 61.21 36.17 -8.69
CA VAL G 23 62.02 37.02 -9.57
C VAL G 23 62.41 36.31 -10.87
N ARG G 24 62.67 37.09 -11.92
CA ARG G 24 63.21 36.61 -13.21
C ARG G 24 64.42 37.43 -13.60
N GLN G 25 65.62 36.89 -13.40
CA GLN G 25 66.86 37.50 -13.88
C GLN G 25 67.09 37.05 -15.32
N GLU G 26 67.23 37.96 -16.28
CA GLU G 26 67.20 37.60 -17.71
C GLU G 26 68.32 38.20 -18.57
N GLY G 27 69.37 38.72 -17.95
CA GLY G 27 70.53 39.24 -18.68
C GLY G 27 71.48 38.18 -19.24
N ILE G 28 72.59 38.61 -19.82
CA ILE G 28 73.77 37.74 -20.03
C ILE G 28 74.40 37.48 -18.66
N MET G 29 74.80 36.25 -18.36
CA MET G 29 75.47 35.91 -17.10
C MET G 29 76.91 36.41 -17.10
N THR G 30 77.19 37.43 -16.30
CA THR G 30 78.53 38.00 -16.17
C THR G 30 79.24 37.49 -14.94
N GLN G 31 80.55 37.73 -14.80
CA GLN G 31 81.14 37.76 -13.45
C GLN G 31 80.32 38.73 -12.58
N GLY G 32 80.23 38.48 -11.28
CA GLY G 32 79.27 39.19 -10.44
C GLY G 32 77.84 38.63 -10.50
N ASP G 33 77.55 37.70 -11.40
CA ASP G 33 76.40 36.77 -11.31
C ASP G 33 76.83 35.36 -10.89
N LEU G 34 78.14 35.15 -10.70
CA LEU G 34 78.75 33.95 -10.18
C LEU G 34 78.35 33.68 -8.74
N VAL G 35 78.16 32.41 -8.42
CA VAL G 35 78.01 31.90 -7.05
C VAL G 35 79.20 31.01 -6.75
N THR G 36 79.78 31.20 -5.57
CA THR G 36 81.05 30.59 -5.13
C THR G 36 80.95 30.13 -3.69
N VAL G 37 81.86 29.25 -3.26
CA VAL G 37 82.08 28.98 -1.83
C VAL G 37 82.32 30.30 -1.11
N THR G 38 81.52 30.61 -0.10
CA THR G 38 81.59 31.90 0.58
C THR G 38 82.87 32.01 1.42
N SER G 39 83.23 33.21 1.89
CA SER G 39 84.39 33.41 2.78
C SER G 39 84.30 32.52 4.02
N ASP G 40 83.07 32.33 4.45
CA ASP G 40 82.59 31.53 5.56
C ASP G 40 82.65 30.01 5.32
N GLY G 41 83.02 29.57 4.11
CA GLY G 41 83.19 28.17 3.76
C GLY G 41 81.93 27.40 3.37
N ILE G 42 80.77 28.04 3.25
CA ILE G 42 79.54 27.41 2.75
C ILE G 42 79.66 27.19 1.24
N ASP G 43 79.54 25.94 0.78
CA ASP G 43 79.46 25.64 -0.64
C ASP G 43 78.03 25.80 -1.15
N LEU G 44 77.63 27.03 -1.46
CA LEU G 44 76.30 27.35 -1.99
C LEU G 44 75.98 26.57 -3.27
N ASN G 45 76.97 26.23 -4.09
CA ASN G 45 76.74 25.43 -5.29
C ASN G 45 76.29 24.00 -5.00
N ALA G 46 76.44 23.49 -3.78
CA ALA G 46 75.86 22.20 -3.39
C ALA G 46 74.34 22.28 -3.14
N LEU G 47 73.80 23.48 -2.95
CA LEU G 47 72.46 23.73 -2.43
C LEU G 47 71.48 24.18 -3.51
N TRP G 48 71.93 24.28 -4.76
CA TRP G 48 71.04 24.19 -5.91
C TRP G 48 70.27 22.87 -5.81
N ASN G 49 69.06 22.82 -6.38
CA ASN G 49 68.15 21.69 -6.28
C ASN G 49 67.62 21.40 -4.86
N SER G 50 67.72 22.38 -3.94
CA SER G 50 67.03 22.35 -2.64
C SER G 50 65.52 22.13 -2.75
N PHE G 51 64.91 22.56 -3.85
CA PHE G 51 63.47 22.52 -4.08
C PHE G 51 63.06 21.55 -5.18
N ALA G 52 63.95 20.64 -5.60
CA ALA G 52 63.62 19.65 -6.63
C ALA G 52 62.44 18.77 -6.24
N GLU G 53 62.33 18.39 -4.96
CA GLU G 53 61.24 17.57 -4.45
C GLU G 53 59.89 18.28 -4.44
N SER G 54 59.83 19.56 -4.10
CA SER G 54 58.55 20.28 -4.16
C SER G 54 58.14 20.55 -5.59
N ILE G 55 59.08 20.87 -6.48
CA ILE G 55 58.82 20.90 -7.92
C ILE G 55 58.36 19.53 -8.41
N ALA G 56 58.96 18.42 -8.00
CA ALA G 56 58.52 17.10 -8.41
C ALA G 56 57.08 16.79 -8.00
N ILE G 57 56.61 17.25 -6.85
CA ILE G 57 55.22 17.17 -6.45
C ILE G 57 54.31 17.90 -7.44
N TYR G 58 54.58 19.16 -7.76
CA TYR G 58 53.74 19.89 -8.69
C TYR G 58 53.89 19.40 -10.14
N ASN G 59 55.03 18.82 -10.51
CA ASN G 59 55.21 18.19 -11.80
C ASN G 59 54.30 16.95 -11.93
N GLU G 60 54.24 16.08 -10.93
CA GLU G 60 53.26 14.99 -10.90
C GLU G 60 51.83 15.50 -10.99
N ALA G 61 51.51 16.60 -10.33
CA ALA G 61 50.17 17.16 -10.39
C ALA G 61 49.81 17.59 -11.82
N MET G 62 50.71 18.28 -12.51
CA MET G 62 50.52 18.64 -13.92
C MET G 62 50.43 17.43 -14.83
N ASP G 63 51.27 16.41 -14.65
CA ASP G 63 51.22 15.17 -15.43
C ASP G 63 49.87 14.47 -15.35
N ASN G 64 49.31 14.33 -14.15
CA ASN G 64 48.06 13.62 -14.00
C ASN G 64 46.90 14.32 -14.70
N LEU G 65 46.93 15.64 -14.81
CA LEU G 65 46.00 16.35 -15.68
C LEU G 65 46.34 16.15 -17.14
N ILE G 66 47.59 16.38 -17.57
CA ILE G 66 47.96 16.29 -18.98
C ILE G 66 47.59 14.94 -19.58
N GLN G 67 47.91 13.83 -18.91
CA GLN G 67 47.64 12.51 -19.47
C GLN G 67 46.16 12.13 -19.47
N LEU G 68 45.29 12.91 -18.82
CA LEU G 68 43.85 12.70 -18.78
C LEU G 68 43.06 13.74 -19.59
N LEU G 69 43.62 14.91 -19.84
CA LEU G 69 43.03 15.95 -20.67
C LEU G 69 43.45 15.84 -22.13
N THR G 70 44.53 15.13 -22.46
CA THR G 70 45.13 15.23 -23.80
C THR G 70 45.38 13.91 -24.51
N TYR G 71 45.50 13.93 -25.82
CA TYR G 71 46.00 12.82 -26.64
C TYR G 71 46.92 13.33 -27.73
N PRO G 72 47.92 12.56 -28.19
CA PRO G 72 48.80 12.97 -29.26
C PRO G 72 48.08 12.89 -30.60
N VAL G 73 48.10 13.97 -31.38
CA VAL G 73 47.45 14.03 -32.70
C VAL G 73 48.24 13.23 -33.73
N THR G 74 47.68 12.16 -34.26
CA THR G 74 48.24 11.38 -35.38
C THR G 74 47.53 11.62 -36.72
N VAL G 75 46.42 12.37 -36.71
CA VAL G 75 45.60 12.70 -37.88
C VAL G 75 45.23 14.18 -37.84
N PRO G 76 45.96 15.09 -38.52
CA PRO G 76 45.85 16.53 -38.29
C PRO G 76 44.53 17.23 -38.66
N VAL G 77 43.64 16.60 -39.45
CA VAL G 77 42.37 17.21 -39.91
C VAL G 77 41.19 16.27 -39.65
N GLU G 78 40.04 16.82 -39.24
CA GLU G 78 38.81 16.09 -38.93
C GLU G 78 37.65 16.53 -39.85
N PRO G 79 36.89 15.59 -40.45
CA PRO G 79 35.72 15.92 -41.27
C PRO G 79 34.42 15.93 -40.48
N VAL G 80 33.40 16.64 -40.96
CA VAL G 80 31.99 16.37 -40.64
C VAL G 80 31.14 16.51 -41.89
N VAL G 81 30.24 15.56 -42.11
CA VAL G 81 29.55 15.31 -43.39
C VAL G 81 28.04 15.43 -43.23
N GLN G 82 27.33 16.01 -44.19
CA GLN G 82 25.87 16.06 -44.19
C GLN G 82 25.31 15.63 -45.55
N ILE G 83 24.27 14.80 -45.57
CA ILE G 83 23.65 14.27 -46.80
C ILE G 83 22.14 14.46 -46.79
N GLY G 84 21.54 14.54 -47.98
CA GLY G 84 20.10 14.59 -48.16
C GLY G 84 19.43 13.22 -47.94
N GLU G 85 18.17 13.10 -48.30
CA GLU G 85 17.38 11.90 -48.06
C GLU G 85 16.41 11.62 -49.19
N THR G 86 15.70 10.51 -49.14
CA THR G 86 14.60 10.25 -50.06
C THR G 86 13.39 9.63 -49.36
N THR G 87 12.25 9.57 -50.02
CA THR G 87 10.98 9.06 -49.49
C THR G 87 10.32 8.10 -50.48
N PHE G 88 9.55 7.11 -50.02
CA PHE G 88 8.62 6.35 -50.87
C PHE G 88 7.35 7.16 -51.13
N GLU G 89 6.45 6.62 -51.95
CA GLU G 89 5.09 7.09 -52.19
C GLU G 89 4.16 5.87 -52.28
N GLU G 90 2.84 6.06 -52.19
CA GLU G 90 1.91 4.96 -52.48
C GLU G 90 1.87 4.66 -53.98
N ALA G 91 1.80 3.38 -54.30
CA ALA G 91 1.72 2.90 -55.65
C ALA G 91 0.33 3.03 -56.28
N THR G 92 0.28 3.04 -57.60
CA THR G 92 -0.91 2.90 -58.44
C THR G 92 -0.70 1.77 -59.43
N GLU G 93 -1.76 1.25 -60.02
CA GLU G 93 -1.61 0.10 -60.92
C GLU G 93 -1.17 0.44 -62.35
N LEU G 94 -1.38 1.66 -62.86
CA LEU G 94 -0.91 2.04 -64.20
C LEU G 94 0.31 2.95 -64.15
N GLY G 95 0.35 3.94 -63.26
CA GLY G 95 1.40 4.95 -63.17
C GLY G 95 2.69 4.52 -62.46
N VAL G 96 3.72 5.36 -62.53
CA VAL G 96 5.08 5.10 -62.01
C VAL G 96 5.54 6.16 -61.01
N PRO G 97 6.37 5.79 -60.02
CA PRO G 97 6.83 6.72 -58.99
C PRO G 97 7.85 7.75 -59.46
N ARG G 98 8.14 8.74 -58.61
CA ARG G 98 9.20 9.74 -58.84
C ARG G 98 10.61 9.18 -58.58
N GLY G 99 11.62 9.76 -59.21
CA GLY G 99 13.04 9.37 -59.11
C GLY G 99 13.74 9.73 -57.79
N ALA G 100 15.08 9.65 -57.73
CA ALA G 100 15.87 9.85 -56.52
C ALA G 100 17.27 10.45 -56.77
N GLY G 101 17.76 11.25 -55.84
CA GLY G 101 19.13 11.79 -55.80
C GLY G 101 19.57 12.06 -54.37
N LEU G 102 20.84 12.43 -54.19
CA LEU G 102 21.44 12.75 -52.90
C LEU G 102 22.38 13.95 -53.05
N PRO G 103 22.08 15.11 -52.45
CA PRO G 103 23.09 16.14 -52.23
C PRO G 103 23.95 15.79 -51.01
N ILE G 104 25.20 16.24 -51.02
CA ILE G 104 26.19 16.05 -49.95
C ILE G 104 26.98 17.34 -49.73
N GLU G 105 27.39 17.62 -48.51
CA GLU G 105 28.45 18.59 -48.22
C GLU G 105 29.30 18.13 -47.04
N VAL G 106 30.44 18.79 -46.88
CA VAL G 106 31.43 18.45 -45.87
C VAL G 106 32.11 19.70 -45.32
N PHE G 107 32.50 19.65 -44.05
CA PHE G 107 33.23 20.68 -43.32
C PHE G 107 34.47 20.07 -42.67
N GLN G 108 35.47 20.89 -42.37
CA GLN G 108 36.70 20.46 -41.73
C GLN G 108 37.14 21.36 -40.57
N MET G 109 37.92 20.79 -39.66
CA MET G 109 38.66 21.49 -38.60
C MET G 109 40.02 20.81 -38.33
N GLY G 110 40.93 21.50 -37.64
CA GLY G 110 42.22 20.93 -37.24
C GLY G 110 42.76 21.46 -35.91
N TYR G 111 44.08 21.38 -35.74
CA TYR G 111 44.82 21.75 -34.53
C TYR G 111 45.91 22.74 -34.92
N ASP G 112 46.19 23.76 -34.10
CA ASP G 112 47.29 24.66 -34.42
C ASP G 112 48.66 24.05 -34.07
N LEU G 113 49.72 24.77 -34.39
CA LEU G 113 51.10 24.45 -34.04
C LEU G 113 51.83 25.78 -33.89
N ARG G 114 52.49 26.00 -32.78
CA ARG G 114 53.17 27.25 -32.45
C ARG G 114 54.57 26.95 -31.96
N HIS G 115 55.42 27.98 -31.93
CA HIS G 115 56.85 27.84 -31.66
C HIS G 115 57.26 28.65 -30.44
N TYR G 116 58.07 28.06 -29.56
CA TYR G 116 58.53 28.70 -28.33
C TYR G 116 60.03 28.49 -28.14
N ASP G 117 60.72 29.46 -27.56
CA ASP G 117 62.14 29.33 -27.26
C ASP G 117 62.62 30.15 -26.07
N LYS G 118 63.83 29.84 -25.60
CA LYS G 118 64.54 30.50 -24.50
C LYS G 118 66.02 30.57 -24.83
N ARG G 119 66.74 31.61 -24.43
CA ARG G 119 68.19 31.72 -24.62
C ARG G 119 68.89 31.67 -23.29
N ASN G 120 70.13 31.21 -23.26
CA ASN G 120 71.04 31.53 -22.17
C ASN G 120 72.39 31.95 -22.75
N ALA G 121 73.07 32.85 -22.06
CA ALA G 121 74.26 33.51 -22.56
C ALA G 121 75.23 33.76 -21.41
N TYR G 122 76.50 33.59 -21.66
CA TYR G 122 77.56 33.66 -20.66
C TYR G 122 78.70 34.49 -21.22
N SER G 123 79.29 35.38 -20.43
CA SER G 123 80.57 35.95 -20.83
C SER G 123 81.73 35.00 -20.55
N TRP G 124 82.85 35.17 -21.23
CA TRP G 124 84.06 34.38 -20.99
C TRP G 124 84.51 34.47 -19.54
N MET G 125 84.34 35.63 -18.88
CA MET G 125 84.67 35.79 -17.46
C MET G 125 83.77 34.96 -16.55
N PHE G 126 82.49 34.79 -16.86
CA PHE G 126 81.65 33.82 -16.16
C PHE G 126 82.18 32.41 -16.39
N LEU G 127 82.34 31.99 -17.64
CA LEU G 127 82.78 30.64 -17.96
C LEU G 127 84.18 30.30 -17.41
N ALA G 128 85.07 31.28 -17.24
CA ALA G 128 86.41 31.05 -16.72
C ALA G 128 86.40 30.55 -15.27
N ASP G 129 85.44 30.99 -14.45
CA ASP G 129 85.36 30.71 -13.02
C ASP G 129 84.15 29.88 -12.60
N ALA G 130 83.10 29.78 -13.41
CA ALA G 130 81.85 29.15 -12.97
C ALA G 130 81.97 27.69 -12.57
N ASP G 131 81.21 27.29 -11.55
CA ASP G 131 80.97 25.90 -11.21
C ASP G 131 79.88 25.34 -12.13
N GLY G 132 80.13 24.17 -12.73
CA GLY G 132 79.16 23.47 -13.57
C GLY G 132 77.83 23.24 -12.88
N ARG G 133 77.80 23.11 -11.55
CA ARG G 133 76.55 22.97 -10.79
C ARG G 133 75.64 24.20 -10.95
N GLN G 134 76.17 25.41 -11.15
CA GLN G 134 75.35 26.59 -11.36
C GLN G 134 74.66 26.61 -12.73
N VAL G 135 75.31 26.14 -13.79
CA VAL G 135 74.67 26.02 -15.10
C VAL G 135 73.71 24.85 -15.16
N GLU G 136 73.98 23.74 -14.46
CA GLU G 136 72.96 22.70 -14.32
C GLU G 136 71.74 23.19 -13.53
N ALA G 137 71.91 24.07 -12.55
CA ALA G 137 70.79 24.67 -11.86
C ALA G 137 69.91 25.52 -12.79
N ILE G 138 70.51 26.35 -13.64
CA ILE G 138 69.76 27.11 -14.65
C ILE G 138 69.09 26.17 -15.64
N HIS G 139 69.76 25.12 -16.11
CA HIS G 139 69.16 24.14 -17.01
C HIS G 139 67.89 23.53 -16.40
N ASP G 140 67.94 23.13 -15.13
CA ASP G 140 66.76 22.60 -14.45
C ASP G 140 65.62 23.61 -14.37
N ALA G 141 65.90 24.88 -14.07
CA ALA G 141 64.89 25.92 -14.07
C ALA G 141 64.22 26.10 -15.43
N VAL G 142 64.97 25.91 -16.51
CA VAL G 142 64.44 25.90 -17.88
C VAL G 142 63.56 24.68 -18.10
N LEU G 143 63.95 23.46 -17.70
CA LEU G 143 63.07 22.31 -17.85
C LEU G 143 61.74 22.47 -17.12
N TRP G 144 61.74 23.06 -15.93
CA TRP G 144 60.50 23.37 -15.23
C TRP G 144 59.65 24.37 -16.00
N ALA G 145 60.25 25.45 -16.51
CA ALA G 145 59.56 26.43 -17.32
C ALA G 145 58.94 25.85 -18.61
N ASP G 146 59.56 24.85 -19.21
CA ASP G 146 58.99 24.14 -20.35
C ASP G 146 57.72 23.39 -19.97
N LYS G 147 57.73 22.68 -18.83
CA LYS G 147 56.54 21.98 -18.35
C LYS G 147 55.41 22.94 -18.01
N ARG G 148 55.73 24.04 -17.34
CA ARG G 148 54.78 25.11 -17.02
C ARG G 148 54.16 25.71 -18.28
N LEU G 149 54.91 25.83 -19.38
CA LEU G 149 54.41 26.27 -20.69
C LEU G 149 53.45 25.25 -21.30
N VAL G 150 53.86 24.00 -21.45
CA VAL G 150 53.02 22.96 -22.07
C VAL G 150 51.72 22.80 -21.30
N PHE G 151 51.80 22.72 -19.99
CA PHE G 151 50.62 22.66 -19.15
C PHE G 151 49.71 23.86 -19.36
N ARG G 152 50.21 25.10 -19.31
CA ARG G 152 49.37 26.27 -19.53
C ARG G 152 48.62 26.16 -20.84
N LYS G 153 49.30 25.80 -21.92
CA LYS G 153 48.70 25.73 -23.25
C LYS G 153 47.66 24.62 -23.37
N VAL G 154 47.82 23.51 -22.67
CA VAL G 154 46.78 22.47 -22.57
C VAL G 154 45.54 22.98 -21.86
N MET G 155 45.66 23.69 -20.74
CA MET G 155 44.49 24.24 -20.05
C MET G 155 43.84 25.34 -20.87
N GLU G 156 44.64 26.20 -21.46
CA GLU G 156 44.23 27.30 -22.32
C GLU G 156 43.48 26.82 -23.56
N ALA G 157 43.82 25.66 -24.12
CA ALA G 157 43.08 25.06 -25.22
C ALA G 157 41.63 24.75 -24.87
N LEU G 158 41.36 24.48 -23.60
CA LEU G 158 40.06 24.08 -23.08
C LEU G 158 39.29 25.27 -22.50
N PHE G 159 39.94 26.11 -21.71
CA PHE G 159 39.34 27.28 -21.08
C PHE G 159 39.13 28.47 -22.02
N ASP G 160 40.05 28.78 -22.92
CA ASP G 160 39.90 29.94 -23.80
C ASP G 160 38.95 29.60 -24.95
N ASN G 161 37.74 30.15 -24.89
CA ASN G 161 36.65 29.79 -25.77
C ASN G 161 36.75 30.40 -27.18
N ARG G 162 37.76 31.21 -27.49
CA ARG G 162 37.90 31.80 -28.83
C ARG G 162 38.31 30.77 -29.89
N THR G 163 37.73 30.86 -31.07
CA THR G 163 38.14 30.11 -32.27
C THR G 163 39.48 30.61 -32.78
N ARG G 164 40.38 29.69 -33.10
CA ARG G 164 41.68 29.98 -33.71
C ARG G 164 41.67 29.60 -35.20
N ARG G 165 42.63 30.10 -35.96
CA ARG G 165 42.90 29.66 -37.34
C ARG G 165 44.31 29.10 -37.42
N ALA G 166 44.55 28.14 -38.30
CA ALA G 166 45.88 27.62 -38.55
C ALA G 166 46.11 27.34 -40.03
N ASN G 167 47.35 27.49 -40.47
CA ASN G 167 47.74 27.17 -41.84
C ASN G 167 48.37 25.78 -41.83
N ILE G 168 47.85 24.85 -42.62
CA ILE G 168 48.49 23.55 -42.89
C ILE G 168 48.55 23.40 -44.40
N ARG G 169 49.71 23.02 -44.98
CA ARG G 169 49.90 22.75 -46.43
C ARG G 169 49.27 23.82 -47.33
N ASN G 170 49.46 25.09 -46.96
CA ASN G 170 48.93 26.28 -47.63
C ASN G 170 47.40 26.47 -47.64
N GLN G 171 46.66 25.80 -46.75
CA GLN G 171 45.23 26.02 -46.49
C GLN G 171 45.02 26.57 -45.09
N ALA G 172 44.10 27.51 -44.93
CA ALA G 172 43.68 27.98 -43.62
C ALA G 172 42.49 27.15 -43.10
N TYR G 173 42.68 26.47 -41.98
CA TYR G 173 41.67 25.69 -41.27
C TYR G 173 41.15 26.46 -40.05
N ASN G 174 39.95 26.12 -39.59
CA ASN G 174 39.50 26.48 -38.24
C ASN G 174 40.10 25.53 -37.21
N VAL G 175 40.46 26.08 -36.07
CA VAL G 175 40.89 25.35 -34.87
C VAL G 175 39.95 25.74 -33.75
N TYR G 176 39.25 24.77 -33.19
CA TYR G 176 38.15 25.03 -32.28
C TYR G 176 38.45 24.62 -30.84
N PRO G 177 37.85 25.34 -29.87
CA PRO G 177 37.61 24.85 -28.52
C PRO G 177 36.32 24.01 -28.48
N LEU G 178 35.70 23.85 -27.30
CA LEU G 178 34.36 23.26 -27.17
C LEU G 178 33.33 24.11 -27.95
N TYR G 179 32.07 23.68 -28.07
CA TYR G 179 31.06 24.49 -28.76
C TYR G 179 30.95 25.88 -28.14
N ASN G 180 30.87 26.91 -28.97
CA ASN G 180 31.07 28.30 -28.55
C ASN G 180 30.02 29.27 -29.14
N GLY G 181 29.03 28.78 -29.87
CA GLY G 181 28.20 29.62 -30.72
C GLY G 181 28.95 30.11 -31.95
N ASP G 182 29.86 29.28 -32.46
CA ASP G 182 30.69 29.54 -33.62
C ASP G 182 31.11 28.22 -34.31
N GLY G 183 31.30 28.27 -35.62
CA GLY G 183 31.55 27.10 -36.47
C GLY G 183 30.28 26.39 -36.92
N VAL G 184 30.44 25.21 -37.53
CA VAL G 184 29.33 24.32 -37.89
C VAL G 184 28.56 23.91 -36.63
N PRO G 185 27.22 23.92 -36.60
CA PRO G 185 26.48 23.55 -35.41
C PRO G 185 26.65 22.07 -35.03
N PRO G 186 26.33 21.69 -33.79
CA PRO G 186 26.26 20.29 -33.42
C PRO G 186 25.25 19.54 -34.29
N PRO G 187 25.48 18.26 -34.62
CA PRO G 187 24.49 17.45 -35.31
C PRO G 187 23.17 17.34 -34.54
N ARG G 188 22.07 17.19 -35.27
CA ARG G 188 20.78 16.76 -34.70
C ARG G 188 20.94 15.39 -34.05
N PHE G 189 20.39 15.21 -32.86
CA PHE G 189 20.37 13.93 -32.16
C PHE G 189 19.01 13.73 -31.48
N LYS G 190 18.24 12.73 -31.91
CA LYS G 190 16.94 12.33 -31.31
C LYS G 190 16.08 13.54 -30.90
N ASN G 191 15.69 14.33 -31.87
CA ASN G 191 14.86 15.53 -31.69
C ASN G 191 15.54 16.70 -30.94
N ASN G 192 16.77 16.59 -30.43
CA ASN G 192 17.60 17.76 -30.11
C ASN G 192 18.15 18.36 -31.39
N VAL G 193 17.91 19.65 -31.58
CA VAL G 193 18.32 20.46 -32.73
C VAL G 193 19.00 21.70 -32.19
N PHE G 194 20.08 22.15 -32.85
CA PHE G 194 20.96 23.18 -32.32
C PHE G 194 21.18 24.34 -33.28
N ASP G 195 21.15 25.56 -32.75
CA ASP G 195 21.49 26.79 -33.48
C ASP G 195 22.99 26.91 -33.76
N GLU G 196 23.39 27.78 -34.68
CA GLU G 196 24.79 28.21 -34.81
C GLU G 196 25.32 28.90 -33.55
N THR G 197 24.42 29.41 -32.69
CA THR G 197 24.73 30.10 -31.42
C THR G 197 24.88 29.14 -30.23
N HIS G 198 24.68 27.83 -30.40
CA HIS G 198 24.78 26.86 -29.31
C HIS G 198 26.18 26.80 -28.70
N SER G 199 26.28 26.86 -27.37
CA SER G 199 27.56 26.97 -26.64
C SER G 199 27.65 26.06 -25.42
N HIS G 200 28.86 25.55 -25.15
CA HIS G 200 29.24 24.84 -23.93
C HIS G 200 30.09 25.66 -22.94
N TYR G 201 30.26 26.95 -23.16
CA TYR G 201 30.80 27.89 -22.19
C TYR G 201 29.64 28.70 -21.63
N VAL G 202 29.38 28.61 -20.33
CA VAL G 202 28.13 29.04 -19.72
C VAL G 202 28.34 29.63 -18.34
N ILE G 203 27.35 30.33 -17.79
CA ILE G 203 27.39 30.82 -16.41
C ILE G 203 26.30 30.20 -15.55
N SER G 204 26.52 30.13 -14.23
CA SER G 204 25.52 29.68 -13.25
C SER G 204 24.33 30.63 -13.09
N HIS G 205 24.47 31.90 -13.47
CA HIS G 205 23.54 32.98 -13.13
C HIS G 205 23.38 33.26 -11.63
N ASN G 206 24.26 32.73 -10.77
CA ASN G 206 24.24 32.94 -9.33
C ASN G 206 25.67 32.95 -8.77
N SER G 207 25.93 33.70 -7.71
CA SER G 207 27.29 33.90 -7.17
C SER G 207 27.89 32.71 -6.44
N VAL G 208 27.09 31.71 -6.10
CA VAL G 208 27.49 30.49 -5.38
C VAL G 208 26.96 29.27 -6.13
N VAL G 209 27.68 28.15 -6.12
CA VAL G 209 27.29 26.95 -6.85
C VAL G 209 26.02 26.28 -6.29
N ASP G 210 25.10 25.89 -7.15
CA ASP G 210 23.92 25.08 -6.81
C ASP G 210 24.12 23.60 -7.12
N SER G 211 23.28 22.74 -6.55
CA SER G 211 22.97 21.47 -7.19
C SER G 211 22.49 21.61 -8.64
N SER G 212 21.73 22.66 -8.96
CA SER G 212 21.25 22.95 -10.31
C SER G 212 22.38 22.97 -11.29
N ASP G 213 23.51 23.54 -10.91
CA ASP G 213 24.60 23.79 -11.80
C ASP G 213 25.19 22.48 -12.29
N LEU G 214 25.36 21.50 -11.41
CA LEU G 214 25.86 20.19 -11.83
C LEU G 214 24.85 19.46 -12.71
N GLU G 215 23.57 19.70 -12.50
CA GLU G 215 22.48 19.10 -13.27
C GLU G 215 22.36 19.74 -14.66
N ASP G 216 22.52 21.06 -14.75
CA ASP G 216 22.54 21.81 -16.00
C ASP G 216 23.80 21.47 -16.82
N LEU G 217 24.96 21.44 -16.18
CA LEU G 217 26.23 21.10 -16.82
C LEU G 217 26.21 19.71 -17.44
N MET G 218 25.54 18.75 -16.81
CA MET G 218 25.40 17.40 -17.36
C MET G 218 24.54 17.39 -18.61
N GLU G 219 23.47 18.17 -18.65
CA GLU G 219 22.60 18.23 -19.81
C GLU G 219 23.35 18.77 -21.04
N LEU G 220 24.35 19.63 -20.87
CA LEU G 220 25.19 20.05 -21.98
C LEU G 220 25.94 18.89 -22.63
N LEU G 221 26.33 17.85 -21.90
CA LEU G 221 26.92 16.69 -22.55
C LEU G 221 25.83 15.79 -23.09
N ALA G 222 24.79 15.54 -22.28
CA ALA G 222 23.74 14.59 -22.60
C ALA G 222 22.91 14.96 -23.83
N GLU G 223 22.75 16.25 -24.13
CA GLU G 223 21.97 16.72 -25.28
C GLU G 223 22.52 16.25 -26.64
N HIS G 224 23.77 15.79 -26.73
CA HIS G 224 24.39 15.29 -27.95
C HIS G 224 24.49 13.76 -28.01
N GLY G 225 23.84 13.06 -27.08
CA GLY G 225 24.15 11.66 -26.79
C GLY G 225 25.10 11.65 -25.60
N TYR G 226 26.27 11.01 -25.70
CA TYR G 226 27.32 11.11 -24.68
C TYR G 226 26.86 10.85 -23.23
N SER G 227 25.83 10.04 -23.05
CA SER G 227 25.01 10.02 -21.84
C SER G 227 25.34 8.86 -20.90
N PRO G 228 24.81 8.85 -19.67
CA PRO G 228 25.00 7.78 -18.73
C PRO G 228 24.47 6.44 -19.23
N GLN G 229 23.28 6.43 -19.84
CA GLN G 229 22.70 5.23 -20.47
C GLN G 229 23.44 4.78 -21.74
N ALA G 230 24.13 5.69 -22.42
CA ALA G 230 25.07 5.34 -23.47
C ALA G 230 26.40 4.76 -22.93
N GLY G 231 26.61 4.68 -21.61
CA GLY G 231 27.81 4.15 -20.98
C GLY G 231 28.94 5.16 -20.82
N THR G 232 28.71 6.45 -21.09
CA THR G 232 29.74 7.48 -20.90
C THR G 232 30.00 7.66 -19.43
N GLN G 233 31.26 7.50 -19.02
CA GLN G 233 31.71 7.85 -17.67
C GLN G 233 32.03 9.34 -17.63
N PHE G 234 31.87 9.98 -16.48
CA PHE G 234 32.01 11.44 -16.36
C PHE G 234 32.93 11.82 -15.22
N LEU G 235 33.58 12.94 -15.37
CA LEU G 235 34.48 13.56 -14.43
C LEU G 235 34.12 15.02 -14.26
N LEU G 236 34.04 15.50 -13.03
CA LEU G 236 33.91 16.92 -12.72
C LEU G 236 35.16 17.38 -11.98
N LEU G 237 35.94 18.24 -12.60
CA LEU G 237 37.10 18.86 -11.99
C LEU G 237 36.66 20.19 -11.39
N ALA G 238 36.99 20.44 -10.13
CA ALA G 238 36.57 21.65 -9.47
C ALA G 238 37.64 22.11 -8.46
N ASN G 239 37.73 23.41 -8.27
CA ASN G 239 38.50 23.98 -7.19
C ASN G 239 37.93 23.55 -5.83
N LYS G 240 38.76 23.49 -4.78
CA LYS G 240 38.29 23.21 -3.42
C LYS G 240 37.10 24.06 -3.01
N ALA G 241 37.10 25.34 -3.36
CA ALA G 241 36.02 26.25 -3.00
C ALA G 241 34.64 25.82 -3.52
N GLU G 242 34.56 25.14 -4.65
CA GLU G 242 33.31 24.55 -5.12
C GLU G 242 33.06 23.20 -4.49
N THR G 243 34.07 22.34 -4.36
CA THR G 243 33.87 21.01 -3.79
C THR G 243 33.39 21.08 -2.34
N ASP G 244 33.84 22.05 -1.56
CA ASP G 244 33.37 22.31 -0.20
C ASP G 244 31.88 22.58 -0.10
N ALA G 245 31.26 23.15 -1.13
CA ALA G 245 29.82 23.30 -1.20
C ALA G 245 29.17 22.04 -1.74
N ILE G 246 29.71 21.41 -2.78
CA ILE G 246 29.13 20.20 -3.37
C ILE G 246 29.08 19.04 -2.38
N ARG G 247 30.07 18.93 -1.49
CA ARG G 247 30.10 17.92 -0.40
C ARG G 247 28.85 17.94 0.47
N GLN G 248 28.19 19.09 0.57
CA GLN G 248 27.03 19.31 1.42
C GLN G 248 25.70 19.01 0.74
N PHE G 249 25.67 18.61 -0.53
CA PHE G 249 24.43 18.35 -1.25
C PHE G 249 23.77 17.04 -0.80
N ARG G 250 22.53 17.15 -0.34
CA ARG G 250 21.68 16.03 0.10
C ARG G 250 20.40 15.98 -0.68
N ARG G 251 20.01 14.79 -1.12
CA ARG G 251 18.85 14.54 -1.97
C ARG G 251 17.58 15.15 -1.40
N GLY G 252 16.88 15.94 -2.19
CA GLY G 252 15.61 16.55 -1.79
C GLY G 252 15.72 17.67 -0.77
N VAL G 253 16.93 18.09 -0.38
CA VAL G 253 17.19 19.20 0.57
C VAL G 253 17.55 20.45 -0.21
N VAL G 254 17.08 21.61 0.22
CA VAL G 254 17.48 22.90 -0.36
C VAL G 254 18.94 23.20 0.00
N ASN G 255 19.75 23.53 -1.01
CA ASN G 255 21.09 24.08 -0.87
C ASN G 255 21.07 25.58 -1.23
N ASN G 256 22.04 26.08 -1.99
CA ASN G 256 22.18 27.50 -2.31
C ASN G 256 21.17 27.99 -3.34
N ASN G 257 20.86 29.30 -3.30
CA ASN G 257 19.97 29.98 -4.23
C ASN G 257 18.57 29.36 -4.38
N GLY G 258 18.11 28.62 -3.38
CA GLY G 258 16.85 27.88 -3.41
C GLY G 258 16.84 26.64 -4.31
N ALA G 259 17.97 26.16 -4.78
CA ALA G 259 18.05 24.91 -5.52
C ALA G 259 17.80 23.71 -4.57
N THR G 260 16.92 22.79 -4.94
CA THR G 260 16.85 21.47 -4.32
C THR G 260 17.84 20.53 -5.02
N ALA G 261 18.53 19.65 -4.30
CA ALA G 261 19.44 18.70 -4.93
C ALA G 261 18.70 17.47 -5.45
N GLY G 262 18.92 17.09 -6.70
CA GLY G 262 18.35 15.85 -7.23
C GLY G 262 18.98 14.57 -6.68
N TYR G 263 20.17 14.67 -6.08
CA TYR G 263 20.98 13.53 -5.66
C TYR G 263 21.69 13.82 -4.34
N ASP G 264 22.15 12.78 -3.66
CA ASP G 264 23.12 12.90 -2.56
C ASP G 264 24.54 13.01 -3.10
N PHE G 265 25.40 13.78 -2.43
CA PHE G 265 26.84 13.58 -2.57
C PHE G 265 27.25 12.26 -1.89
N ILE G 266 27.80 11.32 -2.65
CA ILE G 266 28.28 10.05 -2.11
C ILE G 266 29.80 10.13 -2.00
N PRO G 267 30.39 10.07 -0.79
CA PRO G 267 31.83 10.03 -0.62
C PRO G 267 32.44 8.75 -1.16
N SER G 268 33.69 8.83 -1.60
CA SER G 268 34.49 7.67 -2.00
C SER G 268 35.13 6.99 -0.78
N PRO G 269 35.73 5.79 -0.93
CA PRO G 269 36.31 5.04 0.18
C PRO G 269 37.43 5.72 0.97
N THR G 270 38.05 6.79 0.46
CA THR G 270 39.15 7.50 1.12
C THR G 270 38.70 8.54 2.14
N GLN G 271 37.44 8.95 2.09
CA GLN G 271 36.94 10.09 2.87
C GLN G 271 36.77 9.74 4.35
N PRO G 272 36.85 10.72 5.27
CA PRO G 272 36.56 10.47 6.68
C PRO G 272 35.10 10.03 6.86
N ALA G 273 34.86 9.14 7.83
CA ALA G 273 33.51 8.72 8.20
C ALA G 273 32.72 9.88 8.84
N MET G 274 31.55 10.21 8.31
CA MET G 274 30.74 11.33 8.78
C MET G 274 29.33 10.91 9.20
N MET G 275 28.91 11.36 10.37
CA MET G 275 27.60 11.14 10.95
C MET G 275 26.56 12.07 10.31
N LEU G 276 26.11 11.70 9.12
CA LEU G 276 25.05 12.40 8.38
C LEU G 276 23.65 12.06 8.92
N PRO G 277 22.73 13.02 8.98
CA PRO G 277 21.34 12.76 9.30
C PRO G 277 20.65 12.00 8.16
N ASN G 278 19.57 11.27 8.46
CA ASN G 278 18.73 10.59 7.47
C ASN G 278 19.52 9.70 6.49
N ALA G 279 20.57 9.04 6.95
CA ALA G 279 21.48 8.28 6.12
C ALA G 279 22.00 7.03 6.84
N GLU G 280 21.13 6.04 7.01
CA GLU G 280 21.50 4.77 7.63
C GLU G 280 22.03 3.74 6.64
N GLY G 281 21.72 3.86 5.35
CA GLY G 281 22.23 2.95 4.36
C GLY G 281 22.42 3.55 2.99
N LEU G 282 23.32 2.93 2.23
CA LEU G 282 23.66 3.33 0.88
C LEU G 282 23.09 2.31 -0.11
N LEU G 283 22.26 2.81 -1.03
CA LEU G 283 21.74 2.07 -2.18
C LEU G 283 22.73 2.25 -3.33
N GLY G 284 23.38 1.17 -3.75
CA GLY G 284 24.41 1.18 -4.78
C GLY G 284 25.83 1.42 -4.25
N ASN G 285 26.80 1.48 -5.16
CA ASN G 285 28.21 1.60 -4.80
C ASN G 285 28.66 3.03 -4.51
N GLN G 286 29.71 3.15 -3.70
CA GLN G 286 30.52 4.36 -3.63
C GLN G 286 31.34 4.53 -4.90
N PRO G 287 31.59 5.76 -5.37
CA PRO G 287 32.50 5.99 -6.48
C PRO G 287 33.90 5.48 -6.15
N ALA G 288 34.57 4.90 -7.13
CA ALA G 288 35.93 4.39 -6.98
C ALA G 288 36.90 5.50 -6.53
N PRO G 289 37.94 5.20 -5.74
CA PRO G 289 38.75 6.22 -5.09
C PRO G 289 39.57 7.09 -6.05
N THR G 290 39.85 6.63 -7.27
CA THR G 290 40.61 7.36 -8.29
C THR G 290 39.98 7.26 -9.68
N PHE G 291 40.17 8.30 -10.49
CA PHE G 291 39.76 8.34 -11.91
C PHE G 291 40.97 8.72 -12.77
N GLY G 292 41.41 7.84 -13.67
CA GLY G 292 42.76 7.94 -14.22
C GLY G 292 43.78 7.88 -13.08
N GLY G 293 44.58 8.92 -12.92
CA GLY G 293 45.46 9.07 -11.76
C GLY G 293 44.95 10.03 -10.68
N LEU G 294 43.84 10.72 -10.91
CA LEU G 294 43.33 11.77 -10.02
C LEU G 294 42.53 11.17 -8.86
N ALA G 295 42.58 11.77 -7.68
CA ALA G 295 41.86 11.30 -6.51
C ALA G 295 40.41 11.83 -6.48
N VAL G 296 39.44 10.91 -6.54
CA VAL G 296 38.01 11.22 -6.48
C VAL G 296 37.56 11.39 -5.05
N ILE G 297 36.96 12.52 -4.71
CA ILE G 297 36.39 12.75 -3.38
C ILE G 297 35.04 12.08 -3.22
N GLY G 298 34.27 11.93 -4.29
CA GLY G 298 32.91 11.43 -4.24
C GLY G 298 32.18 11.64 -5.55
N SER G 299 30.86 11.46 -5.56
CA SER G 299 30.03 11.58 -6.76
C SER G 299 28.72 12.29 -6.49
N TYR G 300 28.11 12.83 -7.53
CA TYR G 300 26.81 13.49 -7.48
C TYR G 300 26.09 13.21 -8.79
N GLY G 301 24.97 12.51 -8.73
CA GLY G 301 24.45 11.83 -9.92
C GLY G 301 25.55 10.96 -10.53
N PHE G 302 25.75 11.09 -11.83
CA PHE G 302 26.78 10.36 -12.54
C PHE G 302 28.18 11.01 -12.51
N TRP G 303 28.33 12.25 -12.06
CA TRP G 303 29.65 12.89 -11.97
C TRP G 303 30.56 12.20 -10.96
N ASN G 304 31.79 11.85 -11.32
CA ASN G 304 32.86 11.58 -10.35
C ASN G 304 33.58 12.91 -10.08
N ILE G 305 33.64 13.37 -8.83
CA ILE G 305 34.12 14.71 -8.48
C ILE G 305 35.56 14.62 -8.01
N VAL G 306 36.40 15.46 -8.58
CA VAL G 306 37.81 15.60 -8.25
C VAL G 306 38.07 17.03 -7.79
N GLU G 307 38.71 17.17 -6.63
CA GLU G 307 39.26 18.44 -6.20
C GLU G 307 40.60 18.67 -6.88
N GLU G 308 40.78 19.83 -7.50
CA GLU G 308 42.02 20.18 -8.17
C GLU G 308 42.23 21.68 -8.16
N ASP G 309 43.23 22.14 -7.41
CA ASP G 309 43.58 23.55 -7.29
C ASP G 309 44.09 24.20 -8.58
N TYR G 310 44.49 23.44 -9.59
CA TYR G 310 44.73 23.99 -10.92
C TYR G 310 43.45 24.39 -11.66
N ILE G 311 42.27 23.97 -11.22
CA ILE G 311 41.03 24.60 -11.66
C ILE G 311 40.84 25.89 -10.85
N PRO G 312 40.66 27.07 -11.46
CA PRO G 312 40.52 28.31 -10.70
C PRO G 312 39.24 28.30 -9.86
N PRO G 313 39.18 29.03 -8.74
CA PRO G 313 37.95 29.19 -7.99
C PRO G 313 36.86 29.82 -8.84
N GLY G 314 35.66 29.29 -8.76
CA GLY G 314 34.50 29.77 -9.51
C GLY G 314 34.31 29.12 -10.88
N TYR G 315 35.00 28.03 -11.22
CA TYR G 315 34.86 27.33 -12.49
C TYR G 315 34.61 25.85 -12.26
N LEU G 316 33.65 25.28 -13.00
CA LEU G 316 33.39 23.85 -13.04
C LEU G 316 33.74 23.31 -14.43
N VAL G 317 34.47 22.20 -14.50
CA VAL G 317 34.87 21.59 -15.78
C VAL G 317 34.39 20.16 -15.83
N GLY G 318 33.34 19.92 -16.60
CA GLY G 318 32.75 18.61 -16.76
C GLY G 318 33.25 17.97 -18.05
N VAL G 319 33.75 16.74 -17.99
CA VAL G 319 34.30 16.00 -19.12
C VAL G 319 33.73 14.59 -19.18
N GLY G 320 33.31 14.13 -20.34
CA GLY G 320 32.87 12.75 -20.57
C GLY G 320 33.94 11.87 -21.21
N TYR G 321 33.95 10.59 -20.90
CA TYR G 321 34.88 9.57 -21.38
C TYR G 321 34.13 8.31 -21.78
N GLY G 322 34.54 7.64 -22.85
CA GLY G 322 33.96 6.38 -23.28
C GLY G 322 32.49 6.45 -23.71
N GLY G 323 31.76 5.37 -23.52
CA GLY G 323 30.36 5.23 -23.94
C GLY G 323 30.21 4.88 -25.42
N ALA G 324 28.98 4.83 -25.94
CA ALA G 324 28.70 4.38 -27.29
C ALA G 324 29.33 5.25 -28.38
N PHE G 325 29.45 6.55 -28.12
CA PHE G 325 30.17 7.51 -28.97
C PHE G 325 31.69 7.50 -28.80
N ASN G 326 32.19 6.74 -27.82
CA ASN G 326 33.60 6.57 -27.54
C ASN G 326 34.35 7.89 -27.34
N LEU G 327 33.88 8.72 -26.41
CA LEU G 327 34.57 9.97 -26.10
C LEU G 327 36.00 9.73 -25.63
N GLY G 328 36.96 10.40 -26.26
CA GLY G 328 38.35 10.41 -25.83
C GLY G 328 38.65 11.54 -24.85
N ASN G 329 39.93 11.77 -24.58
CA ASN G 329 40.40 12.93 -23.84
C ASN G 329 40.15 14.21 -24.67
N PRO G 330 39.77 15.36 -24.09
CA PRO G 330 39.22 16.47 -24.87
C PRO G 330 40.18 17.21 -25.80
N VAL G 331 41.47 17.33 -25.46
CA VAL G 331 42.40 18.20 -26.18
C VAL G 331 43.39 17.39 -26.98
N GLY G 332 43.45 17.61 -28.29
CA GLY G 332 44.48 17.01 -29.13
C GLY G 332 45.73 17.85 -29.05
N LEU G 333 46.88 17.21 -28.86
CA LEU G 333 48.18 17.85 -28.79
C LEU G 333 49.01 17.54 -30.05
N ARG G 334 49.28 18.56 -30.86
CA ARG G 334 49.93 18.43 -32.19
C ARG G 334 51.39 18.82 -32.10
N GLN G 335 52.28 18.00 -32.64
CA GLN G 335 53.71 18.29 -32.76
C GLN G 335 54.12 18.49 -34.23
N HIS G 336 55.28 19.11 -34.46
CA HIS G 336 55.86 19.25 -35.79
C HIS G 336 56.10 17.90 -36.46
N ALA G 337 56.03 17.85 -37.79
CA ALA G 337 56.16 16.64 -38.57
C ALA G 337 57.56 15.99 -38.51
N ASN G 338 58.65 16.77 -38.52
CA ASN G 338 60.02 16.26 -38.50
C ASN G 338 60.38 15.73 -37.10
N PRO G 339 60.78 14.45 -36.92
CA PRO G 339 61.17 13.93 -35.60
C PRO G 339 62.29 14.72 -34.94
N ALA G 340 63.20 15.31 -35.72
CA ALA G 340 64.25 16.15 -35.18
C ALA G 340 63.72 17.41 -34.48
N MET G 341 62.50 17.86 -34.82
CA MET G 341 61.81 19.00 -34.22
C MET G 341 60.81 18.65 -33.12
N GLN G 342 60.66 17.37 -32.76
CA GLN G 342 59.74 16.96 -31.69
C GLN G 342 60.41 17.02 -30.31
N GLY G 343 59.65 17.30 -29.25
CA GLY G 343 60.18 17.45 -27.90
C GLY G 343 60.85 18.80 -27.65
N LEU G 344 61.37 19.01 -26.44
CA LEU G 344 62.27 20.12 -26.12
C LEU G 344 63.66 19.86 -26.71
N ARG G 345 64.25 20.87 -27.34
CA ARG G 345 65.51 20.77 -28.09
C ARG G 345 66.49 21.83 -27.65
N ILE G 346 67.76 21.48 -27.62
CA ILE G 346 68.88 22.39 -27.38
C ILE G 346 69.56 22.68 -28.71
N ILE G 347 69.77 23.96 -29.02
CA ILE G 347 70.29 24.46 -30.29
C ILE G 347 71.54 25.30 -30.02
N ALA G 348 72.55 25.21 -30.86
CA ALA G 348 73.79 25.96 -30.71
C ALA G 348 73.59 27.48 -30.90
N GLY G 349 74.44 28.29 -30.28
CA GLY G 349 74.32 29.75 -30.29
C GLY G 349 74.72 30.42 -31.59
N ASN G 350 74.50 31.73 -31.65
CA ASN G 350 75.14 32.58 -32.66
C ASN G 350 76.49 33.08 -32.17
N TYR G 351 76.63 33.27 -30.85
CA TYR G 351 77.86 33.62 -30.19
C TYR G 351 78.47 32.33 -29.68
N GLN G 352 79.67 32.00 -30.13
CA GLN G 352 80.24 30.67 -29.93
C GLN G 352 81.69 30.68 -29.45
N ARG G 353 82.34 31.85 -29.36
CA ARG G 353 83.80 31.96 -29.19
C ARG G 353 84.22 32.81 -27.98
N TYR G 354 84.30 34.11 -28.18
CA TYR G 354 84.82 35.11 -27.25
C TYR G 354 84.41 36.49 -27.76
N PRO G 355 83.97 37.44 -26.93
CA PRO G 355 83.86 37.36 -25.49
C PRO G 355 82.60 36.65 -24.97
N LEU G 356 81.61 36.34 -25.80
CA LEU G 356 80.37 35.69 -25.37
C LEU G 356 80.22 34.30 -25.94
N VAL G 357 79.48 33.46 -25.22
CA VAL G 357 78.86 32.25 -25.73
C VAL G 357 77.37 32.32 -25.44
N ASP G 358 76.51 31.87 -26.36
CA ASP G 358 75.07 31.71 -26.13
C ASP G 358 74.54 30.38 -26.67
N GLY G 359 73.29 30.08 -26.37
CA GLY G 359 72.60 28.90 -26.84
C GLY G 359 71.09 29.02 -26.64
N PHE G 360 70.31 28.19 -27.33
CA PHE G 360 68.86 28.24 -27.28
C PHE G 360 68.25 26.92 -26.88
N TYR G 361 67.12 26.99 -26.20
CA TYR G 361 66.15 25.92 -26.04
C TYR G 361 64.95 26.24 -26.92
N ALA G 362 64.37 25.27 -27.60
CA ALA G 362 63.09 25.46 -28.30
C ALA G 362 62.18 24.24 -28.20
N ARG G 363 60.88 24.48 -28.35
CA ARG G 363 59.83 23.47 -28.51
C ARG G 363 58.77 24.03 -29.45
N SER G 364 58.16 23.18 -30.28
CA SER G 364 56.96 23.55 -31.01
C SER G 364 55.87 22.52 -30.84
N PHE G 365 54.67 22.98 -30.52
CA PHE G 365 53.48 22.18 -30.34
C PHE G 365 52.24 23.06 -30.43
N GLY G 366 51.07 22.48 -30.57
CA GLY G 366 49.82 23.20 -30.57
C GLY G 366 48.66 22.29 -30.25
N THR G 367 47.45 22.80 -30.34
CA THR G 367 46.27 22.18 -29.76
C THR G 367 44.99 22.45 -30.52
N GLY G 368 43.98 21.62 -30.29
CA GLY G 368 42.61 21.80 -30.78
C GLY G 368 41.66 20.81 -30.12
N VAL G 369 40.36 20.99 -30.30
CA VAL G 369 39.34 20.09 -29.78
C VAL G 369 38.66 19.36 -30.93
N ARG G 370 38.62 18.03 -30.88
CA ARG G 370 38.00 17.17 -31.91
C ARG G 370 36.50 16.92 -31.67
N GLN G 371 36.12 16.64 -30.43
CA GLN G 371 34.77 16.27 -30.00
C GLN G 371 34.19 17.42 -29.18
N ARG G 372 33.78 18.50 -29.87
CA ARG G 372 33.43 19.78 -29.26
C ARG G 372 32.29 19.75 -28.25
N GLY G 373 31.50 18.69 -28.19
CA GLY G 373 30.44 18.53 -27.21
C GLY G 373 30.79 17.68 -25.97
N GLY G 374 31.93 16.98 -25.97
CA GLY G 374 32.29 16.01 -24.93
C GLY G 374 32.80 16.60 -23.61
N ALA G 375 32.80 17.92 -23.47
CA ALA G 375 33.05 18.63 -22.23
C ALA G 375 32.32 19.98 -22.23
N ALA G 376 32.21 20.59 -21.06
CA ALA G 376 31.66 21.93 -20.89
C ALA G 376 32.31 22.63 -19.70
N ILE G 377 32.24 23.94 -19.67
CA ILE G 377 32.75 24.76 -18.57
C ILE G 377 31.67 25.71 -18.10
N MET G 378 31.44 25.75 -16.79
CA MET G 378 30.60 26.77 -16.17
C MET G 378 31.42 27.70 -15.31
N GLN G 379 31.19 29.00 -15.44
CA GLN G 379 31.70 29.99 -14.52
C GLN G 379 30.60 30.39 -13.55
N ILE G 380 30.84 30.27 -12.25
CA ILE G 380 29.87 30.68 -11.24
C ILE G 380 29.90 32.20 -11.07
N LYS G 381 28.91 32.89 -11.62
CA LYS G 381 28.72 34.34 -11.49
C LYS G 381 27.27 34.73 -11.71
N ALA G 382 26.87 35.90 -11.24
CA ALA G 382 25.50 36.37 -11.29
C ALA G 382 25.00 36.68 -12.73
N SER G 383 25.79 37.38 -13.53
CA SER G 383 25.36 37.89 -14.84
C SER G 383 26.53 38.28 -15.74
N GLY G 384 26.26 38.46 -17.04
CA GLY G 384 27.28 38.74 -18.05
C GLY G 384 27.88 37.48 -18.68
N ALA G 385 28.69 37.65 -19.73
CA ALA G 385 29.22 36.53 -20.50
C ALA G 385 30.24 35.70 -19.71
N TYR G 386 30.49 34.46 -20.16
CA TYR G 386 31.60 33.66 -19.69
C TYR G 386 32.94 34.38 -19.92
N GLU G 387 33.81 34.39 -18.92
CA GLU G 387 35.18 34.87 -19.05
C GLU G 387 36.13 33.69 -18.98
N CYS G 388 37.04 33.56 -19.93
CA CYS G 388 38.19 32.71 -19.72
C CYS G 388 38.96 33.24 -18.50
N PRO G 389 39.35 32.39 -17.54
CA PRO G 389 40.11 32.81 -16.37
C PRO G 389 41.48 33.34 -16.77
N PRO G 390 41.98 34.46 -16.23
CA PRO G 390 43.21 35.11 -16.71
C PRO G 390 44.44 34.22 -16.66
N ILE G 391 44.48 33.27 -15.72
CA ILE G 391 45.51 32.25 -15.58
C ILE G 391 45.64 31.35 -16.82
N TYR G 392 44.59 31.20 -17.62
CA TYR G 392 44.56 30.37 -18.82
C TYR G 392 44.11 31.09 -20.09
N LYS G 393 43.96 32.42 -20.08
CA LYS G 393 43.66 33.19 -21.30
C LYS G 393 44.92 33.33 -22.17
N LYS G 394 44.81 33.18 -23.49
CA LYS G 394 45.95 33.10 -24.43
C LYS G 394 46.94 34.26 -24.41
N GLY G 395 46.48 35.48 -24.16
CA GLY G 395 47.34 36.65 -24.06
C GLY G 395 48.20 36.75 -22.80
N GLY G 396 47.94 35.95 -21.77
CA GLY G 396 48.37 36.27 -20.40
C GLY G 396 49.81 35.92 -20.05
N GLY G 397 50.47 35.05 -20.80
CA GLY G 397 51.88 34.67 -20.59
C GLY G 397 52.19 33.23 -20.95
N PHE G 398 53.32 32.72 -20.46
CA PHE G 398 53.88 31.41 -20.84
C PHE G 398 54.12 30.48 -19.64
N LEU G 399 53.65 30.87 -18.46
CA LEU G 399 53.65 30.10 -17.22
C LEU G 399 52.24 30.10 -16.63
N VAL G 400 51.90 29.11 -15.80
CA VAL G 400 50.68 29.14 -15.00
C VAL G 400 50.69 30.29 -14.00
N THR H 20 64.78 17.78 51.69
CA THR H 20 63.35 17.93 52.06
C THR H 20 62.98 19.34 52.47
N ALA H 21 63.38 19.85 53.63
CA ALA H 21 63.08 21.23 54.01
C ALA H 21 63.79 22.22 53.06
N PRO H 22 63.18 23.35 52.69
CA PRO H 22 63.82 24.36 51.87
C PRO H 22 64.76 25.26 52.70
N VAL H 23 65.80 24.66 53.31
CA VAL H 23 66.84 25.38 54.06
C VAL H 23 68.22 24.98 53.58
N ARG H 24 69.11 25.97 53.43
CA ARG H 24 70.42 25.77 52.81
C ARG H 24 71.53 26.23 53.72
N GLN H 25 72.15 25.29 54.41
CA GLN H 25 73.39 25.53 55.14
C GLN H 25 74.54 25.68 54.14
N GLU H 26 75.19 26.84 54.13
CA GLU H 26 76.34 27.12 53.30
C GLU H 26 77.49 27.54 54.23
N GLY H 27 78.69 26.99 54.11
CA GLY H 27 79.86 27.38 54.90
C GLY H 27 80.83 26.24 55.17
N ILE H 28 81.93 26.48 55.89
CA ILE H 28 82.85 25.42 56.32
C ILE H 28 82.16 24.56 57.39
N MET H 29 82.22 23.25 57.26
CA MET H 29 81.75 22.30 58.27
C MET H 29 82.72 22.26 59.45
N THR H 30 82.36 22.90 60.54
CA THR H 30 83.14 22.89 61.78
C THR H 30 82.68 21.76 62.69
N GLN H 31 83.40 21.51 63.79
CA GLN H 31 82.77 20.85 64.93
C GLN H 31 81.51 21.64 65.33
N GLY H 32 80.54 21.00 65.96
CA GLY H 32 79.23 21.61 66.18
C GLY H 32 78.32 21.52 64.95
N ASP H 33 78.84 21.24 63.76
CA ASP H 33 78.07 20.77 62.61
C ASP H 33 78.07 19.23 62.48
N LEU H 34 78.71 18.53 63.42
CA LEU H 34 78.74 17.08 63.52
C LEU H 34 77.37 16.52 63.87
N VAL H 35 77.04 15.36 63.30
CA VAL H 35 75.88 14.56 63.66
C VAL H 35 76.36 13.27 64.29
N THR H 36 75.79 12.91 65.44
CA THR H 36 76.24 11.80 66.29
C THR H 36 75.07 11.02 66.87
N VAL H 37 75.30 9.84 67.42
CA VAL H 37 74.26 9.07 68.15
C VAL H 37 73.70 9.90 69.30
N THR H 38 72.38 10.09 69.33
CA THR H 38 71.73 10.97 70.32
C THR H 38 71.57 10.29 71.69
N SER H 39 71.16 11.04 72.71
CA SER H 39 70.95 10.53 74.07
C SER H 39 69.83 9.49 74.20
N ASP H 40 68.82 9.57 73.33
CA ASP H 40 67.81 8.51 73.13
C ASP H 40 68.36 7.25 72.42
N GLY H 41 69.62 7.24 72.00
CA GLY H 41 70.27 6.10 71.32
C GLY H 41 69.95 5.99 69.83
N ILE H 42 69.18 6.93 69.26
CA ILE H 42 68.96 6.97 67.81
C ILE H 42 70.29 7.27 67.10
N ASP H 43 70.71 6.39 66.21
CA ASP H 43 71.86 6.64 65.35
C ASP H 43 71.45 7.53 64.18
N LEU H 44 71.48 8.85 64.37
CA LEU H 44 71.05 9.80 63.35
C LEU H 44 71.74 9.57 62.00
N ASN H 45 72.99 9.14 61.98
CA ASN H 45 73.71 8.90 60.73
C ASN H 45 73.18 7.72 59.91
N ALA H 46 72.31 6.87 60.46
CA ALA H 46 71.63 5.84 59.71
C ALA H 46 70.45 6.36 58.88
N LEU H 47 70.01 7.59 59.14
CA LEU H 47 68.76 8.15 58.63
C LEU H 47 68.96 9.11 57.45
N TRP H 48 70.19 9.28 56.94
CA TRP H 48 70.44 10.18 55.82
C TRP H 48 69.72 9.76 54.52
N ASN H 49 69.48 8.47 54.30
CA ASN H 49 68.78 7.97 53.11
C ASN H 49 67.24 8.07 53.17
N SER H 50 66.68 8.66 54.21
CA SER H 50 65.25 8.57 54.56
C SER H 50 64.26 9.20 53.56
N PHE H 51 64.73 9.89 52.52
CA PHE H 51 63.90 10.49 51.48
C PHE H 51 64.01 9.83 50.10
N ALA H 52 64.61 8.65 49.98
CA ALA H 52 64.74 7.99 48.69
C ALA H 52 63.41 7.77 47.98
N GLU H 53 62.29 7.63 48.69
CA GLU H 53 60.96 7.48 48.12
C GLU H 53 60.56 8.71 47.30
N SER H 54 60.40 9.87 47.91
CA SER H 54 59.98 11.07 47.20
C SER H 54 61.05 11.55 46.21
N ILE H 55 62.34 11.39 46.50
CA ILE H 55 63.41 11.75 45.54
C ILE H 55 63.30 10.91 44.28
N ALA H 56 63.01 9.61 44.36
CA ALA H 56 62.80 8.80 43.17
C ALA H 56 61.59 9.25 42.34
N ILE H 57 60.53 9.75 42.98
CA ILE H 57 59.37 10.31 42.28
C ILE H 57 59.76 11.57 41.51
N TYR H 58 60.50 12.47 42.14
CA TYR H 58 61.00 13.68 41.49
C TYR H 58 61.95 13.34 40.34
N ASN H 59 62.86 12.40 40.54
CA ASN H 59 63.84 11.98 39.56
C ASN H 59 63.20 11.40 38.29
N GLU H 60 62.19 10.53 38.44
CA GLU H 60 61.48 9.96 37.30
C GLU H 60 60.74 11.00 36.47
N ALA H 61 60.02 11.91 37.14
CA ALA H 61 59.25 12.92 36.43
C ALA H 61 60.14 13.83 35.59
N MET H 62 61.30 14.23 36.12
CA MET H 62 62.26 15.01 35.35
C MET H 62 62.89 14.20 34.22
N ASP H 63 63.23 12.93 34.39
CA ASP H 63 63.75 12.10 33.30
C ASP H 63 62.77 11.98 32.14
N ASN H 64 61.50 11.74 32.44
CA ASN H 64 60.47 11.67 31.41
C ASN H 64 60.38 12.97 30.60
N LEU H 65 60.34 14.12 31.26
CA LEU H 65 60.34 15.40 30.56
C LEU H 65 61.61 15.61 29.73
N ILE H 66 62.77 15.41 30.32
CA ILE H 66 64.04 15.67 29.65
C ILE H 66 64.16 14.87 28.36
N GLN H 67 63.85 13.58 28.38
CA GLN H 67 63.95 12.75 27.20
C GLN H 67 62.92 13.07 26.10
N LEU H 68 61.87 13.85 26.39
CA LEU H 68 60.94 14.35 25.39
C LEU H 68 61.24 15.79 24.96
N LEU H 69 61.80 16.62 25.84
CA LEU H 69 62.07 18.01 25.53
C LEU H 69 63.43 18.24 24.89
N THR H 70 64.38 17.31 24.97
CA THR H 70 65.79 17.60 24.63
C THR H 70 66.44 16.65 23.63
N TYR H 71 67.43 17.13 22.86
CA TYR H 71 68.23 16.32 21.94
C TYR H 71 69.67 16.83 21.82
N PRO H 72 70.66 16.01 21.46
CA PRO H 72 72.03 16.45 21.26
C PRO H 72 72.17 17.35 20.04
N VAL H 73 72.83 18.50 20.17
CA VAL H 73 72.91 19.50 19.08
C VAL H 73 73.52 18.97 17.80
N THR H 74 73.15 19.64 16.71
CA THR H 74 73.70 19.49 15.37
C THR H 74 73.54 20.85 14.65
N VAL H 75 74.21 21.05 13.53
CA VAL H 75 74.26 22.35 12.85
C VAL H 75 73.82 22.21 11.40
N PRO H 76 72.53 22.00 11.12
CA PRO H 76 72.01 22.01 9.77
C PRO H 76 72.17 23.38 9.14
N VAL H 77 72.36 23.42 7.83
CA VAL H 77 72.22 24.64 7.04
C VAL H 77 70.74 24.89 6.85
N GLU H 78 70.24 25.97 7.40
CA GLU H 78 68.82 26.29 7.42
C GLU H 78 68.43 26.90 6.07
N PRO H 79 67.51 26.29 5.30
CA PRO H 79 67.22 26.72 3.94
C PRO H 79 66.29 27.94 3.92
N VAL H 80 66.57 28.89 3.02
CA VAL H 80 65.70 30.04 2.74
C VAL H 80 64.89 29.72 1.49
N VAL H 81 63.57 29.74 1.57
CA VAL H 81 62.72 29.55 0.40
C VAL H 81 62.54 30.88 -0.30
N GLN H 82 63.40 31.17 -1.27
CA GLN H 82 63.25 32.25 -2.23
C GLN H 82 63.32 31.66 -3.63
N ILE H 83 62.43 32.09 -4.51
CA ILE H 83 62.25 31.44 -5.81
C ILE H 83 62.63 32.38 -6.94
N GLY H 84 63.62 31.95 -7.71
CA GLY H 84 63.90 32.50 -9.02
C GLY H 84 63.34 31.57 -10.09
N GLU H 85 62.87 32.14 -11.18
CA GLU H 85 62.24 31.38 -12.26
C GLU H 85 62.63 31.94 -13.64
N THR H 86 62.47 31.13 -14.66
CA THR H 86 62.62 31.51 -16.06
C THR H 86 61.29 31.28 -16.75
N THR H 87 60.97 32.05 -17.77
CA THR H 87 59.81 31.80 -18.64
C THR H 87 60.30 31.54 -20.06
N PHE H 88 59.63 30.67 -20.82
CA PHE H 88 59.79 30.62 -22.26
C PHE H 88 59.17 31.85 -22.91
N GLU H 89 59.40 32.00 -24.19
CA GLU H 89 58.99 33.13 -25.02
C GLU H 89 58.44 32.59 -26.34
N GLU H 90 57.53 33.30 -27.00
CA GLU H 90 57.09 32.89 -28.33
C GLU H 90 58.13 33.26 -29.39
N ALA H 91 58.51 32.29 -30.22
CA ALA H 91 59.56 32.47 -31.21
C ALA H 91 59.14 33.29 -32.43
N THR H 92 60.09 33.92 -33.08
CA THR H 92 59.93 34.65 -34.36
C THR H 92 60.94 34.12 -35.37
N GLU H 93 60.72 34.28 -36.67
CA GLU H 93 61.62 33.69 -37.67
C GLU H 93 62.93 34.44 -37.86
N LEU H 94 63.08 35.67 -37.35
CA LEU H 94 64.31 36.46 -37.43
C LEU H 94 64.94 36.83 -36.07
N GLY H 95 64.18 37.03 -35.00
CA GLY H 95 64.67 37.49 -33.70
C GLY H 95 65.34 36.41 -32.85
N VAL H 96 65.73 36.74 -31.62
CA VAL H 96 66.31 35.82 -30.61
C VAL H 96 65.67 36.02 -29.22
N PRO H 97 65.57 34.98 -28.37
CA PRO H 97 64.94 35.09 -27.06
C PRO H 97 65.83 35.68 -25.96
N ARG H 98 65.22 36.10 -24.85
CA ARG H 98 65.90 36.68 -23.66
C ARG H 98 66.61 35.62 -22.77
N GLY H 99 67.59 36.05 -21.96
CA GLY H 99 68.42 35.22 -21.07
C GLY H 99 67.78 34.74 -19.77
N ALA H 100 68.59 34.22 -18.83
CA ALA H 100 68.14 33.51 -17.62
C ALA H 100 69.19 33.54 -16.48
N GLY H 101 68.78 33.34 -15.23
CA GLY H 101 69.67 33.26 -14.05
C GLY H 101 68.91 33.02 -12.74
N LEU H 102 69.61 32.69 -11.65
CA LEU H 102 69.01 32.26 -10.37
C LEU H 102 69.69 32.85 -9.12
N PRO H 103 68.94 33.18 -8.05
CA PRO H 103 69.49 33.52 -6.75
C PRO H 103 69.61 32.30 -5.83
N ILE H 104 70.46 32.36 -4.80
CA ILE H 104 70.47 31.38 -3.68
C ILE H 104 70.92 32.03 -2.36
N GLU H 105 70.42 31.55 -1.23
CA GLU H 105 70.72 32.07 0.11
C GLU H 105 70.48 31.01 1.20
N VAL H 106 71.21 31.05 2.32
CA VAL H 106 71.04 30.16 3.49
C VAL H 106 71.47 30.82 4.79
N PHE H 107 71.07 30.26 5.94
CA PHE H 107 71.50 30.72 7.25
C PHE H 107 71.71 29.57 8.22
N GLN H 108 72.07 29.89 9.45
CA GLN H 108 72.55 28.93 10.43
C GLN H 108 72.15 29.38 11.84
N MET H 109 72.09 28.46 12.80
CA MET H 109 71.71 28.72 14.20
C MET H 109 72.62 28.02 15.19
N GLY H 110 72.80 28.62 16.37
CA GLY H 110 73.66 28.13 17.43
C GLY H 110 73.00 28.03 18.80
N TYR H 111 73.81 27.67 19.79
CA TYR H 111 73.44 27.26 21.15
C TYR H 111 74.38 27.87 22.18
N ASP H 112 73.93 28.15 23.39
CA ASP H 112 74.82 28.71 24.44
C ASP H 112 75.59 27.64 25.21
N LEU H 113 76.53 28.05 26.05
CA LEU H 113 77.29 27.19 26.95
C LEU H 113 77.68 28.00 28.17
N ARG H 114 77.39 27.48 29.37
CA ARG H 114 77.66 28.14 30.66
C ARG H 114 78.25 27.15 31.66
N HIS H 115 78.81 27.68 32.74
CA HIS H 115 79.57 26.96 33.76
C HIS H 115 78.98 27.17 35.15
N TYR H 116 78.93 26.10 35.94
CA TYR H 116 78.42 26.11 37.31
C TYR H 116 79.35 25.37 38.23
N ASP H 117 79.42 25.78 39.49
CA ASP H 117 80.18 25.08 40.51
C ASP H 117 79.59 25.21 41.90
N LYS H 118 80.11 24.39 42.79
CA LYS H 118 79.77 24.30 44.20
C LYS H 118 81.02 23.93 44.98
N ARG H 119 81.08 24.24 46.27
CA ARG H 119 82.17 23.89 47.16
C ARG H 119 81.66 23.08 48.35
N ASN H 120 82.48 22.22 48.90
CA ASN H 120 82.30 21.76 50.27
C ASN H 120 83.64 21.82 51.01
N ALA H 121 83.62 22.02 52.32
CA ALA H 121 84.81 22.32 53.10
C ALA H 121 84.64 21.88 54.54
N TYR H 122 85.68 21.37 55.17
CA TYR H 122 85.66 20.78 56.50
C TYR H 122 86.88 21.24 57.29
N SER H 123 86.72 21.59 58.56
CA SER H 123 87.90 21.79 59.42
C SER H 123 88.45 20.46 59.90
N TRP H 124 89.69 20.45 60.36
CA TRP H 124 90.33 19.25 60.87
C TRP H 124 89.56 18.63 62.03
N MET H 125 88.96 19.44 62.90
CA MET H 125 88.15 18.96 64.01
C MET H 125 86.88 18.27 63.55
N PHE H 126 86.26 18.71 62.45
CA PHE H 126 85.15 17.98 61.88
C PHE H 126 85.61 16.63 61.34
N LEU H 127 86.67 16.60 60.52
CA LEU H 127 87.17 15.35 59.95
C LEU H 127 87.69 14.37 61.00
N ALA H 128 88.11 14.86 62.16
CA ALA H 128 88.55 14.04 63.28
C ALA H 128 87.40 13.23 63.89
N ASP H 129 86.21 13.79 64.01
CA ASP H 129 85.09 13.21 64.75
C ASP H 129 83.92 12.73 63.89
N ALA H 130 83.83 13.16 62.63
CA ALA H 130 82.69 12.86 61.76
C ALA H 130 82.52 11.38 61.43
N ASP H 131 81.29 10.97 61.22
CA ASP H 131 80.92 9.71 60.60
C ASP H 131 81.01 9.86 59.08
N GLY H 132 81.64 8.92 58.38
CA GLY H 132 81.69 8.93 56.91
C GLY H 132 80.31 9.03 56.27
N ARG H 133 79.27 8.46 56.89
CA ARG H 133 77.89 8.58 56.42
C ARG H 133 77.41 10.03 56.34
N GLN H 134 77.90 10.95 57.18
CA GLN H 134 77.53 12.37 57.07
C GLN H 134 78.13 13.02 55.82
N VAL H 135 79.40 12.79 55.51
CA VAL H 135 80.01 13.38 54.30
C VAL H 135 79.49 12.73 53.03
N GLU H 136 79.16 11.44 53.06
CA GLU H 136 78.44 10.80 51.95
C GLU H 136 77.06 11.44 51.71
N ALA H 137 76.32 11.81 52.75
CA ALA H 137 75.04 12.47 52.60
C ALA H 137 75.17 13.88 52.00
N ILE H 138 76.20 14.64 52.37
CA ILE H 138 76.48 15.94 51.75
C ILE H 138 76.79 15.75 50.26
N HIS H 139 77.55 14.73 49.89
CA HIS H 139 77.78 14.40 48.49
C HIS H 139 76.46 14.10 47.76
N ASP H 140 75.59 13.29 48.32
CA ASP H 140 74.29 13.01 47.70
C ASP H 140 73.40 14.24 47.57
N ALA H 141 73.44 15.18 48.51
CA ALA H 141 72.71 16.43 48.36
C ALA H 141 73.23 17.27 47.21
N VAL H 142 74.54 17.27 46.96
CA VAL H 142 75.11 17.95 45.80
C VAL H 142 74.68 17.25 44.52
N LEU H 143 74.72 15.93 44.43
CA LEU H 143 74.20 15.23 43.25
C LEU H 143 72.71 15.50 42.99
N TRP H 144 71.92 15.76 44.02
CA TRP H 144 70.54 16.15 43.84
C TRP H 144 70.40 17.61 43.41
N ALA H 145 71.20 18.53 43.94
CA ALA H 145 71.25 19.92 43.50
C ALA H 145 71.72 20.03 42.05
N ASP H 146 72.58 19.13 41.60
CA ASP H 146 73.04 19.03 40.22
C ASP H 146 71.87 18.73 39.26
N LYS H 147 70.99 17.78 39.60
CA LYS H 147 69.84 17.50 38.73
C LYS H 147 68.84 18.62 38.70
N ARG H 148 68.54 19.20 39.85
CA ARG H 148 67.68 20.37 39.94
C ARG H 148 68.25 21.57 39.20
N LEU H 149 69.57 21.71 39.10
CA LEU H 149 70.21 22.67 38.20
C LEU H 149 69.93 22.34 36.74
N VAL H 150 70.33 21.17 36.23
CA VAL H 150 70.21 20.88 34.79
C VAL H 150 68.77 20.82 34.31
N PHE H 151 67.84 20.27 35.11
CA PHE H 151 66.43 20.33 34.78
C PHE H 151 65.90 21.76 34.72
N ARG H 152 66.33 22.65 35.61
CA ARG H 152 65.92 24.05 35.52
C ARG H 152 66.34 24.65 34.21
N LYS H 153 67.57 24.40 33.77
CA LYS H 153 68.10 24.96 32.52
C LYS H 153 67.46 24.36 31.27
N VAL H 154 67.06 23.10 31.28
CA VAL H 154 66.19 22.56 30.23
C VAL H 154 64.84 23.28 30.16
N MET H 155 64.16 23.49 31.28
CA MET H 155 62.86 24.16 31.28
C MET H 155 62.97 25.65 30.94
N GLU H 156 63.97 26.32 31.50
CA GLU H 156 64.29 27.72 31.28
C GLU H 156 64.63 28.03 29.82
N ALA H 157 65.21 27.07 29.10
CA ALA H 157 65.49 27.19 27.68
C ALA H 157 64.22 27.27 26.83
N LEU H 158 63.10 26.75 27.33
CA LEU H 158 61.81 26.71 26.67
C LEU H 158 60.89 27.81 27.19
N PHE H 159 60.82 28.05 28.49
CA PHE H 159 59.95 29.04 29.12
C PHE H 159 60.44 30.48 29.06
N ASP H 160 61.73 30.76 29.09
CA ASP H 160 62.24 32.15 29.08
C ASP H 160 62.29 32.68 27.64
N ASN H 161 61.34 33.54 27.28
CA ASN H 161 61.13 34.00 25.90
C ASN H 161 62.15 35.03 25.41
N ARG H 162 63.17 35.39 26.18
CA ARG H 162 64.21 36.33 25.76
C ARG H 162 65.27 35.69 24.89
N THR H 163 65.83 36.47 23.98
CA THR H 163 66.95 36.07 23.12
C THR H 163 68.27 36.24 23.88
N ARG H 164 69.12 35.22 23.84
CA ARG H 164 70.46 35.19 24.45
C ARG H 164 71.55 35.52 23.43
N ARG H 165 72.76 35.86 23.87
CA ARG H 165 73.97 36.02 23.05
C ARG H 165 75.01 34.99 23.43
N ALA H 166 75.77 34.49 22.47
CA ALA H 166 76.88 33.57 22.71
C ALA H 166 78.01 33.79 21.69
N ASN H 167 79.17 33.22 21.94
CA ASN H 167 80.36 33.37 21.09
C ASN H 167 80.99 32.02 20.75
N ILE H 168 81.50 31.86 19.53
CA ILE H 168 82.50 30.85 19.17
C ILE H 168 83.58 31.53 18.33
N ARG H 169 84.84 31.10 18.47
CA ARG H 169 85.97 31.45 17.58
C ARG H 169 85.97 32.90 17.07
N ASN H 170 85.87 33.85 18.00
CA ASN H 170 85.86 35.30 17.73
C ASN H 170 84.67 35.77 16.87
N GLN H 171 83.49 35.16 17.05
CA GLN H 171 82.24 35.46 16.36
C GLN H 171 81.04 35.34 17.31
N ALA H 172 80.09 36.25 17.22
CA ALA H 172 78.96 36.34 18.14
C ALA H 172 77.63 36.04 17.44
N TYR H 173 76.67 35.43 18.14
CA TYR H 173 75.38 35.08 17.57
C TYR H 173 74.26 35.09 18.61
N ASN H 174 73.02 35.22 18.13
CA ASN H 174 71.82 35.05 18.95
C ASN H 174 71.54 33.57 19.21
N VAL H 175 71.18 33.24 20.44
CA VAL H 175 70.61 31.95 20.83
C VAL H 175 69.14 32.18 21.15
N TYR H 176 68.26 31.37 20.57
CA TYR H 176 66.84 31.64 20.55
C TYR H 176 66.03 30.63 21.38
N PRO H 177 64.90 31.07 21.94
CA PRO H 177 63.82 30.20 22.37
C PRO H 177 62.88 29.89 21.17
N LEU H 178 61.62 29.51 21.40
CA LEU H 178 60.61 29.43 20.33
C LEU H 178 60.39 30.81 19.68
N TYR H 179 59.56 30.93 18.65
CA TYR H 179 59.30 32.24 18.04
C TYR H 179 58.86 33.26 19.08
N ASN H 180 59.48 34.43 19.09
CA ASN H 180 59.38 35.40 20.19
C ASN H 180 59.44 36.86 19.70
N GLY H 181 59.25 37.09 18.39
CA GLY H 181 59.42 38.40 17.77
C GLY H 181 60.86 38.82 17.44
N ASP H 182 61.86 37.93 17.60
CA ASP H 182 63.26 38.16 17.22
C ASP H 182 63.74 37.09 16.24
N GLY H 183 64.70 37.42 15.39
CA GLY H 183 65.33 36.48 14.45
C GLY H 183 64.58 36.28 13.16
N VAL H 184 65.01 35.31 12.36
CA VAL H 184 64.41 35.02 11.05
C VAL H 184 62.92 34.70 11.20
N PRO H 185 61.99 35.39 10.50
CA PRO H 185 60.56 35.11 10.60
C PRO H 185 60.23 33.70 10.10
N PRO H 186 59.11 33.10 10.49
CA PRO H 186 58.70 31.82 9.96
C PRO H 186 58.46 31.91 8.43
N PRO H 187 58.80 30.88 7.65
CA PRO H 187 58.50 30.82 6.22
C PRO H 187 57.00 30.77 5.92
N ARG H 188 56.60 31.18 4.71
CA ARG H 188 55.21 31.13 4.22
C ARG H 188 54.70 29.69 4.18
N PHE H 189 53.41 29.48 4.42
CA PHE H 189 52.75 28.18 4.28
C PHE H 189 51.29 28.35 3.88
N LYS H 190 50.81 27.78 2.76
CA LYS H 190 49.41 27.86 2.30
C LYS H 190 48.79 29.27 2.42
N ASN H 191 49.53 30.28 2.00
CA ASN H 191 49.18 31.70 2.14
C ASN H 191 49.02 32.26 3.57
N ASN H 192 49.35 31.50 4.63
CA ASN H 192 49.78 32.11 5.87
C ASN H 192 51.16 32.70 5.64
N VAL H 193 51.33 33.98 5.96
CA VAL H 193 52.60 34.70 5.86
C VAL H 193 52.86 35.42 7.16
N PHE H 194 54.10 35.34 7.63
CA PHE H 194 54.49 35.76 8.97
C PHE H 194 55.51 36.90 8.91
N ASP H 195 55.21 38.02 9.57
CA ASP H 195 56.16 39.11 9.77
C ASP H 195 57.10 38.82 10.95
N GLU H 196 58.14 39.63 11.12
CA GLU H 196 59.15 39.40 12.15
C GLU H 196 58.62 39.40 13.59
N THR H 197 57.48 40.03 13.88
CA THR H 197 56.95 40.09 15.24
C THR H 197 56.19 38.84 15.68
N HIS H 198 56.13 37.80 14.84
CA HIS H 198 55.43 36.57 15.14
C HIS H 198 55.99 35.85 16.37
N SER H 199 55.11 35.41 17.27
CA SER H 199 55.49 34.81 18.54
C SER H 199 54.63 33.61 18.90
N HIS H 200 55.23 32.63 19.54
CA HIS H 200 54.62 31.45 20.13
C HIS H 200 54.57 31.50 21.66
N TYR H 201 54.79 32.67 22.25
CA TYR H 201 54.52 32.99 23.65
C TYR H 201 53.31 33.92 23.70
N VAL H 202 52.21 33.48 24.29
CA VAL H 202 50.89 34.10 24.16
C VAL H 202 50.13 34.06 25.47
N ILE H 203 49.02 34.78 25.53
CA ILE H 203 48.11 34.77 26.68
C ILE H 203 46.69 34.35 26.26
N SER H 204 45.91 33.80 27.19
CA SER H 204 44.51 33.39 26.94
C SER H 204 43.54 34.55 26.75
N HIS H 205 43.87 35.74 27.25
CA HIS H 205 42.98 36.89 27.40
C HIS H 205 41.81 36.67 28.37
N ASN H 206 41.83 35.60 29.17
CA ASN H 206 40.84 35.31 30.21
C ASN H 206 41.52 34.68 31.43
N SER H 207 41.04 34.99 32.63
CA SER H 207 41.63 34.51 33.89
C SER H 207 41.50 33.00 34.13
N VAL H 208 40.61 32.30 33.41
CA VAL H 208 40.39 30.85 33.49
C VAL H 208 40.36 30.25 32.09
N VAL H 209 40.86 29.02 31.94
CA VAL H 209 41.04 28.33 30.65
C VAL H 209 39.73 27.95 29.92
N ASP H 210 39.70 28.15 28.61
CA ASP H 210 38.64 27.73 27.69
C ASP H 210 39.02 26.48 26.91
N SER H 211 38.04 25.76 26.37
CA SER H 211 38.31 24.87 25.25
C SER H 211 38.84 25.62 24.04
N SER H 212 38.41 26.86 23.84
CA SER H 212 38.93 27.74 22.79
C SER H 212 40.42 28.00 22.93
N ASP H 213 40.98 27.93 24.14
CA ASP H 213 42.40 28.13 24.32
C ASP H 213 43.19 26.95 23.78
N LEU H 214 42.69 25.73 23.91
CA LEU H 214 43.32 24.58 23.29
C LEU H 214 43.22 24.64 21.77
N GLU H 215 42.17 25.24 21.24
CA GLU H 215 42.03 25.51 19.82
C GLU H 215 43.01 26.60 19.36
N ASP H 216 43.13 27.71 20.07
CA ASP H 216 44.10 28.76 19.76
C ASP H 216 45.55 28.28 19.90
N LEU H 217 45.85 27.43 20.87
CA LEU H 217 47.16 26.84 21.02
C LEU H 217 47.46 25.88 19.87
N MET H 218 46.49 25.06 19.45
CA MET H 218 46.67 24.16 18.32
C MET H 218 46.91 24.96 17.04
N GLU H 219 46.24 26.09 16.88
CA GLU H 219 46.40 26.96 15.73
C GLU H 219 47.84 27.44 15.55
N LEU H 220 48.55 27.76 16.65
CA LEU H 220 49.93 28.22 16.55
C LEU H 220 50.88 27.18 15.96
N LEU H 221 50.58 25.89 16.02
CA LEU H 221 51.39 24.87 15.38
C LEU H 221 50.88 24.60 13.96
N ALA H 222 49.55 24.55 13.80
CA ALA H 222 48.90 24.28 12.52
C ALA H 222 49.10 25.40 11.50
N GLU H 223 49.28 26.65 11.91
CA GLU H 223 49.58 27.76 11.01
C GLU H 223 50.85 27.53 10.18
N HIS H 224 51.80 26.76 10.70
CA HIS H 224 53.03 26.38 10.01
C HIS H 224 52.93 25.05 9.28
N GLY H 225 51.76 24.42 9.29
CA GLY H 225 51.53 23.10 8.72
C GLY H 225 51.76 21.94 9.66
N TYR H 226 52.28 22.16 10.88
CA TYR H 226 52.38 21.13 11.90
C TYR H 226 50.99 20.85 12.45
N SER H 227 50.35 19.79 11.98
CA SER H 227 48.89 19.69 12.00
C SER H 227 48.43 18.23 12.01
N PRO H 228 47.20 17.96 12.45
CA PRO H 228 46.62 16.62 12.36
C PRO H 228 46.56 16.12 10.93
N GLN H 229 46.29 17.01 9.97
CA GLN H 229 46.33 16.74 8.53
C GLN H 229 47.69 16.17 8.11
N ALA H 230 48.78 16.80 8.54
CA ALA H 230 50.16 16.38 8.31
C ALA H 230 50.62 15.17 9.14
N GLY H 231 49.77 14.58 9.98
CA GLY H 231 50.13 13.43 10.81
C GLY H 231 50.99 13.76 12.03
N THR H 232 51.04 15.01 12.46
CA THR H 232 51.75 15.44 13.67
C THR H 232 51.05 14.89 14.90
N GLN H 233 51.79 14.25 15.80
CA GLN H 233 51.32 13.89 17.14
C GLN H 233 51.38 15.13 18.03
N PHE H 234 50.44 15.33 18.94
CA PHE H 234 50.43 16.51 19.81
C PHE H 234 50.38 16.12 21.27
N LEU H 235 51.14 16.82 22.09
CA LEU H 235 51.23 16.66 23.53
C LEU H 235 50.93 17.99 24.19
N LEU H 236 50.08 18.01 25.19
CA LEU H 236 49.82 19.17 26.01
C LEU H 236 50.32 18.88 27.42
N LEU H 237 51.24 19.70 27.92
CA LEU H 237 51.68 19.67 29.30
C LEU H 237 50.99 20.81 30.04
N ALA H 238 50.37 20.48 31.17
CA ALA H 238 49.54 21.40 31.92
C ALA H 238 49.59 21.09 33.41
N ASN H 239 49.33 22.10 34.23
CA ASN H 239 49.19 21.92 35.67
C ASN H 239 47.80 21.40 36.06
N LYS H 240 47.69 20.81 37.24
CA LYS H 240 46.43 20.38 37.85
C LYS H 240 45.34 21.44 37.79
N ALA H 241 45.68 22.69 38.08
CA ALA H 241 44.73 23.79 38.01
C ALA H 241 44.02 23.92 36.65
N GLU H 242 44.70 23.60 35.55
CA GLU H 242 44.18 23.65 34.19
C GLU H 242 43.56 22.33 33.79
N THR H 243 44.23 21.21 34.01
CA THR H 243 43.66 19.92 33.64
C THR H 243 42.35 19.63 34.36
N ASP H 244 42.18 20.06 35.61
CA ASP H 244 40.92 19.88 36.32
C ASP H 244 39.75 20.67 35.74
N ALA H 245 40.02 21.70 34.95
CA ALA H 245 38.99 22.36 34.15
C ALA H 245 38.78 21.61 32.82
N ILE H 246 39.86 21.24 32.15
CA ILE H 246 39.80 20.57 30.85
C ILE H 246 39.09 19.23 30.90
N ARG H 247 39.21 18.45 31.98
CA ARG H 247 38.44 17.22 32.20
C ARG H 247 36.93 17.37 32.02
N GLN H 248 36.39 18.56 32.26
CA GLN H 248 34.96 18.86 32.21
C GLN H 248 34.47 19.30 30.82
N PHE H 249 35.32 19.35 29.80
CA PHE H 249 34.88 19.70 28.45
C PHE H 249 34.04 18.59 27.83
N ARG H 250 32.85 18.95 27.35
CA ARG H 250 31.87 18.09 26.69
C ARG H 250 31.37 18.75 25.41
N ARG H 251 31.24 18.02 24.31
CA ARG H 251 30.88 18.59 23.01
C ARG H 251 29.56 19.35 23.11
N GLY H 252 29.53 20.58 22.62
CA GLY H 252 28.34 21.44 22.58
C GLY H 252 27.93 22.06 23.91
N VAL H 253 28.62 21.73 25.00
CA VAL H 253 28.35 22.34 26.31
C VAL H 253 29.25 23.58 26.47
N VAL H 254 28.69 24.67 26.98
CA VAL H 254 29.44 25.89 27.29
C VAL H 254 30.31 25.68 28.53
N ASN H 255 31.58 26.12 28.46
CA ASN H 255 32.59 26.05 29.50
C ASN H 255 32.73 27.43 30.18
N ASN H 256 33.94 27.78 30.61
CA ASN H 256 34.29 29.12 31.06
C ASN H 256 34.22 30.13 29.91
N ASN H 257 34.00 31.40 30.26
CA ASN H 257 34.03 32.56 29.36
C ASN H 257 33.14 32.44 28.12
N GLY H 258 32.08 31.63 28.15
CA GLY H 258 31.19 31.40 27.03
C GLY H 258 31.78 30.54 25.90
N ALA H 259 32.94 29.93 26.09
CA ALA H 259 33.50 29.00 25.12
C ALA H 259 32.61 27.76 25.01
N THR H 260 32.36 27.25 23.81
CA THR H 260 31.67 25.97 23.63
C THR H 260 32.63 24.92 23.11
N ALA H 261 32.74 23.77 23.76
CA ALA H 261 33.67 22.74 23.34
C ALA H 261 33.23 22.06 22.03
N GLY H 262 34.11 21.99 21.04
CA GLY H 262 33.88 21.30 19.77
C GLY H 262 34.24 19.81 19.76
N TYR H 263 34.80 19.31 20.85
CA TYR H 263 35.15 17.91 21.07
C TYR H 263 34.77 17.51 22.48
N ASP H 264 34.79 16.22 22.78
CA ASP H 264 34.68 15.71 24.15
C ASP H 264 36.05 15.53 24.76
N PHE H 265 36.22 15.81 26.06
CA PHE H 265 37.35 15.26 26.78
C PHE H 265 37.22 13.75 26.87
N ILE H 266 38.13 12.99 26.27
CA ILE H 266 38.09 11.53 26.32
C ILE H 266 39.08 11.06 27.39
N PRO H 267 38.67 10.44 28.50
CA PRO H 267 39.62 9.96 29.48
C PRO H 267 40.44 8.77 28.96
N SER H 268 41.68 8.72 29.41
CA SER H 268 42.64 7.62 29.19
C SER H 268 42.22 6.31 29.87
N PRO H 269 42.67 5.13 29.40
CA PRO H 269 42.32 3.83 29.97
C PRO H 269 42.60 3.65 31.47
N THR H 270 43.50 4.45 32.05
CA THR H 270 43.86 4.38 33.47
C THR H 270 42.92 5.17 34.36
N GLN H 271 42.22 6.15 33.81
CA GLN H 271 41.30 7.02 34.54
C GLN H 271 40.09 6.26 35.08
N PRO H 272 39.39 6.82 36.08
CA PRO H 272 38.08 6.32 36.48
C PRO H 272 37.09 6.34 35.33
N ALA H 273 36.14 5.41 35.33
CA ALA H 273 35.15 5.28 34.27
C ALA H 273 34.10 6.40 34.27
N MET H 274 33.39 6.53 33.15
CA MET H 274 32.22 7.41 33.00
C MET H 274 31.09 6.68 32.28
N MET H 275 29.86 7.07 32.53
CA MET H 275 28.71 6.58 31.76
C MET H 275 28.62 7.36 30.46
N LEU H 276 28.43 6.67 29.33
CA LEU H 276 28.33 7.33 28.03
C LEU H 276 27.01 8.12 27.98
N PRO H 277 27.00 9.45 27.74
CA PRO H 277 25.79 10.26 27.97
C PRO H 277 24.68 10.08 26.93
N ASN H 278 25.02 9.59 25.74
CA ASN H 278 24.20 9.62 24.53
C ASN H 278 24.39 8.34 23.72
N ALA H 279 23.47 8.06 22.81
CA ALA H 279 23.63 6.95 21.88
C ALA H 279 24.80 7.17 20.93
N GLU H 280 25.08 8.42 20.56
CA GLU H 280 26.29 8.81 19.83
C GLU H 280 27.53 8.68 20.74
N GLY H 281 28.58 8.03 20.25
CA GLY H 281 29.85 7.98 20.96
C GLY H 281 30.45 9.37 21.19
N LEU H 282 31.42 9.49 22.10
CA LEU H 282 32.14 10.75 22.34
C LEU H 282 32.90 11.20 21.10
N LEU H 283 32.90 12.49 20.77
CA LEU H 283 33.64 12.99 19.61
C LEU H 283 35.12 13.19 19.95
N GLY H 284 35.93 12.24 19.52
CA GLY H 284 37.35 12.16 19.80
C GLY H 284 37.86 10.72 19.71
N ASN H 285 39.13 10.51 19.98
CA ASN H 285 39.73 9.18 20.04
C ASN H 285 40.34 8.97 21.42
N GLN H 286 40.18 7.79 22.02
CA GLN H 286 40.75 7.52 23.32
C GLN H 286 42.27 7.37 23.21
N PRO H 287 43.06 8.12 23.99
CA PRO H 287 44.50 8.06 23.86
C PRO H 287 45.07 6.76 24.42
N ALA H 288 46.29 6.43 24.00
CA ALA H 288 47.11 5.50 24.75
C ALA H 288 47.33 6.01 26.19
N PRO H 289 47.63 5.17 27.18
CA PRO H 289 47.79 5.60 28.56
C PRO H 289 49.10 6.34 28.83
N THR H 290 50.06 6.32 27.90
CA THR H 290 51.36 7.00 28.00
C THR H 290 51.76 7.70 26.70
N PHE H 291 52.50 8.79 26.80
CA PHE H 291 53.13 9.48 25.68
C PHE H 291 54.62 9.58 25.95
N GLY H 292 55.47 8.94 25.15
CA GLY H 292 56.83 8.65 25.61
C GLY H 292 56.75 7.84 26.89
N GLY H 293 57.36 8.35 27.96
CA GLY H 293 57.23 7.80 29.31
C GLY H 293 56.20 8.49 30.21
N LEU H 294 55.60 9.62 29.80
CA LEU H 294 54.65 10.39 30.61
C LEU H 294 53.30 9.69 30.78
N ALA H 295 52.56 9.95 31.85
CA ALA H 295 51.23 9.42 32.09
C ALA H 295 50.15 10.34 31.49
N VAL H 296 49.33 9.83 30.58
CA VAL H 296 48.32 10.62 29.87
C VAL H 296 46.99 10.53 30.61
N ILE H 297 46.39 11.67 30.96
CA ILE H 297 45.07 11.68 31.61
C ILE H 297 43.93 11.52 30.61
N GLY H 298 44.10 11.92 29.37
CA GLY H 298 43.03 11.93 28.39
C GLY H 298 43.42 12.69 27.14
N SER H 299 42.45 12.92 26.27
CA SER H 299 42.62 13.69 25.05
C SER H 299 41.54 14.73 24.91
N TYR H 300 41.83 15.77 24.13
CA TYR H 300 40.83 16.73 23.69
C TYR H 300 41.14 17.14 22.26
N GLY H 301 40.27 16.79 21.31
CA GLY H 301 40.64 16.89 19.91
C GLY H 301 41.88 16.04 19.63
N PHE H 302 42.95 16.64 19.11
CA PHE H 302 44.19 15.93 18.83
C PHE H 302 45.25 16.04 19.94
N TRP H 303 45.04 16.85 20.98
CA TRP H 303 45.93 16.90 22.14
C TRP H 303 45.89 15.60 22.94
N ASN H 304 47.03 14.96 23.17
CA ASN H 304 47.22 14.06 24.31
C ASN H 304 47.55 14.92 25.53
N ILE H 305 46.81 14.81 26.63
CA ILE H 305 46.95 15.72 27.77
C ILE H 305 47.67 15.02 28.91
N VAL H 306 48.74 15.65 29.40
CA VAL H 306 49.55 15.18 30.50
C VAL H 306 49.51 16.21 31.61
N GLU H 307 48.91 15.80 32.70
CA GLU H 307 48.99 16.42 34.02
C GLU H 307 50.43 16.38 34.53
N GLU H 308 51.03 17.52 34.82
CA GLU H 308 52.43 17.59 35.25
C GLU H 308 52.70 18.81 36.13
N ASP H 309 52.95 18.61 37.42
CA ASP H 309 53.17 19.69 38.38
C ASP H 309 54.43 20.53 38.09
N TYR H 310 55.41 20.02 37.36
CA TYR H 310 56.54 20.84 36.92
C TYR H 310 56.15 21.92 35.91
N ILE H 311 54.96 21.88 35.32
CA ILE H 311 54.40 23.04 34.63
C ILE H 311 53.76 23.94 35.68
N PRO H 312 54.19 25.21 35.86
CA PRO H 312 53.59 26.07 36.88
C PRO H 312 52.11 26.35 36.60
N PRO H 313 51.31 26.70 37.62
CA PRO H 313 49.91 27.01 37.45
C PRO H 313 49.66 28.17 36.50
N GLY H 314 48.65 28.05 35.65
CA GLY H 314 48.31 29.08 34.68
C GLY H 314 49.15 29.03 33.42
N TYR H 315 49.81 27.92 33.09
CA TYR H 315 50.56 27.77 31.84
C TYR H 315 50.19 26.48 31.12
N LEU H 316 50.07 26.56 29.81
CA LEU H 316 49.87 25.45 28.89
C LEU H 316 51.05 25.39 27.95
N VAL H 317 51.73 24.23 27.85
CA VAL H 317 52.82 24.03 26.91
C VAL H 317 52.41 22.98 25.92
N GLY H 318 52.25 23.35 24.66
CA GLY H 318 51.87 22.42 23.60
C GLY H 318 53.05 22.08 22.72
N VAL H 319 53.30 20.82 22.42
CA VAL H 319 54.46 20.37 21.63
C VAL H 319 54.03 19.39 20.56
N GLY H 320 54.52 19.55 19.33
CA GLY H 320 54.27 18.63 18.23
C GLY H 320 55.45 17.71 17.94
N TYR H 321 55.17 16.50 17.44
CA TYR H 321 56.17 15.50 17.10
C TYR H 321 55.81 14.80 15.79
N GLY H 322 56.81 14.33 15.06
CA GLY H 322 56.61 13.54 13.85
C GLY H 322 55.86 14.32 12.76
N GLY H 323 55.02 13.60 12.03
CA GLY H 323 54.29 14.12 10.89
C GLY H 323 55.17 14.32 9.66
N ALA H 324 54.61 14.87 8.59
CA ALA H 324 55.33 15.11 7.35
C ALA H 324 56.56 16.00 7.54
N PHE H 325 56.45 17.04 8.38
CA PHE H 325 57.56 17.93 8.75
C PHE H 325 58.58 17.30 9.69
N ASN H 326 58.32 16.09 10.19
CA ASN H 326 59.23 15.32 11.04
C ASN H 326 59.74 16.10 12.26
N LEU H 327 58.83 16.69 13.04
CA LEU H 327 59.21 17.40 14.26
C LEU H 327 59.91 16.48 15.26
N GLY H 328 61.01 16.94 15.84
CA GLY H 328 61.73 16.28 16.93
C GLY H 328 61.56 17.01 18.26
N ASN H 329 62.39 16.70 19.25
CA ASN H 329 62.39 17.37 20.54
C ASN H 329 62.82 18.85 20.39
N PRO H 330 62.22 19.81 21.11
CA PRO H 330 62.48 21.23 20.86
C PRO H 330 63.85 21.76 21.27
N VAL H 331 64.47 21.29 22.36
CA VAL H 331 65.65 21.93 22.98
C VAL H 331 66.93 21.18 22.65
N GLY H 332 67.92 21.85 22.07
CA GLY H 332 69.23 21.27 21.75
C GLY H 332 70.23 21.43 22.89
N LEU H 333 70.95 20.39 23.27
CA LEU H 333 71.93 20.39 24.36
C LEU H 333 73.37 20.38 23.87
N ARG H 334 74.15 21.37 24.31
CA ARG H 334 75.56 21.60 23.96
C ARG H 334 76.47 21.28 25.14
N GLN H 335 77.47 20.45 24.92
CA GLN H 335 78.54 20.21 25.89
C GLN H 335 79.76 21.09 25.58
N HIS H 336 80.72 21.19 26.50
CA HIS H 336 82.02 21.82 26.22
C HIS H 336 82.85 20.94 25.27
N ALA H 337 83.63 21.53 24.37
CA ALA H 337 84.38 20.77 23.38
C ALA H 337 85.53 19.94 23.97
N ASN H 338 86.11 20.38 25.09
CA ASN H 338 87.17 19.69 25.79
C ASN H 338 86.63 18.45 26.53
N PRO H 339 87.13 17.23 26.30
CA PRO H 339 86.67 16.06 27.03
C PRO H 339 86.86 16.16 28.55
N ALA H 340 87.87 16.91 29.01
CA ALA H 340 88.10 17.16 30.42
C ALA H 340 86.93 17.91 31.09
N MET H 341 86.16 18.71 30.36
CA MET H 341 85.06 19.50 30.91
C MET H 341 83.66 18.90 30.74
N GLN H 342 83.55 17.71 30.15
CA GLN H 342 82.28 17.04 29.91
C GLN H 342 81.84 16.24 31.14
N GLY H 343 80.56 16.33 31.50
CA GLY H 343 79.96 15.69 32.69
C GLY H 343 80.00 16.54 33.96
N LEU H 344 79.34 16.10 35.03
CA LEU H 344 79.57 16.60 36.40
C LEU H 344 80.93 16.10 36.86
N ARG H 345 81.77 16.99 37.38
CA ARG H 345 83.12 16.64 37.84
C ARG H 345 83.33 17.08 39.27
N ILE H 346 84.11 16.30 40.01
CA ILE H 346 84.63 16.61 41.34
C ILE H 346 86.09 17.02 41.20
N ILE H 347 86.53 18.08 41.87
CA ILE H 347 87.83 18.71 41.65
C ILE H 347 88.51 18.94 43.00
N ALA H 348 89.81 18.70 43.13
CA ALA H 348 90.55 18.94 44.36
C ALA H 348 90.54 20.42 44.75
N GLY H 349 90.48 20.71 46.06
CA GLY H 349 90.39 22.08 46.54
C GLY H 349 91.74 22.80 46.61
N ASN H 350 91.69 24.06 46.98
CA ASN H 350 92.90 24.82 47.24
C ASN H 350 93.46 24.50 48.62
N TYR H 351 92.59 24.26 49.60
CA TYR H 351 92.95 23.90 50.96
C TYR H 351 92.98 22.38 51.08
N GLN H 352 94.14 21.79 51.38
CA GLN H 352 94.35 20.34 51.38
C GLN H 352 95.27 19.88 52.51
N ARG H 353 95.32 20.64 53.61
CA ARG H 353 96.23 20.45 54.74
C ARG H 353 95.52 20.86 56.02
N TYR H 354 95.99 20.44 57.19
CA TYR H 354 95.59 21.07 58.46
C TYR H 354 95.68 22.59 58.34
N PRO H 355 94.71 23.40 58.81
CA PRO H 355 93.56 23.05 59.62
C PRO H 355 92.26 22.80 58.84
N LEU H 356 92.28 22.83 57.52
CA LEU H 356 91.10 23.12 56.71
C LEU H 356 91.24 22.47 55.35
N VAL H 357 90.22 21.75 54.89
CA VAL H 357 90.22 21.03 53.61
C VAL H 357 88.99 21.41 52.81
N ASP H 358 89.11 21.67 51.51
CA ASP H 358 87.97 21.93 50.64
C ASP H 358 88.06 21.19 49.31
N GLY H 359 86.96 21.21 48.56
CA GLY H 359 86.83 20.56 47.26
C GLY H 359 85.69 21.17 46.47
N PHE H 360 85.71 21.02 45.16
CA PHE H 360 84.71 21.61 44.27
C PHE H 360 83.96 20.56 43.49
N TYR H 361 82.74 20.89 43.11
CA TYR H 361 81.98 20.21 42.07
C TYR H 361 81.74 21.19 40.95
N ALA H 362 81.80 20.79 39.70
CA ALA H 362 81.53 21.68 38.58
C ALA H 362 80.80 20.97 37.43
N ARG H 363 80.00 21.71 36.68
CA ARG H 363 79.35 21.25 35.44
C ARG H 363 79.39 22.36 34.39
N SER H 364 79.55 22.00 33.12
CA SER H 364 79.35 22.94 32.02
C SER H 364 78.52 22.33 30.90
N PHE H 365 77.53 23.09 30.43
CA PHE H 365 76.62 22.73 29.33
C PHE H 365 75.84 23.97 28.93
N GLY H 366 75.12 23.91 27.82
CA GLY H 366 74.11 24.90 27.52
C GLY H 366 73.09 24.42 26.51
N THR H 367 72.26 25.34 26.06
CA THR H 367 70.99 25.05 25.41
C THR H 367 70.72 25.99 24.24
N GLY H 368 69.81 25.60 23.35
CA GLY H 368 69.18 26.51 22.39
C GLY H 368 68.10 25.82 21.60
N VAL H 369 67.17 26.58 21.05
CA VAL H 369 66.08 26.05 20.22
C VAL H 369 66.37 26.36 18.75
N ARG H 370 66.34 25.33 17.90
CA ARG H 370 66.40 25.47 16.43
C ARG H 370 65.04 25.37 15.77
N GLN H 371 64.22 24.43 16.22
CA GLN H 371 62.89 24.11 15.70
C GLN H 371 61.82 25.06 16.25
N ARG H 372 62.01 26.37 16.04
CA ARG H 372 61.37 27.45 16.79
C ARG H 372 59.84 27.50 16.75
N GLY H 373 59.20 26.79 15.84
CA GLY H 373 57.73 26.74 15.70
C GLY H 373 57.06 25.46 16.17
N GLY H 374 57.81 24.42 16.55
CA GLY H 374 57.24 23.10 16.87
C GLY H 374 56.51 23.01 18.21
N ALA H 375 56.56 24.05 19.03
CA ALA H 375 55.89 24.17 20.31
C ALA H 375 55.37 25.59 20.52
N ALA H 376 54.52 25.78 21.52
CA ALA H 376 54.00 27.06 21.95
C ALA H 376 53.69 27.07 23.45
N ILE H 377 53.71 28.24 24.08
CA ILE H 377 53.33 28.42 25.48
C ILE H 377 52.25 29.48 25.60
N MET H 378 51.16 29.15 26.27
CA MET H 378 50.09 30.07 26.61
C MET H 378 50.01 30.26 28.12
N GLN H 379 50.04 31.50 28.59
CA GLN H 379 49.80 31.85 29.98
C GLN H 379 48.36 32.29 30.16
N ILE H 380 47.64 31.71 31.12
CA ILE H 380 46.23 32.02 31.36
C ILE H 380 46.11 33.28 32.22
N LYS H 381 45.90 34.42 31.57
CA LYS H 381 45.73 35.74 32.18
C LYS H 381 44.89 36.63 31.28
N ALA H 382 44.23 37.62 31.85
CA ALA H 382 43.27 38.45 31.14
C ALA H 382 43.91 39.48 30.19
N SER H 383 45.03 40.10 30.58
CA SER H 383 45.65 41.18 29.82
C SER H 383 47.14 41.37 30.13
N GLY H 384 47.83 42.07 29.24
CA GLY H 384 49.26 42.31 29.30
C GLY H 384 50.06 41.20 28.62
N ALA H 385 51.37 41.36 28.53
CA ALA H 385 52.24 40.39 27.85
C ALA H 385 52.44 39.10 28.64
N TYR H 386 52.91 38.05 27.96
CA TYR H 386 53.42 36.86 28.60
C TYR H 386 54.57 37.19 29.56
N GLU H 387 54.60 36.52 30.71
CA GLU H 387 55.71 36.53 31.65
C GLU H 387 56.30 35.14 31.72
N CYS H 388 57.62 35.02 31.65
CA CYS H 388 58.26 33.78 32.04
C CYS H 388 57.93 33.49 33.51
N PRO H 389 57.47 32.30 33.88
CA PRO H 389 57.21 31.96 35.27
C PRO H 389 58.52 32.10 36.07
N PRO H 390 58.53 32.73 37.25
CA PRO H 390 59.75 33.00 37.99
C PRO H 390 60.63 31.78 38.25
N ILE H 391 60.03 30.61 38.46
CA ILE H 391 60.74 29.34 38.67
C ILE H 391 61.57 28.88 37.46
N TYR H 392 61.39 29.47 36.28
CA TYR H 392 62.16 29.18 35.08
C TYR H 392 62.73 30.43 34.40
N LYS H 393 62.59 31.64 34.96
CA LYS H 393 63.27 32.84 34.44
C LYS H 393 64.76 32.76 34.76
N LYS H 394 65.65 33.08 33.81
CA LYS H 394 67.09 32.79 33.87
C LYS H 394 67.85 33.35 35.08
N GLY H 395 67.60 34.60 35.47
CA GLY H 395 68.26 35.19 36.64
C GLY H 395 67.75 34.72 38.01
N GLY H 396 66.72 33.90 38.06
CA GLY H 396 65.92 33.70 39.26
C GLY H 396 66.45 32.67 40.28
N GLY H 397 67.45 31.88 39.95
CA GLY H 397 68.04 30.88 40.86
C GLY H 397 68.59 29.66 40.14
N PHE H 398 68.80 28.57 40.87
CA PHE H 398 69.42 27.36 40.33
C PHE H 398 68.72 26.05 40.72
N LEU H 399 67.46 26.10 41.16
CA LEU H 399 66.67 24.92 41.54
C LEU H 399 65.32 24.90 40.83
N VAL H 400 64.74 23.70 40.66
CA VAL H 400 63.42 23.45 40.06
C VAL H 400 63.27 24.07 38.68
N THR I 20 -61.34 -63.34 61.38
CA THR I 20 -60.83 -62.05 60.85
C THR I 20 -61.91 -60.99 60.89
N ALA I 21 -61.54 -59.71 60.91
CA ALA I 21 -62.44 -58.56 60.99
C ALA I 21 -61.77 -57.30 60.42
N PRO I 22 -62.50 -56.21 60.15
CA PRO I 22 -61.95 -54.88 59.86
C PRO I 22 -61.24 -54.20 61.04
N VAL I 23 -60.54 -54.97 61.86
CA VAL I 23 -59.71 -54.53 62.99
C VAL I 23 -58.25 -54.64 62.57
N ARG I 24 -57.51 -53.56 62.66
CA ARG I 24 -56.09 -53.50 62.29
C ARG I 24 -55.31 -52.68 63.30
N GLN I 25 -54.46 -53.35 64.06
CA GLN I 25 -53.60 -52.75 65.06
C GLN I 25 -52.37 -52.13 64.37
N GLU I 26 -51.98 -50.94 64.83
CA GLU I 26 -50.81 -50.22 64.34
C GLU I 26 -49.94 -49.74 65.51
N GLY I 27 -48.76 -49.23 65.23
CA GLY I 27 -47.77 -48.80 66.24
C GLY I 27 -46.70 -49.85 66.49
N ILE I 28 -45.76 -49.53 67.36
CA ILE I 28 -44.64 -50.41 67.67
C ILE I 28 -45.16 -51.64 68.43
N MET I 29 -44.75 -52.84 68.04
CA MET I 29 -45.03 -54.07 68.78
C MET I 29 -44.24 -54.08 70.08
N THR I 30 -44.91 -54.27 71.20
CA THR I 30 -44.29 -54.26 72.53
C THR I 30 -44.46 -55.59 73.24
N GLN I 31 -43.80 -55.77 74.39
CA GLN I 31 -44.32 -56.71 75.37
C GLN I 31 -45.79 -56.38 75.67
N GLY I 32 -46.61 -57.38 76.01
CA GLY I 32 -48.06 -57.20 76.09
C GLY I 32 -48.77 -57.27 74.75
N ASP I 33 -48.05 -57.15 73.63
CA ASP I 33 -48.48 -57.66 72.32
C ASP I 33 -47.91 -59.06 72.05
N LEU I 34 -47.14 -59.60 72.98
CA LEU I 34 -46.60 -60.95 72.94
C LEU I 34 -47.71 -61.99 73.09
N VAL I 35 -47.54 -63.11 72.43
CA VAL I 35 -48.37 -64.31 72.56
C VAL I 35 -47.52 -65.44 73.12
N THR I 36 -48.02 -66.15 74.13
CA THR I 36 -47.25 -67.16 74.88
C THR I 36 -48.01 -68.46 75.01
N VAL I 37 -47.33 -69.54 75.38
CA VAL I 37 -47.98 -70.77 75.85
C VAL I 37 -48.78 -70.48 77.14
N THR I 38 -50.01 -70.92 77.24
CA THR I 38 -50.84 -70.74 78.44
C THR I 38 -50.49 -71.75 79.53
N SER I 39 -51.00 -71.56 80.75
CA SER I 39 -50.83 -72.53 81.85
C SER I 39 -51.51 -73.88 81.57
N ASP I 40 -52.50 -73.91 80.69
CA ASP I 40 -53.19 -75.09 80.17
C ASP I 40 -52.32 -75.89 79.18
N GLY I 41 -51.19 -75.36 78.77
CA GLY I 41 -50.35 -75.94 77.74
C GLY I 41 -50.80 -75.63 76.32
N ILE I 42 -51.73 -74.69 76.10
CA ILE I 42 -52.09 -74.24 74.75
C ILE I 42 -50.95 -73.39 74.19
N ASP I 43 -50.25 -73.86 73.17
CA ASP I 43 -49.30 -73.01 72.46
C ASP I 43 -50.01 -72.09 71.49
N LEU I 44 -50.39 -70.89 71.91
CA LEU I 44 -51.04 -69.93 71.05
C LEU I 44 -50.19 -69.54 69.83
N ASN I 45 -48.87 -69.69 69.85
CA ASN I 45 -48.03 -69.44 68.67
C ASN I 45 -48.14 -70.52 67.60
N ALA I 46 -48.75 -71.66 67.91
CA ALA I 46 -49.07 -72.66 66.90
C ALA I 46 -50.31 -72.28 66.09
N LEU I 47 -51.09 -71.29 66.52
CA LEU I 47 -52.34 -70.88 65.88
C LEU I 47 -52.18 -69.86 64.76
N TRP I 48 -51.02 -69.25 64.55
CA TRP I 48 -50.82 -68.25 63.51
C TRP I 48 -51.11 -68.81 62.10
N ASN I 49 -50.78 -70.08 61.84
CA ASN I 49 -51.13 -70.76 60.59
C ASN I 49 -52.64 -71.05 60.42
N SER I 50 -53.48 -70.86 61.44
CA SER I 50 -54.87 -71.34 61.44
C SER I 50 -55.72 -70.75 60.31
N PHE I 51 -55.63 -69.43 60.10
CA PHE I 51 -56.43 -68.74 59.08
C PHE I 51 -55.83 -68.81 57.66
N ALA I 52 -54.62 -69.36 57.50
CA ALA I 52 -53.91 -69.41 56.22
C ALA I 52 -54.66 -70.17 55.11
N GLU I 53 -55.55 -71.10 55.44
CA GLU I 53 -56.47 -71.69 54.45
C GLU I 53 -57.37 -70.63 53.80
N SER I 54 -57.96 -69.73 54.59
CA SER I 54 -58.75 -68.61 54.07
C SER I 54 -57.89 -67.65 53.28
N ILE I 55 -56.68 -67.35 53.76
CA ILE I 55 -55.75 -66.50 53.01
C ILE I 55 -55.47 -67.11 51.63
N ALA I 56 -55.16 -68.39 51.55
CA ALA I 56 -54.96 -69.06 50.27
C ALA I 56 -56.22 -68.99 49.38
N ILE I 57 -57.42 -69.21 49.94
CA ILE I 57 -58.67 -69.08 49.19
C ILE I 57 -58.87 -67.65 48.67
N TYR I 58 -58.68 -66.63 49.49
CA TYR I 58 -58.79 -65.24 49.04
C TYR I 58 -57.74 -64.89 48.00
N ASN I 59 -56.51 -65.36 48.16
CA ASN I 59 -55.44 -65.14 47.21
C ASN I 59 -55.78 -65.78 45.87
N GLU I 60 -56.23 -67.03 45.85
CA GLU I 60 -56.69 -67.67 44.62
C GLU I 60 -57.81 -66.86 43.94
N ALA I 61 -58.76 -66.31 44.70
CA ALA I 61 -59.83 -65.49 44.15
C ALA I 61 -59.31 -64.18 43.55
N MET I 62 -58.50 -63.43 44.30
CA MET I 62 -57.92 -62.18 43.82
C MET I 62 -56.93 -62.40 42.68
N ASP I 63 -56.15 -63.47 42.70
CA ASP I 63 -55.24 -63.82 41.62
C ASP I 63 -56.03 -64.04 40.33
N ASN I 64 -57.07 -64.85 40.35
CA ASN I 64 -57.83 -65.12 39.16
C ASN I 64 -58.48 -63.86 38.58
N LEU I 65 -58.99 -62.96 39.41
CA LEU I 65 -59.44 -61.66 38.91
C LEU I 65 -58.28 -60.82 38.36
N ILE I 66 -57.12 -60.74 39.00
CA ILE I 66 -55.99 -59.98 38.47
C ILE I 66 -55.50 -60.55 37.14
N GLN I 67 -55.36 -61.88 37.03
CA GLN I 67 -54.98 -62.55 35.79
C GLN I 67 -56.01 -62.32 34.67
N LEU I 68 -57.31 -62.31 34.96
CA LEU I 68 -58.32 -62.00 33.94
C LEU I 68 -58.37 -60.52 33.59
N LEU I 69 -58.15 -59.63 34.55
CA LEU I 69 -58.36 -58.21 34.37
C LEU I 69 -57.12 -57.44 33.89
N THR I 70 -55.91 -57.99 34.00
CA THR I 70 -54.68 -57.23 33.79
C THR I 70 -53.66 -57.84 32.86
N TYR I 71 -52.78 -57.01 32.27
CA TYR I 71 -51.58 -57.42 31.54
C TYR I 71 -50.38 -56.54 31.92
N PRO I 72 -49.13 -57.00 31.76
CA PRO I 72 -47.96 -56.19 32.06
C PRO I 72 -47.70 -55.14 30.98
N VAL I 73 -47.60 -53.87 31.36
CA VAL I 73 -47.24 -52.78 30.45
C VAL I 73 -45.74 -52.81 30.14
N THR I 74 -45.39 -53.07 28.89
CA THR I 74 -43.99 -53.07 28.42
C THR I 74 -43.47 -51.68 28.06
N VAL I 75 -44.33 -50.77 27.57
CA VAL I 75 -43.98 -49.37 27.26
C VAL I 75 -45.01 -48.38 27.87
N PRO I 76 -44.60 -47.29 28.54
CA PRO I 76 -45.51 -46.52 29.40
C PRO I 76 -46.58 -45.68 28.71
N VAL I 77 -46.51 -45.53 27.39
CA VAL I 77 -47.32 -44.61 26.59
C VAL I 77 -47.68 -45.25 25.26
N GLU I 78 -48.89 -44.98 24.79
CA GLU I 78 -49.53 -45.64 23.66
C GLU I 78 -50.14 -44.60 22.73
N PRO I 79 -49.97 -44.71 21.40
CA PRO I 79 -50.68 -43.91 20.43
C PRO I 79 -52.08 -44.47 20.15
N VAL I 80 -53.05 -43.58 19.97
CA VAL I 80 -54.36 -43.89 19.38
C VAL I 80 -54.40 -43.24 18.02
N VAL I 81 -54.50 -44.04 16.96
CA VAL I 81 -54.38 -43.60 15.57
C VAL I 81 -55.74 -43.61 14.89
N GLN I 82 -56.04 -42.58 14.12
CA GLN I 82 -57.12 -42.60 13.14
C GLN I 82 -56.56 -42.38 11.74
N ILE I 83 -56.98 -43.18 10.77
CA ILE I 83 -56.50 -43.17 9.39
C ILE I 83 -57.67 -42.97 8.42
N GLY I 84 -57.44 -42.32 7.29
CA GLY I 84 -58.46 -41.98 6.30
C GLY I 84 -59.00 -43.12 5.44
N GLU I 85 -59.83 -42.79 4.47
CA GLU I 85 -60.59 -43.72 3.63
C GLU I 85 -60.59 -43.27 2.17
N THR I 86 -60.71 -44.19 1.21
CA THR I 86 -60.73 -43.87 -0.22
C THR I 86 -61.61 -44.79 -1.06
N THR I 87 -62.00 -44.37 -2.26
CA THR I 87 -62.90 -45.10 -3.18
C THR I 87 -62.44 -45.09 -4.63
N PHE I 88 -62.78 -46.15 -5.35
CA PHE I 88 -62.74 -46.19 -6.80
C PHE I 88 -63.81 -45.28 -7.43
N GLU I 89 -63.72 -45.08 -8.73
CA GLU I 89 -64.65 -44.30 -9.56
C GLU I 89 -65.04 -45.11 -10.80
N GLU I 90 -66.23 -44.87 -11.34
CA GLU I 90 -66.64 -45.37 -12.65
C GLU I 90 -65.71 -44.83 -13.74
N ALA I 91 -65.05 -45.71 -14.49
CA ALA I 91 -64.09 -45.34 -15.50
C ALA I 91 -64.73 -44.80 -16.79
N THR I 92 -63.92 -44.13 -17.59
CA THR I 92 -64.24 -43.68 -18.96
C THR I 92 -63.02 -43.91 -19.84
N GLU I 93 -63.23 -44.03 -21.15
CA GLU I 93 -62.18 -43.65 -22.10
C GLU I 93 -62.08 -42.12 -22.15
N LEU I 94 -60.96 -41.59 -22.64
CA LEU I 94 -60.61 -40.17 -22.62
C LEU I 94 -60.30 -39.58 -21.22
N GLY I 95 -61.16 -39.70 -20.21
CA GLY I 95 -60.95 -39.08 -18.88
C GLY I 95 -60.04 -39.85 -17.93
N VAL I 96 -59.66 -39.24 -16.80
CA VAL I 96 -58.82 -39.84 -15.74
C VAL I 96 -59.50 -39.81 -14.35
N PRO I 97 -59.15 -40.71 -13.41
CA PRO I 97 -59.71 -40.77 -12.06
C PRO I 97 -59.50 -39.51 -11.19
N ARG I 98 -59.94 -39.57 -9.93
CA ARG I 98 -60.09 -38.41 -9.03
C ARG I 98 -59.08 -38.36 -7.87
N GLY I 99 -57.99 -39.11 -7.97
CA GLY I 99 -56.85 -39.04 -7.04
C GLY I 99 -57.13 -39.58 -5.63
N ALA I 100 -56.08 -39.69 -4.83
CA ALA I 100 -56.08 -40.38 -3.54
C ALA I 100 -55.03 -39.78 -2.62
N GLY I 101 -55.38 -39.70 -1.34
CA GLY I 101 -54.57 -39.19 -0.25
C GLY I 101 -55.16 -39.66 1.07
N LEU I 102 -54.37 -39.69 2.14
CA LEU I 102 -54.69 -40.47 3.33
C LEU I 102 -54.31 -39.73 4.61
N PRO I 103 -55.19 -38.90 5.18
CA PRO I 103 -54.89 -38.16 6.41
C PRO I 103 -54.76 -39.10 7.60
N ILE I 104 -54.00 -38.66 8.59
CA ILE I 104 -53.75 -39.36 9.85
C ILE I 104 -53.86 -38.39 11.03
N GLU I 105 -54.50 -38.82 12.10
CA GLU I 105 -54.62 -38.09 13.36
C GLU I 105 -54.11 -38.99 14.49
N VAL I 106 -53.30 -38.46 15.41
CA VAL I 106 -52.71 -39.27 16.48
C VAL I 106 -52.88 -38.58 17.83
N PHE I 107 -53.32 -39.34 18.82
CA PHE I 107 -53.45 -38.96 20.21
C PHE I 107 -52.62 -39.90 21.06
N GLN I 108 -52.25 -39.51 22.27
CA GLN I 108 -51.44 -40.33 23.16
C GLN I 108 -52.06 -40.48 24.53
N MET I 109 -51.82 -41.65 25.13
CA MET I 109 -52.28 -41.97 26.48
C MET I 109 -51.26 -42.83 27.19
N GLY I 110 -51.21 -42.72 28.51
CA GLY I 110 -50.30 -43.50 29.33
C GLY I 110 -50.99 -44.34 30.37
N TYR I 111 -50.16 -44.85 31.27
CA TYR I 111 -50.51 -45.53 32.52
C TYR I 111 -49.79 -44.80 33.64
N ASP I 112 -50.42 -44.59 34.79
CA ASP I 112 -49.73 -43.95 35.91
C ASP I 112 -48.75 -44.89 36.62
N LEU I 113 -48.06 -44.37 37.61
CA LEU I 113 -47.12 -45.08 38.48
C LEU I 113 -47.06 -44.36 39.81
N ARG I 114 -47.32 -45.06 40.91
CA ARG I 114 -47.46 -44.52 42.27
C ARG I 114 -46.77 -45.41 43.29
N HIS I 115 -46.52 -44.85 44.45
CA HIS I 115 -45.64 -45.44 45.47
C HIS I 115 -46.38 -45.77 46.73
N TYR I 116 -46.18 -46.97 47.27
CA TYR I 116 -46.82 -47.46 48.48
C TYR I 116 -45.80 -48.08 49.43
N ASP I 117 -46.04 -47.93 50.71
CA ASP I 117 -45.22 -48.52 51.77
C ASP I 117 -46.02 -48.93 53.00
N LYS I 118 -45.41 -49.80 53.81
CA LYS I 118 -45.88 -50.28 55.10
C LYS I 118 -44.67 -50.49 56.00
N ARG I 119 -44.84 -50.34 57.31
CA ARG I 119 -43.76 -50.43 58.29
C ARG I 119 -44.08 -51.41 59.40
N ASN I 120 -43.16 -52.30 59.75
CA ASN I 120 -43.23 -53.12 60.95
C ASN I 120 -42.13 -52.69 61.91
N ALA I 121 -42.46 -52.51 63.19
CA ALA I 121 -41.54 -52.03 64.22
C ALA I 121 -41.73 -52.82 65.52
N TYR I 122 -40.65 -53.15 66.21
CA TYR I 122 -40.65 -53.96 67.42
C TYR I 122 -39.79 -53.32 68.50
N SER I 123 -40.25 -53.28 69.75
CA SER I 123 -39.37 -52.94 70.86
C SER I 123 -38.47 -54.12 71.25
N TRP I 124 -37.35 -53.84 71.88
CA TRP I 124 -36.40 -54.87 72.28
C TRP I 124 -37.04 -55.90 73.21
N MET I 125 -37.98 -55.50 74.06
CA MET I 125 -38.70 -56.42 74.95
C MET I 125 -39.63 -57.38 74.21
N PHE I 126 -40.20 -56.97 73.08
CA PHE I 126 -40.89 -57.91 72.20
C PHE I 126 -39.88 -58.88 71.59
N LEU I 127 -38.80 -58.39 71.01
CA LEU I 127 -37.78 -59.24 70.36
C LEU I 127 -37.08 -60.19 71.34
N ALA I 128 -36.98 -59.82 72.61
CA ALA I 128 -36.42 -60.68 73.65
C ALA I 128 -37.22 -61.98 73.84
N ASP I 129 -38.55 -61.91 73.77
CA ASP I 129 -39.47 -62.98 74.15
C ASP I 129 -40.28 -63.59 73.01
N ALA I 130 -40.48 -62.90 71.89
CA ALA I 130 -41.34 -63.34 70.81
C ALA I 130 -40.91 -64.67 70.19
N ASP I 131 -41.89 -65.49 69.85
CA ASP I 131 -41.71 -66.65 68.99
C ASP I 131 -41.55 -66.19 67.53
N GLY I 132 -40.65 -66.80 66.76
CA GLY I 132 -40.49 -66.50 65.33
C GLY I 132 -41.79 -66.67 64.54
N ARG I 133 -42.67 -67.58 64.94
CA ARG I 133 -43.99 -67.75 64.31
C ARG I 133 -44.85 -66.50 64.42
N GLN I 134 -44.69 -65.68 65.47
CA GLN I 134 -45.43 -64.43 65.56
C GLN I 134 -44.92 -63.39 64.56
N VAL I 135 -43.62 -63.28 64.32
CA VAL I 135 -43.11 -62.33 63.31
C VAL I 135 -43.43 -62.80 61.90
N GLU I 136 -43.39 -64.11 61.63
CA GLU I 136 -43.86 -64.66 60.36
C GLU I 136 -45.35 -64.40 60.15
N ALA I 137 -46.19 -64.44 61.18
CA ALA I 137 -47.58 -64.10 61.05
C ALA I 137 -47.81 -62.66 60.60
N ILE I 138 -46.92 -61.74 60.98
CA ILE I 138 -46.97 -60.34 60.56
C ILE I 138 -46.47 -60.19 59.12
N HIS I 139 -45.37 -60.84 58.74
CA HIS I 139 -44.94 -60.85 57.34
C HIS I 139 -46.05 -61.37 56.41
N ASP I 140 -46.73 -62.45 56.77
CA ASP I 140 -47.83 -62.99 55.98
C ASP I 140 -49.04 -62.05 55.93
N ALA I 141 -49.35 -61.34 57.02
CA ALA I 141 -50.41 -60.34 57.04
C ALA I 141 -50.10 -59.16 56.11
N VAL I 142 -48.83 -58.78 55.99
CA VAL I 142 -48.36 -57.74 55.08
C VAL I 142 -48.42 -58.20 53.63
N LEU I 143 -48.01 -59.42 53.30
CA LEU I 143 -48.14 -59.97 51.94
C LEU I 143 -49.60 -60.05 51.49
N TRP I 144 -50.51 -60.41 52.38
CA TRP I 144 -51.95 -60.37 52.12
C TRP I 144 -52.44 -58.92 51.89
N ALA I 145 -52.00 -57.94 52.67
CA ALA I 145 -52.35 -56.53 52.45
C ALA I 145 -51.76 -55.96 51.15
N ASP I 146 -50.62 -56.47 50.69
CA ASP I 146 -50.06 -56.13 49.39
C ASP I 146 -50.93 -56.65 48.24
N LYS I 147 -51.37 -57.92 48.29
CA LYS I 147 -52.29 -58.48 47.30
C LYS I 147 -53.57 -57.65 47.23
N ARG I 148 -54.14 -57.27 48.37
CA ARG I 148 -55.36 -56.47 48.45
C ARG I 148 -55.21 -55.06 47.90
N LEU I 149 -54.03 -54.45 48.02
CA LEU I 149 -53.71 -53.17 47.42
C LEU I 149 -53.68 -53.26 45.91
N VAL I 150 -52.94 -54.21 45.32
CA VAL I 150 -52.93 -54.41 43.88
C VAL I 150 -54.33 -54.73 43.37
N PHE I 151 -55.11 -55.55 44.06
CA PHE I 151 -56.48 -55.78 43.69
C PHE I 151 -57.32 -54.52 43.72
N ARG I 152 -57.27 -53.71 44.79
CA ARG I 152 -58.03 -52.47 44.84
C ARG I 152 -57.66 -51.55 43.70
N LYS I 153 -56.37 -51.35 43.42
CA LYS I 153 -55.95 -50.46 42.33
C LYS I 153 -56.36 -50.98 40.96
N VAL I 154 -56.37 -52.29 40.72
CA VAL I 154 -56.89 -52.86 39.48
C VAL I 154 -58.38 -52.56 39.32
N MET I 155 -59.20 -52.85 40.33
CA MET I 155 -60.63 -52.59 40.30
C MET I 155 -60.95 -51.09 40.22
N GLU I 156 -60.22 -50.26 40.94
CA GLU I 156 -60.32 -48.80 40.92
C GLU I 156 -60.03 -48.23 39.54
N ALA I 157 -59.10 -48.82 38.78
CA ALA I 157 -58.81 -48.42 37.41
C ALA I 157 -59.97 -48.67 36.44
N LEU I 158 -60.86 -49.60 36.79
CA LEU I 158 -62.01 -49.98 35.99
C LEU I 158 -63.27 -49.25 36.44
N PHE I 159 -63.51 -49.09 37.74
CA PHE I 159 -64.71 -48.48 38.30
C PHE I 159 -64.64 -46.95 38.40
N ASP I 160 -63.48 -46.37 38.70
CA ASP I 160 -63.37 -44.91 38.84
C ASP I 160 -63.24 -44.28 37.45
N ASN I 161 -64.36 -43.73 36.99
CA ASN I 161 -64.54 -43.18 35.65
C ASN I 161 -63.87 -41.82 35.44
N ARG I 162 -63.12 -41.27 36.40
CA ARG I 162 -62.38 -40.03 36.22
C ARG I 162 -61.08 -40.23 35.45
N THR I 163 -60.78 -39.30 34.56
CA THR I 163 -59.53 -39.26 33.82
C THR I 163 -58.40 -38.77 34.72
N ARG I 164 -57.24 -39.42 34.66
CA ARG I 164 -56.05 -39.11 35.46
C ARG I 164 -54.94 -38.51 34.61
N ARG I 165 -53.93 -37.93 35.24
CA ARG I 165 -52.71 -37.43 34.59
C ARG I 165 -51.50 -38.17 35.13
N ALA I 166 -50.48 -38.37 34.32
CA ALA I 166 -49.18 -38.90 34.73
C ALA I 166 -48.05 -38.23 33.98
N ASN I 167 -46.90 -38.06 34.61
CA ASN I 167 -45.69 -37.57 33.95
C ASN I 167 -44.84 -38.77 33.50
N ILE I 168 -44.46 -38.83 32.24
CA ILE I 168 -43.52 -39.82 31.70
C ILE I 168 -42.49 -39.08 30.86
N ARG I 169 -41.19 -39.36 31.03
CA ARG I 169 -40.13 -38.82 30.16
C ARG I 169 -40.26 -37.30 29.94
N ASN I 170 -40.47 -36.55 31.03
CA ASN I 170 -40.68 -35.10 31.06
C ASN I 170 -41.93 -34.52 30.36
N GLN I 171 -42.85 -35.35 29.87
CA GLN I 171 -44.14 -34.92 29.33
C GLN I 171 -45.30 -35.42 30.17
N ALA I 172 -46.36 -34.64 30.28
CA ALA I 172 -47.58 -35.03 30.96
C ALA I 172 -48.57 -35.70 29.97
N TYR I 173 -49.21 -36.78 30.40
CA TYR I 173 -50.16 -37.56 29.61
C TYR I 173 -51.48 -37.75 30.33
N ASN I 174 -52.56 -37.88 29.56
CA ASN I 174 -53.80 -38.45 30.06
C ASN I 174 -53.67 -39.96 30.28
N VAL I 175 -54.25 -40.42 31.37
CA VAL I 175 -54.38 -41.82 31.73
C VAL I 175 -55.85 -42.10 31.86
N TYR I 176 -56.37 -43.04 31.08
CA TYR I 176 -57.81 -43.16 30.86
C TYR I 176 -58.42 -44.41 31.51
N PRO I 177 -59.70 -44.33 31.88
CA PRO I 177 -60.54 -45.48 32.15
C PRO I 177 -61.19 -45.96 30.83
N LEU I 178 -62.31 -46.67 30.90
CA LEU I 178 -63.19 -46.91 29.76
C LEU I 178 -63.71 -45.58 29.19
N TYR I 179 -64.38 -45.57 28.04
CA TYR I 179 -65.00 -44.34 27.52
C TYR I 179 -65.88 -43.67 28.58
N ASN I 180 -65.81 -42.36 28.71
CA ASN I 180 -66.37 -41.62 29.84
C ASN I 180 -66.76 -40.18 29.50
N GLY I 181 -66.83 -39.81 28.22
CA GLY I 181 -67.03 -38.43 27.81
C GLY I 181 -65.77 -37.55 27.74
N ASP I 182 -64.60 -38.04 28.17
CA ASP I 182 -63.31 -37.34 28.06
C ASP I 182 -62.40 -37.96 26.98
N GLY I 183 -61.48 -37.16 26.45
CA GLY I 183 -60.46 -37.63 25.51
C GLY I 183 -60.99 -37.87 24.08
N VAL I 184 -60.18 -38.55 23.27
CA VAL I 184 -60.51 -38.80 21.86
C VAL I 184 -61.79 -39.65 21.75
N PRO I 185 -62.79 -39.29 20.94
CA PRO I 185 -64.00 -40.09 20.77
C PRO I 185 -63.68 -41.48 20.19
N PRO I 186 -64.55 -42.47 20.35
CA PRO I 186 -64.33 -43.79 19.78
C PRO I 186 -64.26 -43.72 18.25
N PRO I 187 -63.39 -44.53 17.59
CA PRO I 187 -63.34 -44.57 16.14
C PRO I 187 -64.63 -45.13 15.55
N ARG I 188 -65.01 -44.69 14.34
CA ARG I 188 -66.13 -45.24 13.56
C ARG I 188 -65.92 -46.75 13.34
N PHE I 189 -66.99 -47.55 13.45
CA PHE I 189 -67.00 -48.95 13.01
C PHE I 189 -67.66 -49.05 11.63
N LYS I 190 -68.20 -50.22 11.25
CA LYS I 190 -68.81 -50.46 9.94
C LYS I 190 -69.85 -49.40 9.57
N ASN I 191 -70.83 -49.19 10.44
CA ASN I 191 -71.87 -48.17 10.28
C ASN I 191 -71.95 -47.21 11.47
N ASN I 192 -71.50 -47.63 12.65
CA ASN I 192 -71.62 -46.85 13.88
C ASN I 192 -70.60 -45.73 13.95
N VAL I 193 -71.05 -44.56 14.40
CA VAL I 193 -70.24 -43.37 14.62
C VAL I 193 -70.60 -42.75 15.98
N PHE I 194 -69.61 -42.22 16.70
CA PHE I 194 -69.75 -41.84 18.10
C PHE I 194 -69.24 -40.41 18.34
N ASP I 195 -69.99 -39.61 19.07
CA ASP I 195 -69.54 -38.29 19.47
C ASP I 195 -68.72 -38.33 20.78
N GLU I 196 -68.10 -37.21 21.12
CA GLU I 196 -67.23 -37.08 22.30
C GLU I 196 -67.91 -37.34 23.65
N THR I 197 -69.23 -37.21 23.77
CA THR I 197 -69.94 -37.46 25.02
C THR I 197 -70.18 -38.94 25.28
N HIS I 198 -69.84 -39.83 24.34
CA HIS I 198 -70.03 -41.26 24.47
C HIS I 198 -69.32 -41.82 25.72
N SER I 199 -70.05 -42.64 26.48
CA SER I 199 -69.62 -43.18 27.77
C SER I 199 -69.95 -44.66 27.91
N HIS I 200 -69.04 -45.44 28.48
CA HIS I 200 -69.24 -46.82 28.92
C HIS I 200 -69.49 -46.93 30.43
N TYR I 201 -69.79 -45.83 31.11
CA TYR I 201 -70.34 -45.79 32.46
C TYR I 201 -71.76 -45.26 32.40
N VAL I 202 -72.74 -46.10 32.71
CA VAL I 202 -74.15 -45.90 32.36
C VAL I 202 -75.06 -46.43 33.45
N ILE I 203 -76.35 -46.10 33.39
CA ILE I 203 -77.34 -46.61 34.34
C ILE I 203 -78.44 -47.42 33.65
N SER I 204 -79.07 -48.33 34.38
CA SER I 204 -80.24 -49.08 33.91
C SER I 204 -81.46 -48.20 33.63
N HIS I 205 -81.61 -47.09 34.33
CA HIS I 205 -82.86 -46.32 34.47
C HIS I 205 -84.00 -47.07 35.14
N ASN I 206 -83.72 -48.12 35.92
CA ASN I 206 -84.70 -48.86 36.71
C ASN I 206 -84.08 -49.33 38.02
N SER I 207 -84.87 -49.46 39.09
CA SER I 207 -84.39 -49.89 40.41
C SER I 207 -83.95 -51.36 40.49
N VAL I 208 -84.37 -52.17 39.54
CA VAL I 208 -84.07 -53.62 39.44
C VAL I 208 -83.59 -53.94 38.02
N VAL I 209 -82.74 -54.94 37.84
CA VAL I 209 -82.19 -55.35 36.55
C VAL I 209 -83.23 -55.95 35.60
N ASP I 210 -83.13 -55.61 34.31
CA ASP I 210 -83.89 -56.18 33.20
C ASP I 210 -83.03 -57.15 32.37
N SER I 211 -83.67 -57.95 31.53
CA SER I 211 -82.98 -58.53 30.36
C SER I 211 -82.43 -57.44 29.43
N SER I 212 -83.14 -56.32 29.29
CA SER I 212 -82.70 -55.19 28.49
C SER I 212 -81.34 -54.69 28.92
N ASP I 213 -81.01 -54.75 30.20
CA ASP I 213 -79.76 -54.25 30.70
C ASP I 213 -78.59 -55.10 30.24
N LEU I 214 -78.72 -56.42 30.25
CA LEU I 214 -77.66 -57.29 29.74
C LEU I 214 -77.49 -57.15 28.23
N GLU I 215 -78.57 -56.85 27.52
CA GLU I 215 -78.58 -56.68 26.08
C GLU I 215 -78.00 -55.31 25.67
N ASP I 216 -78.36 -54.25 26.38
CA ASP I 216 -77.75 -52.93 26.22
C ASP I 216 -76.29 -52.93 26.61
N LEU I 217 -75.91 -53.61 27.69
CA LEU I 217 -74.52 -53.71 28.06
C LEU I 217 -73.73 -54.42 26.97
N MET I 218 -74.28 -55.44 26.33
CA MET I 218 -73.63 -56.14 25.23
C MET I 218 -73.48 -55.20 24.04
N GLU I 219 -74.46 -54.35 23.77
CA GLU I 219 -74.38 -53.39 22.69
C GLU I 219 -73.23 -52.39 22.88
N LEU I 220 -72.93 -51.97 24.12
CA LEU I 220 -71.78 -51.10 24.35
C LEU I 220 -70.46 -51.71 23.90
N LEU I 221 -70.32 -53.04 23.85
CA LEU I 221 -69.11 -53.66 23.32
C LEU I 221 -69.26 -53.88 21.82
N ALA I 222 -70.39 -54.42 21.39
CA ALA I 222 -70.63 -54.78 20.01
C ALA I 222 -70.69 -53.56 19.07
N GLU I 223 -71.06 -52.39 19.57
CA GLU I 223 -71.09 -51.16 18.79
C GLU I 223 -69.71 -50.84 18.19
N HIS I 224 -68.63 -51.22 18.87
CA HIS I 224 -67.25 -51.03 18.42
C HIS I 224 -66.69 -52.23 17.66
N GLY I 225 -67.52 -53.21 17.32
CA GLY I 225 -67.08 -54.45 16.69
C GLY I 225 -66.53 -55.52 17.64
N TYR I 226 -66.58 -55.28 18.96
CA TYR I 226 -66.29 -56.33 19.93
C TYR I 226 -67.57 -57.15 20.13
N SER I 227 -67.81 -58.06 19.19
CA SER I 227 -69.13 -58.64 18.94
C SER I 227 -69.03 -60.16 18.85
N PRO I 228 -70.08 -60.93 19.17
CA PRO I 228 -70.04 -62.38 19.04
C PRO I 228 -69.83 -62.83 17.57
N GLN I 229 -70.25 -62.02 16.60
CA GLN I 229 -69.94 -62.22 15.17
C GLN I 229 -68.43 -62.16 14.87
N ALA I 230 -67.66 -61.38 15.64
CA ALA I 230 -66.19 -61.31 15.55
C ALA I 230 -65.50 -62.43 16.35
N GLY I 231 -66.23 -63.35 16.99
CA GLY I 231 -65.65 -64.35 17.87
C GLY I 231 -65.22 -63.83 19.24
N THR I 232 -65.62 -62.62 19.65
CA THR I 232 -65.28 -62.08 20.97
C THR I 232 -65.94 -62.93 22.05
N GLN I 233 -65.18 -63.45 23.01
CA GLN I 233 -65.75 -64.06 24.20
C GLN I 233 -66.12 -63.00 25.22
N PHE I 234 -67.16 -63.20 26.01
CA PHE I 234 -67.64 -62.20 26.95
C PHE I 234 -67.79 -62.77 28.35
N LEU I 235 -67.33 -62.00 29.32
CA LEU I 235 -67.50 -62.23 30.74
C LEU I 235 -68.43 -61.15 31.29
N LEU I 236 -69.46 -61.53 32.02
CA LEU I 236 -70.23 -60.63 32.87
C LEU I 236 -69.89 -60.92 34.32
N LEU I 237 -69.37 -59.94 35.05
CA LEU I 237 -69.11 -60.03 36.48
C LEU I 237 -70.24 -59.30 37.19
N ALA I 238 -70.89 -59.97 38.13
CA ALA I 238 -72.07 -59.43 38.80
C ALA I 238 -72.13 -59.84 40.28
N ASN I 239 -72.76 -59.01 41.09
CA ASN I 239 -73.09 -59.35 42.47
C ASN I 239 -74.19 -60.43 42.54
N LYS I 240 -74.27 -61.20 43.63
CA LYS I 240 -75.35 -62.18 43.82
C LYS I 240 -76.73 -61.56 43.63
N ALA I 241 -76.95 -60.36 44.15
CA ALA I 241 -78.22 -59.67 44.04
C ALA I 241 -78.68 -59.44 42.60
N GLU I 242 -77.78 -59.32 41.63
CA GLU I 242 -78.15 -59.24 40.23
C GLU I 242 -78.37 -60.64 39.66
N THR I 243 -77.47 -61.59 39.93
CA THR I 243 -77.60 -62.93 39.37
C THR I 243 -78.86 -63.65 39.85
N ASP I 244 -79.32 -63.39 41.06
CA ASP I 244 -80.62 -63.88 41.54
C ASP I 244 -81.80 -63.40 40.68
N ALA I 245 -81.73 -62.22 40.10
CA ALA I 245 -82.75 -61.70 39.20
C ALA I 245 -82.52 -62.22 37.77
N ILE I 246 -81.28 -62.28 37.30
CA ILE I 246 -80.93 -62.78 35.96
C ILE I 246 -81.35 -64.24 35.77
N ARG I 247 -81.25 -65.09 36.79
CA ARG I 247 -81.73 -66.48 36.73
C ARG I 247 -83.22 -66.63 36.38
N GLN I 248 -84.02 -65.58 36.49
CA GLN I 248 -85.44 -65.60 36.14
C GLN I 248 -85.69 -65.54 34.62
N PHE I 249 -84.74 -65.05 33.81
CA PHE I 249 -85.00 -64.61 32.44
C PHE I 249 -85.26 -65.78 31.47
N ARG I 250 -86.31 -65.70 30.63
CA ARG I 250 -86.75 -66.72 29.65
C ARG I 250 -87.13 -66.14 28.28
N ARG I 251 -86.76 -66.81 27.17
CA ARG I 251 -87.02 -66.32 25.80
C ARG I 251 -88.47 -65.94 25.60
N GLY I 252 -88.71 -64.72 25.14
CA GLY I 252 -90.04 -64.22 24.83
C GLY I 252 -90.94 -63.93 26.05
N VAL I 253 -90.43 -64.07 27.27
CA VAL I 253 -91.18 -63.83 28.49
C VAL I 253 -90.75 -62.52 29.13
N VAL I 254 -91.71 -61.76 29.65
CA VAL I 254 -91.48 -60.49 30.35
C VAL I 254 -90.87 -60.70 31.74
N ASN I 255 -89.94 -59.81 32.12
CA ASN I 255 -89.24 -59.75 33.39
C ASN I 255 -89.74 -58.55 34.21
N ASN I 256 -88.83 -57.90 34.92
CA ASN I 256 -89.01 -56.62 35.56
C ASN I 256 -89.25 -55.50 34.53
N ASN I 257 -89.92 -54.43 34.95
CA ASN I 257 -90.07 -53.17 34.21
C ASN I 257 -90.60 -53.32 32.78
N GLY I 258 -91.35 -54.38 32.47
CA GLY I 258 -91.89 -54.64 31.13
C GLY I 258 -90.89 -55.13 30.09
N ALA I 259 -89.67 -55.53 30.47
CA ALA I 259 -88.67 -56.01 29.53
C ALA I 259 -88.84 -57.49 29.18
N THR I 260 -89.08 -57.81 27.92
CA THR I 260 -89.04 -59.20 27.40
C THR I 260 -87.59 -59.68 27.29
N ALA I 261 -87.30 -60.93 27.63
CA ALA I 261 -85.97 -61.49 27.44
C ALA I 261 -85.76 -62.05 26.03
N GLY I 262 -84.62 -61.74 25.42
CA GLY I 262 -84.21 -62.28 24.13
C GLY I 262 -83.49 -63.62 24.20
N TYR I 263 -83.20 -64.10 25.42
CA TYR I 263 -82.48 -65.34 25.69
C TYR I 263 -83.07 -66.03 26.93
N ASP I 264 -82.78 -67.31 27.14
CA ASP I 264 -82.89 -67.89 28.47
C ASP I 264 -81.61 -67.65 29.25
N PHE I 265 -81.71 -67.48 30.56
CA PHE I 265 -80.57 -67.84 31.39
C PHE I 265 -80.40 -69.35 31.36
N ILE I 266 -79.23 -69.86 30.99
CA ILE I 266 -78.91 -71.28 30.91
C ILE I 266 -77.94 -71.63 32.04
N PRO I 267 -78.35 -72.39 33.07
CA PRO I 267 -77.48 -72.77 34.17
C PRO I 267 -76.33 -73.66 33.72
N SER I 268 -75.20 -73.59 34.44
CA SER I 268 -74.15 -74.60 34.41
C SER I 268 -74.55 -75.85 35.21
N PRO I 269 -74.00 -77.04 34.90
CA PRO I 269 -74.26 -78.29 35.63
C PRO I 269 -74.09 -78.19 37.15
N PRO I 289 -67.45 -75.60 35.18
CA PRO I 289 -66.86 -74.79 34.14
C PRO I 289 -66.30 -73.47 34.67
N THR I 290 -65.20 -72.99 34.08
CA THR I 290 -64.56 -71.74 34.50
C THR I 290 -64.21 -70.84 33.33
N PHE I 291 -64.29 -69.53 33.57
CA PHE I 291 -63.76 -68.50 32.69
C PHE I 291 -62.48 -68.01 33.35
N GLY I 292 -61.33 -68.26 32.74
CA GLY I 292 -60.09 -68.34 33.51
C GLY I 292 -60.22 -69.39 34.62
N GLY I 293 -59.97 -68.98 35.87
CA GLY I 293 -60.16 -69.81 37.06
C GLY I 293 -61.47 -69.59 37.83
N LEU I 294 -62.30 -68.61 37.43
CA LEU I 294 -63.53 -68.25 38.13
C LEU I 294 -64.68 -69.14 37.67
N ALA I 295 -65.56 -69.58 38.57
CA ALA I 295 -66.68 -70.44 38.23
C ALA I 295 -67.79 -69.70 37.49
N VAL I 296 -68.14 -70.17 36.29
CA VAL I 296 -69.26 -69.65 35.51
C VAL I 296 -70.57 -70.28 36.00
N ILE I 297 -71.49 -69.48 36.52
CA ILE I 297 -72.77 -70.01 37.03
C ILE I 297 -73.73 -70.43 35.92
N GLY I 298 -73.53 -69.88 34.72
CA GLY I 298 -74.36 -70.09 33.56
C GLY I 298 -74.16 -68.94 32.57
N SER I 299 -75.05 -68.81 31.60
CA SER I 299 -74.96 -67.79 30.57
C SER I 299 -76.31 -67.23 30.20
N TYR I 300 -76.31 -66.01 29.66
CA TYR I 300 -77.48 -65.35 29.09
C TYR I 300 -77.03 -64.71 27.79
N GLY I 301 -77.51 -65.23 26.65
CA GLY I 301 -76.86 -64.96 25.38
C GLY I 301 -75.39 -65.35 25.39
N PHE I 302 -74.53 -64.49 24.87
CA PHE I 302 -73.08 -64.72 24.82
C PHE I 302 -72.34 -64.35 26.10
N TRP I 303 -73.01 -63.80 27.13
CA TRP I 303 -72.40 -63.54 28.42
C TRP I 303 -72.15 -64.84 29.18
N ASN I 304 -70.90 -65.20 29.46
CA ASN I 304 -70.58 -66.11 30.56
C ASN I 304 -70.75 -65.33 31.86
N ILE I 305 -71.72 -65.71 32.69
CA ILE I 305 -71.99 -65.01 33.95
C ILE I 305 -71.18 -65.62 35.07
N VAL I 306 -70.41 -64.79 35.74
CA VAL I 306 -69.69 -65.12 36.97
C VAL I 306 -70.27 -64.27 38.08
N GLU I 307 -70.72 -64.93 39.14
CA GLU I 307 -71.18 -64.27 40.36
C GLU I 307 -69.99 -64.03 41.28
N GLU I 308 -69.79 -62.80 41.76
CA GLU I 308 -68.61 -62.42 42.51
C GLU I 308 -68.93 -61.34 43.56
N ASP I 309 -68.81 -61.66 44.85
CA ASP I 309 -69.12 -60.72 45.94
C ASP I 309 -68.21 -59.50 45.96
N TYR I 310 -67.03 -59.55 45.32
CA TYR I 310 -66.22 -58.34 45.14
C TYR I 310 -66.85 -57.30 44.20
N ILE I 311 -67.81 -57.66 43.34
CA ILE I 311 -68.61 -56.68 42.62
C ILE I 311 -69.68 -56.15 43.58
N PRO I 312 -69.77 -54.85 43.87
CA PRO I 312 -70.75 -54.33 44.80
C PRO I 312 -72.18 -54.53 44.30
N PRO I 313 -73.19 -54.62 45.18
CA PRO I 313 -74.57 -54.71 44.77
C PRO I 313 -74.98 -53.53 43.90
N GLY I 314 -75.81 -53.80 42.88
CA GLY I 314 -76.27 -52.80 41.94
C GLY I 314 -75.30 -52.48 40.81
N TYR I 315 -74.20 -53.21 40.61
CA TYR I 315 -73.30 -53.02 39.48
C TYR I 315 -73.15 -54.29 38.64
N LEU I 316 -73.08 -54.12 37.33
CA LEU I 316 -72.72 -55.13 36.32
C LEU I 316 -71.46 -54.68 35.60
N VAL I 317 -70.50 -55.57 35.40
CA VAL I 317 -69.27 -55.30 34.65
C VAL I 317 -69.17 -56.28 33.49
N GLY I 318 -69.26 -55.80 32.26
CA GLY I 318 -69.13 -56.61 31.06
C GLY I 318 -67.76 -56.41 30.42
N VAL I 319 -67.06 -57.49 30.10
CA VAL I 319 -65.70 -57.47 29.56
C VAL I 319 -65.58 -58.37 28.35
N GLY I 320 -64.97 -57.90 27.28
CA GLY I 320 -64.69 -58.69 26.07
C GLY I 320 -63.26 -59.23 26.02
N TYR I 321 -63.08 -60.40 25.41
CA TYR I 321 -61.79 -61.10 25.28
C TYR I 321 -61.64 -61.73 23.89
N GLY I 322 -60.40 -61.86 23.40
CA GLY I 322 -60.10 -62.58 22.16
C GLY I 322 -60.86 -62.05 20.94
N GLY I 323 -61.27 -62.95 20.04
CA GLY I 323 -61.97 -62.60 18.80
C GLY I 323 -61.09 -61.91 17.76
N ALA I 324 -61.69 -61.39 16.68
CA ALA I 324 -60.98 -60.86 15.52
C ALA I 324 -60.18 -59.58 15.81
N PHE I 325 -60.67 -58.73 16.72
CA PHE I 325 -59.90 -57.59 17.24
C PHE I 325 -58.89 -57.98 18.33
N ASN I 326 -58.90 -59.24 18.76
CA ASN I 326 -57.95 -59.83 19.69
C ASN I 326 -57.83 -59.02 20.99
N LEU I 327 -58.95 -58.80 21.66
CA LEU I 327 -58.98 -58.08 22.93
C LEU I 327 -58.10 -58.76 23.97
N GLY I 328 -57.20 -57.98 24.56
CA GLY I 328 -56.46 -58.33 25.75
C GLY I 328 -57.22 -57.95 27.01
N ASN I 329 -56.65 -58.20 28.17
CA ASN I 329 -57.28 -57.94 29.45
C ASN I 329 -57.47 -56.41 29.64
N PRO I 330 -58.55 -55.92 30.28
CA PRO I 330 -58.91 -54.51 30.24
C PRO I 330 -57.88 -53.52 30.81
N VAL I 331 -57.13 -53.86 31.87
CA VAL I 331 -56.24 -52.93 32.58
C VAL I 331 -54.77 -53.25 32.34
N GLY I 332 -53.92 -52.27 32.08
CA GLY I 332 -52.47 -52.47 32.06
C GLY I 332 -51.87 -52.17 33.42
N LEU I 333 -50.97 -53.02 33.92
CA LEU I 333 -50.16 -52.77 35.10
C LEU I 333 -48.77 -52.28 34.69
N ARG I 334 -48.40 -51.07 35.12
CA ARG I 334 -47.08 -50.48 34.92
C ARG I 334 -46.24 -50.64 36.17
N GLN I 335 -45.00 -51.11 36.03
CA GLN I 335 -43.97 -51.02 37.07
C GLN I 335 -42.97 -49.91 36.77
N HIS I 336 -42.13 -49.57 37.75
CA HIS I 336 -40.94 -48.75 37.53
C HIS I 336 -39.99 -49.41 36.52
N ALA I 337 -39.21 -48.61 35.80
CA ALA I 337 -38.31 -49.10 34.75
C ALA I 337 -37.09 -49.85 35.31
N ASN I 338 -36.60 -49.49 36.50
CA ASN I 338 -35.40 -50.07 37.10
C ASN I 338 -35.74 -51.41 37.77
N PRO I 339 -35.08 -52.53 37.45
CA PRO I 339 -35.37 -53.81 38.10
C PRO I 339 -35.25 -53.79 39.63
N ALA I 340 -34.35 -52.99 40.20
CA ALA I 340 -34.23 -52.85 41.65
C ALA I 340 -35.46 -52.19 42.31
N MET I 341 -36.34 -51.54 41.55
CA MET I 341 -37.60 -50.97 42.00
C MET I 341 -38.83 -51.87 41.77
N GLN I 342 -38.70 -52.99 41.06
CA GLN I 342 -39.83 -53.83 40.66
C GLN I 342 -40.22 -54.83 41.74
N GLY I 343 -41.51 -55.19 41.80
CA GLY I 343 -42.05 -56.14 42.77
C GLY I 343 -42.24 -55.56 44.18
N LEU I 344 -42.75 -56.38 45.10
CA LEU I 344 -42.72 -56.07 46.52
C LEU I 344 -41.30 -56.22 47.06
N ARG I 345 -40.82 -55.21 47.77
CA ARG I 345 -39.47 -55.14 48.34
C ARG I 345 -39.55 -54.99 49.85
N ILE I 346 -38.58 -55.56 50.55
CA ILE I 346 -38.33 -55.34 51.97
C ILE I 346 -37.01 -54.59 52.13
N ILE I 347 -37.02 -53.52 52.93
CA ILE I 347 -35.93 -52.56 53.08
C ILE I 347 -35.61 -52.44 54.58
N ALA I 348 -34.33 -52.47 54.96
CA ALA I 348 -33.94 -52.34 56.36
C ALA I 348 -34.20 -50.92 56.89
N GLY I 349 -34.85 -50.79 58.04
CA GLY I 349 -35.39 -49.52 58.50
C GLY I 349 -34.37 -48.54 59.08
N ASN I 350 -34.88 -47.45 59.64
CA ASN I 350 -34.04 -46.42 60.24
C ASN I 350 -33.62 -46.77 61.66
N TYR I 351 -34.46 -47.48 62.38
CA TYR I 351 -34.20 -48.02 63.70
C TYR I 351 -33.65 -49.44 63.55
N GLN I 352 -32.42 -49.67 63.99
CA GLN I 352 -31.65 -50.89 63.73
C GLN I 352 -30.91 -51.41 64.97
N ARG I 353 -31.20 -50.88 66.16
CA ARG I 353 -30.44 -51.08 67.41
C ARG I 353 -31.39 -50.99 68.59
N TYR I 354 -31.04 -51.56 69.73
CA TYR I 354 -31.72 -51.31 71.01
C TYR I 354 -32.03 -49.80 71.18
N PRO I 355 -33.24 -49.38 71.60
CA PRO I 355 -34.33 -50.18 72.16
C PRO I 355 -35.39 -50.63 71.15
N LEU I 356 -35.27 -50.28 69.88
CA LEU I 356 -36.35 -50.26 68.92
C LEU I 356 -35.82 -50.59 67.53
N VAL I 357 -36.48 -51.47 66.79
CA VAL I 357 -36.10 -51.87 65.43
C VAL I 357 -37.29 -51.70 64.51
N ASP I 358 -37.10 -51.22 63.29
CA ASP I 358 -38.14 -51.16 62.26
C ASP I 358 -37.65 -51.58 60.87
N GLY I 359 -38.59 -51.72 59.95
CA GLY I 359 -38.32 -52.06 58.56
C GLY I 359 -39.49 -51.69 57.67
N PHE I 360 -39.22 -51.56 56.38
CA PHE I 360 -40.21 -51.13 55.41
C PHE I 360 -40.47 -52.20 54.37
N TYR I 361 -41.72 -52.32 54.00
CA TYR I 361 -42.19 -53.00 52.81
C TYR I 361 -42.59 -51.94 51.80
N ALA I 362 -42.14 -52.04 50.56
CA ALA I 362 -42.48 -51.06 49.54
C ALA I 362 -42.79 -51.72 48.20
N ARG I 363 -43.81 -51.21 47.52
CA ARG I 363 -44.16 -51.54 46.13
C ARG I 363 -44.50 -50.26 45.41
N SER I 364 -44.08 -50.12 44.17
CA SER I 364 -44.60 -49.08 43.29
C SER I 364 -45.05 -49.67 41.97
N PHE I 365 -46.23 -49.25 41.54
CA PHE I 365 -46.93 -49.74 40.36
C PHE I 365 -48.02 -48.74 39.98
N GLY I 366 -48.66 -48.91 38.84
CA GLY I 366 -49.79 -48.09 38.44
C GLY I 366 -50.56 -48.67 37.28
N THR I 367 -51.60 -47.97 36.84
CA THR I 367 -52.64 -48.53 35.97
C THR I 367 -53.12 -47.55 34.89
N GLY I 368 -53.78 -48.10 33.88
CA GLY I 368 -54.47 -47.37 32.82
C GLY I 368 -55.11 -48.34 31.83
N VAL I 369 -56.03 -47.86 31.01
CA VAL I 369 -56.77 -48.63 30.00
C VAL I 369 -56.31 -48.25 28.59
N ARG I 370 -56.00 -49.24 27.75
CA ARG I 370 -55.72 -49.06 26.31
C ARG I 370 -56.95 -49.28 25.44
N GLN I 371 -57.62 -50.43 25.59
CA GLN I 371 -58.83 -50.79 24.84
C GLN I 371 -60.07 -50.20 25.52
N ARG I 372 -60.24 -48.87 25.46
CA ARG I 372 -61.29 -48.11 26.20
C ARG I 372 -62.72 -48.56 25.95
N GLY I 373 -62.97 -49.29 24.87
CA GLY I 373 -64.29 -49.81 24.50
C GLY I 373 -64.53 -51.28 24.86
N GLY I 374 -63.47 -52.03 25.18
CA GLY I 374 -63.50 -53.48 25.37
C GLY I 374 -64.20 -53.97 26.64
N ALA I 375 -64.72 -53.07 27.44
CA ALA I 375 -65.52 -53.35 28.62
C ALA I 375 -66.48 -52.19 28.88
N ALA I 376 -67.47 -52.41 29.73
CA ALA I 376 -68.44 -51.42 30.16
C ALA I 376 -68.95 -51.74 31.55
N ILE I 377 -69.41 -50.73 32.29
CA ILE I 377 -69.99 -50.89 33.61
C ILE I 377 -71.36 -50.23 33.62
N MET I 378 -72.35 -50.92 34.15
CA MET I 378 -73.68 -50.37 34.38
C MET I 378 -74.05 -50.40 35.85
N GLN I 379 -74.57 -49.29 36.36
CA GLN I 379 -75.18 -49.23 37.68
C GLN I 379 -76.69 -49.38 37.57
N ILE I 380 -77.29 -50.28 38.33
CA ILE I 380 -78.74 -50.41 38.44
C ILE I 380 -79.24 -49.30 39.35
N LYS I 381 -79.87 -48.29 38.77
CA LYS I 381 -80.59 -47.24 39.49
C LYS I 381 -81.64 -46.59 38.59
N ALA I 382 -82.65 -45.97 39.19
CA ALA I 382 -83.78 -45.42 38.46
C ALA I 382 -83.44 -44.16 37.65
N SER I 383 -82.65 -43.24 38.20
CA SER I 383 -82.34 -41.95 37.56
C SER I 383 -81.10 -41.28 38.15
N GLY I 384 -80.52 -40.32 37.42
CA GLY I 384 -79.28 -39.63 37.79
C GLY I 384 -78.02 -40.20 37.14
N ALA I 385 -76.86 -39.82 37.66
CA ALA I 385 -75.54 -40.19 37.13
C ALA I 385 -75.09 -41.57 37.61
N TYR I 386 -74.11 -42.16 36.90
CA TYR I 386 -73.29 -43.24 37.42
C TYR I 386 -72.46 -42.73 38.59
N GLU I 387 -72.33 -43.51 39.66
CA GLU I 387 -71.43 -43.26 40.77
C GLU I 387 -70.43 -44.38 40.89
N CYS I 388 -69.14 -44.06 41.05
CA CYS I 388 -68.16 -45.08 41.40
C CYS I 388 -68.51 -45.61 42.80
N PRO I 389 -68.61 -46.92 43.03
CA PRO I 389 -68.89 -47.47 44.34
C PRO I 389 -67.78 -47.06 45.30
N PRO I 390 -68.09 -46.62 46.55
CA PRO I 390 -67.08 -46.14 47.47
C PRO I 390 -65.96 -47.14 47.79
N ILE I 391 -66.23 -48.42 47.59
CA ILE I 391 -65.29 -49.54 47.71
C ILE I 391 -64.12 -49.39 46.71
N TYR I 392 -64.35 -48.82 45.53
CA TYR I 392 -63.34 -48.70 44.47
C TYR I 392 -63.00 -47.27 44.06
N LYS I 393 -63.60 -46.25 44.66
CA LYS I 393 -63.25 -44.85 44.36
C LYS I 393 -61.83 -44.52 44.84
N LYS I 394 -61.10 -43.69 44.10
CA LYS I 394 -59.69 -43.34 44.31
C LYS I 394 -59.31 -42.86 45.73
N GLY I 395 -60.12 -42.05 46.37
CA GLY I 395 -59.80 -41.51 47.70
C GLY I 395 -60.02 -42.44 48.90
N GLY I 396 -60.72 -43.56 48.72
CA GLY I 396 -61.35 -44.30 49.81
C GLY I 396 -60.48 -45.21 50.66
N GLY I 397 -59.30 -45.65 50.22
CA GLY I 397 -58.44 -46.52 51.01
C GLY I 397 -57.52 -47.40 50.20
N PHE I 398 -57.05 -48.50 50.80
CA PHE I 398 -55.99 -49.36 50.25
C PHE I 398 -56.32 -50.86 50.31
N LEU I 399 -57.46 -51.23 50.87
CA LEU I 399 -57.93 -52.61 51.03
C LEU I 399 -59.32 -52.79 50.44
N VAL I 400 -59.59 -54.01 49.96
CA VAL I 400 -60.93 -54.54 49.63
C VAL I 400 -61.10 -55.97 50.15
N ALA J 2 -60.23 -39.56 9.32
CA ALA J 2 -59.23 -39.16 10.34
C ALA J 2 -59.79 -38.01 11.17
N LEU J 3 -59.84 -36.78 10.67
CA LEU J 3 -60.66 -35.74 11.30
C LEU J 3 -61.24 -34.77 10.27
N LYS J 4 -60.39 -34.15 9.43
CA LYS J 4 -60.79 -33.25 8.35
C LYS J 4 -60.13 -33.61 7.03
N THR J 5 -60.87 -33.44 5.94
CA THR J 5 -60.27 -33.27 4.61
C THR J 5 -60.04 -31.78 4.35
N LYS J 6 -59.11 -31.45 3.46
CA LYS J 6 -58.73 -30.07 3.12
C LYS J 6 -58.51 -29.93 1.61
N PRO J 7 -58.85 -28.78 1.00
CA PRO J 7 -58.78 -28.62 -0.44
C PRO J 7 -57.40 -28.89 -1.03
N ARG J 8 -57.35 -29.59 -2.17
CA ARG J 8 -56.11 -29.83 -2.92
C ARG J 8 -56.36 -29.78 -4.42
N TRP J 9 -55.36 -29.39 -5.20
CA TRP J 9 -55.35 -29.66 -6.63
C TRP J 9 -55.32 -31.16 -6.89
N ASP J 10 -56.28 -31.65 -7.67
CA ASP J 10 -56.32 -33.04 -8.14
C ASP J 10 -55.75 -33.16 -9.55
N LYS J 11 -56.21 -32.30 -10.46
CA LYS J 11 -55.56 -32.09 -11.74
C LYS J 11 -55.09 -30.65 -11.86
N TYR J 12 -53.81 -30.49 -12.10
CA TYR J 12 -53.15 -29.23 -12.37
C TYR J 12 -51.99 -29.59 -13.29
N ASP J 13 -51.99 -29.08 -14.52
CA ASP J 13 -50.99 -29.48 -15.51
C ASP J 13 -49.67 -28.71 -15.38
N GLY J 14 -49.71 -27.38 -15.47
CA GLY J 14 -48.54 -26.51 -15.30
C GLY J 14 -47.89 -26.00 -16.61
N TYR J 15 -48.32 -26.46 -17.78
CA TYR J 15 -47.89 -25.96 -19.09
C TYR J 15 -48.97 -25.15 -19.83
N VAL J 16 -50.21 -25.16 -19.38
CA VAL J 16 -51.34 -24.58 -20.12
C VAL J 16 -51.79 -23.21 -19.61
N GLY J 17 -50.88 -22.40 -19.10
CA GLY J 17 -51.23 -21.12 -18.48
C GLY J 17 -51.64 -21.19 -17.00
N ASN J 18 -51.52 -22.36 -16.36
CA ASN J 18 -51.34 -22.46 -14.92
C ASN J 18 -49.89 -22.13 -14.59
N TYR J 19 -49.61 -21.15 -13.74
CA TYR J 19 -48.35 -20.44 -13.75
C TYR J 19 -47.71 -20.38 -12.37
N ARG J 20 -46.38 -20.47 -12.32
CA ARG J 20 -45.57 -20.02 -11.19
C ARG J 20 -45.59 -18.50 -11.07
N GLY J 21 -45.65 -17.98 -9.86
CA GLY J 21 -45.31 -16.60 -9.51
C GLY J 21 -44.59 -16.54 -8.17
N VAL J 22 -44.39 -15.35 -7.59
CA VAL J 22 -43.94 -15.17 -6.20
C VAL J 22 -44.99 -14.38 -5.41
N LEU J 23 -45.17 -14.63 -4.12
CA LEU J 23 -46.11 -13.87 -3.29
C LEU J 23 -45.66 -12.43 -3.10
N GLY J 24 -46.58 -11.48 -3.15
CA GLY J 24 -46.35 -10.07 -2.80
C GLY J 24 -46.48 -9.75 -1.31
N GLU J 25 -46.87 -10.72 -0.49
CA GLU J 25 -47.28 -10.57 0.90
C GLU J 25 -47.16 -11.90 1.65
N ASP J 26 -47.15 -11.89 2.98
CA ASP J 26 -47.25 -13.12 3.75
C ASP J 26 -48.70 -13.63 3.75
N ILE J 27 -48.86 -14.92 3.58
CA ILE J 27 -50.13 -15.65 3.72
C ILE J 27 -50.38 -15.89 5.21
N ASP J 28 -51.57 -15.59 5.73
CA ASP J 28 -51.94 -15.91 7.11
C ASP J 28 -52.23 -17.42 7.26
N LEU J 29 -51.43 -18.13 8.07
CA LEU J 29 -51.57 -19.57 8.18
C LEU J 29 -52.85 -20.04 8.88
N ASP J 30 -53.49 -19.22 9.70
CA ASP J 30 -54.72 -19.63 10.38
C ASP J 30 -55.96 -19.33 9.54
N THR J 31 -55.84 -18.42 8.59
CA THR J 31 -56.97 -17.76 7.94
C THR J 31 -57.00 -17.98 6.44
N GLU J 32 -55.87 -18.32 5.83
CA GLU J 32 -55.71 -18.39 4.38
C GLU J 32 -55.01 -19.66 3.89
N ALA J 33 -54.16 -20.31 4.70
CA ALA J 33 -53.56 -21.58 4.31
C ALA J 33 -54.62 -22.69 4.20
N ASN J 34 -54.36 -23.72 3.38
CA ASN J 34 -55.26 -24.85 3.12
C ASN J 34 -56.69 -24.43 2.72
N ARG J 35 -56.80 -23.35 1.95
CA ARG J 35 -58.05 -22.81 1.41
C ARG J 35 -57.87 -22.46 -0.05
N VAL J 36 -58.96 -22.39 -0.79
CA VAL J 36 -58.99 -21.97 -2.20
C VAL J 36 -59.06 -20.45 -2.24
N LEU J 37 -57.96 -19.80 -2.57
CA LEU J 37 -57.82 -18.34 -2.58
C LEU J 37 -57.97 -17.84 -4.00
N ALA J 38 -58.88 -16.91 -4.25
CA ALA J 38 -58.91 -16.17 -5.51
C ALA J 38 -57.78 -15.14 -5.52
N VAL J 39 -57.00 -15.09 -6.59
CA VAL J 39 -55.77 -14.29 -6.64
C VAL J 39 -55.65 -13.46 -7.90
N GLY J 40 -54.99 -12.33 -7.78
CA GLY J 40 -54.53 -11.50 -8.88
C GLY J 40 -53.04 -11.24 -8.77
N THR J 41 -52.53 -10.25 -9.49
CA THR J 41 -51.15 -9.77 -9.33
C THR J 41 -51.13 -8.27 -9.07
N ASN J 42 -50.22 -7.81 -8.20
CA ASN J 42 -50.07 -6.38 -7.86
C ASN J 42 -49.38 -5.62 -8.99
N SER J 43 -48.98 -4.36 -8.76
CA SER J 43 -48.27 -3.57 -9.78
C SER J 43 -46.83 -4.03 -10.02
N ASN J 44 -46.27 -4.88 -9.18
CA ASN J 44 -45.06 -5.64 -9.46
C ASN J 44 -45.43 -6.99 -10.09
N GLY J 45 -44.50 -7.92 -10.21
CA GLY J 45 -44.77 -9.24 -10.79
C GLY J 45 -45.46 -10.25 -9.86
N ALA J 46 -46.00 -9.83 -8.72
CA ALA J 46 -46.23 -10.70 -7.58
C ALA J 46 -47.71 -11.01 -7.30
N ILE J 47 -47.96 -12.26 -6.92
CA ILE J 47 -49.27 -12.81 -6.58
C ILE J 47 -49.79 -12.12 -5.32
N VAL J 48 -51.05 -11.74 -5.32
CA VAL J 48 -51.74 -11.23 -4.15
C VAL J 48 -53.08 -11.91 -3.99
N VAL J 49 -53.52 -12.10 -2.76
CA VAL J 49 -54.85 -12.56 -2.46
C VAL J 49 -55.84 -11.45 -2.80
N GLY J 50 -56.92 -11.78 -3.49
CA GLY J 50 -57.88 -10.81 -3.97
C GLY J 50 -57.47 -10.09 -5.24
N ALA J 51 -58.18 -9.02 -5.58
CA ALA J 51 -57.90 -8.23 -6.77
C ALA J 51 -56.66 -7.35 -6.53
N GLY J 52 -55.60 -7.57 -7.30
CA GLY J 52 -54.43 -6.69 -7.32
C GLY J 52 -54.63 -5.51 -8.25
N GLN J 53 -53.64 -5.25 -9.11
CA GLN J 53 -53.79 -4.31 -10.23
C GLN J 53 -54.64 -4.90 -11.36
N THR J 54 -54.55 -6.21 -11.62
CA THR J 54 -55.14 -6.87 -12.78
C THR J 54 -56.58 -7.33 -12.64
N GLY J 55 -57.11 -7.37 -11.41
CA GLY J 55 -58.26 -8.20 -11.09
C GLY J 55 -57.89 -9.67 -10.87
N ILE J 56 -58.85 -10.53 -10.59
CA ILE J 56 -58.66 -11.96 -10.35
C ILE J 56 -58.23 -12.68 -11.62
N LYS J 57 -57.10 -13.38 -11.56
CA LYS J 57 -56.49 -14.10 -12.68
C LYS J 57 -56.32 -15.59 -12.43
N GLY J 58 -56.78 -16.13 -11.31
CA GLY J 58 -56.60 -17.53 -11.00
C GLY J 58 -57.02 -17.95 -9.59
N LEU J 59 -56.80 -19.22 -9.26
CA LEU J 59 -56.93 -19.76 -7.92
C LEU J 59 -55.60 -20.27 -7.39
N MET J 60 -55.38 -20.14 -6.10
CA MET J 60 -54.19 -20.61 -5.40
C MET J 60 -54.59 -21.42 -4.17
N ILE J 61 -53.91 -22.54 -3.93
CA ILE J 61 -54.01 -23.29 -2.68
C ILE J 61 -52.63 -23.31 -2.05
N VAL J 62 -52.50 -22.66 -0.90
CA VAL J 62 -51.26 -22.69 -0.11
C VAL J 62 -51.31 -23.92 0.79
N ALA J 63 -50.80 -25.04 0.31
CA ALA J 63 -50.78 -26.29 1.06
C ALA J 63 -49.73 -26.25 2.17
N VAL J 64 -50.17 -26.41 3.43
CA VAL J 64 -49.30 -26.34 4.61
C VAL J 64 -49.61 -27.52 5.54
N GLY J 65 -48.58 -28.22 6.01
CA GLY J 65 -48.75 -29.29 7.00
C GLY J 65 -49.13 -28.77 8.38
N ALA J 66 -49.41 -29.68 9.29
CA ALA J 66 -49.64 -29.36 10.69
C ALA J 66 -48.92 -30.36 11.61
N ASP J 67 -48.54 -29.94 12.80
CA ASP J 67 -47.99 -30.83 13.82
C ASP J 67 -49.04 -31.84 14.32
N ILE J 68 -48.64 -32.85 15.10
CA ILE J 68 -49.58 -33.88 15.60
C ILE J 68 -50.68 -33.31 16.50
N HIS J 69 -50.49 -32.10 17.04
CA HIS J 69 -51.48 -31.36 17.81
C HIS J 69 -52.42 -30.49 16.97
N GLY J 70 -52.31 -30.51 15.64
CA GLY J 70 -53.18 -29.76 14.74
C GLY J 70 -52.86 -28.27 14.62
N ALA J 71 -51.64 -27.82 14.93
CA ALA J 71 -51.21 -26.52 14.43
C ALA J 71 -50.24 -26.34 13.23
N MET J 72 -50.47 -25.30 12.46
CA MET J 72 -49.80 -25.09 11.18
C MET J 72 -48.29 -24.90 11.36
N LEU J 73 -47.49 -25.53 10.51
CA LEU J 73 -46.03 -25.43 10.54
C LEU J 73 -45.55 -24.03 10.08
N ASP J 74 -45.00 -23.19 10.96
CA ASP J 74 -44.66 -21.78 10.67
C ASP J 74 -43.51 -21.56 9.67
N GLY J 75 -42.45 -22.35 9.78
CA GLY J 75 -41.21 -22.15 9.02
C GLY J 75 -41.23 -22.62 7.56
N GLY J 76 -42.39 -22.64 6.91
CA GLY J 76 -42.54 -23.05 5.51
C GLY J 76 -41.83 -22.13 4.52
N ILE J 77 -41.68 -22.58 3.28
CA ILE J 77 -40.98 -21.87 2.20
C ILE J 77 -41.87 -21.61 0.98
N ASN J 78 -43.18 -21.55 1.18
CA ASN J 78 -44.19 -21.38 0.15
C ASN J 78 -45.32 -20.43 0.60
N ASN J 79 -45.07 -19.53 1.55
CA ASN J 79 -46.13 -18.79 2.24
C ASN J 79 -45.73 -17.40 2.76
N HIS J 80 -44.46 -17.03 2.69
CA HIS J 80 -43.98 -15.69 2.99
C HIS J 80 -43.89 -14.85 1.71
N ALA J 81 -43.83 -13.53 1.83
CA ALA J 81 -43.53 -12.65 0.72
C ALA J 81 -42.23 -13.08 0.05
N GLY J 82 -42.22 -13.11 -1.28
CA GLY J 82 -41.10 -13.54 -2.09
C GLY J 82 -40.93 -15.05 -2.25
N ASP J 83 -41.64 -15.90 -1.51
CA ASP J 83 -41.69 -17.33 -1.82
C ASP J 83 -42.41 -17.59 -3.16
N PRO J 84 -42.03 -18.64 -3.89
CA PRO J 84 -42.68 -19.01 -5.13
C PRO J 84 -43.96 -19.81 -4.87
N GLN J 85 -44.99 -19.58 -5.68
CA GLN J 85 -46.29 -20.24 -5.57
C GLN J 85 -46.91 -20.56 -6.94
N ASP J 86 -47.84 -21.51 -6.96
CA ASP J 86 -48.54 -22.02 -8.15
C ASP J 86 -49.97 -21.50 -8.25
N VAL J 87 -50.35 -20.93 -9.38
CA VAL J 87 -51.69 -20.41 -9.62
C VAL J 87 -52.35 -21.12 -10.80
N GLY J 88 -53.55 -21.64 -10.62
CA GLY J 88 -54.26 -22.41 -11.63
C GLY J 88 -55.41 -21.67 -12.28
N LYS J 89 -55.51 -21.74 -13.60
CA LYS J 89 -56.65 -21.28 -14.41
C LYS J 89 -57.53 -22.43 -14.90
N HIS J 90 -56.94 -23.60 -15.11
CA HIS J 90 -57.56 -24.76 -15.73
C HIS J 90 -57.17 -26.02 -14.95
N GLY J 91 -58.12 -26.77 -14.40
CA GLY J 91 -57.80 -27.94 -13.58
C GLY J 91 -58.96 -28.36 -12.69
N GLU J 92 -58.73 -29.27 -11.75
CA GLU J 92 -59.72 -29.68 -10.76
C GLU J 92 -59.16 -29.58 -9.35
N ILE J 93 -59.98 -29.09 -8.43
CA ILE J 93 -59.72 -29.05 -7.00
C ILE J 93 -60.68 -30.02 -6.32
N THR J 94 -60.15 -30.95 -5.55
CA THR J 94 -60.94 -31.92 -4.79
C THR J 94 -60.96 -31.60 -3.31
N ASN J 95 -61.91 -32.20 -2.57
CA ASN J 95 -62.27 -31.81 -1.21
C ASN J 95 -62.61 -30.32 -1.12
N PHE J 96 -63.20 -29.78 -2.18
CA PHE J 96 -63.49 -28.36 -2.35
C PHE J 96 -64.39 -27.83 -1.22
N GLN J 97 -64.13 -26.62 -0.78
CA GLN J 97 -64.99 -25.84 0.11
C GLN J 97 -64.96 -24.38 -0.29
N PRO J 98 -66.05 -23.62 -0.11
CA PRO J 98 -66.03 -22.18 -0.27
C PRO J 98 -65.08 -21.55 0.75
N THR J 99 -64.61 -20.34 0.46
CA THR J 99 -63.66 -19.61 1.30
C THR J 99 -64.33 -18.37 1.83
N VAL J 100 -64.24 -18.13 3.13
CA VAL J 100 -64.79 -16.96 3.84
C VAL J 100 -63.84 -16.55 4.95
N PHE J 101 -63.74 -15.25 5.26
CA PHE J 101 -62.82 -14.73 6.28
C PHE J 101 -63.56 -14.13 7.47
N GLY J 102 -63.05 -14.40 8.67
CA GLY J 102 -63.72 -14.00 9.91
C GLY J 102 -64.99 -14.79 10.20
N ARG J 103 -65.82 -14.24 11.08
CA ARG J 103 -67.14 -14.76 11.48
C ARG J 103 -68.18 -13.69 11.15
N THR J 104 -69.38 -14.10 10.79
CA THR J 104 -70.49 -13.17 10.60
C THR J 104 -71.78 -13.73 11.16
N PHE J 105 -72.53 -12.90 11.87
CA PHE J 105 -73.71 -13.27 12.62
C PHE J 105 -74.89 -12.44 12.15
N GLY J 106 -75.96 -13.09 11.72
CA GLY J 106 -77.26 -12.43 11.61
C GLY J 106 -77.88 -12.32 12.99
N VAL J 107 -78.25 -11.10 13.40
CA VAL J 107 -79.03 -10.80 14.60
C VAL J 107 -80.40 -10.32 14.14
N ALA J 108 -81.48 -10.85 14.69
CA ALA J 108 -82.82 -10.35 14.45
C ALA J 108 -83.65 -10.30 15.73
N ILE J 109 -84.46 -9.27 15.92
CA ILE J 109 -85.23 -9.07 17.17
C ILE J 109 -86.69 -9.49 17.00
N SER J 110 -87.14 -10.38 17.90
CA SER J 110 -88.52 -10.82 18.01
C SER J 110 -89.36 -9.88 18.87
N ALA J 111 -88.74 -9.17 19.83
CA ALA J 111 -89.40 -8.21 20.69
C ALA J 111 -89.91 -6.97 19.92
N THR J 112 -91.09 -6.47 20.29
CA THR J 112 -91.67 -5.21 19.75
C THR J 112 -91.80 -4.11 20.80
N GLU J 113 -91.27 -4.35 22.00
CA GLU J 113 -91.19 -3.39 23.12
C GLU J 113 -90.06 -3.80 24.08
N GLY J 114 -89.47 -2.84 24.80
CA GLY J 114 -88.50 -3.09 25.86
C GLY J 114 -87.06 -3.33 25.37
N ASN J 115 -86.33 -4.18 26.07
CA ASN J 115 -84.89 -4.44 25.88
C ASN J 115 -84.57 -5.93 25.71
N VAL J 116 -83.46 -6.23 25.05
CA VAL J 116 -82.94 -7.57 24.76
C VAL J 116 -81.45 -7.66 25.09
N LYS J 117 -80.91 -8.87 25.22
CA LYS J 117 -79.52 -9.13 25.62
C LYS J 117 -78.83 -10.17 24.75
N LEU J 118 -77.58 -9.89 24.39
CA LEU J 118 -76.69 -10.76 23.64
C LEU J 118 -75.49 -11.15 24.50
N ALA J 119 -74.92 -12.33 24.29
CA ALA J 119 -73.70 -12.76 24.93
C ALA J 119 -72.53 -12.75 23.93
N VAL J 120 -71.38 -12.23 24.33
CA VAL J 120 -70.13 -12.29 23.56
C VAL J 120 -69.21 -13.23 24.30
N ASN J 121 -68.77 -14.33 23.67
CA ASN J 121 -68.03 -15.41 24.33
C ASN J 121 -68.66 -15.83 25.67
N GLY J 122 -70.00 -15.87 25.72
CA GLY J 122 -70.79 -16.29 26.87
C GLY J 122 -71.06 -15.20 27.92
N VAL J 123 -70.31 -14.10 27.96
CA VAL J 123 -70.56 -13.01 28.91
C VAL J 123 -71.60 -12.03 28.36
N ASP J 124 -72.54 -11.61 29.19
CA ASP J 124 -73.68 -10.80 28.77
C ASP J 124 -73.36 -9.33 28.51
N THR J 125 -74.00 -8.79 27.48
CA THR J 125 -73.95 -7.38 27.10
C THR J 125 -74.87 -6.52 27.97
N GLY J 126 -74.63 -5.21 28.02
CA GLY J 126 -75.61 -4.24 28.51
C GLY J 126 -76.92 -4.29 27.71
N ASN J 127 -78.03 -3.97 28.35
CA ASN J 127 -79.35 -4.02 27.74
C ASN J 127 -79.43 -3.10 26.51
N ILE J 128 -80.04 -3.57 25.42
CA ILE J 128 -80.27 -2.80 24.20
C ILE J 128 -81.75 -2.84 23.81
N ALA J 129 -82.31 -1.70 23.41
CA ALA J 129 -83.71 -1.61 23.02
C ALA J 129 -84.05 -2.53 21.84
N TYR J 130 -85.27 -3.04 21.81
CA TYR J 130 -85.81 -3.72 20.63
C TYR J 130 -85.74 -2.82 19.38
N ASP J 131 -85.57 -1.49 19.55
CA ASP J 131 -85.29 -0.53 18.43
C ASP J 131 -83.96 0.21 18.76
N THR J 132 -82.83 -0.51 18.86
CA THR J 132 -81.50 0.12 19.01
C THR J 132 -81.02 0.54 17.62
N SER J 133 -80.13 1.53 17.52
CA SER J 133 -79.53 1.96 16.23
C SER J 133 -78.48 0.94 15.83
N ALA J 134 -78.02 0.91 14.58
CA ALA J 134 -76.88 0.06 14.16
C ALA J 134 -75.65 0.56 14.92
N ALA J 135 -75.55 1.88 15.17
CA ALA J 135 -74.44 2.50 15.96
C ALA J 135 -74.43 1.93 17.38
N ASN J 136 -75.57 1.70 18.07
CA ASN J 136 -75.77 1.12 19.38
C ASN J 136 -75.78 -0.41 19.61
N LEU J 137 -75.83 -1.24 18.55
CA LEU J 137 -75.41 -2.64 18.59
C LEU J 137 -73.89 -2.69 18.71
N LYS J 138 -73.17 -1.93 17.88
CA LYS J 138 -71.71 -1.76 17.98
C LYS J 138 -71.32 -1.34 19.40
N SER J 139 -71.88 -0.24 19.90
CA SER J 139 -71.52 0.30 21.22
C SER J 139 -71.87 -0.68 22.34
N GLY J 140 -73.04 -1.31 22.31
CA GLY J 140 -73.38 -2.37 23.26
C GLY J 140 -72.38 -3.53 23.26
N ILE J 141 -72.18 -4.18 22.12
CA ILE J 141 -71.29 -5.35 21.97
C ILE J 141 -69.84 -5.03 22.39
N VAL J 142 -69.33 -3.84 22.09
CA VAL J 142 -67.98 -3.40 22.50
C VAL J 142 -67.86 -3.22 24.00
N ALA J 143 -68.92 -2.74 24.67
CA ALA J 143 -68.87 -2.27 26.05
C ALA J 143 -68.96 -3.41 27.09
N VAL J 144 -67.99 -4.32 27.12
CA VAL J 144 -67.78 -5.28 28.21
C VAL J 144 -66.28 -5.39 28.51
N ASP J 145 -65.86 -5.70 29.74
CA ASP J 145 -64.43 -5.75 30.12
C ASP J 145 -63.71 -7.03 29.62
N ASP J 146 -63.94 -7.43 28.34
CA ASP J 146 -63.35 -8.68 27.72
C ASP J 146 -62.13 -8.37 26.83
N GLY J 147 -61.78 -7.11 26.50
CA GLY J 147 -60.54 -6.81 25.81
C GLY J 147 -60.60 -6.85 24.29
N PHE J 148 -61.73 -7.16 23.63
CA PHE J 148 -61.80 -7.10 22.16
C PHE J 148 -61.88 -5.67 21.63
N THR J 149 -62.68 -4.77 22.22
CA THR J 149 -62.85 -3.36 21.77
C THR J 149 -63.50 -3.21 20.39
N ALA J 150 -63.77 -1.97 19.97
CA ALA J 150 -64.40 -1.65 18.69
C ALA J 150 -63.57 -2.04 17.46
N ASP J 151 -62.26 -2.20 17.62
CA ASP J 151 -61.32 -2.30 16.50
C ASP J 151 -61.53 -3.50 15.58
N ASP J 152 -62.19 -4.56 16.04
CA ASP J 152 -62.38 -5.83 15.31
C ASP J 152 -63.85 -6.28 15.20
N PHE J 153 -64.81 -5.38 15.43
CA PHE J 153 -66.23 -5.55 15.07
C PHE J 153 -66.63 -4.59 13.95
N THR J 154 -67.54 -5.02 13.08
CA THR J 154 -68.30 -4.19 12.13
C THR J 154 -69.78 -4.53 12.27
N VAL J 155 -70.66 -3.52 12.22
CA VAL J 155 -72.11 -3.69 12.32
C VAL J 155 -72.81 -2.94 11.21
N THR J 156 -73.83 -3.55 10.62
CA THR J 156 -74.71 -2.94 9.63
C THR J 156 -76.10 -3.55 9.73
N GLY J 157 -77.14 -2.76 9.47
CA GLY J 157 -78.54 -3.20 9.51
C GLY J 157 -79.54 -2.09 9.77
N THR J 158 -80.76 -2.47 10.10
CA THR J 158 -81.89 -1.59 10.48
C THR J 158 -82.77 -2.32 11.49
N ALA J 159 -83.45 -1.61 12.39
CA ALA J 159 -83.90 -2.13 13.70
C ALA J 159 -84.34 -3.61 13.79
N PRO J 160 -85.20 -4.15 12.90
CA PRO J 160 -85.55 -5.57 12.96
C PRO J 160 -84.39 -6.56 12.85
N ASN J 161 -83.32 -6.25 12.10
CA ASN J 161 -82.17 -7.15 11.95
C ASN J 161 -80.85 -6.46 11.53
N PHE J 162 -79.73 -7.11 11.86
CA PHE J 162 -78.37 -6.64 11.62
C PHE J 162 -77.44 -7.80 11.29
N THR J 163 -76.33 -7.48 10.64
CA THR J 163 -75.19 -8.38 10.52
C THR J 163 -74.04 -7.85 11.36
N ILE J 164 -73.52 -8.67 12.27
CA ILE J 164 -72.32 -8.38 13.05
C ILE J 164 -71.19 -9.14 12.37
N VAL J 165 -70.29 -8.44 11.68
CA VAL J 165 -69.17 -9.08 10.91
C VAL J 165 -67.99 -9.00 11.88
N THR J 166 -66.96 -9.80 11.66
CA THR J 166 -65.74 -9.78 12.51
C THR J 166 -64.62 -10.27 11.59
N THR J 167 -63.36 -9.88 11.80
CA THR J 167 -62.18 -10.39 11.03
C THR J 167 -61.57 -11.56 11.80
N ARG J 168 -61.73 -11.59 13.13
CA ARG J 168 -61.23 -12.66 13.99
C ARG J 168 -62.11 -13.90 13.95
N THR J 169 -61.57 -15.04 14.33
CA THR J 169 -62.31 -16.29 14.52
C THR J 169 -62.66 -16.59 15.97
N ASP J 170 -62.00 -15.96 16.94
CA ASP J 170 -62.11 -16.28 18.38
C ASP J 170 -63.24 -15.55 19.12
N VAL J 171 -64.08 -14.78 18.44
CA VAL J 171 -65.24 -14.09 19.03
C VAL J 171 -66.53 -14.71 18.52
N THR J 172 -67.42 -15.07 19.43
CA THR J 172 -68.74 -15.66 19.13
C THR J 172 -69.84 -14.81 19.74
N ILE J 173 -70.78 -14.34 18.92
CA ILE J 173 -72.02 -13.72 19.39
C ILE J 173 -73.07 -14.82 19.59
N THR J 174 -73.89 -14.72 20.64
CA THR J 174 -75.16 -15.45 20.74
C THR J 174 -76.25 -14.55 21.31
N ALA J 175 -77.51 -14.95 21.17
CA ALA J 175 -78.56 -14.44 22.04
C ALA J 175 -78.36 -14.98 23.46
N SER J 176 -78.87 -14.25 24.47
CA SER J 176 -78.92 -14.69 25.86
C SER J 176 -80.24 -14.34 26.55
N GLY J 177 -80.74 -13.12 26.34
CA GLY J 177 -82.11 -12.74 26.72
C GLY J 177 -83.16 -13.34 25.79
N GLU J 178 -84.43 -13.27 26.20
CA GLU J 178 -85.56 -13.48 25.28
C GLU J 178 -85.73 -12.31 24.31
N GLY J 179 -86.48 -12.53 23.23
CA GLY J 179 -86.84 -11.47 22.28
C GLY J 179 -85.80 -11.17 21.20
N VAL J 180 -84.73 -11.95 21.09
CA VAL J 180 -83.70 -11.83 20.04
C VAL J 180 -83.21 -13.21 19.60
N THR J 181 -82.88 -13.36 18.33
CA THR J 181 -82.29 -14.57 17.75
C THR J 181 -81.01 -14.23 16.99
N VAL J 182 -80.03 -15.13 17.06
CA VAL J 182 -78.76 -14.99 16.37
C VAL J 182 -78.40 -16.29 15.66
N THR J 183 -78.05 -16.19 14.38
CA THR J 183 -77.46 -17.26 13.58
C THR J 183 -76.13 -16.83 12.99
N GLU J 184 -75.07 -17.57 13.26
CA GLU J 184 -73.85 -17.45 12.47
C GLU J 184 -74.12 -17.93 11.05
N ALA J 185 -73.64 -17.20 10.05
CA ALA J 185 -73.72 -17.67 8.67
C ALA J 185 -72.90 -18.95 8.51
N THR J 186 -73.25 -19.78 7.53
CA THR J 186 -72.50 -20.99 7.22
C THR J 186 -72.31 -21.14 5.72
N SER J 187 -71.19 -21.75 5.32
CA SER J 187 -70.87 -22.03 3.93
C SER J 187 -70.36 -23.45 3.78
N VAL J 188 -70.93 -24.16 2.83
CA VAL J 188 -70.58 -25.52 2.44
C VAL J 188 -70.82 -25.63 0.94
N ALA J 189 -70.03 -26.43 0.23
CA ALA J 189 -70.19 -26.57 -1.21
C ALA J 189 -71.55 -27.20 -1.58
N ALA J 190 -72.15 -26.78 -2.68
CA ALA J 190 -73.42 -27.32 -3.17
C ALA J 190 -73.25 -27.82 -4.60
N ALA J 191 -73.73 -29.01 -4.90
CA ALA J 191 -73.56 -29.63 -6.22
C ALA J 191 -74.17 -28.77 -7.33
N GLY J 192 -73.62 -28.89 -8.53
CA GLY J 192 -74.15 -28.21 -9.72
C GLY J 192 -74.24 -26.69 -9.59
N THR J 193 -73.26 -26.06 -8.96
CA THR J 193 -73.21 -24.61 -8.69
C THR J 193 -72.00 -23.96 -9.38
N ASN J 194 -72.14 -22.68 -9.76
CA ASN J 194 -71.02 -21.87 -10.31
C ASN J 194 -70.39 -21.14 -9.15
N TYR J 195 -69.07 -21.25 -8.95
CA TYR J 195 -68.34 -20.58 -7.84
C TYR J 195 -67.76 -19.28 -8.40
N TYR J 196 -67.47 -18.29 -7.54
CA TYR J 196 -67.04 -16.94 -7.97
C TYR J 196 -65.98 -16.35 -7.07
N GLY J 197 -64.82 -16.02 -7.61
CA GLY J 197 -63.80 -15.35 -6.83
C GLY J 197 -64.12 -13.87 -6.68
N HIS J 198 -63.71 -13.26 -5.59
CA HIS J 198 -64.02 -11.87 -5.24
C HIS J 198 -62.78 -11.06 -4.95
N ALA J 199 -62.88 -9.73 -4.92
CA ALA J 199 -61.76 -8.84 -4.67
C ALA J 199 -61.12 -9.02 -3.28
N ASP J 200 -61.84 -9.59 -2.32
CA ASP J 200 -61.31 -10.04 -1.02
C ASP J 200 -60.35 -11.23 -1.14
N GLY J 201 -60.48 -12.04 -2.19
CA GLY J 201 -59.85 -13.36 -2.32
C GLY J 201 -60.72 -14.54 -1.90
N THR J 202 -61.94 -14.29 -1.43
CA THR J 202 -62.93 -15.33 -1.12
C THR J 202 -63.48 -15.98 -2.39
N VAL J 203 -63.93 -17.23 -2.27
CA VAL J 203 -64.60 -17.98 -3.34
C VAL J 203 -65.94 -18.46 -2.82
N ASN J 204 -67.03 -18.04 -3.45
CA ASN J 204 -68.40 -18.19 -2.96
C ASN J 204 -69.36 -18.48 -4.11
N ALA J 205 -70.55 -19.01 -3.85
CA ALA J 205 -71.55 -19.31 -4.88
C ALA J 205 -72.31 -18.07 -5.40
N VAL J 206 -72.13 -16.91 -4.78
CA VAL J 206 -72.84 -15.67 -5.11
C VAL J 206 -71.93 -14.72 -5.88
N LYS J 207 -72.37 -14.26 -7.06
CA LYS J 207 -71.80 -13.11 -7.74
C LYS J 207 -72.54 -11.85 -7.28
N GLY J 208 -71.86 -11.00 -6.53
CA GLY J 208 -72.31 -9.65 -6.21
C GLY J 208 -71.95 -8.66 -7.31
N SER J 209 -71.50 -7.46 -6.95
CA SER J 209 -70.91 -6.56 -7.93
C SER J 209 -69.47 -6.73 -8.44
N ASP J 210 -68.71 -7.71 -7.94
CA ASP J 210 -67.29 -7.91 -8.25
C ASP J 210 -66.92 -9.36 -8.58
N GLY J 211 -67.87 -10.29 -8.55
CA GLY J 211 -67.60 -11.71 -8.68
C GLY J 211 -67.13 -12.13 -10.06
N VAL J 212 -66.01 -12.87 -10.16
CA VAL J 212 -65.39 -13.28 -11.47
C VAL J 212 -65.39 -14.81 -11.53
N TYR J 213 -66.12 -15.44 -12.46
CA TYR J 213 -66.33 -16.87 -12.54
C TYR J 213 -65.02 -17.65 -12.51
N VAL J 214 -64.82 -18.54 -11.53
CA VAL J 214 -63.62 -19.37 -11.42
C VAL J 214 -63.83 -20.84 -11.77
N GLY J 215 -65.07 -21.29 -11.84
CA GLY J 215 -65.38 -22.68 -12.13
C GLY J 215 -66.76 -23.11 -11.69
N HIS J 216 -67.06 -24.39 -11.87
CA HIS J 216 -68.34 -24.99 -11.49
C HIS J 216 -68.08 -26.35 -10.87
N THR J 217 -68.96 -26.81 -9.99
CA THR J 217 -68.60 -27.90 -9.08
C THR J 217 -68.73 -29.34 -9.61
N GLN J 218 -69.77 -29.71 -10.37
CA GLN J 218 -70.22 -31.12 -10.42
C GLN J 218 -70.70 -31.57 -9.05
N GLU J 219 -70.29 -32.75 -8.55
CA GLU J 219 -70.55 -33.17 -7.17
C GLU J 219 -69.86 -32.26 -6.16
N ALA J 220 -70.50 -31.94 -5.03
CA ALA J 220 -70.12 -30.81 -4.19
C ALA J 220 -68.66 -30.85 -3.70
N ASP J 221 -68.12 -32.04 -3.48
CA ASP J 221 -66.74 -32.25 -3.03
C ASP J 221 -65.66 -31.88 -4.06
N ARG J 222 -66.02 -31.49 -5.28
CA ARG J 222 -65.09 -31.16 -6.38
C ARG J 222 -65.43 -29.83 -7.04
N LEU J 223 -64.43 -29.15 -7.58
CA LEU J 223 -64.56 -27.97 -8.42
C LEU J 223 -63.79 -28.18 -9.71
N ILE J 224 -64.45 -28.01 -10.85
CA ILE J 224 -63.82 -27.92 -12.15
C ILE J 224 -63.46 -26.45 -12.36
N VAL J 225 -62.17 -26.14 -12.31
CA VAL J 225 -61.64 -24.79 -12.41
C VAL J 225 -61.55 -24.39 -13.88
N ASN J 226 -62.11 -23.24 -14.22
CA ASN J 226 -62.01 -22.66 -15.55
C ASN J 226 -62.17 -21.14 -15.45
N VAL J 227 -61.09 -20.46 -15.13
CA VAL J 227 -61.16 -19.05 -14.73
C VAL J 227 -61.47 -18.17 -15.94
N LYS J 228 -62.62 -17.50 -15.95
CA LYS J 228 -62.95 -16.41 -16.87
C LYS J 228 -62.23 -15.16 -16.39
N ASP J 229 -60.94 -15.04 -16.68
CA ASP J 229 -60.05 -13.95 -16.22
C ASP J 229 -60.70 -12.56 -16.20
N GLU J 230 -60.52 -11.83 -15.10
CA GLU J 230 -61.04 -10.47 -14.96
C GLU J 230 -60.40 -9.50 -15.96
N GLU J 231 -61.15 -8.55 -16.47
CA GLU J 231 -60.68 -7.59 -17.47
C GLU J 231 -61.17 -6.17 -17.21
N ASP J 232 -60.53 -5.20 -17.82
CA ASP J 232 -60.74 -3.76 -17.61
C ASP J 232 -62.03 -3.22 -18.26
N ALA K 2 -66.94 -47.16 -43.96
CA ALA K 2 -68.32 -46.76 -43.64
C ALA K 2 -68.88 -45.75 -44.66
N LEU K 3 -70.21 -45.68 -44.80
CA LEU K 3 -70.87 -44.77 -45.75
C LEU K 3 -70.79 -43.28 -45.38
N LYS K 4 -70.65 -42.93 -44.10
CA LYS K 4 -70.65 -41.55 -43.59
C LYS K 4 -69.75 -41.39 -42.36
N THR K 5 -69.14 -40.23 -42.20
CA THR K 5 -68.27 -39.87 -41.08
C THR K 5 -69.03 -39.44 -39.83
N LYS K 6 -68.43 -39.59 -38.64
CA LYS K 6 -69.02 -39.27 -37.33
C LYS K 6 -68.15 -38.29 -36.54
N PRO K 7 -68.70 -37.30 -35.81
CA PRO K 7 -67.93 -36.44 -34.92
C PRO K 7 -67.15 -37.22 -33.86
N ARG K 8 -65.90 -36.80 -33.62
CA ARG K 8 -65.01 -37.39 -32.61
C ARG K 8 -64.10 -36.33 -32.03
N TRP K 9 -63.70 -36.47 -30.77
CA TRP K 9 -62.58 -35.69 -30.26
C TRP K 9 -61.31 -36.15 -30.97
N ASP K 10 -60.59 -35.22 -31.59
CA ASP K 10 -59.27 -35.47 -32.14
C ASP K 10 -58.17 -35.25 -31.09
N LYS K 11 -58.24 -34.13 -30.37
CA LYS K 11 -57.41 -33.85 -29.20
C LYS K 11 -58.29 -33.60 -27.99
N TYR K 12 -57.99 -34.28 -26.88
CA TYR K 12 -58.65 -34.16 -25.59
C TYR K 12 -57.69 -34.66 -24.52
N ASP K 13 -57.27 -33.81 -23.58
CA ASP K 13 -56.25 -34.16 -22.60
C ASP K 13 -56.81 -34.88 -21.36
N GLY K 14 -57.74 -34.27 -20.64
CA GLY K 14 -58.38 -34.85 -19.44
C GLY K 14 -57.94 -34.27 -18.10
N TYR K 15 -56.95 -33.37 -18.11
CA TYR K 15 -56.54 -32.55 -16.96
C TYR K 15 -57.00 -31.21 -17.53
N VAL K 16 -56.65 -30.05 -16.99
CA VAL K 16 -56.90 -28.72 -17.65
C VAL K 16 -58.39 -28.41 -17.90
N GLY K 17 -59.34 -28.87 -17.08
CA GLY K 17 -60.76 -28.47 -17.18
C GLY K 17 -61.69 -29.43 -17.93
N ASN K 18 -61.19 -30.44 -18.67
CA ASN K 18 -62.04 -31.44 -19.30
C ASN K 18 -62.31 -32.54 -18.27
N TYR K 19 -63.55 -32.93 -18.05
CA TYR K 19 -63.93 -33.57 -16.81
C TYR K 19 -64.86 -34.77 -16.99
N ARG K 20 -64.64 -35.80 -16.17
CA ARG K 20 -65.61 -36.87 -15.96
C ARG K 20 -66.80 -36.35 -15.17
N GLY K 21 -67.98 -36.82 -15.52
CA GLY K 21 -69.18 -36.76 -14.71
C GLY K 21 -70.03 -37.99 -14.96
N VAL K 22 -71.24 -38.03 -14.43
CA VAL K 22 -72.23 -39.08 -14.72
C VAL K 22 -73.45 -38.48 -15.41
N LEU K 23 -74.05 -39.19 -16.36
CA LEU K 23 -75.28 -38.72 -16.99
C LEU K 23 -76.43 -38.68 -15.98
N GLY K 24 -77.19 -37.60 -15.95
CA GLY K 24 -78.38 -37.51 -15.12
C GLY K 24 -79.63 -38.14 -15.73
N GLU K 25 -79.60 -38.43 -17.03
CA GLU K 25 -80.73 -38.89 -17.85
C GLU K 25 -80.22 -39.83 -18.96
N ASP K 26 -81.09 -40.66 -19.54
CA ASP K 26 -80.69 -41.48 -20.69
C ASP K 26 -80.46 -40.62 -21.94
N ILE K 27 -79.38 -40.89 -22.66
CA ILE K 27 -79.14 -40.34 -24.00
C ILE K 27 -80.04 -41.07 -25.00
N ASP K 28 -80.80 -40.36 -25.82
CA ASP K 28 -81.61 -40.97 -26.88
C ASP K 28 -80.74 -41.32 -28.10
N LEU K 29 -80.33 -42.59 -28.24
CA LEU K 29 -79.29 -42.97 -29.19
C LEU K 29 -79.56 -42.53 -30.64
N ASP K 30 -80.78 -42.70 -31.11
CA ASP K 30 -81.18 -42.32 -32.46
C ASP K 30 -81.11 -40.82 -32.76
N THR K 31 -81.13 -39.99 -31.72
CA THR K 31 -81.25 -38.53 -31.81
C THR K 31 -80.01 -37.80 -31.30
N GLU K 32 -79.23 -38.41 -30.42
CA GLU K 32 -78.22 -37.73 -29.59
C GLU K 32 -76.88 -38.45 -29.56
N ALA K 33 -76.79 -39.74 -29.90
CA ALA K 33 -75.48 -40.39 -30.04
C ALA K 33 -74.74 -39.92 -31.28
N ASN K 34 -73.42 -40.03 -31.28
CA ASN K 34 -72.53 -39.63 -32.37
C ASN K 34 -72.76 -38.20 -32.87
N ARG K 35 -73.08 -37.26 -31.96
CA ARG K 35 -73.37 -35.85 -32.22
C ARG K 35 -72.69 -35.01 -31.17
N VAL K 36 -72.38 -33.77 -31.49
CA VAL K 36 -71.80 -32.80 -30.54
C VAL K 36 -72.92 -32.15 -29.75
N LEU K 37 -73.00 -32.42 -28.46
CA LEU K 37 -74.05 -31.94 -27.56
C LEU K 37 -73.51 -30.82 -26.68
N ALA K 38 -74.26 -29.74 -26.50
CA ALA K 38 -73.97 -28.76 -25.45
C ALA K 38 -74.55 -29.26 -24.12
N VAL K 39 -73.74 -29.36 -23.07
CA VAL K 39 -74.13 -29.90 -21.77
C VAL K 39 -73.92 -28.92 -20.64
N GLY K 40 -74.72 -29.03 -19.59
CA GLY K 40 -74.48 -28.42 -18.29
C GLY K 40 -74.51 -29.46 -17.19
N THR K 41 -74.75 -29.06 -15.94
CA THR K 41 -74.95 -29.98 -14.82
C THR K 41 -76.21 -29.58 -14.05
N ASN K 42 -76.99 -30.58 -13.65
CA ASN K 42 -78.24 -30.37 -12.91
C ASN K 42 -77.97 -30.03 -11.44
N SER K 43 -79.00 -30.03 -10.60
CA SER K 43 -78.88 -29.75 -9.16
C SER K 43 -78.22 -30.88 -8.35
N ASN K 44 -77.84 -31.98 -8.99
CA ASN K 44 -76.91 -32.98 -8.49
C ASN K 44 -75.56 -32.83 -9.20
N GLY K 45 -74.65 -33.77 -9.00
CA GLY K 45 -73.36 -33.80 -9.68
C GLY K 45 -73.39 -34.22 -11.15
N ALA K 46 -74.56 -34.23 -11.79
CA ALA K 46 -74.79 -35.00 -13.01
C ALA K 46 -74.89 -34.13 -14.28
N ILE K 47 -74.24 -34.59 -15.34
CA ILE K 47 -74.27 -34.05 -16.69
C ILE K 47 -75.68 -34.15 -17.25
N VAL K 48 -76.18 -33.07 -17.84
CA VAL K 48 -77.41 -33.09 -18.61
C VAL K 48 -77.20 -32.44 -19.97
N VAL K 49 -77.92 -32.93 -20.98
CA VAL K 49 -77.98 -32.28 -22.27
C VAL K 49 -78.78 -30.99 -22.14
N GLY K 50 -78.28 -29.91 -22.71
CA GLY K 50 -78.82 -28.57 -22.53
C GLY K 50 -78.36 -27.91 -21.25
N ALA K 51 -78.92 -26.74 -20.94
CA ALA K 51 -78.60 -26.03 -19.73
C ALA K 51 -79.23 -26.73 -18.52
N GLY K 52 -78.41 -27.09 -17.53
CA GLY K 52 -78.89 -27.60 -16.24
C GLY K 52 -79.20 -26.44 -15.30
N GLN K 53 -78.80 -26.57 -14.05
CA GLN K 53 -78.83 -25.48 -13.07
C GLN K 53 -77.77 -24.41 -13.38
N THR K 54 -76.62 -24.83 -13.87
CA THR K 54 -75.43 -23.99 -14.05
C THR K 54 -75.35 -23.22 -15.36
N GLY K 55 -76.22 -23.50 -16.31
CA GLY K 55 -75.97 -23.18 -17.72
C GLY K 55 -75.00 -24.15 -18.40
N ILE K 56 -74.69 -23.91 -19.67
CA ILE K 56 -73.79 -24.72 -20.50
C ILE K 56 -72.35 -24.64 -20.00
N LYS K 57 -71.75 -25.80 -19.75
CA LYS K 57 -70.42 -25.96 -19.17
C LYS K 57 -69.44 -26.73 -20.06
N GLY K 58 -69.84 -27.22 -21.23
CA GLY K 58 -68.95 -28.00 -22.09
C GLY K 58 -69.63 -28.65 -23.28
N LEU K 59 -68.84 -29.32 -24.10
CA LEU K 59 -69.28 -30.19 -25.18
C LEU K 59 -69.11 -31.67 -24.82
N MET K 60 -70.01 -32.51 -25.28
CA MET K 60 -69.98 -33.95 -25.10
C MET K 60 -70.29 -34.67 -26.41
N ILE K 61 -69.57 -35.75 -26.72
CA ILE K 61 -69.87 -36.66 -27.84
C ILE K 61 -70.07 -38.07 -27.27
N VAL K 62 -71.28 -38.60 -27.38
CA VAL K 62 -71.62 -39.94 -26.91
C VAL K 62 -71.33 -40.93 -28.02
N ALA K 63 -70.14 -41.51 -28.04
CA ALA K 63 -69.67 -42.38 -29.09
C ALA K 63 -70.25 -43.79 -28.95
N VAL K 64 -71.08 -44.21 -29.91
CA VAL K 64 -71.78 -45.51 -29.89
C VAL K 64 -71.60 -46.19 -31.23
N GLY K 65 -71.24 -47.47 -31.22
CA GLY K 65 -71.07 -48.27 -32.42
C GLY K 65 -72.40 -48.74 -33.00
N ALA K 66 -72.54 -48.65 -34.32
CA ALA K 66 -73.55 -49.38 -35.06
C ALA K 66 -73.06 -50.79 -35.41
N ASP K 67 -73.94 -51.79 -35.40
CA ASP K 67 -73.61 -53.11 -35.93
C ASP K 67 -73.49 -53.11 -37.48
N ILE K 68 -73.18 -54.25 -38.08
CA ILE K 68 -73.08 -54.41 -39.54
C ILE K 68 -74.38 -54.07 -40.29
N HIS K 69 -75.53 -54.10 -39.63
CA HIS K 69 -76.83 -53.72 -40.21
C HIS K 69 -77.18 -52.24 -39.98
N GLY K 70 -76.33 -51.49 -39.26
CA GLY K 70 -76.52 -50.07 -39.02
C GLY K 70 -77.36 -49.74 -37.79
N ALA K 71 -77.56 -50.68 -36.87
CA ALA K 71 -78.36 -50.50 -35.66
C ALA K 71 -77.47 -50.41 -34.42
N MET K 72 -77.74 -49.43 -33.56
CA MET K 72 -77.04 -49.24 -32.29
C MET K 72 -77.59 -50.18 -31.22
N LEU K 73 -76.72 -50.83 -30.45
CA LEU K 73 -77.11 -51.72 -29.35
C LEU K 73 -77.40 -50.90 -28.09
N ASP K 74 -78.55 -51.10 -27.44
CA ASP K 74 -78.96 -50.33 -26.26
C ASP K 74 -78.27 -50.80 -24.96
N GLY K 75 -77.60 -51.93 -24.97
CA GLY K 75 -76.89 -52.51 -23.83
C GLY K 75 -75.53 -51.88 -23.52
N GLY K 76 -75.26 -50.66 -23.98
CA GLY K 76 -74.00 -49.95 -23.78
C GLY K 76 -73.80 -49.44 -22.35
N ILE K 77 -72.58 -49.03 -22.03
CA ILE K 77 -72.16 -48.64 -20.68
C ILE K 77 -71.78 -47.16 -20.55
N ASN K 78 -72.20 -46.32 -21.50
CA ASN K 78 -71.80 -44.92 -21.55
C ASN K 78 -72.94 -43.99 -21.95
N ASN K 79 -74.20 -44.39 -21.74
CA ASN K 79 -75.33 -43.65 -22.32
C ASN K 79 -76.64 -43.74 -21.55
N HIS K 80 -76.76 -44.54 -20.51
CA HIS K 80 -77.90 -44.53 -19.60
C HIS K 80 -77.66 -43.56 -18.45
N ALA K 81 -78.73 -43.14 -17.79
CA ALA K 81 -78.62 -42.43 -16.53
C ALA K 81 -77.71 -43.19 -15.55
N GLY K 82 -76.83 -42.47 -14.86
CA GLY K 82 -75.84 -43.02 -13.95
C GLY K 82 -74.57 -43.57 -14.60
N ASP K 83 -74.53 -43.80 -15.90
CA ASP K 83 -73.27 -44.09 -16.60
C ASP K 83 -72.32 -42.89 -16.59
N PRO K 84 -71.01 -43.08 -16.57
CA PRO K 84 -70.04 -42.00 -16.65
C PRO K 84 -69.88 -41.49 -18.08
N GLN K 85 -69.52 -40.21 -18.23
CA GLN K 85 -69.17 -39.58 -19.50
C GLN K 85 -68.11 -38.49 -19.31
N ASP K 86 -67.42 -38.17 -20.39
CA ASP K 86 -66.37 -37.16 -20.46
C ASP K 86 -66.85 -35.90 -21.18
N VAL K 87 -66.68 -34.75 -20.55
CA VAL K 87 -67.08 -33.43 -21.06
C VAL K 87 -65.85 -32.58 -21.36
N GLY K 88 -65.75 -32.05 -22.57
CA GLY K 88 -64.65 -31.19 -22.99
C GLY K 88 -65.00 -29.71 -22.92
N LYS K 89 -64.12 -28.92 -22.31
CA LYS K 89 -64.06 -27.45 -22.45
C LYS K 89 -63.00 -27.00 -23.44
N HIS K 90 -61.91 -27.76 -23.58
CA HIS K 90 -60.73 -27.42 -24.39
C HIS K 90 -60.32 -28.61 -25.26
N GLY K 91 -60.18 -28.44 -26.57
CA GLY K 91 -59.78 -29.54 -27.43
C GLY K 91 -60.06 -29.27 -28.90
N GLU K 92 -59.99 -30.30 -29.72
CA GLU K 92 -60.42 -30.23 -31.12
C GLU K 92 -61.35 -31.39 -31.44
N ILE K 93 -62.44 -31.14 -32.16
CA ILE K 93 -63.36 -32.14 -32.69
C ILE K 93 -63.17 -32.21 -34.19
N THR K 94 -63.00 -33.39 -34.76
CA THR K 94 -62.90 -33.59 -36.22
C THR K 94 -64.12 -34.30 -36.76
N ASN K 95 -64.38 -34.13 -38.06
CA ASN K 95 -65.65 -34.50 -38.69
C ASN K 95 -66.84 -33.81 -38.02
N PHE K 96 -66.62 -32.58 -37.54
CA PHE K 96 -67.64 -31.74 -36.93
C PHE K 96 -68.78 -31.43 -37.90
N GLN K 97 -70.01 -31.37 -37.38
CA GLN K 97 -71.18 -30.82 -38.02
C GLN K 97 -72.16 -30.31 -36.95
N PRO K 98 -72.99 -29.29 -37.24
CA PRO K 98 -73.96 -28.77 -36.28
C PRO K 98 -74.90 -29.84 -35.75
N THR K 99 -75.43 -29.63 -34.56
CA THR K 99 -76.41 -30.52 -33.95
C THR K 99 -77.76 -29.82 -33.89
N VAL K 100 -78.76 -30.45 -34.46
CA VAL K 100 -80.18 -30.07 -34.39
C VAL K 100 -81.01 -31.31 -34.09
N PHE K 101 -82.11 -31.14 -33.35
CA PHE K 101 -83.00 -32.23 -32.99
C PHE K 101 -84.32 -32.11 -33.74
N GLY K 102 -84.89 -33.23 -34.15
CA GLY K 102 -86.15 -33.26 -34.90
C GLY K 102 -85.97 -32.89 -36.37
N ARG K 103 -87.05 -32.45 -37.01
CA ARG K 103 -87.11 -32.06 -38.43
C ARG K 103 -87.74 -30.69 -38.51
N THR K 104 -87.41 -29.90 -39.53
CA THR K 104 -88.26 -28.77 -39.91
C THR K 104 -88.38 -28.59 -41.41
N PHE K 105 -89.58 -28.25 -41.85
CA PHE K 105 -89.95 -28.10 -43.26
C PHE K 105 -90.41 -26.68 -43.51
N GLY K 106 -89.77 -25.99 -44.43
CA GLY K 106 -90.29 -24.76 -45.02
C GLY K 106 -91.32 -25.11 -46.08
N VAL K 107 -92.52 -24.53 -45.96
CA VAL K 107 -93.63 -24.68 -46.89
C VAL K 107 -93.85 -23.34 -47.57
N ALA K 108 -93.93 -23.31 -48.90
CA ALA K 108 -94.39 -22.12 -49.59
C ALA K 108 -95.42 -22.46 -50.66
N ILE K 109 -96.55 -21.76 -50.64
CA ILE K 109 -97.64 -21.93 -51.60
C ILE K 109 -97.49 -20.92 -52.74
N SER K 110 -97.44 -21.44 -53.97
CA SER K 110 -97.12 -20.67 -55.18
C SER K 110 -98.36 -20.29 -56.00
N ALA K 111 -99.39 -21.15 -56.02
CA ALA K 111 -100.66 -20.86 -56.69
C ALA K 111 -101.53 -19.90 -55.87
N THR K 112 -102.26 -18.98 -56.52
CA THR K 112 -103.17 -18.02 -55.88
C THR K 112 -104.51 -18.65 -55.43
N GLU K 113 -104.88 -19.76 -56.04
CA GLU K 113 -106.10 -20.53 -55.77
C GLU K 113 -106.13 -21.08 -54.33
N GLY K 114 -107.33 -21.18 -53.76
CA GLY K 114 -107.62 -21.68 -52.42
C GLY K 114 -107.58 -23.21 -52.25
N ASN K 115 -106.73 -23.92 -52.98
CA ASN K 115 -106.66 -25.37 -52.97
C ASN K 115 -105.25 -25.90 -53.34
N VAL K 116 -104.58 -26.49 -52.36
CA VAL K 116 -103.30 -27.23 -52.47
C VAL K 116 -103.30 -28.41 -51.49
N LYS K 117 -102.53 -29.48 -51.74
CA LYS K 117 -102.41 -30.64 -50.85
C LYS K 117 -100.97 -30.95 -50.47
N LEU K 118 -100.67 -30.87 -49.18
CA LEU K 118 -99.50 -31.55 -48.60
C LEU K 118 -99.79 -33.05 -48.43
N ALA K 119 -98.76 -33.85 -48.26
CA ALA K 119 -98.84 -35.22 -47.79
C ALA K 119 -97.96 -35.41 -46.55
N VAL K 120 -98.53 -36.04 -45.53
CA VAL K 120 -97.89 -36.30 -44.24
C VAL K 120 -97.51 -37.76 -44.21
N ASN K 121 -96.22 -38.05 -44.09
CA ASN K 121 -95.62 -39.38 -44.09
C ASN K 121 -96.10 -40.30 -45.22
N GLY K 122 -96.48 -39.73 -46.37
CA GLY K 122 -96.89 -40.48 -47.58
C GLY K 122 -98.40 -40.54 -47.86
N VAL K 123 -99.26 -39.83 -47.12
CA VAL K 123 -100.72 -39.75 -47.40
C VAL K 123 -101.22 -38.31 -47.41
N ASP K 124 -102.13 -37.99 -48.33
CA ASP K 124 -102.58 -36.60 -48.57
C ASP K 124 -103.35 -35.99 -47.38
N THR K 125 -103.12 -34.70 -47.14
CA THR K 125 -103.59 -33.99 -45.94
C THR K 125 -105.01 -33.45 -46.01
N GLY K 126 -105.61 -33.40 -47.20
CA GLY K 126 -106.83 -32.62 -47.49
C GLY K 126 -106.55 -31.23 -48.06
N ASN K 127 -107.59 -30.49 -48.40
CA ASN K 127 -107.48 -29.21 -49.09
C ASN K 127 -107.00 -28.08 -48.15
N ILE K 128 -105.96 -27.36 -48.58
CA ILE K 128 -105.36 -26.20 -47.92
C ILE K 128 -105.49 -24.98 -48.84
N ALA K 129 -105.67 -23.80 -48.27
CA ALA K 129 -105.76 -22.52 -48.96
C ALA K 129 -104.67 -21.55 -48.44
N TYR K 130 -104.92 -20.24 -48.50
CA TYR K 130 -104.10 -19.20 -47.86
C TYR K 130 -104.38 -19.17 -46.35
N ASP K 131 -104.18 -20.33 -45.73
CA ASP K 131 -104.54 -20.71 -44.38
C ASP K 131 -103.86 -19.85 -43.30
N THR K 132 -104.56 -19.63 -42.19
CA THR K 132 -103.91 -19.21 -40.95
C THR K 132 -103.00 -20.33 -40.45
N SER K 133 -101.73 -20.05 -40.21
CA SER K 133 -100.68 -21.04 -39.96
C SER K 133 -100.91 -21.85 -38.69
N ALA K 134 -100.97 -21.16 -37.55
CA ALA K 134 -101.10 -21.71 -36.19
C ALA K 134 -102.45 -22.37 -35.88
N ALA K 135 -103.38 -22.44 -36.84
CA ALA K 135 -104.68 -23.06 -36.66
C ALA K 135 -105.09 -23.86 -37.89
N ASN K 136 -105.36 -23.19 -39.02
CA ASN K 136 -105.95 -23.86 -40.17
C ASN K 136 -104.95 -24.80 -40.88
N LEU K 137 -103.68 -24.40 -41.01
CA LEU K 137 -102.66 -25.30 -41.57
C LEU K 137 -102.29 -26.41 -40.58
N LYS K 138 -102.14 -26.09 -39.29
CA LYS K 138 -101.90 -27.12 -38.27
C LYS K 138 -103.00 -28.16 -38.23
N SER K 139 -104.27 -27.76 -38.14
CA SER K 139 -105.39 -28.71 -38.12
C SER K 139 -105.45 -29.51 -39.42
N GLY K 140 -105.22 -28.87 -40.57
CA GLY K 140 -105.17 -29.55 -41.85
C GLY K 140 -104.07 -30.62 -41.94
N ILE K 141 -102.95 -30.44 -41.24
CA ILE K 141 -101.89 -31.43 -41.10
C ILE K 141 -102.31 -32.60 -40.22
N VAL K 142 -102.85 -32.34 -39.03
CA VAL K 142 -103.07 -33.38 -38.02
C VAL K 142 -104.39 -34.13 -38.17
N ALA K 143 -105.34 -33.61 -38.94
CA ALA K 143 -106.62 -34.25 -39.25
C ALA K 143 -106.48 -35.42 -40.25
N VAL K 144 -105.53 -36.32 -40.01
CA VAL K 144 -105.23 -37.53 -40.79
C VAL K 144 -105.17 -38.71 -39.81
N ASP K 145 -105.76 -39.87 -40.12
CA ASP K 145 -105.71 -41.05 -39.22
C ASP K 145 -104.38 -41.82 -39.37
N ASP K 146 -103.27 -41.14 -39.18
CA ASP K 146 -101.91 -41.68 -39.13
C ASP K 146 -101.43 -41.96 -37.69
N GLY K 147 -102.15 -41.49 -36.67
CA GLY K 147 -101.75 -41.57 -35.27
C GLY K 147 -100.82 -40.44 -34.79
N PHE K 148 -100.46 -39.48 -35.64
CA PHE K 148 -99.83 -38.22 -35.24
C PHE K 148 -100.88 -37.17 -34.88
N THR K 149 -100.55 -36.25 -33.99
CA THR K 149 -101.52 -35.38 -33.27
C THR K 149 -100.97 -33.97 -33.05
N ALA K 150 -101.82 -33.04 -32.62
CA ALA K 150 -101.51 -31.61 -32.45
C ALA K 150 -100.31 -31.29 -31.52
N ASP K 151 -99.76 -32.24 -30.78
CA ASP K 151 -98.54 -32.13 -29.99
C ASP K 151 -97.27 -32.54 -30.75
N ASP K 152 -97.38 -33.30 -31.85
CA ASP K 152 -96.22 -33.71 -32.66
C ASP K 152 -95.63 -32.60 -33.53
N PHE K 153 -96.41 -31.56 -33.80
CA PHE K 153 -96.09 -30.45 -34.71
C PHE K 153 -96.22 -29.08 -34.05
N THR K 154 -95.42 -28.12 -34.51
CA THR K 154 -95.57 -26.67 -34.30
C THR K 154 -95.56 -25.98 -35.67
N VAL K 155 -96.51 -25.08 -35.91
CA VAL K 155 -96.68 -24.42 -37.22
C VAL K 155 -96.69 -22.90 -37.08
N THR K 156 -95.89 -22.21 -37.89
CA THR K 156 -95.61 -20.77 -37.80
C THR K 156 -95.44 -20.12 -39.18
N GLY K 157 -95.43 -18.79 -39.26
CA GLY K 157 -95.35 -18.03 -40.52
C GLY K 157 -96.70 -17.52 -41.00
N THR K 158 -96.73 -16.82 -42.16
CA THR K 158 -97.92 -16.08 -42.70
C THR K 158 -98.47 -16.76 -43.97
N ALA K 159 -99.49 -16.22 -44.64
CA ALA K 159 -100.21 -16.94 -45.74
C ALA K 159 -99.35 -17.47 -46.91
N PRO K 160 -98.37 -16.79 -47.53
CA PRO K 160 -97.60 -17.40 -48.65
C PRO K 160 -96.44 -18.32 -48.24
N ASN K 161 -95.98 -18.28 -46.99
CA ASN K 161 -94.84 -19.05 -46.45
C ASN K 161 -95.02 -19.45 -44.97
N PHE K 162 -94.66 -20.68 -44.65
CA PHE K 162 -94.81 -21.28 -43.33
C PHE K 162 -93.63 -22.17 -43.00
N THR K 163 -93.45 -22.47 -41.72
CA THR K 163 -92.57 -23.55 -41.27
C THR K 163 -93.31 -24.52 -40.38
N ILE K 164 -93.17 -25.80 -40.68
CA ILE K 164 -93.57 -26.92 -39.84
C ILE K 164 -92.33 -27.35 -39.05
N VAL K 165 -92.44 -27.53 -37.74
CA VAL K 165 -91.38 -28.08 -36.89
C VAL K 165 -91.92 -29.29 -36.16
N THR K 166 -91.15 -30.38 -36.09
CA THR K 166 -91.50 -31.58 -35.33
C THR K 166 -90.37 -32.02 -34.43
N THR K 167 -90.68 -32.40 -33.19
CA THR K 167 -89.72 -33.02 -32.26
C THR K 167 -89.35 -34.44 -32.70
N ARG K 168 -90.33 -35.18 -33.23
CA ARG K 168 -90.15 -36.52 -33.79
C ARG K 168 -89.29 -36.49 -35.06
N THR K 169 -88.59 -37.58 -35.34
CA THR K 169 -87.72 -37.72 -36.52
C THR K 169 -88.33 -38.51 -37.68
N ASP K 170 -89.46 -39.19 -37.48
CA ASP K 170 -90.12 -40.05 -38.45
C ASP K 170 -91.19 -39.34 -39.28
N VAL K 171 -91.99 -38.50 -38.65
CA VAL K 171 -92.97 -37.60 -39.30
C VAL K 171 -92.29 -36.78 -40.39
N THR K 172 -92.81 -36.84 -41.61
CA THR K 172 -92.15 -36.33 -42.84
C THR K 172 -93.17 -35.60 -43.71
N ILE K 173 -93.05 -34.27 -43.86
CA ILE K 173 -93.93 -33.46 -44.70
C ILE K 173 -93.41 -33.49 -46.14
N THR K 174 -94.32 -33.53 -47.11
CA THR K 174 -94.01 -33.47 -48.56
C THR K 174 -95.11 -32.70 -49.29
N ALA K 175 -94.81 -32.09 -50.43
CA ALA K 175 -95.86 -31.65 -51.34
C ALA K 175 -96.53 -32.86 -52.02
N SER K 176 -97.81 -32.75 -52.37
CA SER K 176 -98.54 -33.81 -53.09
C SER K 176 -99.28 -33.26 -54.29
N GLY K 177 -100.12 -32.24 -54.08
CA GLY K 177 -100.75 -31.45 -55.13
C GLY K 177 -99.81 -30.39 -55.72
N GLU K 178 -100.19 -29.82 -56.86
CA GLU K 178 -99.55 -28.62 -57.39
C GLU K 178 -99.90 -27.37 -56.58
N GLY K 179 -99.16 -26.29 -56.81
CA GLY K 179 -99.38 -24.99 -56.16
C GLY K 179 -98.70 -24.82 -54.81
N VAL K 180 -97.85 -25.77 -54.42
CA VAL K 180 -97.10 -25.76 -53.16
C VAL K 180 -95.75 -26.43 -53.33
N THR K 181 -94.79 -26.00 -52.53
CA THR K 181 -93.42 -26.47 -52.50
C THR K 181 -93.01 -26.69 -51.05
N VAL K 182 -92.26 -27.76 -50.77
CA VAL K 182 -91.77 -28.04 -49.43
C VAL K 182 -90.29 -28.38 -49.50
N THR K 183 -89.50 -27.75 -48.64
CA THR K 183 -88.09 -28.07 -48.46
C THR K 183 -87.85 -28.45 -47.00
N GLU K 184 -87.32 -29.64 -46.73
CA GLU K 184 -86.76 -29.91 -45.41
C GLU K 184 -85.51 -29.04 -45.24
N ALA K 185 -85.42 -28.31 -44.14
CA ALA K 185 -84.22 -27.52 -43.83
C ALA K 185 -83.00 -28.43 -43.61
N THR K 186 -81.81 -27.89 -43.82
CA THR K 186 -80.55 -28.61 -43.61
C THR K 186 -79.55 -27.74 -42.85
N SER K 187 -78.60 -28.37 -42.18
CA SER K 187 -77.50 -27.69 -41.50
C SER K 187 -76.19 -28.42 -41.75
N VAL K 188 -75.12 -27.66 -41.93
CA VAL K 188 -73.79 -28.16 -42.29
C VAL K 188 -72.75 -27.23 -41.71
N ALA K 189 -71.56 -27.74 -41.43
CA ALA K 189 -70.46 -26.92 -40.95
C ALA K 189 -70.01 -25.89 -41.99
N ALA K 190 -69.58 -24.73 -41.51
CA ALA K 190 -68.96 -23.67 -42.29
C ALA K 190 -67.50 -23.49 -41.87
N ALA K 191 -66.59 -23.19 -42.79
CA ALA K 191 -65.21 -22.87 -42.42
C ALA K 191 -65.15 -21.54 -41.67
N GLY K 192 -64.14 -21.34 -40.83
CA GLY K 192 -63.90 -20.07 -40.15
C GLY K 192 -65.12 -19.45 -39.48
N THR K 193 -65.90 -20.20 -38.71
CA THR K 193 -67.20 -19.75 -38.17
C THR K 193 -67.28 -19.96 -36.66
N ASN K 194 -67.79 -18.99 -35.91
CA ASN K 194 -68.03 -19.16 -34.46
C ASN K 194 -69.22 -20.09 -34.20
N TYR K 195 -69.13 -21.00 -33.24
CA TYR K 195 -70.19 -21.95 -32.89
C TYR K 195 -70.63 -21.80 -31.45
N TYR K 196 -71.93 -21.99 -31.23
CA TYR K 196 -72.60 -21.71 -29.97
C TYR K 196 -73.41 -22.91 -29.50
N GLY K 197 -73.34 -23.24 -28.22
CA GLY K 197 -74.26 -24.14 -27.56
C GLY K 197 -75.50 -23.40 -27.11
N HIS K 198 -76.59 -24.13 -26.90
CA HIS K 198 -77.91 -23.58 -26.57
C HIS K 198 -78.54 -24.35 -25.44
N ALA K 199 -79.51 -23.75 -24.76
CA ALA K 199 -80.18 -24.35 -23.63
C ALA K 199 -80.88 -25.69 -23.97
N ASP K 200 -81.19 -25.91 -25.24
CA ASP K 200 -81.74 -27.17 -25.77
C ASP K 200 -80.73 -28.30 -25.91
N GLY K 201 -79.43 -28.02 -25.86
CA GLY K 201 -78.35 -28.97 -26.10
C GLY K 201 -77.83 -28.98 -27.53
N THR K 202 -78.41 -28.18 -28.40
CA THR K 202 -78.03 -27.98 -29.80
C THR K 202 -76.79 -27.10 -29.93
N VAL K 203 -76.08 -27.23 -31.05
CA VAL K 203 -74.81 -26.58 -31.33
C VAL K 203 -74.82 -26.09 -32.77
N ASN K 204 -74.81 -24.79 -33.02
CA ASN K 204 -74.97 -24.20 -34.34
C ASN K 204 -74.28 -22.83 -34.47
N ALA K 205 -74.23 -22.26 -35.68
CA ALA K 205 -73.53 -20.99 -35.92
C ALA K 205 -74.29 -19.75 -35.44
N VAL K 206 -75.54 -19.87 -34.99
CA VAL K 206 -76.39 -18.73 -34.65
C VAL K 206 -76.41 -18.53 -33.15
N LYS K 207 -75.90 -17.40 -32.66
CA LYS K 207 -76.07 -16.97 -31.28
C LYS K 207 -77.44 -16.32 -31.13
N GLY K 208 -78.39 -17.04 -30.57
CA GLY K 208 -79.72 -16.50 -30.27
C GLY K 208 -79.69 -15.63 -29.02
N SER K 209 -80.80 -15.59 -28.29
CA SER K 209 -80.84 -14.97 -26.96
C SER K 209 -80.16 -15.79 -25.86
N ASP K 210 -79.85 -17.06 -26.12
CA ASP K 210 -79.27 -18.01 -25.16
C ASP K 210 -77.91 -18.58 -25.58
N GLY K 211 -77.33 -18.15 -26.71
CA GLY K 211 -76.14 -18.81 -27.24
C GLY K 211 -74.91 -18.65 -26.35
N VAL K 212 -74.22 -19.75 -26.05
CA VAL K 212 -72.98 -19.78 -25.27
C VAL K 212 -71.86 -20.18 -26.18
N TYR K 213 -70.81 -19.37 -26.30
CA TYR K 213 -69.72 -19.65 -27.22
C TYR K 213 -68.97 -20.93 -26.84
N VAL K 214 -68.91 -21.91 -27.73
CA VAL K 214 -68.22 -23.19 -27.49
C VAL K 214 -66.94 -23.36 -28.29
N GLY K 215 -66.76 -22.62 -29.37
CA GLY K 215 -65.63 -22.82 -30.25
C GLY K 215 -65.76 -22.12 -31.58
N HIS K 216 -64.83 -22.39 -32.47
CA HIS K 216 -64.85 -21.90 -33.84
C HIS K 216 -64.34 -22.98 -34.76
N THR K 217 -64.86 -23.08 -35.98
CA THR K 217 -64.32 -23.99 -37.00
C THR K 217 -63.08 -23.40 -37.62
N GLN K 218 -62.12 -24.25 -37.92
CA GLN K 218 -60.98 -23.89 -38.73
C GLN K 218 -61.34 -24.19 -40.19
N GLU K 219 -60.79 -25.22 -40.84
CA GLU K 219 -61.52 -25.85 -41.94
C GLU K 219 -62.89 -26.35 -41.45
N ALA K 220 -63.90 -26.43 -42.31
CA ALA K 220 -65.27 -26.73 -41.86
C ALA K 220 -65.39 -28.08 -41.13
N ASP K 221 -64.62 -29.10 -41.51
CA ASP K 221 -64.62 -30.41 -40.83
C ASP K 221 -64.04 -30.39 -39.41
N ARG K 222 -63.37 -29.33 -38.95
CA ARG K 222 -62.68 -29.30 -37.65
C ARG K 222 -63.16 -28.14 -36.79
N LEU K 223 -63.66 -28.45 -35.60
CA LEU K 223 -64.03 -27.47 -34.59
C LEU K 223 -62.92 -27.36 -33.55
N ILE K 224 -62.49 -26.14 -33.27
CA ILE K 224 -61.58 -25.83 -32.19
C ILE K 224 -62.43 -25.46 -30.98
N VAL K 225 -62.27 -26.15 -29.88
CA VAL K 225 -63.15 -26.06 -28.72
C VAL K 225 -62.49 -25.21 -27.63
N ASN K 226 -63.21 -24.21 -27.16
CA ASN K 226 -62.76 -23.26 -26.16
C ASN K 226 -64.01 -22.72 -25.46
N VAL K 227 -64.64 -23.54 -24.63
CA VAL K 227 -65.96 -23.22 -24.10
C VAL K 227 -65.85 -22.08 -23.10
N LYS K 228 -66.48 -20.95 -23.40
CA LYS K 228 -66.60 -19.85 -22.46
C LYS K 228 -67.82 -20.09 -21.59
N ASP K 229 -67.61 -20.76 -20.47
CA ASP K 229 -68.64 -21.26 -19.57
C ASP K 229 -69.78 -20.28 -19.29
N GLU K 230 -71.02 -20.76 -19.32
CA GLU K 230 -72.20 -19.95 -18.99
C GLU K 230 -72.21 -19.59 -17.50
N GLU K 231 -72.68 -18.40 -17.15
CA GLU K 231 -72.60 -17.88 -15.79
C GLU K 231 -73.81 -17.00 -15.42
N ASP K 232 -74.06 -16.83 -14.13
CA ASP K 232 -75.23 -16.14 -13.59
C ASP K 232 -75.17 -14.62 -13.74
N ALA L 2 -26.14 -11.18 -27.33
CA ALA L 2 -26.42 -10.26 -28.46
C ALA L 2 -27.36 -9.16 -28.00
N LEU L 3 -27.46 -8.05 -28.73
CA LEU L 3 -28.18 -6.86 -28.27
C LEU L 3 -29.68 -7.07 -28.00
N LYS L 4 -30.34 -8.08 -28.58
CA LYS L 4 -31.80 -8.21 -28.61
C LYS L 4 -32.31 -9.58 -28.21
N THR L 5 -33.49 -9.61 -27.59
CA THR L 5 -34.28 -10.83 -27.30
C THR L 5 -35.59 -10.79 -28.05
N LYS L 6 -36.08 -11.96 -28.44
CA LYS L 6 -37.21 -12.13 -29.33
C LYS L 6 -38.34 -12.85 -28.59
N PRO L 7 -39.60 -12.40 -28.64
CA PRO L 7 -40.71 -13.10 -28.02
C PRO L 7 -40.77 -14.56 -28.45
N ARG L 8 -41.00 -15.48 -27.51
CA ARG L 8 -41.11 -16.91 -27.79
C ARG L 8 -42.15 -17.54 -26.90
N TRP L 9 -42.83 -18.57 -27.39
CA TRP L 9 -43.56 -19.49 -26.55
C TRP L 9 -42.62 -20.16 -25.56
N ASP L 10 -42.94 -20.09 -24.29
CA ASP L 10 -42.26 -20.82 -23.24
C ASP L 10 -43.00 -22.10 -22.90
N LYS L 11 -44.30 -22.04 -22.69
CA LYS L 11 -45.13 -23.23 -22.63
C LYS L 11 -46.22 -23.14 -23.69
N TYR L 12 -46.38 -24.21 -24.46
CA TYR L 12 -47.38 -24.39 -25.49
C TYR L 12 -47.60 -25.90 -25.63
N ASP L 13 -48.80 -26.40 -25.34
CA ASP L 13 -49.02 -27.86 -25.31
C ASP L 13 -49.41 -28.47 -26.66
N GLY L 14 -50.44 -27.94 -27.31
CA GLY L 14 -50.91 -28.43 -28.62
C GLY L 14 -52.09 -29.40 -28.58
N TYR L 15 -52.42 -30.03 -27.45
CA TYR L 15 -53.60 -30.88 -27.32
C TYR L 15 -54.80 -30.21 -26.64
N VAL L 16 -54.74 -28.90 -26.41
CA VAL L 16 -55.64 -28.20 -25.50
C VAL L 16 -56.43 -27.08 -26.17
N GLY L 17 -56.71 -27.21 -27.46
CA GLY L 17 -57.31 -26.12 -28.24
C GLY L 17 -56.32 -25.04 -28.64
N ASN L 18 -55.02 -25.26 -28.44
CA ASN L 18 -53.96 -24.58 -29.18
C ASN L 18 -53.80 -25.30 -30.52
N TYR L 19 -54.08 -24.63 -31.63
CA TYR L 19 -54.42 -25.28 -32.88
C TYR L 19 -53.42 -25.02 -34.01
N ARG L 20 -53.21 -26.00 -34.88
CA ARG L 20 -52.66 -25.80 -36.22
C ARG L 20 -53.69 -25.18 -37.15
N GLY L 21 -53.21 -24.39 -38.09
CA GLY L 21 -53.94 -23.97 -39.29
C GLY L 21 -52.96 -23.57 -40.38
N VAL L 22 -53.44 -22.99 -41.47
CA VAL L 22 -52.59 -22.47 -42.55
C VAL L 22 -52.84 -20.99 -42.76
N LEU L 23 -51.81 -20.22 -43.10
CA LEU L 23 -52.00 -18.79 -43.30
C LEU L 23 -52.90 -18.47 -44.51
N GLY L 24 -53.79 -17.51 -44.36
CA GLY L 24 -54.61 -16.97 -45.44
C GLY L 24 -53.90 -15.93 -46.30
N GLU L 25 -52.74 -15.47 -45.85
CA GLU L 25 -52.00 -14.34 -46.40
C GLU L 25 -50.51 -14.48 -46.05
N ASP L 26 -49.62 -13.80 -46.78
CA ASP L 26 -48.22 -13.73 -46.37
C ASP L 26 -48.04 -12.84 -45.13
N ILE L 27 -47.24 -13.30 -44.19
CA ILE L 27 -46.72 -12.51 -43.06
C ILE L 27 -45.72 -11.49 -43.59
N ASP L 28 -45.80 -10.24 -43.16
CA ASP L 28 -44.84 -9.20 -43.52
C ASP L 28 -43.62 -9.24 -42.59
N LEU L 29 -42.56 -9.97 -42.97
CA LEU L 29 -41.46 -10.24 -42.06
C LEU L 29 -40.87 -8.97 -41.43
N ASP L 30 -40.73 -7.88 -42.17
CA ASP L 30 -40.16 -6.64 -41.63
C ASP L 30 -41.01 -5.99 -40.54
N THR L 31 -42.29 -6.32 -40.44
CA THR L 31 -43.27 -5.71 -39.54
C THR L 31 -43.87 -6.70 -38.55
N GLU L 32 -43.83 -8.00 -38.84
CA GLU L 32 -44.66 -9.01 -38.17
C GLU L 32 -43.90 -10.27 -37.78
N ALA L 33 -42.69 -10.51 -38.28
CA ALA L 33 -41.86 -11.62 -37.78
C ALA L 33 -41.51 -11.38 -36.31
N ASN L 34 -41.28 -12.44 -35.53
CA ASN L 34 -40.77 -12.37 -34.15
C ASN L 34 -41.55 -11.39 -33.24
N ARG L 35 -42.87 -11.36 -33.34
CA ARG L 35 -43.77 -10.47 -32.60
C ARG L 35 -45.01 -11.22 -32.16
N VAL L 36 -45.72 -10.73 -31.16
CA VAL L 36 -46.92 -11.35 -30.63
C VAL L 36 -48.12 -10.81 -31.41
N LEU L 37 -48.60 -11.55 -32.40
CA LEU L 37 -49.70 -11.16 -33.27
C LEU L 37 -51.02 -11.72 -32.76
N ALA L 38 -52.06 -10.90 -32.63
CA ALA L 38 -53.42 -11.39 -32.47
C ALA L 38 -53.98 -11.88 -33.81
N VAL L 39 -54.61 -13.05 -33.83
CA VAL L 39 -55.06 -13.70 -35.07
C VAL L 39 -56.52 -14.10 -35.03
N GLY L 40 -57.16 -14.14 -36.19
CA GLY L 40 -58.47 -14.75 -36.40
C GLY L 40 -58.45 -15.76 -37.54
N THR L 41 -59.61 -16.17 -38.04
CA THR L 41 -59.70 -16.96 -39.27
C THR L 41 -60.66 -16.29 -40.24
N ASN L 42 -60.33 -16.33 -41.52
CA ASN L 42 -61.14 -15.72 -42.58
C ASN L 42 -62.32 -16.62 -42.97
N SER L 43 -62.99 -16.35 -44.09
CA SER L 43 -64.10 -17.17 -44.57
C SER L 43 -63.68 -18.54 -45.13
N ASN L 44 -62.42 -18.72 -45.49
CA ASN L 44 -61.82 -20.04 -45.67
C ASN L 44 -61.41 -20.60 -44.30
N GLY L 45 -60.73 -21.73 -44.24
CA GLY L 45 -60.20 -22.25 -42.97
C GLY L 45 -58.91 -21.59 -42.48
N ALA L 46 -58.59 -20.37 -42.91
CA ALA L 46 -57.22 -19.88 -42.92
C ALA L 46 -56.94 -18.76 -41.90
N ILE L 47 -55.78 -18.84 -41.23
CA ILE L 47 -55.31 -17.91 -40.20
C ILE L 47 -55.01 -16.57 -40.83
N VAL L 48 -55.52 -15.49 -40.26
CA VAL L 48 -55.20 -14.12 -40.66
C VAL L 48 -54.74 -13.31 -39.46
N VAL L 49 -53.82 -12.38 -39.68
CA VAL L 49 -53.40 -11.43 -38.67
C VAL L 49 -54.50 -10.38 -38.49
N GLY L 50 -54.86 -10.09 -37.26
CA GLY L 50 -56.03 -9.31 -36.94
C GLY L 50 -57.33 -10.12 -36.99
N ALA L 51 -58.46 -9.46 -36.80
CA ALA L 51 -59.75 -10.11 -36.85
C ALA L 51 -60.05 -10.60 -38.26
N GLY L 52 -60.51 -11.84 -38.39
CA GLY L 52 -61.04 -12.38 -39.64
C GLY L 52 -62.56 -12.28 -39.66
N GLN L 53 -63.21 -13.36 -40.07
CA GLN L 53 -64.65 -13.51 -39.97
C GLN L 53 -65.10 -13.77 -38.52
N THR L 54 -64.29 -14.50 -37.75
CA THR L 54 -64.57 -14.95 -36.38
C THR L 54 -64.25 -13.96 -35.27
N GLY L 55 -63.61 -12.84 -35.55
CA GLY L 55 -62.88 -12.08 -34.55
C GLY L 55 -61.57 -12.74 -34.11
N ILE L 56 -60.92 -12.19 -33.09
CA ILE L 56 -59.65 -12.66 -32.52
C ILE L 56 -59.82 -13.96 -31.72
N LYS L 57 -59.06 -14.98 -32.08
CA LYS L 57 -59.18 -16.36 -31.58
C LYS L 57 -57.90 -16.91 -30.92
N GLY L 58 -56.83 -16.14 -30.86
CA GLY L 58 -55.53 -16.65 -30.44
C GLY L 58 -54.39 -15.67 -30.63
N LEU L 59 -53.21 -16.08 -30.17
CA LEU L 59 -51.93 -15.41 -30.38
C LEU L 59 -51.00 -16.27 -31.21
N MET L 60 -50.15 -15.63 -31.99
CA MET L 60 -49.21 -16.29 -32.88
C MET L 60 -47.87 -15.58 -32.84
N ILE L 61 -46.77 -16.33 -32.82
CA ILE L 61 -45.42 -15.80 -32.99
C ILE L 61 -44.85 -16.48 -34.21
N VAL L 62 -44.48 -15.69 -35.21
CA VAL L 62 -43.84 -16.21 -36.42
C VAL L 62 -42.34 -16.19 -36.21
N ALA L 63 -41.78 -17.27 -35.62
CA ALA L 63 -40.36 -17.31 -35.17
C ALA L 63 -39.39 -17.59 -36.31
N VAL L 64 -39.18 -16.64 -37.23
CA VAL L 64 -38.20 -16.78 -38.35
C VAL L 64 -36.81 -16.47 -37.79
N GLY L 65 -35.74 -16.62 -38.59
CA GLY L 65 -34.35 -16.36 -38.14
C GLY L 65 -33.68 -15.24 -38.90
N ALA L 66 -32.93 -14.35 -38.22
CA ALA L 66 -32.13 -13.34 -38.89
C ALA L 66 -30.68 -13.81 -39.05
N ASP L 67 -29.94 -13.25 -40.00
CA ASP L 67 -28.48 -13.37 -40.07
C ASP L 67 -27.77 -12.42 -39.07
N ILE L 68 -26.44 -12.47 -39.01
CA ILE L 68 -25.62 -11.62 -38.13
C ILE L 68 -25.74 -10.11 -38.44
N HIS L 69 -26.20 -9.74 -39.64
CA HIS L 69 -26.46 -8.36 -40.07
C HIS L 69 -27.93 -7.95 -39.85
N GLY L 70 -28.78 -8.85 -39.34
CA GLY L 70 -30.18 -8.61 -39.01
C GLY L 70 -31.17 -8.78 -40.16
N ALA L 71 -30.77 -9.33 -41.30
CA ALA L 71 -31.67 -9.60 -42.42
C ALA L 71 -32.38 -10.95 -42.25
N MET L 72 -33.59 -11.08 -42.74
CA MET L 72 -34.40 -12.30 -42.63
C MET L 72 -34.67 -12.92 -44.00
N LEU L 73 -34.51 -14.22 -44.08
CA LEU L 73 -34.63 -14.99 -45.31
C LEU L 73 -36.10 -15.24 -45.66
N ASP L 74 -36.49 -14.95 -46.89
CA ASP L 74 -37.87 -15.18 -47.37
C ASP L 74 -38.14 -16.62 -47.84
N GLY L 75 -37.14 -17.47 -47.93
CA GLY L 75 -37.25 -18.88 -48.31
C GLY L 75 -37.82 -19.81 -47.24
N GLY L 76 -38.24 -19.29 -46.09
CA GLY L 76 -38.80 -20.05 -44.98
C GLY L 76 -40.18 -20.62 -45.26
N ILE L 77 -40.55 -21.63 -44.47
CA ILE L 77 -41.73 -22.49 -44.69
C ILE L 77 -42.88 -22.21 -43.71
N ASN L 78 -42.88 -21.06 -43.04
CA ASN L 78 -43.89 -20.69 -42.06
C ASN L 78 -44.36 -19.23 -42.20
N ASN L 79 -44.27 -18.66 -43.40
CA ASN L 79 -44.41 -17.22 -43.62
C ASN L 79 -45.48 -16.88 -44.65
N HIS L 80 -45.68 -17.74 -45.64
CA HIS L 80 -46.48 -17.44 -46.82
C HIS L 80 -47.90 -17.94 -46.68
N ALA L 81 -48.81 -17.39 -47.46
CA ALA L 81 -50.14 -17.96 -47.60
C ALA L 81 -50.02 -19.46 -47.91
N GLY L 82 -50.80 -20.28 -47.23
CA GLY L 82 -50.74 -21.73 -47.34
C GLY L 82 -49.62 -22.41 -46.55
N ASP L 83 -48.71 -21.71 -45.90
CA ASP L 83 -47.82 -22.35 -44.93
C ASP L 83 -48.56 -22.74 -43.65
N PRO L 84 -48.20 -23.85 -43.00
CA PRO L 84 -48.77 -24.26 -41.72
C PRO L 84 -48.19 -23.45 -40.57
N GLN L 85 -49.03 -23.09 -39.60
CA GLN L 85 -48.61 -22.35 -38.43
C GLN L 85 -49.42 -22.73 -37.18
N ASP L 86 -48.76 -22.76 -36.03
CA ASP L 86 -49.34 -23.00 -34.71
C ASP L 86 -49.92 -21.73 -34.10
N VAL L 87 -51.11 -21.79 -33.53
CA VAL L 87 -51.78 -20.68 -32.83
C VAL L 87 -52.08 -21.08 -31.39
N GLY L 88 -51.93 -20.18 -30.44
CA GLY L 88 -52.15 -20.45 -29.01
C GLY L 88 -53.29 -19.68 -28.39
N LYS L 89 -54.02 -20.33 -27.48
CA LYS L 89 -55.01 -19.76 -26.57
C LYS L 89 -54.63 -19.90 -25.10
N HIS L 90 -53.79 -20.88 -24.76
CA HIS L 90 -53.45 -21.33 -23.40
C HIS L 90 -51.96 -21.62 -23.29
N GLY L 91 -51.18 -20.80 -22.60
CA GLY L 91 -49.73 -21.01 -22.53
C GLY L 91 -48.99 -19.85 -21.91
N GLU L 92 -47.71 -19.73 -22.15
CA GLU L 92 -46.89 -18.63 -21.64
C GLU L 92 -45.92 -18.14 -22.71
N ILE L 93 -45.74 -16.84 -22.83
CA ILE L 93 -44.76 -16.21 -23.74
C ILE L 93 -43.73 -15.51 -22.88
N THR L 94 -42.45 -15.82 -23.07
CA THR L 94 -41.32 -15.13 -22.44
C THR L 94 -40.66 -14.16 -23.41
N ASN L 95 -39.90 -13.21 -22.89
CA ASN L 95 -39.39 -12.05 -23.61
C ASN L 95 -40.52 -11.27 -24.31
N PHE L 96 -41.67 -11.21 -23.66
CA PHE L 96 -42.87 -10.58 -24.18
C PHE L 96 -42.65 -9.09 -24.46
N GLN L 97 -43.27 -8.56 -25.51
CA GLN L 97 -43.31 -7.14 -25.84
C GLN L 97 -44.69 -6.77 -26.39
N PRO L 98 -45.27 -5.61 -26.06
CA PRO L 98 -46.43 -5.10 -26.75
C PRO L 98 -46.11 -5.00 -28.24
N THR L 99 -47.03 -5.43 -29.08
CA THR L 99 -46.84 -5.45 -30.51
C THR L 99 -47.69 -4.36 -31.13
N VAL L 100 -47.06 -3.45 -31.86
CA VAL L 100 -47.66 -2.24 -32.42
C VAL L 100 -47.10 -1.97 -33.81
N PHE L 101 -47.92 -1.43 -34.71
CA PHE L 101 -47.54 -1.10 -36.08
C PHE L 101 -47.54 0.42 -36.23
N GLY L 102 -46.47 0.97 -36.80
CA GLY L 102 -46.33 2.41 -36.94
C GLY L 102 -45.95 3.14 -35.65
N ARG L 103 -46.28 4.43 -35.59
CA ARG L 103 -45.76 5.39 -34.58
C ARG L 103 -46.90 6.24 -34.05
N THR L 104 -46.74 6.82 -32.86
CA THR L 104 -47.69 7.83 -32.36
C THR L 104 -47.02 8.85 -31.44
N PHE L 105 -47.52 10.08 -31.48
CA PHE L 105 -46.92 11.23 -30.84
C PHE L 105 -47.97 12.03 -30.07
N GLY L 106 -47.63 12.43 -28.85
CA GLY L 106 -48.38 13.38 -28.05
C GLY L 106 -47.81 14.77 -28.23
N VAL L 107 -48.65 15.71 -28.62
CA VAL L 107 -48.30 17.11 -28.90
C VAL L 107 -48.98 17.97 -27.85
N ALA L 108 -48.21 18.68 -27.03
CA ALA L 108 -48.75 19.67 -26.11
C ALA L 108 -48.27 21.07 -26.49
N ILE L 109 -49.22 21.95 -26.83
CA ILE L 109 -48.95 23.33 -27.24
C ILE L 109 -49.15 24.29 -26.07
N SER L 110 -48.09 25.05 -25.76
CA SER L 110 -48.03 26.03 -24.68
C SER L 110 -48.09 27.47 -25.17
N ALA L 111 -47.93 27.75 -26.47
CA ALA L 111 -48.21 29.08 -27.03
C ALA L 111 -49.67 29.49 -26.78
N THR L 112 -49.87 30.59 -26.08
CA THR L 112 -51.21 31.10 -25.70
C THR L 112 -51.93 31.85 -26.81
N GLU L 113 -51.24 32.15 -27.91
CA GLU L 113 -51.77 32.86 -29.09
C GLU L 113 -50.84 32.65 -30.30
N GLY L 114 -51.30 33.01 -31.50
CA GLY L 114 -50.46 33.08 -32.70
C GLY L 114 -50.07 31.71 -33.28
N ASN L 115 -48.79 31.51 -33.57
CA ASN L 115 -48.27 30.31 -34.22
C ASN L 115 -47.03 29.55 -33.66
N VAL L 116 -46.93 28.27 -33.99
CA VAL L 116 -45.85 27.34 -33.61
C VAL L 116 -45.41 26.54 -34.83
N LYS L 117 -44.26 25.87 -34.81
CA LYS L 117 -43.82 25.01 -35.92
C LYS L 117 -43.47 23.61 -35.42
N LEU L 118 -44.02 22.58 -36.05
CA LEU L 118 -43.58 21.21 -35.84
C LEU L 118 -42.57 20.84 -36.95
N ALA L 119 -41.71 19.83 -36.72
CA ALA L 119 -40.74 19.33 -37.73
C ALA L 119 -41.09 17.87 -38.09
N VAL L 120 -41.78 17.63 -39.20
CA VAL L 120 -42.22 16.25 -39.59
C VAL L 120 -41.06 15.65 -40.39
N ASN L 121 -40.38 14.62 -39.87
CA ASN L 121 -39.21 13.96 -40.51
C ASN L 121 -38.01 14.93 -40.48
N GLY L 122 -37.82 15.73 -39.41
CA GLY L 122 -36.74 16.69 -39.32
C GLY L 122 -36.84 17.94 -40.19
N VAL L 123 -37.96 18.19 -40.88
CA VAL L 123 -38.19 19.43 -41.65
C VAL L 123 -39.53 20.10 -41.32
N ASP L 124 -39.59 21.43 -41.36
CA ASP L 124 -40.66 22.20 -40.74
C ASP L 124 -42.01 22.17 -41.48
N THR L 125 -43.10 22.14 -40.74
CA THR L 125 -44.49 22.34 -41.24
C THR L 125 -44.78 23.73 -41.79
N GLY L 126 -43.92 24.71 -41.53
CA GLY L 126 -44.33 26.10 -41.47
C GLY L 126 -45.23 26.34 -40.26
N ASN L 127 -45.90 27.47 -40.22
CA ASN L 127 -46.76 27.83 -39.10
C ASN L 127 -47.96 26.88 -38.95
N ILE L 128 -48.14 26.35 -37.74
CA ILE L 128 -49.40 25.79 -37.23
C ILE L 128 -49.93 26.78 -36.20
N ALA L 129 -51.14 27.29 -36.33
CA ALA L 129 -51.69 28.23 -35.34
C ALA L 129 -52.02 27.57 -34.00
N TYR L 130 -52.07 28.32 -32.90
CA TYR L 130 -52.68 27.83 -31.68
C TYR L 130 -54.18 27.55 -31.89
N ASP L 131 -54.71 26.55 -31.18
CA ASP L 131 -56.12 26.15 -31.25
C ASP L 131 -56.64 25.80 -32.67
N THR L 132 -55.79 25.30 -33.56
CA THR L 132 -56.24 24.73 -34.84
C THR L 132 -57.21 23.56 -34.63
N SER L 133 -58.14 23.39 -35.56
CA SER L 133 -58.89 22.14 -35.74
C SER L 133 -57.97 20.97 -36.08
N ALA L 134 -58.38 19.73 -35.77
CA ALA L 134 -57.62 18.52 -36.06
C ALA L 134 -57.31 18.34 -37.55
N ALA L 135 -58.27 18.66 -38.41
CA ALA L 135 -58.11 18.63 -39.85
C ALA L 135 -57.10 19.68 -40.37
N ASN L 136 -57.02 20.86 -39.77
CA ASN L 136 -56.04 21.86 -40.14
C ASN L 136 -54.64 21.46 -39.70
N LEU L 137 -54.46 20.88 -38.50
CA LEU L 137 -53.16 20.35 -38.07
C LEU L 137 -52.74 19.20 -38.97
N LYS L 138 -53.64 18.26 -39.30
CA LYS L 138 -53.37 17.21 -40.28
C LYS L 138 -52.94 17.77 -41.62
N SER L 139 -53.66 18.77 -42.14
CA SER L 139 -53.28 19.49 -43.36
C SER L 139 -51.87 20.09 -43.23
N GLY L 140 -51.55 20.77 -42.14
CA GLY L 140 -50.24 21.37 -41.96
C GLY L 140 -49.09 20.37 -41.85
N ILE L 141 -49.35 19.15 -41.36
CA ILE L 141 -48.41 18.02 -41.41
C ILE L 141 -48.28 17.51 -42.85
N VAL L 142 -49.36 17.06 -43.49
CA VAL L 142 -49.23 16.43 -44.81
C VAL L 142 -48.86 17.43 -45.90
N ALA L 143 -48.97 18.74 -45.67
CA ALA L 143 -48.47 19.77 -46.55
C ALA L 143 -46.94 19.80 -46.66
N VAL L 144 -46.20 19.16 -45.76
CA VAL L 144 -44.73 19.12 -45.82
C VAL L 144 -44.24 18.45 -47.10
N ASP L 145 -43.11 18.90 -47.62
CA ASP L 145 -42.57 18.49 -48.91
C ASP L 145 -41.83 17.13 -48.83
N ASP L 146 -42.56 16.07 -48.49
CA ASP L 146 -42.10 14.69 -48.36
C ASP L 146 -43.10 13.69 -48.95
N GLY L 147 -42.76 12.40 -48.89
CA GLY L 147 -43.61 11.32 -49.41
C GLY L 147 -44.85 10.97 -48.57
N PHE L 148 -45.18 11.68 -47.50
CA PHE L 148 -46.21 11.24 -46.57
C PHE L 148 -47.50 12.04 -46.74
N THR L 149 -48.56 11.31 -46.98
CA THR L 149 -49.81 11.76 -47.57
C THR L 149 -50.91 11.95 -46.54
N ALA L 150 -52.06 12.43 -47.00
CA ALA L 150 -53.31 12.45 -46.24
C ALA L 150 -53.68 11.13 -45.55
N ASP L 151 -53.17 9.96 -45.96
CA ASP L 151 -53.55 8.67 -45.37
C ASP L 151 -52.41 7.96 -44.61
N ASP L 152 -51.18 8.46 -44.68
CA ASP L 152 -50.11 8.03 -43.75
C ASP L 152 -50.37 8.44 -42.30
N PHE L 153 -51.34 9.33 -42.04
CA PHE L 153 -51.61 9.94 -40.74
C PHE L 153 -53.09 9.89 -40.33
N THR L 154 -53.31 9.84 -39.02
CA THR L 154 -54.52 10.24 -38.29
C THR L 154 -54.14 11.29 -37.24
N VAL L 155 -55.01 12.26 -36.99
CA VAL L 155 -54.83 13.31 -35.99
C VAL L 155 -56.10 13.46 -35.16
N THR L 156 -55.96 13.63 -33.84
CA THR L 156 -57.08 13.79 -32.89
C THR L 156 -56.64 14.53 -31.63
N GLY L 157 -57.56 14.93 -30.76
CA GLY L 157 -57.24 15.65 -29.52
C GLY L 157 -57.19 17.15 -29.70
N THR L 158 -58.36 17.72 -30.14
CA THR L 158 -58.53 19.14 -30.53
C THR L 158 -58.20 20.17 -29.46
N ALA L 159 -58.14 19.77 -28.19
CA ALA L 159 -57.73 20.66 -27.09
C ALA L 159 -56.23 20.89 -27.27
N PRO L 160 -55.54 21.80 -26.55
CA PRO L 160 -54.09 21.90 -26.65
C PRO L 160 -53.39 20.52 -26.62
N ASN L 161 -54.03 19.46 -26.09
CA ASN L 161 -53.42 18.10 -26.12
C ASN L 161 -53.70 17.35 -27.43
N PHE L 162 -52.95 17.62 -28.53
CA PHE L 162 -53.07 16.81 -29.73
C PHE L 162 -52.36 15.46 -29.66
N THR L 163 -52.87 14.50 -30.43
CA THR L 163 -52.34 13.16 -30.63
C THR L 163 -52.27 12.84 -32.13
N ILE L 164 -51.09 12.45 -32.59
CA ILE L 164 -50.78 12.08 -33.97
C ILE L 164 -50.58 10.57 -34.01
N VAL L 165 -51.14 9.88 -34.99
CA VAL L 165 -50.96 8.44 -35.21
C VAL L 165 -50.58 8.21 -36.66
N THR L 166 -49.61 7.33 -36.88
CA THR L 166 -48.98 7.14 -38.18
C THR L 166 -48.90 5.66 -38.51
N THR L 167 -49.27 5.30 -39.73
CA THR L 167 -49.34 3.90 -40.19
C THR L 167 -47.96 3.27 -40.36
N ARG L 168 -47.03 4.05 -40.92
CA ARG L 168 -45.65 3.70 -41.24
C ARG L 168 -44.69 3.92 -40.06
N THR L 169 -43.60 3.18 -40.03
CA THR L 169 -42.60 3.22 -38.96
C THR L 169 -41.55 4.33 -39.11
N ASP L 170 -41.37 4.86 -40.32
CA ASP L 170 -40.23 5.69 -40.71
C ASP L 170 -40.48 7.21 -40.61
N VAL L 171 -41.55 7.64 -39.97
CA VAL L 171 -41.87 9.06 -39.69
C VAL L 171 -41.65 9.35 -38.22
N THR L 172 -40.82 10.34 -37.90
CA THR L 172 -40.71 10.94 -36.56
C THR L 172 -41.36 12.33 -36.58
N ILE L 173 -42.22 12.65 -35.62
CA ILE L 173 -42.75 14.01 -35.43
C ILE L 173 -42.08 14.63 -34.20
N THR L 174 -41.56 15.85 -34.33
CA THR L 174 -40.81 16.51 -33.24
C THR L 174 -41.04 18.02 -33.21
N ALA L 175 -40.73 18.67 -32.09
CA ALA L 175 -40.88 20.12 -31.92
C ALA L 175 -39.89 20.92 -32.79
N SER L 176 -40.22 22.15 -33.19
CA SER L 176 -39.26 23.01 -33.91
C SER L 176 -39.34 24.47 -33.49
N GLY L 177 -40.51 25.09 -33.62
CA GLY L 177 -40.80 26.40 -33.06
C GLY L 177 -41.04 26.38 -31.55
N GLU L 178 -40.86 27.52 -30.90
CA GLU L 178 -41.13 27.70 -29.47
C GLU L 178 -42.62 27.61 -29.15
N GLY L 179 -42.97 27.37 -27.88
CA GLY L 179 -44.37 27.21 -27.46
C GLY L 179 -45.01 25.88 -27.90
N VAL L 180 -44.19 24.90 -28.32
CA VAL L 180 -44.70 23.54 -28.66
C VAL L 180 -43.77 22.43 -28.12
N THR L 181 -44.34 21.32 -27.62
CA THR L 181 -43.65 20.14 -27.10
C THR L 181 -44.23 18.88 -27.71
N VAL L 182 -43.38 17.92 -28.08
CA VAL L 182 -43.80 16.65 -28.67
C VAL L 182 -43.08 15.48 -28.01
N THR L 183 -43.83 14.48 -27.59
CA THR L 183 -43.35 13.25 -26.97
C THR L 183 -43.76 12.07 -27.82
N GLU L 184 -42.84 11.20 -28.23
CA GLU L 184 -43.24 9.91 -28.82
C GLU L 184 -43.84 9.03 -27.74
N ALA L 185 -45.07 8.56 -27.97
CA ALA L 185 -45.76 7.68 -27.04
C ALA L 185 -45.26 6.24 -27.24
N THR L 186 -44.11 5.94 -26.63
CA THR L 186 -43.51 4.60 -26.62
C THR L 186 -44.42 3.57 -25.93
N SER L 187 -44.21 2.29 -26.20
CA SER L 187 -44.91 1.17 -25.54
C SER L 187 -43.91 0.10 -25.12
N VAL L 188 -44.00 -0.35 -23.85
CA VAL L 188 -43.10 -1.38 -23.28
C VAL L 188 -43.94 -2.27 -22.37
N ALA L 189 -43.50 -3.52 -22.15
CA ALA L 189 -44.23 -4.44 -21.28
C ALA L 189 -44.22 -3.92 -19.84
N ALA L 190 -45.37 -4.02 -19.17
CA ALA L 190 -45.56 -3.64 -17.79
C ALA L 190 -45.82 -4.87 -16.94
N ALA L 191 -45.20 -4.95 -15.77
CA ALA L 191 -45.50 -6.01 -14.81
C ALA L 191 -46.95 -5.91 -14.34
N GLY L 192 -47.54 -7.04 -13.98
CA GLY L 192 -48.86 -7.11 -13.37
C GLY L 192 -49.96 -6.41 -14.17
N THR L 193 -50.06 -6.65 -15.47
CA THR L 193 -50.90 -5.87 -16.38
C THR L 193 -51.66 -6.77 -17.35
N ASN L 194 -52.90 -6.38 -17.72
CA ASN L 194 -53.74 -7.14 -18.68
C ASN L 194 -53.37 -6.71 -20.09
N TYR L 195 -53.43 -7.59 -21.08
CA TYR L 195 -53.04 -7.30 -22.49
C TYR L 195 -54.25 -7.58 -23.36
N TYR L 196 -54.38 -6.94 -24.53
CA TYR L 196 -55.59 -7.02 -25.39
C TYR L 196 -55.27 -7.12 -26.86
N GLY L 197 -55.85 -8.08 -27.57
CA GLY L 197 -55.70 -8.17 -29.01
C GLY L 197 -56.52 -7.06 -29.64
N HIS L 198 -56.27 -6.70 -30.89
CA HIS L 198 -57.09 -5.74 -31.64
C HIS L 198 -57.32 -6.22 -33.06
N ALA L 199 -58.32 -5.68 -33.75
CA ALA L 199 -58.67 -6.05 -35.13
C ALA L 199 -57.50 -5.85 -36.10
N ASP L 200 -56.56 -4.94 -35.82
CA ASP L 200 -55.30 -4.76 -36.53
C ASP L 200 -54.35 -5.97 -36.49
N GLY L 201 -54.44 -6.77 -35.43
CA GLY L 201 -53.45 -7.78 -35.04
C GLY L 201 -52.48 -7.31 -33.95
N THR L 202 -52.48 -6.05 -33.56
CA THR L 202 -51.66 -5.50 -32.49
C THR L 202 -52.09 -6.04 -31.12
N VAL L 203 -51.17 -6.06 -30.16
CA VAL L 203 -51.38 -6.57 -28.79
C VAL L 203 -50.80 -5.60 -27.80
N ASN L 204 -51.61 -4.98 -26.94
CA ASN L 204 -51.17 -3.91 -26.04
C ASN L 204 -52.04 -3.81 -24.79
N ALA L 205 -51.63 -2.99 -23.84
CA ALA L 205 -52.24 -2.92 -22.51
C ALA L 205 -53.58 -2.19 -22.47
N VAL L 206 -54.11 -1.74 -23.61
CA VAL L 206 -55.32 -0.90 -23.67
C VAL L 206 -56.46 -1.66 -24.33
N LYS L 207 -57.56 -1.89 -23.63
CA LYS L 207 -58.82 -2.29 -24.26
C LYS L 207 -59.55 -1.03 -24.71
N GLY L 208 -59.54 -0.74 -26.00
CA GLY L 208 -60.32 0.33 -26.61
C GLY L 208 -61.76 -0.07 -26.77
N SER L 209 -62.37 0.24 -27.91
CA SER L 209 -63.68 -0.26 -28.31
C SER L 209 -63.67 -1.68 -28.88
N ASP L 210 -62.57 -2.16 -29.44
CA ASP L 210 -62.47 -3.45 -30.13
C ASP L 210 -61.64 -4.53 -29.43
N GLY L 211 -61.06 -4.23 -28.26
CA GLY L 211 -60.04 -5.10 -27.67
C GLY L 211 -60.58 -6.42 -27.14
N VAL L 212 -59.85 -7.51 -27.37
CA VAL L 212 -60.16 -8.86 -26.88
C VAL L 212 -59.11 -9.27 -25.87
N TYR L 213 -59.51 -9.68 -24.67
CA TYR L 213 -58.56 -10.08 -23.64
C TYR L 213 -57.73 -11.29 -24.06
N VAL L 214 -56.39 -11.17 -24.07
CA VAL L 214 -55.49 -12.28 -24.46
C VAL L 214 -54.69 -12.85 -23.30
N GLY L 215 -54.46 -12.10 -22.22
CA GLY L 215 -53.64 -12.58 -21.13
C GLY L 215 -53.18 -11.48 -20.19
N HIS L 216 -52.27 -11.79 -19.29
CA HIS L 216 -51.73 -10.85 -18.30
C HIS L 216 -50.28 -11.19 -17.96
N THR L 217 -49.48 -10.26 -17.46
CA THR L 217 -48.02 -10.42 -17.46
C THR L 217 -47.38 -11.24 -16.33
N GLN L 218 -47.70 -11.01 -15.06
CA GLN L 218 -46.74 -11.30 -13.97
C GLN L 218 -45.52 -10.38 -14.11
N GLU L 219 -44.28 -10.85 -14.04
CA GLU L 219 -43.13 -10.01 -14.34
C GLU L 219 -43.15 -9.53 -15.80
N ALA L 220 -42.68 -8.32 -16.09
CA ALA L 220 -42.91 -7.68 -17.37
C ALA L 220 -42.44 -8.49 -18.59
N ASP L 221 -41.35 -9.26 -18.47
CA ASP L 221 -40.83 -10.09 -19.55
C ASP L 221 -41.69 -11.31 -19.89
N ARG L 222 -42.76 -11.60 -19.16
CA ARG L 222 -43.61 -12.78 -19.38
C ARG L 222 -45.06 -12.40 -19.58
N LEU L 223 -45.79 -13.20 -20.36
CA LEU L 223 -47.23 -13.09 -20.53
C LEU L 223 -47.84 -14.47 -20.33
N ILE L 224 -48.84 -14.56 -19.47
CA ILE L 224 -49.63 -15.76 -19.27
C ILE L 224 -50.81 -15.67 -20.22
N VAL L 225 -50.86 -16.53 -21.21
CA VAL L 225 -51.83 -16.48 -22.30
C VAL L 225 -53.07 -17.23 -21.88
N ASN L 226 -54.21 -16.58 -21.97
CA ASN L 226 -55.52 -17.12 -21.64
C ASN L 226 -56.56 -16.38 -22.47
N VAL L 227 -56.63 -16.69 -23.75
CA VAL L 227 -57.45 -15.92 -24.69
C VAL L 227 -58.93 -16.17 -24.44
N LYS L 228 -59.69 -15.13 -24.12
CA LYS L 228 -61.15 -15.21 -24.10
C LYS L 228 -61.65 -14.94 -25.52
N ASP L 229 -61.66 -15.97 -26.35
CA ASP L 229 -62.08 -15.95 -27.76
C ASP L 229 -63.17 -14.93 -28.09
N GLU L 230 -62.96 -14.13 -29.12
CA GLU L 230 -63.97 -13.21 -29.61
C GLU L 230 -65.22 -13.95 -30.09
N GLU L 231 -66.39 -13.34 -29.92
CA GLU L 231 -67.68 -13.90 -30.29
C GLU L 231 -68.61 -12.81 -30.86
N ASP L 232 -69.70 -13.21 -31.51
CA ASP L 232 -70.66 -12.30 -32.13
C ASP L 232 -71.55 -11.59 -31.11
N ALA M 2 -21.58 -12.60 -69.36
CA ALA M 2 -21.59 -11.36 -68.57
C ALA M 2 -22.53 -10.33 -69.19
N LEU M 3 -23.24 -9.56 -68.37
CA LEU M 3 -24.28 -8.64 -68.86
C LEU M 3 -23.73 -7.30 -69.36
N LYS M 4 -22.74 -6.73 -68.68
CA LYS M 4 -22.25 -5.36 -68.91
C LYS M 4 -20.75 -5.31 -69.05
N THR M 5 -20.27 -4.34 -69.82
CA THR M 5 -18.85 -3.99 -69.96
C THR M 5 -18.59 -2.63 -69.30
N LYS M 6 -17.58 -2.56 -68.43
CA LYS M 6 -17.12 -1.30 -67.82
C LYS M 6 -16.12 -0.59 -68.73
N PRO M 7 -16.09 0.76 -68.81
CA PRO M 7 -15.01 1.52 -69.44
C PRO M 7 -13.66 1.24 -68.78
N ARG M 8 -12.59 1.18 -69.56
CA ARG M 8 -11.23 0.94 -69.09
C ARG M 8 -10.20 1.64 -69.96
N TRP M 9 -9.03 1.94 -69.43
CA TRP M 9 -7.88 2.29 -70.26
C TRP M 9 -7.43 1.08 -71.05
N ASP M 10 -7.30 1.21 -72.36
CA ASP M 10 -6.71 0.17 -73.21
C ASP M 10 -5.24 0.45 -73.46
N LYS M 11 -4.89 1.71 -73.71
CA LYS M 11 -3.51 2.19 -73.74
C LYS M 11 -3.36 3.34 -72.77
N TYR M 12 -2.35 3.24 -71.92
CA TYR M 12 -1.95 4.22 -70.92
C TYR M 12 -0.48 3.97 -70.63
N ASP M 13 0.40 4.89 -71.00
CA ASP M 13 1.84 4.66 -70.87
C ASP M 13 2.38 5.00 -69.47
N GLY M 14 2.04 6.18 -68.95
CA GLY M 14 2.44 6.60 -67.60
C GLY M 14 3.71 7.44 -67.49
N TYR M 15 4.57 7.48 -68.50
CA TYR M 15 5.71 8.40 -68.56
C TYR M 15 5.45 9.67 -69.37
N VAL M 16 4.28 9.83 -69.99
CA VAL M 16 4.03 10.88 -71.00
C VAL M 16 3.12 12.02 -70.53
N GLY M 17 3.16 12.36 -69.25
CA GLY M 17 2.21 13.31 -68.66
C GLY M 17 0.85 12.72 -68.33
N ASN M 18 0.64 11.41 -68.44
CA ASN M 18 -0.35 10.71 -67.65
C ASN M 18 0.24 10.48 -66.26
N TYR M 19 -0.44 10.83 -65.18
CA TYR M 19 0.21 11.09 -63.90
C TYR M 19 -0.48 10.41 -62.72
N ARG M 20 0.34 10.02 -61.74
CA ARG M 20 -0.13 9.70 -60.39
C ARG M 20 -0.53 10.95 -59.62
N GLY M 21 -1.58 10.88 -58.84
CA GLY M 21 -1.95 11.85 -57.83
C GLY M 21 -2.55 11.17 -56.60
N VAL M 22 -3.13 11.93 -55.69
CA VAL M 22 -3.96 11.41 -54.59
C VAL M 22 -5.32 12.06 -54.62
N LEU M 23 -6.41 11.36 -54.29
CA LEU M 23 -7.73 12.00 -54.23
C LEU M 23 -7.82 13.00 -53.09
N GLY M 24 -8.56 14.08 -53.28
CA GLY M 24 -8.80 15.12 -52.27
C GLY M 24 -10.14 15.01 -51.55
N GLU M 25 -10.97 14.06 -51.97
CA GLU M 25 -12.34 13.79 -51.57
C GLU M 25 -12.63 12.31 -51.85
N ASP M 26 -13.58 11.69 -51.15
CA ASP M 26 -13.98 10.33 -51.49
C ASP M 26 -14.74 10.29 -52.81
N ILE M 27 -14.44 9.31 -53.65
CA ILE M 27 -15.20 8.94 -54.84
C ILE M 27 -16.48 8.23 -54.41
N ASP M 28 -17.63 8.62 -54.97
CA ASP M 28 -18.93 8.03 -54.69
C ASP M 28 -19.14 6.76 -55.51
N LEU M 29 -18.95 5.59 -54.90
CA LEU M 29 -18.92 4.34 -55.66
C LEU M 29 -20.20 4.04 -56.44
N ASP M 30 -21.37 4.47 -55.97
CA ASP M 30 -22.62 4.28 -56.69
C ASP M 30 -22.76 5.16 -57.94
N THR M 31 -21.99 6.22 -58.07
CA THR M 31 -22.20 7.31 -59.03
C THR M 31 -20.97 7.57 -59.90
N GLU M 32 -19.78 7.22 -59.42
CA GLU M 32 -18.52 7.66 -60.01
C GLU M 32 -17.54 6.52 -60.27
N ALA M 33 -17.69 5.34 -59.65
CA ALA M 33 -16.82 4.21 -60.01
C ALA M 33 -17.16 3.69 -61.41
N ASN M 34 -16.19 3.05 -62.07
CA ASN M 34 -16.35 2.42 -63.37
C ASN M 34 -16.95 3.35 -64.44
N ARG M 35 -16.60 4.63 -64.39
CA ARG M 35 -17.05 5.72 -65.29
C ARG M 35 -15.85 6.55 -65.71
N VAL M 36 -16.01 7.37 -66.74
CA VAL M 36 -14.95 8.25 -67.22
C VAL M 36 -15.17 9.64 -66.64
N LEU M 37 -14.33 10.02 -65.69
CA LEU M 37 -14.48 11.24 -64.92
C LEU M 37 -13.54 12.31 -65.49
N ALA M 38 -14.05 13.51 -65.75
CA ALA M 38 -13.19 14.66 -65.97
C ALA M 38 -12.68 15.19 -64.63
N VAL M 39 -11.37 15.29 -64.43
CA VAL M 39 -10.78 15.66 -63.15
C VAL M 39 -9.92 16.91 -63.25
N GLY M 40 -9.81 17.64 -62.14
CA GLY M 40 -8.87 18.72 -61.96
C GLY M 40 -8.06 18.57 -60.69
N THR M 41 -7.34 19.61 -60.29
CA THR M 41 -6.60 19.67 -59.01
C THR M 41 -7.25 20.70 -58.10
N ASN M 42 -7.43 20.42 -56.81
CA ASN M 42 -7.80 21.45 -55.86
C ASN M 42 -6.59 22.33 -55.47
N SER M 43 -6.74 23.24 -54.50
CA SER M 43 -5.66 24.12 -54.03
C SER M 43 -4.59 23.40 -53.18
N ASN M 44 -4.76 22.13 -52.87
CA ASN M 44 -3.70 21.23 -52.41
C ASN M 44 -3.17 20.41 -53.60
N GLY M 45 -2.32 19.42 -53.39
CA GLY M 45 -1.82 18.60 -54.50
C GLY M 45 -2.82 17.62 -55.12
N ALA M 46 -4.10 17.67 -54.77
CA ALA M 46 -4.98 16.52 -54.87
C ALA M 46 -5.92 16.50 -56.08
N ILE M 47 -6.18 15.32 -56.61
CA ILE M 47 -7.18 15.05 -57.66
C ILE M 47 -8.60 15.28 -57.10
N VAL M 48 -9.44 16.00 -57.82
CA VAL M 48 -10.86 16.19 -57.51
C VAL M 48 -11.70 15.99 -58.76
N VAL M 49 -12.90 15.40 -58.63
CA VAL M 49 -13.82 15.26 -59.75
C VAL M 49 -14.40 16.63 -60.10
N GLY M 50 -14.42 16.97 -61.39
CA GLY M 50 -14.81 18.30 -61.83
C GLY M 50 -13.67 19.31 -61.77
N ALA M 51 -13.96 20.57 -62.05
CA ALA M 51 -12.96 21.63 -62.08
C ALA M 51 -12.60 22.06 -60.66
N GLY M 52 -11.38 21.76 -60.22
CA GLY M 52 -10.86 22.28 -58.96
C GLY M 52 -10.35 23.71 -59.13
N GLN M 53 -9.17 24.00 -58.60
CA GLN M 53 -8.45 25.24 -58.87
C GLN M 53 -7.94 25.30 -60.32
N THR M 54 -7.31 24.23 -60.81
CA THR M 54 -6.59 24.25 -62.09
C THR M 54 -7.47 24.15 -63.33
N GLY M 55 -8.76 23.85 -63.17
CA GLY M 55 -9.65 23.42 -64.25
C GLY M 55 -9.49 21.94 -64.59
N ILE M 56 -10.15 21.46 -65.64
CA ILE M 56 -10.06 20.06 -66.07
C ILE M 56 -8.69 19.78 -66.68
N LYS M 57 -7.98 18.81 -66.10
CA LYS M 57 -6.59 18.47 -66.44
C LYS M 57 -6.43 17.06 -66.96
N GLY M 58 -7.46 16.24 -67.02
CA GLY M 58 -7.31 14.85 -67.40
C GLY M 58 -8.61 14.08 -67.28
N LEU M 59 -8.57 12.81 -67.69
CA LEU M 59 -9.63 11.84 -67.44
C LEU M 59 -9.18 10.82 -66.41
N MET M 60 -10.08 10.38 -65.54
CA MET M 60 -9.82 9.35 -64.53
C MET M 60 -10.88 8.26 -64.59
N ILE M 61 -10.50 6.99 -64.50
CA ILE M 61 -11.40 5.85 -64.34
C ILE M 61 -11.07 5.21 -63.00
N VAL M 62 -12.03 5.17 -62.08
CA VAL M 62 -11.83 4.50 -60.80
C VAL M 62 -12.35 3.07 -60.93
N ALA M 63 -11.48 2.13 -61.25
CA ALA M 63 -11.85 0.74 -61.45
C ALA M 63 -12.08 0.03 -60.12
N VAL M 64 -13.29 -0.47 -59.91
CA VAL M 64 -13.70 -1.19 -58.68
C VAL M 64 -14.48 -2.44 -59.04
N GLY M 65 -14.14 -3.57 -58.43
CA GLY M 65 -14.85 -4.83 -58.61
C GLY M 65 -16.13 -4.90 -57.79
N ALA M 66 -17.25 -5.22 -58.43
CA ALA M 66 -18.47 -5.64 -57.74
C ALA M 66 -18.45 -7.13 -57.37
N ASP M 67 -19.28 -7.57 -56.41
CA ASP M 67 -19.53 -8.99 -56.13
C ASP M 67 -20.50 -9.63 -57.15
N ILE M 68 -20.88 -10.90 -56.93
CA ILE M 68 -21.82 -11.63 -57.79
C ILE M 68 -23.24 -11.03 -57.79
N HIS M 69 -23.55 -10.09 -56.89
CA HIS M 69 -24.84 -9.41 -56.78
C HIS M 69 -24.78 -7.96 -57.28
N GLY M 70 -23.63 -7.51 -57.76
CA GLY M 70 -23.43 -6.17 -58.33
C GLY M 70 -23.12 -5.08 -57.30
N ALA M 71 -22.78 -5.44 -56.07
CA ALA M 71 -22.44 -4.48 -55.02
C ALA M 71 -20.92 -4.31 -54.89
N MET M 72 -20.47 -3.06 -54.80
CA MET M 72 -19.05 -2.72 -54.65
C MET M 72 -18.66 -2.57 -53.19
N LEU M 73 -17.47 -3.04 -52.86
CA LEU M 73 -16.89 -2.92 -51.51
C LEU M 73 -16.42 -1.50 -51.21
N ASP M 74 -16.73 -0.97 -50.04
CA ASP M 74 -16.23 0.34 -49.60
C ASP M 74 -14.82 0.26 -48.99
N GLY M 75 -14.28 -0.91 -48.69
CA GLY M 75 -12.96 -1.03 -48.06
C GLY M 75 -11.77 -0.90 -49.01
N GLY M 76 -11.97 -0.45 -50.25
CA GLY M 76 -10.94 -0.42 -51.29
C GLY M 76 -9.83 0.61 -51.08
N ILE M 77 -8.78 0.50 -51.89
CA ILE M 77 -7.50 1.21 -51.74
C ILE M 77 -7.34 2.41 -52.69
N ASN M 78 -8.33 2.70 -53.52
CA ASN M 78 -8.26 3.68 -54.59
C ASN M 78 -9.47 4.61 -54.63
N ASN M 79 -10.21 4.77 -53.54
CA ASN M 79 -11.52 5.42 -53.54
C ASN M 79 -11.60 6.62 -52.61
N HIS M 80 -10.85 6.61 -51.51
CA HIS M 80 -11.01 7.55 -50.41
C HIS M 80 -10.09 8.74 -50.53
N ALA M 81 -10.40 9.83 -49.86
CA ALA M 81 -9.50 10.97 -49.76
C ALA M 81 -8.14 10.51 -49.21
N GLY M 82 -7.06 10.91 -49.86
CA GLY M 82 -5.70 10.45 -49.57
C GLY M 82 -5.27 9.15 -50.28
N ASP M 83 -6.16 8.39 -50.93
CA ASP M 83 -5.73 7.26 -51.74
C ASP M 83 -5.04 7.71 -53.04
N PRO M 84 -4.08 6.95 -53.58
CA PRO M 84 -3.43 7.25 -54.84
C PRO M 84 -4.29 6.87 -56.04
N GLN M 85 -4.18 7.61 -57.14
CA GLN M 85 -4.94 7.37 -58.38
C GLN M 85 -4.17 7.78 -59.63
N ASP M 86 -4.52 7.20 -60.77
CA ASP M 86 -3.92 7.48 -62.08
C ASP M 86 -4.83 8.38 -62.92
N VAL M 87 -4.29 9.39 -63.59
CA VAL M 87 -5.03 10.33 -64.45
C VAL M 87 -4.40 10.37 -65.85
N GLY M 88 -5.21 10.30 -66.89
CA GLY M 88 -4.74 10.28 -68.27
C GLY M 88 -4.93 11.59 -69.00
N LYS M 89 -4.02 11.86 -69.93
CA LYS M 89 -4.12 12.90 -70.95
C LYS M 89 -3.98 12.33 -72.35
N HIS M 90 -3.16 11.30 -72.53
CA HIS M 90 -2.82 10.68 -73.81
C HIS M 90 -3.00 9.16 -73.74
N GLY M 91 -3.87 8.59 -74.57
CA GLY M 91 -4.17 7.16 -74.54
C GLY M 91 -5.50 6.83 -75.20
N GLU M 92 -6.03 5.64 -74.92
CA GLU M 92 -7.32 5.19 -75.44
C GLU M 92 -8.15 4.57 -74.33
N ILE M 93 -9.44 4.88 -74.29
CA ILE M 93 -10.40 4.21 -73.40
C ILE M 93 -11.29 3.33 -74.26
N THR M 94 -11.34 2.04 -73.98
CA THR M 94 -12.27 1.09 -74.62
C THR M 94 -13.50 0.86 -73.77
N ASN M 95 -14.55 0.33 -74.40
CA ASN M 95 -15.89 0.22 -73.83
C ASN M 95 -16.43 1.57 -73.35
N PHE M 96 -16.07 2.65 -74.05
CA PHE M 96 -16.42 4.00 -73.69
C PHE M 96 -17.93 4.21 -73.59
N GLN M 97 -18.36 4.92 -72.56
CA GLN M 97 -19.71 5.44 -72.41
C GLN M 97 -19.63 6.90 -71.96
N PRO M 98 -20.47 7.81 -72.46
CA PRO M 98 -20.57 9.16 -71.91
C PRO M 98 -20.92 9.08 -70.44
N THR M 99 -20.37 9.95 -69.63
CA THR M 99 -20.58 9.91 -68.18
C THR M 99 -21.44 11.09 -67.78
N VAL M 100 -22.61 10.77 -67.25
CA VAL M 100 -23.67 11.72 -66.89
C VAL M 100 -24.12 11.46 -65.46
N PHE M 101 -24.50 12.51 -64.75
CA PHE M 101 -25.13 12.41 -63.43
C PHE M 101 -26.56 12.94 -63.50
N GLY M 102 -27.46 12.32 -62.77
CA GLY M 102 -28.88 12.69 -62.79
C GLY M 102 -29.61 12.23 -64.05
N ARG M 103 -30.71 12.91 -64.40
CA ARG M 103 -31.59 12.58 -65.53
C ARG M 103 -31.95 13.84 -66.32
N THR M 104 -32.43 13.69 -67.54
CA THR M 104 -32.92 14.80 -68.38
C THR M 104 -34.12 14.40 -69.26
N PHE M 105 -35.13 15.27 -69.30
CA PHE M 105 -36.40 15.01 -69.96
C PHE M 105 -36.78 16.14 -70.91
N GLY M 106 -36.98 15.81 -72.18
CA GLY M 106 -37.51 16.72 -73.20
C GLY M 106 -39.04 16.68 -73.21
N VAL M 107 -39.67 17.83 -73.03
CA VAL M 107 -41.12 18.01 -72.87
C VAL M 107 -41.69 18.86 -74.00
N ALA M 108 -42.77 18.44 -74.64
CA ALA M 108 -43.48 19.22 -75.64
C ALA M 108 -44.99 19.22 -75.38
N ILE M 109 -45.64 20.39 -75.44
CA ILE M 109 -47.10 20.44 -75.48
C ILE M 109 -47.60 20.22 -76.91
N SER M 110 -48.76 19.60 -77.05
CA SER M 110 -49.38 19.27 -78.34
C SER M 110 -50.88 19.58 -78.38
N ALA M 111 -51.44 20.11 -77.29
CA ALA M 111 -52.79 20.67 -77.28
C ALA M 111 -52.90 21.98 -78.08
N THR M 112 -54.13 22.34 -78.43
CA THR M 112 -54.53 23.63 -79.02
C THR M 112 -54.71 24.73 -77.97
N GLU M 113 -55.20 24.36 -76.80
CA GLU M 113 -55.43 25.15 -75.58
C GLU M 113 -55.87 24.19 -74.46
N GLY M 114 -55.95 24.66 -73.23
CA GLY M 114 -56.37 23.90 -72.04
C GLY M 114 -55.18 23.31 -71.29
N ASN M 115 -55.28 23.29 -69.96
CA ASN M 115 -54.18 22.89 -69.09
C ASN M 115 -53.78 21.42 -69.26
N VAL M 116 -52.51 21.12 -68.98
CA VAL M 116 -51.90 19.79 -69.21
C VAL M 116 -51.39 19.18 -67.91
N LYS M 117 -51.23 17.84 -67.88
CA LYS M 117 -50.88 17.07 -66.68
C LYS M 117 -49.66 16.18 -66.90
N LEU M 118 -48.68 16.32 -66.00
CA LEU M 118 -47.43 15.56 -65.92
C LEU M 118 -47.33 14.79 -64.60
N ALA M 119 -46.64 13.65 -64.61
CA ALA M 119 -46.39 12.82 -63.44
C ALA M 119 -44.91 12.75 -63.07
N VAL M 120 -44.63 12.72 -61.76
CA VAL M 120 -43.29 12.49 -61.18
C VAL M 120 -43.30 11.16 -60.45
N ASN M 121 -42.50 10.19 -60.87
CA ASN M 121 -42.56 8.79 -60.40
C ASN M 121 -44.00 8.25 -60.32
N GLY M 122 -44.82 8.58 -61.31
CA GLY M 122 -46.21 8.15 -61.42
C GLY M 122 -47.24 8.97 -60.63
N VAL M 123 -46.84 10.03 -59.91
CA VAL M 123 -47.74 10.92 -59.15
C VAL M 123 -47.94 12.25 -59.88
N ASP M 124 -49.20 12.63 -60.12
CA ASP M 124 -49.56 13.80 -60.95
C ASP M 124 -49.32 15.17 -60.31
N THR M 125 -48.97 16.16 -61.14
CA THR M 125 -48.86 17.61 -60.84
C THR M 125 -50.19 18.35 -60.67
N GLY M 126 -51.32 17.75 -61.11
CA GLY M 126 -52.59 18.46 -61.23
C GLY M 126 -52.68 19.22 -62.57
N ASN M 127 -52.48 20.54 -62.58
CA ASN M 127 -52.50 21.34 -63.81
C ASN M 127 -51.25 22.21 -63.99
N ILE M 128 -50.73 22.19 -65.22
CA ILE M 128 -49.74 23.11 -65.78
C ILE M 128 -50.46 24.00 -66.80
N ALA M 129 -50.23 25.31 -66.77
CA ALA M 129 -50.85 26.25 -67.71
C ALA M 129 -50.46 25.99 -69.18
N TYR M 130 -51.41 26.16 -70.12
CA TYR M 130 -51.12 25.98 -71.55
C TYR M 130 -50.03 26.94 -72.07
N ASP M 131 -50.02 28.17 -71.57
CA ASP M 131 -48.99 29.18 -71.85
C ASP M 131 -47.92 29.26 -70.73
N THR M 132 -47.61 28.16 -70.04
CA THR M 132 -46.73 28.18 -68.85
C THR M 132 -45.38 28.85 -69.09
N SER M 133 -44.88 29.61 -68.12
CA SER M 133 -43.46 29.96 -68.02
C SER M 133 -42.63 28.77 -67.52
N ALA M 134 -41.32 28.81 -67.69
CA ALA M 134 -40.42 27.79 -67.14
C ALA M 134 -40.50 27.70 -65.60
N ALA M 135 -40.63 28.84 -64.92
CA ALA M 135 -40.80 28.90 -63.47
C ALA M 135 -42.09 28.23 -62.99
N ASN M 136 -43.23 28.48 -63.64
CA ASN M 136 -44.51 27.85 -63.29
C ASN M 136 -44.55 26.34 -63.64
N LEU M 137 -43.78 25.90 -64.63
CA LEU M 137 -43.57 24.46 -64.87
C LEU M 137 -42.75 23.83 -63.74
N LYS M 138 -41.64 24.44 -63.37
CA LYS M 138 -40.81 24.00 -62.25
C LYS M 138 -41.58 23.95 -60.93
N SER M 139 -42.29 25.02 -60.56
CA SER M 139 -43.09 25.00 -59.32
C SER M 139 -44.15 23.90 -59.37
N GLY M 140 -44.86 23.74 -60.49
CA GLY M 140 -45.82 22.65 -60.68
C GLY M 140 -45.21 21.24 -60.55
N ILE M 141 -43.96 21.06 -60.98
CA ILE M 141 -43.21 19.82 -60.81
C ILE M 141 -42.83 19.59 -59.34
N VAL M 142 -42.23 20.55 -58.65
CA VAL M 142 -41.83 20.33 -57.25
C VAL M 142 -42.98 20.30 -56.26
N ALA M 143 -44.13 20.87 -56.61
CA ALA M 143 -45.35 20.84 -55.79
C ALA M 143 -45.94 19.44 -55.55
N VAL M 144 -45.48 18.41 -56.29
CA VAL M 144 -45.91 17.02 -56.14
C VAL M 144 -45.54 16.47 -54.75
N ASP M 145 -46.40 15.62 -54.19
CA ASP M 145 -46.32 15.14 -52.80
C ASP M 145 -45.29 14.02 -52.60
N ASP M 146 -44.02 14.34 -52.84
CA ASP M 146 -42.86 13.48 -52.65
C ASP M 146 -41.66 14.26 -52.09
N GLY M 147 -40.58 13.56 -51.73
CA GLY M 147 -39.41 14.17 -51.12
C GLY M 147 -38.65 15.18 -51.98
N PHE M 148 -38.88 15.27 -53.28
CA PHE M 148 -38.02 16.03 -54.17
C PHE M 148 -38.32 17.54 -54.13
N THR M 149 -37.30 18.36 -53.87
CA THR M 149 -37.41 19.80 -53.50
C THR M 149 -37.01 20.75 -54.63
N ALA M 150 -37.17 22.06 -54.40
CA ALA M 150 -36.91 23.13 -55.37
C ALA M 150 -35.52 23.11 -56.03
N ASP M 151 -34.51 22.63 -55.30
CA ASP M 151 -33.12 22.50 -55.75
C ASP M 151 -32.83 21.18 -56.49
N ASP M 152 -33.75 20.21 -56.51
CA ASP M 152 -33.56 18.95 -57.23
C ASP M 152 -33.78 19.05 -58.75
N PHE M 153 -34.37 20.15 -59.24
CA PHE M 153 -34.81 20.31 -60.63
C PHE M 153 -34.30 21.61 -61.25
N THR M 154 -33.97 21.58 -62.53
CA THR M 154 -33.71 22.75 -63.37
C THR M 154 -34.59 22.68 -64.61
N VAL M 155 -35.16 23.81 -65.04
CA VAL M 155 -36.10 23.88 -66.17
C VAL M 155 -35.72 25.01 -67.11
N THR M 156 -35.74 24.76 -68.40
CA THR M 156 -35.44 25.76 -69.45
C THR M 156 -36.26 25.49 -70.71
N GLY M 157 -36.64 26.54 -71.44
CA GLY M 157 -37.48 26.46 -72.63
C GLY M 157 -38.41 27.67 -72.80
N THR M 158 -39.46 27.51 -73.62
CA THR M 158 -40.51 28.54 -73.88
C THR M 158 -41.82 27.75 -73.81
N ALA M 159 -43.01 28.32 -73.97
CA ALA M 159 -44.30 27.61 -73.74
C ALA M 159 -44.46 26.34 -74.61
N PRO M 160 -44.11 26.26 -75.91
CA PRO M 160 -44.34 25.02 -76.70
C PRO M 160 -43.39 23.84 -76.43
N ASN M 161 -42.27 24.02 -75.72
CA ASN M 161 -41.22 23.01 -75.55
C ASN M 161 -40.22 23.37 -74.42
N PHE M 162 -39.90 22.40 -73.57
CA PHE M 162 -39.05 22.54 -72.38
C PHE M 162 -38.10 21.34 -72.19
N THR M 163 -37.03 21.55 -71.40
CA THR M 163 -36.20 20.49 -70.82
C THR M 163 -36.24 20.56 -69.30
N ILE M 164 -36.52 19.44 -68.64
CA ILE M 164 -36.36 19.26 -67.20
C ILE M 164 -35.03 18.52 -66.98
N VAL M 165 -34.17 19.00 -66.09
CA VAL M 165 -32.94 18.31 -65.71
C VAL M 165 -32.92 18.09 -64.21
N THR M 166 -32.73 16.86 -63.77
CA THR M 166 -32.70 16.49 -62.35
C THR M 166 -31.30 16.13 -61.95
N THR M 167 -30.81 16.61 -60.82
CA THR M 167 -29.50 16.21 -60.29
C THR M 167 -29.55 14.77 -59.76
N ARG M 168 -30.64 14.21 -59.18
CA ARG M 168 -30.59 12.79 -58.66
C ARG M 168 -31.20 11.78 -59.64
N THR M 169 -30.74 10.52 -59.66
CA THR M 169 -31.12 9.52 -60.71
C THR M 169 -32.37 8.70 -60.36
N ASP M 170 -33.11 9.03 -59.28
CA ASP M 170 -34.36 8.31 -58.89
C ASP M 170 -35.60 8.99 -59.49
N VAL M 171 -35.53 10.24 -59.94
CA VAL M 171 -36.68 11.06 -60.34
C VAL M 171 -37.00 10.79 -61.80
N THR M 172 -38.23 10.39 -62.10
CA THR M 172 -38.72 10.04 -63.45
C THR M 172 -39.91 10.91 -63.82
N ILE M 173 -39.80 11.70 -64.92
CA ILE M 173 -40.85 12.64 -65.39
C ILE M 173 -41.50 11.98 -66.62
N THR M 174 -42.84 12.00 -66.72
CA THR M 174 -43.59 11.36 -67.83
C THR M 174 -44.79 12.27 -68.13
N ALA M 175 -45.59 11.99 -69.16
CA ALA M 175 -46.85 12.73 -69.44
C ALA M 175 -48.01 11.89 -68.86
N SER M 176 -48.98 12.51 -68.16
CA SER M 176 -50.08 11.76 -67.54
C SER M 176 -51.26 11.50 -68.48
N GLY M 177 -51.43 12.30 -69.52
CA GLY M 177 -52.55 12.22 -70.46
C GLY M 177 -52.23 12.88 -71.79
N GLU M 178 -53.26 13.13 -72.61
CA GLU M 178 -53.11 13.82 -73.89
C GLU M 178 -52.77 15.31 -73.75
N GLY M 179 -52.36 15.93 -74.85
CA GLY M 179 -52.05 17.36 -74.93
C GLY M 179 -50.63 17.75 -74.53
N VAL M 180 -49.81 16.80 -74.06
CA VAL M 180 -48.38 16.96 -73.75
C VAL M 180 -47.66 15.61 -73.92
N THR M 181 -46.37 15.64 -74.24
CA THR M 181 -45.54 14.44 -74.40
C THR M 181 -44.17 14.67 -73.75
N VAL M 182 -43.60 13.62 -73.16
CA VAL M 182 -42.30 13.65 -72.47
C VAL M 182 -41.44 12.51 -72.99
N THR M 183 -40.16 12.78 -73.18
CA THR M 183 -39.13 11.82 -73.64
C THR M 183 -37.90 11.94 -72.74
N GLU M 184 -37.35 10.81 -72.28
CA GLU M 184 -36.07 10.80 -71.58
C GLU M 184 -34.91 10.87 -72.59
N ALA M 185 -34.07 11.89 -72.46
CA ALA M 185 -32.93 12.12 -73.35
C ALA M 185 -31.73 11.26 -72.92
N THR M 186 -31.75 9.98 -73.26
CA THR M 186 -30.64 9.05 -72.99
C THR M 186 -29.36 9.48 -73.72
N SER M 187 -28.20 9.35 -73.05
CA SER M 187 -26.88 9.57 -73.65
C SER M 187 -26.18 8.24 -73.88
N VAL M 188 -25.62 8.06 -75.07
CA VAL M 188 -24.88 6.86 -75.47
C VAL M 188 -23.73 7.26 -76.40
N ALA M 189 -22.67 6.45 -76.45
CA ALA M 189 -21.53 6.75 -77.30
C ALA M 189 -21.94 6.80 -78.77
N ALA M 190 -21.52 7.85 -79.47
CA ALA M 190 -21.70 8.01 -80.91
C ALA M 190 -20.35 7.86 -81.63
N ALA M 191 -20.29 7.22 -82.78
CA ALA M 191 -19.07 7.17 -83.58
C ALA M 191 -18.67 8.57 -84.07
N GLY M 192 -17.37 8.77 -84.33
CA GLY M 192 -16.85 9.97 -84.97
C GLY M 192 -17.29 11.27 -84.33
N THR M 193 -17.21 11.37 -83.00
CA THR M 193 -17.74 12.51 -82.23
C THR M 193 -16.73 13.05 -81.24
N ASN M 194 -16.72 14.38 -81.03
CA ASN M 194 -15.80 15.04 -80.07
C ASN M 194 -16.46 14.99 -78.70
N TYR M 195 -15.69 14.73 -77.64
CA TYR M 195 -16.22 14.59 -76.26
C TYR M 195 -15.66 15.74 -75.45
N TYR M 196 -16.31 16.13 -74.35
CA TYR M 196 -15.93 17.33 -73.57
C TYR M 196 -16.13 17.12 -72.06
N GLY M 197 -15.08 17.25 -71.29
CA GLY M 197 -15.20 17.21 -69.84
C GLY M 197 -15.77 18.53 -69.34
N HIS M 198 -16.63 18.47 -68.33
CA HIS M 198 -17.30 19.65 -67.76
C HIS M 198 -16.92 19.87 -66.32
N ALA M 199 -17.20 21.07 -65.79
CA ALA M 199 -16.86 21.46 -64.44
C ALA M 199 -17.49 20.58 -63.35
N ASP M 200 -18.60 19.88 -63.64
CA ASP M 200 -19.21 18.89 -62.75
C ASP M 200 -18.46 17.54 -62.68
N GLY M 201 -17.60 17.27 -63.66
CA GLY M 201 -16.91 15.99 -63.82
C GLY M 201 -17.51 15.07 -64.88
N THR M 202 -18.64 15.43 -65.47
CA THR M 202 -19.29 14.70 -66.58
C THR M 202 -18.51 14.83 -67.87
N VAL M 203 -18.54 13.77 -68.70
CA VAL M 203 -17.97 13.84 -70.08
C VAL M 203 -19.18 13.63 -70.99
N ASN M 204 -19.34 14.40 -72.06
CA ASN M 204 -20.39 14.23 -73.05
C ASN M 204 -20.03 14.88 -74.40
N ALA M 205 -20.86 14.67 -75.42
CA ALA M 205 -20.60 15.17 -76.77
C ALA M 205 -20.86 16.67 -77.00
N VAL M 206 -21.18 17.43 -75.95
CA VAL M 206 -21.64 18.82 -76.05
C VAL M 206 -20.60 19.77 -75.45
N LYS M 207 -20.15 20.78 -76.19
CA LYS M 207 -19.40 21.89 -75.60
C LYS M 207 -20.38 22.97 -75.14
N GLY M 208 -20.56 23.13 -73.83
CA GLY M 208 -21.38 24.20 -73.27
C GLY M 208 -20.59 25.50 -73.18
N SER M 209 -20.92 26.33 -72.19
CA SER M 209 -19.98 27.37 -71.78
C SER M 209 -18.69 27.05 -71.01
N ASP M 210 -18.51 25.79 -70.62
CA ASP M 210 -17.38 25.31 -69.79
C ASP M 210 -16.66 24.09 -70.37
N GLY M 211 -17.13 23.53 -71.50
CA GLY M 211 -16.54 22.31 -72.08
C GLY M 211 -15.06 22.51 -72.36
N VAL M 212 -14.20 21.56 -71.97
CA VAL M 212 -12.72 21.60 -72.27
C VAL M 212 -12.48 20.28 -72.99
N TYR M 213 -12.02 20.27 -74.24
CA TYR M 213 -11.88 19.05 -75.07
C TYR M 213 -11.14 17.90 -74.34
N VAL M 214 -11.57 16.62 -74.46
CA VAL M 214 -10.82 15.48 -73.91
C VAL M 214 -10.46 14.40 -74.91
N GLY M 215 -11.15 14.31 -76.04
CA GLY M 215 -10.94 13.22 -76.97
C GLY M 215 -12.02 13.11 -78.03
N HIS M 216 -11.91 12.11 -78.89
CA HIS M 216 -12.90 11.84 -79.92
C HIS M 216 -13.10 10.33 -80.11
N THR M 217 -14.28 9.91 -80.53
CA THR M 217 -14.70 8.51 -80.35
C THR M 217 -14.24 7.50 -81.36
N GLN M 218 -13.76 7.86 -82.55
CA GLN M 218 -13.50 6.83 -83.57
C GLN M 218 -14.73 5.90 -83.76
N GLU M 219 -14.62 4.57 -83.80
CA GLU M 219 -15.80 3.69 -83.65
C GLU M 219 -16.33 3.77 -82.21
N ALA M 220 -17.64 3.90 -82.00
CA ALA M 220 -18.20 4.45 -80.75
C ALA M 220 -17.65 3.88 -79.43
N ASP M 221 -17.28 2.61 -79.36
CA ASP M 221 -16.78 1.98 -78.14
C ASP M 221 -15.38 2.41 -77.70
N ARG M 222 -14.63 3.22 -78.46
CA ARG M 222 -13.21 3.50 -78.20
C ARG M 222 -12.87 4.97 -78.27
N LEU M 223 -12.92 5.69 -77.15
CA LEU M 223 -12.47 7.07 -77.10
C LEU M 223 -10.95 7.18 -77.25
N ILE M 224 -10.50 7.98 -78.20
CA ILE M 224 -9.10 8.39 -78.32
C ILE M 224 -8.92 9.63 -77.47
N VAL M 225 -8.04 9.56 -76.47
CA VAL M 225 -7.90 10.59 -75.43
C VAL M 225 -6.73 11.49 -75.76
N ASN M 226 -7.00 12.78 -75.82
CA ASN M 226 -6.05 13.84 -76.11
C ASN M 226 -6.53 15.10 -75.38
N VAL M 227 -6.23 15.21 -74.09
CA VAL M 227 -6.81 16.28 -73.27
C VAL M 227 -6.15 17.60 -73.58
N LYS M 228 -6.92 18.56 -74.08
CA LYS M 228 -6.45 19.94 -74.20
C LYS M 228 -6.77 20.66 -72.91
N ASP M 229 -5.83 20.61 -71.96
CA ASP M 229 -5.98 21.09 -70.59
C ASP M 229 -6.69 22.43 -70.48
N GLU M 230 -7.56 22.60 -69.48
CA GLU M 230 -8.19 23.88 -69.21
C GLU M 230 -7.16 24.90 -68.73
N GLU M 231 -7.33 26.17 -69.08
CA GLU M 231 -6.43 27.25 -68.68
C GLU M 231 -7.20 28.49 -68.23
N ASP M 232 -6.52 29.41 -67.55
CA ASP M 232 -7.12 30.59 -66.94
C ASP M 232 -7.55 31.64 -67.97
N ALA N 2 17.00 6.04 -106.52
CA ALA N 2 15.91 6.96 -106.91
C ALA N 2 16.30 8.44 -106.73
N LEU N 3 15.59 9.35 -107.40
CA LEU N 3 15.94 10.78 -107.46
C LEU N 3 15.49 11.65 -106.27
N LYS N 4 14.58 11.19 -105.41
CA LYS N 4 13.85 12.02 -104.43
C LYS N 4 13.44 11.25 -103.16
N THR N 5 13.31 11.95 -102.03
CA THR N 5 12.95 11.39 -100.71
C THR N 5 11.43 11.32 -100.48
N LYS N 6 10.98 10.56 -99.47
CA LYS N 6 9.56 10.37 -99.12
C LYS N 6 9.31 10.68 -97.65
N PRO N 7 8.22 11.39 -97.28
CA PRO N 7 7.82 11.57 -95.90
C PRO N 7 7.63 10.24 -95.19
N ARG N 8 8.12 10.11 -93.97
CA ARG N 8 7.95 8.93 -93.11
C ARG N 8 7.90 9.33 -91.63
N TRP N 9 7.29 8.52 -90.78
CA TRP N 9 7.41 8.68 -89.33
C TRP N 9 8.81 8.27 -88.88
N ASP N 10 9.54 9.15 -88.21
CA ASP N 10 10.81 8.81 -87.58
C ASP N 10 10.61 8.31 -86.16
N LYS N 11 9.68 8.93 -85.43
CA LYS N 11 9.22 8.48 -84.12
C LYS N 11 7.70 8.44 -84.14
N TYR N 12 7.14 7.32 -83.74
CA TYR N 12 5.71 7.08 -83.61
C TYR N 12 5.54 5.97 -82.60
N ASP N 13 4.91 6.23 -81.44
CA ASP N 13 4.85 5.22 -80.38
C ASP N 13 3.67 4.25 -80.51
N GLY N 14 2.43 4.76 -80.51
CA GLY N 14 1.23 3.92 -80.68
C GLY N 14 0.47 3.58 -79.40
N TYR N 15 1.02 3.83 -78.21
CA TYR N 15 0.28 3.72 -76.95
C TYR N 15 -0.21 5.07 -76.41
N VAL N 16 0.07 6.19 -77.08
CA VAL N 16 -0.09 7.55 -76.52
C VAL N 16 -1.16 8.37 -77.22
N GLY N 17 -2.22 7.73 -77.71
CA GLY N 17 -3.29 8.41 -78.45
C GLY N 17 -2.97 8.68 -79.92
N ASN N 18 -1.87 8.13 -80.42
CA ASN N 18 -1.72 7.81 -81.84
C ASN N 18 -2.45 6.50 -82.09
N TYR N 19 -3.40 6.47 -83.01
CA TYR N 19 -4.45 5.45 -83.03
C TYR N 19 -4.56 4.72 -84.36
N ARG N 20 -4.91 3.43 -84.31
CA ARG N 20 -5.46 2.73 -85.47
C ARG N 20 -6.88 3.19 -85.79
N GLY N 21 -7.26 3.15 -87.04
CA GLY N 21 -8.64 3.23 -87.51
C GLY N 21 -8.78 2.57 -88.88
N VAL N 22 -9.94 2.66 -89.52
CA VAL N 22 -10.14 2.18 -90.90
C VAL N 22 -10.37 3.32 -91.87
N LEU N 23 -9.88 3.28 -93.10
CA LEU N 23 -10.23 4.30 -94.09
C LEU N 23 -11.72 4.26 -94.44
N GLY N 24 -12.37 5.41 -94.51
CA GLY N 24 -13.75 5.50 -95.01
C GLY N 24 -13.86 5.56 -96.53
N GLU N 25 -12.74 5.70 -97.22
CA GLU N 25 -12.62 6.01 -98.65
C GLU N 25 -11.36 5.36 -99.24
N ASP N 26 -11.30 5.15 -100.55
CA ASP N 26 -10.05 4.80 -101.22
C ASP N 26 -9.11 6.00 -101.25
N ILE N 27 -7.85 5.80 -100.91
CA ILE N 27 -6.79 6.79 -101.01
C ILE N 27 -6.39 6.93 -102.48
N ASP N 28 -6.40 8.14 -103.03
CA ASP N 28 -5.99 8.36 -104.41
C ASP N 28 -4.47 8.31 -104.53
N LEU N 29 -3.89 7.16 -104.85
CA LEU N 29 -2.44 6.94 -104.70
C LEU N 29 -1.59 7.96 -105.44
N ASP N 30 -2.01 8.37 -106.62
CA ASP N 30 -1.31 9.36 -107.44
C ASP N 30 -1.36 10.78 -106.85
N THR N 31 -2.24 11.03 -105.91
CA THR N 31 -2.46 12.35 -105.29
C THR N 31 -2.14 12.33 -103.80
N GLU N 32 -2.21 11.20 -103.11
CA GLU N 32 -2.29 11.11 -101.65
C GLU N 32 -1.37 10.06 -101.03
N ALA N 33 -0.81 9.10 -101.77
CA ALA N 33 0.24 8.25 -101.21
C ALA N 33 1.52 9.05 -100.96
N ASN N 34 2.35 8.62 -100.02
CA ASN N 34 3.67 9.19 -99.74
C ASN N 34 3.65 10.71 -99.53
N ARG N 35 2.63 11.21 -98.83
CA ARG N 35 2.36 12.60 -98.49
C ARG N 35 1.90 12.69 -97.06
N VAL N 36 1.95 13.87 -96.46
CA VAL N 36 1.46 14.08 -95.10
C VAL N 36 0.03 14.57 -95.19
N LEU N 37 -0.94 13.74 -94.83
CA LEU N 37 -2.35 14.07 -94.96
C LEU N 37 -2.90 14.45 -93.60
N ALA N 38 -3.56 15.58 -93.49
CA ALA N 38 -4.37 15.89 -92.32
C ALA N 38 -5.68 15.14 -92.38
N VAL N 39 -6.07 14.48 -91.30
CA VAL N 39 -7.25 13.60 -91.28
C VAL N 39 -8.20 13.94 -90.14
N GLY N 40 -9.48 13.76 -90.36
CA GLY N 40 -10.48 13.66 -89.30
C GLY N 40 -11.13 12.28 -89.33
N THR N 41 -12.31 12.14 -88.73
CA THR N 41 -13.14 10.93 -88.88
C THR N 41 -14.57 11.31 -89.24
N ASN N 42 -15.20 10.53 -90.11
CA ASN N 42 -16.56 10.75 -90.59
C ASN N 42 -17.62 10.32 -89.56
N SER N 43 -18.88 10.21 -89.94
CA SER N 43 -19.97 9.81 -89.03
C SER N 43 -19.99 8.31 -88.72
N ASN N 44 -19.16 7.51 -89.37
CA ASN N 44 -18.84 6.14 -88.96
C ASN N 44 -17.51 6.15 -88.19
N GLY N 45 -16.99 4.99 -87.81
CA GLY N 45 -15.68 4.90 -87.13
C GLY N 45 -14.44 5.24 -87.97
N ALA N 46 -14.61 5.83 -89.15
CA ALA N 46 -13.64 5.75 -90.22
C ALA N 46 -12.84 7.04 -90.42
N ILE N 47 -11.55 6.89 -90.72
CA ILE N 47 -10.60 7.93 -91.06
C ILE N 47 -10.97 8.50 -92.42
N VAL N 48 -10.96 9.82 -92.57
CA VAL N 48 -11.09 10.46 -93.89
C VAL N 48 -10.05 11.55 -94.05
N VAL N 49 -9.59 11.76 -95.28
CA VAL N 49 -8.71 12.89 -95.60
C VAL N 49 -9.52 14.17 -95.52
N GLY N 50 -9.03 15.14 -94.76
CA GLY N 50 -9.74 16.39 -94.48
C GLY N 50 -10.69 16.32 -93.30
N ALA N 51 -11.43 17.39 -93.05
CA ALA N 51 -12.37 17.47 -91.95
C ALA N 51 -13.56 16.52 -92.19
N GLY N 52 -13.70 15.54 -91.32
CA GLY N 52 -14.87 14.65 -91.28
C GLY N 52 -16.00 15.29 -90.48
N GLN N 53 -16.65 14.52 -89.62
CA GLN N 53 -17.61 15.02 -88.64
C GLN N 53 -16.91 15.78 -87.50
N THR N 54 -15.73 15.32 -87.10
CA THR N 54 -15.02 15.80 -85.91
C THR N 54 -14.14 17.01 -86.11
N GLY N 55 -13.91 17.46 -87.33
CA GLY N 55 -12.75 18.30 -87.66
C GLY N 55 -11.45 17.49 -87.71
N ILE N 56 -10.31 18.13 -87.94
CA ILE N 56 -8.99 17.50 -88.10
C ILE N 56 -8.47 16.98 -86.75
N LYS N 57 -8.12 15.71 -86.69
CA LYS N 57 -7.76 14.97 -85.46
C LYS N 57 -6.37 14.34 -85.49
N GLY N 58 -5.61 14.46 -86.57
CA GLY N 58 -4.31 13.83 -86.69
C GLY N 58 -3.67 14.02 -88.05
N LEU N 59 -2.48 13.46 -88.20
CA LEU N 59 -1.80 13.30 -89.48
C LEU N 59 -1.67 11.84 -89.83
N MET N 60 -1.72 11.51 -91.10
CA MET N 60 -1.54 10.18 -91.63
C MET N 60 -0.60 10.19 -92.83
N ILE N 61 0.30 9.22 -92.92
CA ILE N 61 1.10 8.97 -94.12
C ILE N 61 0.70 7.60 -94.65
N VAL N 62 0.24 7.53 -95.89
CA VAL N 62 -0.05 6.27 -96.57
C VAL N 62 1.20 5.86 -97.33
N ALA N 63 2.01 4.99 -96.73
CA ALA N 63 3.29 4.60 -97.27
C ALA N 63 3.12 3.44 -98.26
N VAL N 64 3.35 3.70 -99.54
CA VAL N 64 3.11 2.74 -100.63
C VAL N 64 4.38 2.55 -101.42
N GLY N 65 4.77 1.30 -101.67
CA GLY N 65 5.95 0.97 -102.46
C GLY N 65 5.73 1.18 -103.94
N ALA N 66 6.53 2.04 -104.56
CA ALA N 66 6.57 2.23 -106.00
C ALA N 66 7.59 1.28 -106.66
N ASP N 67 7.39 0.91 -107.91
CA ASP N 67 8.33 0.08 -108.67
C ASP N 67 9.48 0.90 -109.28
N ILE N 68 10.41 0.23 -109.97
CA ILE N 68 11.56 0.89 -110.61
C ILE N 68 11.18 1.93 -111.68
N HIS N 69 9.96 1.87 -112.24
CA HIS N 69 9.39 2.87 -113.15
C HIS N 69 8.58 3.96 -112.42
N GLY N 70 8.36 3.81 -111.11
CA GLY N 70 7.66 4.76 -110.25
C GLY N 70 6.16 4.50 -110.11
N ALA N 71 5.63 3.42 -110.67
CA ALA N 71 4.21 3.07 -110.60
C ALA N 71 3.88 2.30 -109.31
N MET N 72 2.62 2.33 -108.88
CA MET N 72 2.17 1.72 -107.62
C MET N 72 1.06 0.68 -107.84
N LEU N 73 1.22 -0.50 -107.27
CA LEU N 73 0.26 -1.60 -107.35
C LEU N 73 -1.06 -1.25 -106.67
N ASP N 74 -2.18 -1.50 -107.32
CA ASP N 74 -3.51 -1.25 -106.74
C ASP N 74 -3.98 -2.37 -105.80
N GLY N 75 -3.26 -3.49 -105.70
CA GLY N 75 -3.57 -4.62 -104.82
C GLY N 75 -3.15 -4.46 -103.37
N GLY N 76 -2.86 -3.24 -102.90
CA GLY N 76 -2.43 -2.99 -101.52
C GLY N 76 -3.50 -3.24 -100.49
N ILE N 77 -3.10 -3.55 -99.25
CA ILE N 77 -4.00 -3.81 -98.12
C ILE N 77 -4.07 -2.66 -97.09
N ASN N 78 -3.58 -1.48 -97.44
CA ASN N 78 -3.50 -0.33 -96.53
C ASN N 78 -3.94 0.99 -97.15
N ASN N 79 -4.82 0.99 -98.15
CA ASN N 79 -5.18 2.21 -98.89
C ASN N 79 -6.57 2.23 -99.53
N HIS N 80 -7.36 1.17 -99.46
CA HIS N 80 -8.75 1.18 -99.90
C HIS N 80 -9.70 1.46 -98.74
N ALA N 81 -10.95 1.83 -99.03
CA ALA N 81 -11.98 1.90 -98.01
C ALA N 81 -12.05 0.59 -97.24
N GLY N 82 -12.17 0.70 -95.92
CA GLY N 82 -12.21 -0.42 -95.00
C GLY N 82 -10.85 -1.08 -94.73
N ASP N 83 -9.75 -0.60 -95.30
CA ASP N 83 -8.43 -1.02 -94.85
C ASP N 83 -8.04 -0.35 -93.52
N PRO N 84 -7.23 -1.00 -92.68
CA PRO N 84 -6.64 -0.40 -91.50
C PRO N 84 -5.58 0.64 -91.86
N GLN N 85 -5.51 1.74 -91.11
CA GLN N 85 -4.45 2.74 -91.16
C GLN N 85 -4.16 3.35 -89.78
N ASP N 86 -2.95 3.91 -89.63
CA ASP N 86 -2.43 4.51 -88.40
C ASP N 86 -2.45 6.03 -88.47
N VAL N 87 -2.95 6.71 -87.45
CA VAL N 87 -3.04 8.16 -87.38
C VAL N 87 -2.25 8.68 -86.20
N GLY N 88 -1.35 9.63 -86.44
CA GLY N 88 -0.50 10.21 -85.40
C GLY N 88 -0.97 11.57 -84.92
N LYS N 89 -0.92 11.79 -83.60
CA LYS N 89 -1.05 13.08 -82.93
C LYS N 89 0.26 13.57 -82.34
N HIS N 90 1.13 12.66 -81.90
CA HIS N 90 2.37 12.92 -81.16
C HIS N 90 3.54 12.13 -81.75
N GLY N 91 4.57 12.78 -82.28
CA GLY N 91 5.69 12.08 -82.92
C GLY N 91 6.63 13.00 -83.67
N GLU N 92 7.44 12.43 -84.55
CA GLU N 92 8.25 13.17 -85.51
C GLU N 92 8.14 12.54 -86.89
N ILE N 93 7.93 13.36 -87.94
CA ILE N 93 7.93 12.92 -89.35
C ILE N 93 9.34 13.29 -89.83
N THR N 94 9.84 12.76 -90.95
CA THR N 94 11.20 13.06 -91.51
C THR N 94 10.98 13.29 -93.00
N ASN N 95 11.95 13.87 -93.73
CA ASN N 95 11.78 14.19 -95.16
C ASN N 95 10.45 14.94 -95.31
N PHE N 96 10.11 15.80 -94.32
CA PHE N 96 8.85 16.50 -94.37
C PHE N 96 8.72 17.37 -95.62
N GLN N 97 7.51 17.44 -96.18
CA GLN N 97 7.11 18.37 -97.22
C GLN N 97 5.71 18.89 -96.92
N PRO N 98 5.39 20.17 -97.19
CA PRO N 98 4.01 20.63 -97.27
C PRO N 98 3.24 19.78 -98.28
N THR N 99 1.99 19.49 -98.03
CA THR N 99 1.18 18.63 -98.90
C THR N 99 0.07 19.45 -99.52
N VAL N 100 0.07 19.58 -100.84
CA VAL N 100 -0.82 20.46 -101.62
C VAL N 100 -1.47 19.68 -102.76
N PHE N 101 -2.73 20.00 -103.08
CA PHE N 101 -3.50 19.32 -104.12
C PHE N 101 -3.80 20.22 -105.31
N GLY N 102 -3.77 19.67 -106.52
CA GLY N 102 -3.95 20.44 -107.74
C GLY N 102 -2.72 21.29 -108.08
N ARG N 103 -2.95 22.43 -108.72
CA ARG N 103 -1.94 23.42 -109.13
C ARG N 103 -2.50 24.80 -108.85
N THR N 104 -1.64 25.79 -108.62
CA THR N 104 -2.10 27.18 -108.62
C THR N 104 -1.12 28.13 -109.27
N PHE N 105 -1.68 29.08 -110.01
CA PHE N 105 -0.98 30.01 -110.86
C PHE N 105 -1.30 31.43 -110.43
N GLY N 106 -0.29 32.21 -110.07
CA GLY N 106 -0.40 33.65 -109.89
C GLY N 106 -0.29 34.36 -111.23
N VAL N 107 -1.27 35.18 -111.56
CA VAL N 107 -1.36 35.93 -112.80
C VAL N 107 -1.25 37.41 -112.48
N ALA N 108 -0.33 38.13 -113.11
CA ALA N 108 -0.27 39.58 -112.99
C ALA N 108 -0.08 40.23 -114.35
N ILE N 109 -0.77 41.34 -114.59
CA ILE N 109 -0.79 42.00 -115.89
C ILE N 109 0.08 43.26 -115.88
N SER N 110 1.02 43.33 -116.82
CA SER N 110 1.89 44.47 -117.08
C SER N 110 1.41 45.35 -118.24
N ALA N 111 0.32 44.99 -118.92
CA ALA N 111 -0.31 45.81 -119.93
C ALA N 111 -1.01 47.03 -119.33
N THR N 112 -0.67 48.22 -119.80
CA THR N 112 -1.23 49.49 -119.31
C THR N 112 -2.65 49.75 -119.82
N GLU N 113 -3.05 49.13 -120.95
CA GLU N 113 -4.40 49.19 -121.52
C GLU N 113 -4.62 48.02 -122.51
N GLY N 114 -5.87 47.77 -122.88
CA GLY N 114 -6.21 46.92 -124.03
C GLY N 114 -6.31 45.44 -123.70
N ASN N 115 -5.51 44.61 -124.36
CA ASN N 115 -5.73 43.18 -124.50
C ASN N 115 -4.50 42.35 -124.08
N VAL N 116 -4.72 41.18 -123.47
CA VAL N 116 -3.67 40.22 -123.07
C VAL N 116 -4.12 38.78 -123.37
N LYS N 117 -3.16 37.84 -123.42
CA LYS N 117 -3.39 36.46 -123.87
C LYS N 117 -2.61 35.43 -123.05
N LEU N 118 -3.29 34.35 -122.65
CA LEU N 118 -2.79 33.24 -121.85
C LEU N 118 -2.92 31.92 -122.61
N ALA N 119 -1.98 31.00 -122.42
CA ALA N 119 -1.97 29.66 -122.95
C ALA N 119 -2.37 28.64 -121.89
N VAL N 120 -3.31 27.76 -122.22
CA VAL N 120 -3.71 26.61 -121.42
C VAL N 120 -3.20 25.37 -122.13
N ASN N 121 -2.30 24.59 -121.52
CA ASN N 121 -1.64 23.43 -122.13
C ASN N 121 -1.03 23.71 -123.52
N GLY N 122 -0.56 24.94 -123.76
CA GLY N 122 0.01 25.37 -125.05
C GLY N 122 -1.00 25.95 -126.04
N VAL N 123 -2.29 25.98 -125.73
CA VAL N 123 -3.35 26.53 -126.58
C VAL N 123 -3.82 27.88 -126.05
N ASP N 124 -3.82 28.92 -126.88
CA ASP N 124 -4.18 30.26 -126.41
C ASP N 124 -5.67 30.46 -126.13
N THR N 125 -5.98 31.25 -125.09
CA THR N 125 -7.33 31.70 -124.71
C THR N 125 -7.97 32.68 -125.70
N GLY N 126 -7.18 33.26 -126.61
CA GLY N 126 -7.60 34.42 -127.41
C GLY N 126 -7.43 35.72 -126.62
N ASN N 127 -8.48 36.54 -126.54
CA ASN N 127 -8.44 37.88 -125.99
C ASN N 127 -9.17 38.03 -124.65
N ILE N 128 -8.53 38.69 -123.70
CA ILE N 128 -9.11 39.19 -122.44
C ILE N 128 -8.60 40.60 -122.20
N ALA N 129 -9.46 41.46 -121.61
CA ALA N 129 -9.13 42.88 -121.39
C ALA N 129 -8.11 43.03 -120.25
N TYR N 130 -7.46 44.19 -120.16
CA TYR N 130 -6.56 44.54 -119.02
C TYR N 130 -7.47 44.80 -117.80
N ASP N 131 -8.72 45.23 -118.03
CA ASP N 131 -9.72 45.46 -116.94
C ASP N 131 -10.61 44.23 -116.80
N THR N 132 -10.14 43.02 -117.16
CA THR N 132 -10.93 41.80 -116.92
C THR N 132 -11.35 41.62 -115.46
N SER N 133 -12.61 41.28 -115.21
CA SER N 133 -13.13 40.82 -113.92
C SER N 133 -12.84 39.34 -113.73
N ALA N 134 -12.81 38.80 -112.51
CA ALA N 134 -12.45 37.39 -112.30
C ALA N 134 -13.31 36.39 -113.09
N ALA N 135 -14.64 36.56 -113.13
CA ALA N 135 -15.49 35.71 -113.96
C ALA N 135 -15.22 35.86 -115.47
N ASN N 136 -14.90 37.06 -115.95
CA ASN N 136 -14.49 37.28 -117.34
C ASN N 136 -13.14 36.60 -117.65
N LEU N 137 -12.19 36.60 -116.72
CA LEU N 137 -10.92 35.88 -116.85
C LEU N 137 -11.16 34.38 -116.94
N LYS N 138 -11.96 33.84 -116.01
CA LYS N 138 -12.39 32.43 -116.02
C LYS N 138 -13.05 32.07 -117.35
N SER N 139 -13.96 32.90 -117.85
CA SER N 139 -14.64 32.70 -119.13
C SER N 139 -13.67 32.56 -120.31
N GLY N 140 -12.63 33.39 -120.39
CA GLY N 140 -11.58 33.21 -121.40
C GLY N 140 -10.88 31.86 -121.28
N ILE N 141 -10.49 31.48 -120.07
CA ILE N 141 -9.73 30.25 -119.80
C ILE N 141 -10.52 28.99 -120.15
N VAL N 142 -11.80 28.91 -119.78
CA VAL N 142 -12.62 27.72 -120.04
C VAL N 142 -13.09 27.61 -121.49
N ALA N 143 -13.13 28.72 -122.23
CA ALA N 143 -13.59 28.78 -123.63
C ALA N 143 -12.54 28.30 -124.64
N VAL N 144 -11.86 27.20 -124.34
CA VAL N 144 -10.90 26.51 -125.19
C VAL N 144 -11.38 25.06 -125.37
N ASP N 145 -11.24 24.46 -126.55
CA ASP N 145 -11.79 23.11 -126.83
C ASP N 145 -10.89 21.97 -126.32
N ASP N 146 -10.12 22.25 -125.28
CA ASP N 146 -9.20 21.31 -124.61
C ASP N 146 -9.93 20.25 -123.77
N GLY N 147 -11.22 20.43 -123.51
CA GLY N 147 -12.03 19.52 -122.72
C GLY N 147 -12.05 19.81 -121.21
N PHE N 148 -11.32 20.81 -120.73
CA PHE N 148 -11.39 21.26 -119.33
C PHE N 148 -12.54 22.25 -119.17
N THR N 149 -13.41 21.99 -118.20
CA THR N 149 -14.72 22.61 -118.04
C THR N 149 -14.74 23.62 -116.89
N ALA N 150 -15.82 24.38 -116.77
CA ALA N 150 -15.93 25.47 -115.80
C ALA N 150 -15.81 25.07 -114.31
N ASP N 151 -16.00 23.81 -113.96
CA ASP N 151 -15.69 23.27 -112.62
C ASP N 151 -14.22 22.86 -112.42
N ASP N 152 -13.39 22.80 -113.47
CA ASP N 152 -11.96 22.48 -113.35
C ASP N 152 -11.10 23.64 -112.82
N PHE N 153 -11.66 24.85 -112.72
CA PHE N 153 -10.93 26.06 -112.38
C PHE N 153 -11.66 26.86 -111.29
N THR N 154 -10.91 27.41 -110.35
CA THR N 154 -11.35 28.50 -109.47
C THR N 154 -10.47 29.72 -109.74
N VAL N 155 -11.07 30.87 -109.97
CA VAL N 155 -10.35 32.12 -110.25
C VAL N 155 -10.73 33.18 -109.24
N THR N 156 -9.74 33.83 -108.68
CA THR N 156 -9.89 34.86 -107.64
C THR N 156 -8.93 36.02 -107.90
N GLY N 157 -9.22 37.22 -107.34
CA GLY N 157 -8.29 38.38 -107.38
C GLY N 157 -8.82 39.69 -107.97
N THR N 158 -8.03 40.78 -107.88
CA THR N 158 -8.37 42.15 -108.34
C THR N 158 -7.97 42.35 -109.81
N ALA N 159 -8.18 43.54 -110.42
CA ALA N 159 -7.90 43.81 -111.85
C ALA N 159 -6.41 43.61 -112.23
N PRO N 160 -5.36 44.08 -111.50
CA PRO N 160 -3.96 43.84 -111.90
C PRO N 160 -3.35 42.51 -111.44
N ASN N 161 -4.03 41.72 -110.59
CA ASN N 161 -3.56 40.45 -110.03
C ASN N 161 -4.69 39.44 -109.82
N PHE N 162 -4.45 38.19 -110.21
CA PHE N 162 -5.37 37.06 -110.01
C PHE N 162 -4.63 35.80 -109.58
N THR N 163 -5.33 34.85 -108.97
CA THR N 163 -4.85 33.47 -108.82
C THR N 163 -5.84 32.49 -109.43
N ILE N 164 -5.32 31.52 -110.18
CA ILE N 164 -6.06 30.39 -110.72
C ILE N 164 -5.75 29.17 -109.86
N VAL N 165 -6.73 28.42 -109.40
CA VAL N 165 -6.56 27.13 -108.75
C VAL N 165 -7.21 26.06 -109.61
N THR N 166 -6.46 25.05 -110.00
CA THR N 166 -7.01 23.89 -110.69
C THR N 166 -6.95 22.72 -109.75
N THR N 167 -8.08 22.06 -109.48
CA THR N 167 -8.11 20.84 -108.65
C THR N 167 -7.41 19.67 -109.35
N ARG N 168 -7.39 19.70 -110.68
CA ARG N 168 -6.60 18.82 -111.55
C ARG N 168 -5.12 19.16 -111.51
N THR N 169 -4.27 18.19 -111.80
CA THR N 169 -2.83 18.37 -111.92
C THR N 169 -2.30 18.47 -113.36
N ASP N 170 -3.07 18.06 -114.38
CA ASP N 170 -2.65 18.06 -115.79
C ASP N 170 -2.84 19.38 -116.54
N VAL N 171 -3.73 20.25 -116.06
CA VAL N 171 -3.90 21.60 -116.59
C VAL N 171 -2.67 22.45 -116.28
N THR N 172 -2.17 23.21 -117.26
CA THR N 172 -1.08 24.19 -117.08
C THR N 172 -1.43 25.53 -117.69
N ILE N 173 -1.57 26.57 -116.88
CA ILE N 173 -1.68 27.96 -117.37
C ILE N 173 -0.29 28.52 -117.64
N THR N 174 -0.13 29.36 -118.64
CA THR N 174 1.12 30.03 -119.01
C THR N 174 0.82 31.36 -119.70
N ALA N 175 1.65 32.40 -119.57
CA ALA N 175 1.48 33.62 -120.35
C ALA N 175 1.99 33.44 -121.79
N SER N 176 1.30 33.97 -122.80
CA SER N 176 1.72 33.86 -124.22
C SER N 176 1.67 35.16 -125.00
N GLY N 177 0.74 36.07 -124.66
CA GLY N 177 0.83 37.47 -125.07
C GLY N 177 1.91 38.23 -124.27
N GLU N 178 2.29 39.40 -124.76
CA GLU N 178 3.02 40.39 -123.95
C GLU N 178 2.05 41.12 -123.00
N GLY N 179 2.58 41.81 -121.99
CA GLY N 179 1.75 42.56 -121.04
C GLY N 179 1.06 41.70 -119.98
N VAL N 180 1.47 40.45 -119.82
CA VAL N 180 0.99 39.53 -118.79
C VAL N 180 2.07 38.54 -118.36
N THR N 181 1.99 38.11 -117.12
CA THR N 181 2.89 37.14 -116.47
C THR N 181 2.09 36.02 -115.82
N VAL N 182 2.61 34.80 -115.86
CA VAL N 182 2.09 33.69 -115.04
C VAL N 182 3.25 32.96 -114.37
N THR N 183 3.11 32.81 -113.07
CA THR N 183 4.04 32.07 -112.20
C THR N 183 3.28 30.98 -111.46
N GLU N 184 3.74 29.74 -111.54
CA GLU N 184 3.17 28.66 -110.74
C GLU N 184 3.72 28.72 -109.31
N ALA N 185 2.85 28.69 -108.30
CA ALA N 185 3.29 28.80 -106.91
C ALA N 185 3.82 27.45 -106.39
N THR N 186 5.10 27.39 -106.06
CA THR N 186 5.73 26.23 -105.39
C THR N 186 5.43 26.20 -103.89
N SER N 187 5.55 25.05 -103.25
CA SER N 187 5.49 24.92 -101.78
C SER N 187 6.60 24.01 -101.26
N VAL N 188 7.47 24.53 -100.39
CA VAL N 188 8.66 23.85 -99.85
C VAL N 188 8.70 24.04 -98.34
N ALA N 189 9.22 23.08 -97.60
CA ALA N 189 9.30 23.17 -96.14
C ALA N 189 10.20 24.32 -95.68
N ALA N 190 9.94 24.88 -94.50
CA ALA N 190 10.71 25.99 -93.94
C ALA N 190 11.20 25.66 -92.54
N ALA N 191 12.42 26.05 -92.18
CA ALA N 191 12.90 25.86 -90.82
C ALA N 191 12.14 26.73 -89.82
N GLY N 192 12.09 26.32 -88.55
CA GLY N 192 11.43 27.05 -87.47
C GLY N 192 10.05 27.61 -87.84
N THR N 193 9.18 26.79 -88.43
CA THR N 193 7.88 27.24 -88.96
C THR N 193 6.77 26.38 -88.42
N ASN N 194 5.61 26.97 -88.13
CA ASN N 194 4.42 26.24 -87.71
C ASN N 194 3.64 25.74 -88.92
N TYR N 195 3.07 24.55 -88.82
CA TYR N 195 2.33 23.90 -89.90
C TYR N 195 0.92 23.54 -89.47
N TYR N 196 0.01 23.73 -90.41
CA TYR N 196 -1.42 23.67 -90.20
C TYR N 196 -2.06 22.70 -91.16
N GLY N 197 -2.86 21.76 -90.65
CA GLY N 197 -3.73 20.93 -91.46
C GLY N 197 -5.00 21.70 -91.79
N HIS N 198 -5.55 21.50 -92.98
CA HIS N 198 -6.74 22.20 -93.48
C HIS N 198 -7.89 21.24 -93.73
N ALA N 199 -9.11 21.75 -93.86
CA ALA N 199 -10.30 20.92 -94.06
C ALA N 199 -10.25 20.10 -95.36
N ASP N 200 -9.47 20.52 -96.35
CA ASP N 200 -9.15 19.76 -97.57
C ASP N 200 -8.33 18.49 -97.31
N GLY N 201 -7.58 18.43 -96.22
CA GLY N 201 -6.57 17.41 -95.97
C GLY N 201 -5.14 17.86 -96.25
N THR N 202 -4.94 19.05 -96.83
CA THR N 202 -3.63 19.63 -97.11
C THR N 202 -2.92 20.06 -95.83
N VAL N 203 -1.59 20.16 -95.89
CA VAL N 203 -0.76 20.65 -94.77
C VAL N 203 0.13 21.76 -95.27
N ASN N 204 0.06 22.92 -94.65
CA ASN N 204 0.60 24.18 -95.18
C ASN N 204 1.24 25.00 -94.06
N ALA N 205 2.19 25.85 -94.39
CA ALA N 205 2.75 26.80 -93.43
C ALA N 205 1.79 27.93 -93.04
N VAL N 206 0.66 28.05 -93.74
CA VAL N 206 -0.30 29.15 -93.57
C VAL N 206 -1.50 28.67 -92.79
N LYS N 207 -1.92 29.41 -91.76
CA LYS N 207 -3.21 29.17 -91.10
C LYS N 207 -4.24 30.10 -91.73
N GLY N 208 -5.36 29.54 -92.16
CA GLY N 208 -6.48 30.32 -92.71
C GLY N 208 -7.63 30.48 -91.71
N SER N 209 -8.84 30.62 -92.22
CA SER N 209 -10.06 30.50 -91.43
C SER N 209 -10.32 29.09 -90.92
N ASP N 210 -9.75 28.05 -91.55
CA ASP N 210 -10.04 26.64 -91.25
C ASP N 210 -8.86 25.84 -90.65
N GLY N 211 -7.71 26.46 -90.43
CA GLY N 211 -6.47 25.73 -90.17
C GLY N 211 -6.35 25.22 -88.74
N VAL N 212 -5.76 24.03 -88.60
CA VAL N 212 -5.58 23.31 -87.33
C VAL N 212 -4.11 23.04 -87.12
N TYR N 213 -3.54 23.43 -85.99
CA TYR N 213 -2.13 23.27 -85.73
C TYR N 213 -1.72 21.81 -85.60
N VAL N 214 -0.74 21.37 -86.38
CA VAL N 214 -0.26 19.98 -86.37
C VAL N 214 1.17 19.83 -85.90
N GLY N 215 1.99 20.87 -85.99
CA GLY N 215 3.39 20.77 -85.59
C GLY N 215 4.24 21.94 -86.02
N HIS N 216 5.52 21.86 -85.75
CA HIS N 216 6.50 22.86 -86.15
C HIS N 216 7.79 22.16 -86.57
N THR N 217 8.66 22.80 -87.34
CA THR N 217 9.74 22.07 -88.01
C THR N 217 11.02 21.81 -87.25
N GLN N 218 11.67 22.78 -86.62
CA GLN N 218 13.13 22.73 -86.42
C GLN N 218 13.82 22.88 -87.77
N GLU N 219 14.78 22.06 -88.17
CA GLU N 219 15.27 22.05 -89.54
C GLU N 219 14.14 21.75 -90.53
N ALA N 220 14.19 22.26 -91.75
CA ALA N 220 13.08 22.13 -92.69
C ALA N 220 12.68 20.67 -93.01
N ASP N 221 13.63 19.72 -92.97
CA ASP N 221 13.37 18.31 -93.29
C ASP N 221 12.59 17.53 -92.23
N ARG N 222 12.31 18.10 -91.07
CA ARG N 222 11.68 17.39 -89.95
C ARG N 222 10.46 18.13 -89.45
N LEU N 223 9.39 17.43 -89.11
CA LEU N 223 8.23 18.01 -88.46
C LEU N 223 8.08 17.38 -87.09
N ILE N 224 8.05 18.20 -86.06
CA ILE N 224 7.70 17.76 -84.72
C ILE N 224 6.19 17.81 -84.63
N VAL N 225 5.56 16.68 -84.42
CA VAL N 225 4.12 16.51 -84.52
C VAL N 225 3.51 16.57 -83.13
N ASN N 226 2.62 17.54 -82.93
CA ASN N 226 1.86 17.75 -81.71
C ASN N 226 0.54 18.37 -82.14
N VAL N 227 -0.41 17.53 -82.49
CA VAL N 227 -1.67 17.98 -83.08
C VAL N 227 -2.55 18.57 -82.00
N LYS N 228 -2.93 19.84 -82.12
CA LYS N 228 -3.97 20.40 -81.26
C LYS N 228 -5.30 20.12 -81.93
N ASP N 229 -5.94 19.01 -81.56
CA ASP N 229 -7.18 18.51 -82.14
C ASP N 229 -8.21 19.61 -82.40
N GLU N 230 -8.84 19.59 -83.57
CA GLU N 230 -9.98 20.48 -83.84
C GLU N 230 -11.17 20.13 -82.94
N GLU N 231 -11.96 21.13 -82.57
CA GLU N 231 -13.15 20.95 -81.76
C GLU N 231 -14.29 21.88 -82.20
N ASP N 232 -15.53 21.49 -81.92
CA ASP N 232 -16.73 22.27 -82.17
C ASP N 232 -16.86 23.39 -81.14
N ALA O 2 25.26 24.96 -48.07
CA ALA O 2 23.98 24.30 -47.71
C ALA O 2 23.58 23.27 -48.77
N LEU O 3 22.87 22.22 -48.38
CA LEU O 3 22.25 21.27 -49.30
C LEU O 3 21.00 21.89 -49.96
N LYS O 4 20.81 21.71 -51.26
CA LYS O 4 19.77 22.39 -52.07
C LYS O 4 19.29 21.51 -53.23
N THR O 5 18.09 21.77 -53.75
CA THR O 5 17.47 21.00 -54.86
C THR O 5 17.38 21.77 -56.17
N LYS O 6 17.68 21.11 -57.28
CA LYS O 6 17.61 21.63 -58.66
C LYS O 6 16.47 20.99 -59.42
N PRO O 7 15.72 21.68 -60.29
CA PRO O 7 14.72 21.05 -61.14
C PRO O 7 15.33 19.99 -62.04
N ARG O 8 14.61 18.88 -62.22
CA ARG O 8 14.99 17.80 -63.12
C ARG O 8 13.76 17.27 -63.82
N TRP O 9 13.95 16.72 -65.02
CA TRP O 9 12.96 15.83 -65.61
C TRP O 9 12.90 14.58 -64.77
N ASP O 10 11.70 14.22 -64.34
CA ASP O 10 11.44 12.95 -63.71
C ASP O 10 11.02 11.92 -64.74
N LYS O 11 10.06 12.25 -65.58
CA LYS O 11 9.62 11.40 -66.70
C LYS O 11 9.67 12.19 -68.00
N TYR O 12 10.30 11.61 -69.01
CA TYR O 12 10.55 12.16 -70.34
C TYR O 12 10.79 10.99 -71.30
N ASP O 13 9.93 10.75 -72.30
CA ASP O 13 10.08 9.59 -73.19
C ASP O 13 11.06 9.86 -74.36
N GLY O 14 10.78 10.87 -75.19
CA GLY O 14 11.66 11.24 -76.31
C GLY O 14 11.29 10.63 -77.67
N TYR O 15 10.26 9.77 -77.72
CA TYR O 15 9.62 9.35 -78.98
C TYR O 15 8.25 10.00 -79.22
N VAL O 16 7.80 10.92 -78.37
CA VAL O 16 6.40 11.39 -78.31
C VAL O 16 6.23 12.87 -78.63
N GLY O 17 7.11 13.41 -79.46
CA GLY O 17 7.13 14.85 -79.76
C GLY O 17 7.88 15.66 -78.72
N ASN O 18 8.49 15.03 -77.71
CA ASN O 18 9.63 15.62 -77.00
C ASN O 18 10.87 15.45 -77.88
N TYR O 19 11.63 16.51 -78.16
CA TYR O 19 12.52 16.52 -79.33
C TYR O 19 13.92 17.03 -79.07
N ARG O 20 14.90 16.45 -79.78
CA ARG O 20 16.25 17.03 -79.92
C ARG O 20 16.25 18.22 -80.87
N GLY O 21 17.07 19.21 -80.55
CA GLY O 21 17.46 20.31 -81.44
C GLY O 21 18.86 20.78 -81.12
N VAL O 22 19.22 21.98 -81.56
CA VAL O 22 20.47 22.66 -81.19
C VAL O 22 20.18 24.07 -80.69
N LEU O 23 20.99 24.58 -79.76
CA LEU O 23 20.84 25.97 -79.36
C LEU O 23 21.24 26.94 -80.48
N GLY O 24 20.48 28.02 -80.61
CA GLY O 24 20.80 29.16 -81.48
C GLY O 24 21.68 30.22 -80.81
N GLU O 25 21.87 30.14 -79.50
CA GLU O 25 22.59 31.10 -78.66
C GLU O 25 23.25 30.37 -77.47
N ASP O 26 24.18 31.00 -76.76
CA ASP O 26 24.61 30.46 -75.47
C ASP O 26 23.53 30.63 -74.41
N ILE O 27 23.45 29.67 -73.50
CA ILE O 27 22.66 29.74 -72.27
C ILE O 27 23.48 30.42 -71.19
N ASP O 28 22.92 31.40 -70.50
CA ASP O 28 23.60 32.12 -69.43
C ASP O 28 23.67 31.29 -68.15
N LEU O 29 24.84 30.78 -67.78
CA LEU O 29 24.96 29.98 -66.57
C LEU O 29 24.59 30.74 -65.30
N ASP O 30 24.60 32.07 -65.29
CA ASP O 30 24.28 32.84 -64.10
C ASP O 30 22.77 32.89 -63.84
N THR O 31 21.95 32.81 -64.89
CA THR O 31 20.50 33.06 -64.78
C THR O 31 19.62 32.03 -65.45
N GLU O 32 20.16 31.10 -66.22
CA GLU O 32 19.36 30.16 -67.02
C GLU O 32 19.71 28.70 -66.80
N ALA O 33 20.89 28.38 -66.28
CA ALA O 33 21.20 27.00 -65.93
C ALA O 33 20.36 26.50 -64.76
N ASN O 34 20.09 25.19 -64.74
CA ASN O 34 19.33 24.50 -63.69
C ASN O 34 17.98 25.16 -63.36
N ARG O 35 17.28 25.65 -64.38
CA ARG O 35 15.97 26.30 -64.32
C ARG O 35 15.08 25.75 -65.42
N VAL O 36 13.78 25.91 -65.26
CA VAL O 36 12.79 25.48 -66.26
C VAL O 36 12.56 26.62 -67.23
N LEU O 37 13.02 26.50 -68.46
CA LEU O 37 13.03 27.54 -69.47
C LEU O 37 11.96 27.23 -70.51
N ALA O 38 11.11 28.18 -70.84
CA ALA O 38 10.21 28.08 -71.96
C ALA O 38 10.98 28.44 -73.23
N VAL O 39 10.92 27.60 -74.26
CA VAL O 39 11.74 27.74 -75.46
C VAL O 39 10.93 27.68 -76.74
N GLY O 40 11.45 28.31 -77.78
CA GLY O 40 10.89 28.36 -79.12
C GLY O 40 11.90 27.98 -80.19
N THR O 41 11.53 28.12 -81.45
CA THR O 41 12.45 27.92 -82.59
C THR O 41 12.71 29.25 -83.26
N ASN O 42 13.94 29.62 -83.59
CA ASN O 42 14.23 30.84 -84.35
C ASN O 42 14.00 30.64 -85.85
N SER O 43 14.47 31.55 -86.71
CA SER O 43 14.28 31.44 -88.16
C SER O 43 15.16 30.40 -88.84
N ASN O 44 16.25 29.98 -88.19
CA ASN O 44 17.00 28.78 -88.54
C ASN O 44 16.33 27.56 -87.90
N GLY O 45 16.98 26.41 -87.88
CA GLY O 45 16.46 25.22 -87.21
C GLY O 45 16.54 25.20 -85.69
N ALA O 46 16.87 26.31 -85.02
CA ALA O 46 17.49 26.28 -83.70
C ALA O 46 16.56 26.65 -82.53
N ILE O 47 16.81 26.03 -81.39
CA ILE O 47 16.19 26.30 -80.09
C ILE O 47 16.67 27.66 -79.59
N VAL O 48 15.74 28.50 -79.14
CA VAL O 48 16.06 29.76 -78.46
C VAL O 48 15.21 29.89 -77.21
N VAL O 49 15.76 30.51 -76.16
CA VAL O 49 15.00 30.77 -74.94
C VAL O 49 13.97 31.85 -75.21
N GLY O 50 12.74 31.61 -74.80
CA GLY O 50 11.62 32.49 -75.10
C GLY O 50 11.00 32.24 -76.46
N ALA O 51 10.06 33.08 -76.87
CA ALA O 51 9.42 32.95 -78.17
C ALA O 51 10.44 33.25 -79.28
N GLY O 52 10.59 32.33 -80.24
CA GLY O 52 11.36 32.60 -81.46
C GLY O 52 10.43 33.03 -82.58
N GLN O 53 10.64 32.46 -83.77
CA GLN O 53 9.72 32.56 -84.89
C GLN O 53 8.41 31.81 -84.63
N THR O 54 8.48 30.65 -83.97
CA THR O 54 7.34 29.72 -83.81
C THR O 54 6.43 30.00 -82.63
N GLY O 55 6.83 30.88 -81.71
CA GLY O 55 6.27 30.99 -80.36
C GLY O 55 6.86 29.94 -79.40
N ILE O 56 6.32 29.80 -78.20
CA ILE O 56 6.76 28.79 -77.22
C ILE O 56 6.28 27.40 -77.63
N LYS O 57 7.21 26.47 -77.77
CA LYS O 57 6.99 25.11 -78.27
C LYS O 57 7.33 24.02 -77.28
N GLY O 58 7.88 24.35 -76.12
CA GLY O 58 8.34 23.37 -75.16
C GLY O 58 8.98 23.98 -73.92
N LEU O 59 9.33 23.12 -72.98
CA LEU O 59 10.17 23.43 -71.83
C LEU O 59 11.54 22.77 -71.98
N MET O 60 12.56 23.39 -71.43
CA MET O 60 13.93 22.89 -71.41
C MET O 60 14.54 23.11 -70.03
N ILE O 61 15.29 22.15 -69.53
CA ILE O 61 16.14 22.30 -68.34
C ILE O 61 17.56 22.08 -68.82
N VAL O 62 18.42 23.08 -68.63
CA VAL O 62 19.83 22.96 -68.95
C VAL O 62 20.55 22.53 -67.69
N ALA O 63 20.67 21.23 -67.49
CA ALA O 63 21.37 20.64 -66.35
C ALA O 63 22.87 20.90 -66.45
N VAL O 64 23.44 21.56 -65.44
CA VAL O 64 24.86 21.94 -65.39
C VAL O 64 25.41 21.58 -64.03
N GLY O 65 26.57 20.95 -63.97
CA GLY O 65 27.22 20.60 -62.72
C GLY O 65 27.94 21.76 -62.05
N ALA O 66 28.01 21.74 -60.73
CA ALA O 66 28.97 22.54 -59.99
C ALA O 66 30.39 21.99 -60.20
N ASP O 67 31.34 22.89 -60.35
CA ASP O 67 32.75 22.62 -60.54
C ASP O 67 33.47 22.33 -59.22
N ILE O 68 34.78 22.11 -59.33
CA ILE O 68 35.68 21.84 -58.22
C ILE O 68 35.60 22.95 -57.15
N HIS O 69 35.37 24.21 -57.52
CA HIS O 69 35.24 25.37 -56.62
C HIS O 69 33.78 25.73 -56.27
N GLY O 70 32.80 24.91 -56.65
CA GLY O 70 31.38 25.10 -56.35
C GLY O 70 30.63 26.14 -57.20
N ALA O 71 31.28 26.70 -58.22
CA ALA O 71 30.64 27.50 -59.26
C ALA O 71 30.18 26.62 -60.43
N MET O 72 29.31 27.06 -61.33
CA MET O 72 28.90 26.20 -62.46
C MET O 72 29.99 26.04 -63.52
N LEU O 73 30.18 24.81 -64.01
CA LEU O 73 31.12 24.48 -65.09
C LEU O 73 30.73 25.15 -66.42
N ASP O 74 31.63 25.91 -67.04
CA ASP O 74 31.43 26.50 -68.36
C ASP O 74 31.84 25.61 -69.54
N GLY O 75 32.55 24.50 -69.29
CA GLY O 75 33.03 23.59 -70.33
C GLY O 75 32.01 22.58 -70.86
N GLY O 76 30.74 22.70 -70.49
CA GLY O 76 29.70 21.73 -70.82
C GLY O 76 29.40 21.65 -72.32
N ILE O 77 28.88 20.51 -72.77
CA ILE O 77 28.58 20.19 -74.16
C ILE O 77 27.11 20.36 -74.54
N ASN O 78 26.32 21.08 -73.74
CA ASN O 78 24.87 21.19 -73.86
C ASN O 78 24.33 22.59 -73.54
N ASN O 79 25.14 23.64 -73.72
CA ASN O 79 24.77 24.99 -73.27
C ASN O 79 25.36 26.15 -74.06
N HIS O 80 26.21 25.92 -75.05
CA HIS O 80 26.68 26.93 -75.99
C HIS O 80 25.83 26.92 -77.26
N ALA O 81 25.87 28.01 -78.02
CA ALA O 81 25.32 27.99 -79.38
C ALA O 81 25.89 26.81 -80.18
N GLY O 82 25.04 26.06 -80.86
CA GLY O 82 25.42 24.87 -81.62
C GLY O 82 25.46 23.56 -80.83
N ASP O 83 25.37 23.56 -79.50
CA ASP O 83 25.23 22.32 -78.74
C ASP O 83 23.85 21.68 -78.90
N PRO O 84 23.73 20.35 -78.80
CA PRO O 84 22.46 19.66 -78.82
C PRO O 84 21.72 19.76 -77.48
N GLN O 85 20.39 19.79 -77.52
CA GLN O 85 19.54 19.86 -76.34
C GLN O 85 18.20 19.18 -76.57
N ASP O 86 17.55 18.79 -75.47
CA ASP O 86 16.27 18.11 -75.41
C ASP O 86 15.15 19.05 -74.95
N VAL O 87 14.05 19.10 -75.69
CA VAL O 87 12.89 19.95 -75.41
C VAL O 87 11.66 19.11 -75.14
N GLY O 88 11.05 19.25 -73.97
CA GLY O 88 9.88 18.48 -73.58
C GLY O 88 8.55 19.19 -73.83
N LYS O 89 7.57 18.46 -74.37
CA LYS O 89 6.16 18.86 -74.46
C LYS O 89 5.27 18.08 -73.49
N HIS O 90 5.64 16.85 -73.16
CA HIS O 90 4.83 15.89 -72.44
C HIS O 90 5.71 15.10 -71.47
N GLY O 91 5.49 15.22 -70.17
CA GLY O 91 6.34 14.60 -69.16
C GLY O 91 6.10 15.15 -67.77
N GLU O 92 7.06 14.97 -66.87
CA GLU O 92 7.00 15.51 -65.50
C GLU O 92 8.34 16.09 -65.06
N ILE O 93 8.32 17.22 -64.39
CA ILE O 93 9.48 17.86 -63.78
C ILE O 93 9.31 17.80 -62.27
N THR O 94 10.32 17.34 -61.54
CA THR O 94 10.33 17.31 -60.08
C THR O 94 11.35 18.28 -59.52
N ASN O 95 11.22 18.61 -58.24
CA ASN O 95 11.87 19.77 -57.63
C ASN O 95 11.59 21.06 -58.41
N PHE O 96 10.39 21.14 -58.98
CA PHE O 96 9.92 22.28 -59.77
C PHE O 96 10.00 23.58 -59.00
N GLN O 97 10.54 24.62 -59.64
CA GLN O 97 10.42 26.00 -59.22
C GLN O 97 10.03 26.83 -60.43
N PRO O 98 9.20 27.87 -60.30
CA PRO O 98 9.01 28.83 -61.37
C PRO O 98 10.33 29.52 -61.71
N THR O 99 10.43 30.07 -62.90
CA THR O 99 11.60 30.80 -63.39
C THR O 99 11.25 32.27 -63.55
N VAL O 100 12.05 33.13 -62.95
CA VAL O 100 11.93 34.58 -63.06
C VAL O 100 13.30 35.17 -63.33
N PHE O 101 13.38 36.19 -64.17
CA PHE O 101 14.61 36.98 -64.36
C PHE O 101 14.43 38.34 -63.70
N GLY O 102 15.37 38.74 -62.85
CA GLY O 102 15.28 39.99 -62.09
C GLY O 102 14.45 39.88 -60.80
N ARG O 103 13.95 41.02 -60.33
CA ARG O 103 13.20 41.18 -59.06
C ARG O 103 12.07 42.18 -59.26
N THR O 104 11.01 42.10 -58.45
CA THR O 104 9.91 43.07 -58.49
C THR O 104 9.25 43.30 -57.14
N PHE O 105 8.79 44.53 -56.89
CA PHE O 105 8.30 44.99 -55.60
C PHE O 105 6.99 45.77 -55.76
N GLY O 106 6.02 45.49 -54.89
CA GLY O 106 4.83 46.30 -54.67
C GLY O 106 5.03 47.20 -53.46
N VAL O 107 4.68 48.48 -53.55
CA VAL O 107 4.82 49.45 -52.45
C VAL O 107 3.44 50.04 -52.12
N ALA O 108 3.07 50.01 -50.84
CA ALA O 108 1.74 50.31 -50.34
C ALA O 108 1.81 51.43 -49.27
N ILE O 109 1.50 52.67 -49.62
CA ILE O 109 1.63 53.83 -48.71
C ILE O 109 0.49 53.88 -47.69
N SER O 110 0.68 53.24 -46.54
CA SER O 110 -0.26 53.17 -45.42
C SER O 110 -0.46 54.49 -44.65
N ALA O 111 0.31 55.54 -44.93
CA ALA O 111 0.06 56.88 -44.43
C ALA O 111 -1.29 57.43 -44.95
N THR O 112 -1.80 58.49 -44.34
CA THR O 112 -2.99 59.18 -44.82
C THR O 112 -2.67 60.22 -45.89
N GLU O 113 -1.62 61.03 -45.71
CA GLU O 113 -1.20 62.10 -46.63
C GLU O 113 0.24 62.57 -46.33
N GLY O 114 0.86 63.29 -47.27
CA GLY O 114 2.10 64.06 -47.08
C GLY O 114 3.30 63.48 -47.82
N ASN O 115 4.11 62.68 -47.13
CA ASN O 115 5.29 62.02 -47.68
C ASN O 115 5.63 60.71 -46.93
N VAL O 116 6.47 59.89 -47.55
CA VAL O 116 6.96 58.58 -47.10
C VAL O 116 8.45 58.43 -47.43
N LYS O 117 9.15 57.48 -46.81
CA LYS O 117 10.56 57.17 -47.12
C LYS O 117 10.82 55.67 -47.27
N LEU O 118 11.44 55.26 -48.37
CA LEU O 118 11.79 53.87 -48.67
C LEU O 118 13.30 53.67 -48.52
N ALA O 119 13.79 52.45 -48.78
CA ALA O 119 15.24 52.14 -48.84
C ALA O 119 15.46 51.39 -50.15
N VAL O 120 16.66 51.43 -50.74
CA VAL O 120 17.01 50.63 -51.95
C VAL O 120 18.38 50.03 -51.63
N ASN O 121 18.44 48.72 -51.34
CA ASN O 121 19.71 48.02 -51.00
C ASN O 121 20.24 48.55 -49.65
N GLY O 122 19.36 48.97 -48.72
CA GLY O 122 19.76 49.39 -47.36
C GLY O 122 20.13 50.88 -47.19
N VAL O 123 20.05 51.70 -48.24
CA VAL O 123 20.19 53.17 -48.15
C VAL O 123 18.86 53.84 -48.50
N ASP O 124 18.51 54.90 -47.79
CA ASP O 124 17.20 55.53 -47.96
C ASP O 124 17.07 56.26 -49.30
N THR O 125 15.84 56.29 -49.82
CA THR O 125 15.46 57.13 -50.96
C THR O 125 15.45 58.63 -50.63
N GLY O 126 15.52 58.98 -49.35
CA GLY O 126 14.98 60.25 -48.85
C GLY O 126 13.46 60.30 -48.97
N ASN O 127 12.85 61.38 -48.49
CA ASN O 127 11.41 61.54 -48.52
C ASN O 127 10.88 61.67 -49.95
N ILE O 128 9.81 60.93 -50.24
CA ILE O 128 9.05 60.89 -51.49
C ILE O 128 7.60 61.30 -51.16
N ALA O 129 6.99 62.15 -51.99
CA ALA O 129 5.64 62.64 -51.79
C ALA O 129 4.60 61.50 -51.78
N TYR O 130 3.46 61.71 -51.09
CA TYR O 130 2.38 60.73 -51.03
C TYR O 130 1.59 60.60 -52.37
N ASP O 131 1.68 61.60 -53.24
CA ASP O 131 1.28 61.52 -54.65
C ASP O 131 2.53 61.57 -55.53
N THR O 132 2.73 60.56 -56.38
CA THR O 132 3.80 60.55 -57.39
C THR O 132 3.30 60.08 -58.75
N SER O 133 3.75 60.76 -59.80
CA SER O 133 3.85 60.18 -61.15
C SER O 133 4.88 59.04 -61.15
N ALA O 134 4.76 58.06 -62.05
CA ALA O 134 5.67 56.91 -62.07
C ALA O 134 7.16 57.32 -62.20
N ALA O 135 7.44 58.26 -63.10
CA ALA O 135 8.77 58.83 -63.32
C ALA O 135 9.35 59.57 -62.09
N ASN O 136 8.49 60.12 -61.23
CA ASN O 136 8.89 60.74 -59.97
C ASN O 136 9.32 59.70 -58.94
N LEU O 137 8.53 58.64 -58.73
CA LEU O 137 8.91 57.53 -57.86
C LEU O 137 10.17 56.82 -58.34
N LYS O 138 10.29 56.62 -59.67
CA LYS O 138 11.50 56.11 -60.32
C LYS O 138 12.72 56.99 -59.99
N SER O 139 12.61 58.31 -60.13
CA SER O 139 13.70 59.21 -59.76
C SER O 139 14.04 59.14 -58.26
N GLY O 140 13.05 58.92 -57.39
CA GLY O 140 13.22 58.71 -55.96
C GLY O 140 14.01 57.45 -55.57
N ILE O 141 13.92 56.36 -56.34
CA ILE O 141 14.69 55.12 -56.11
C ILE O 141 16.02 55.09 -56.88
N VAL O 142 16.09 55.74 -58.03
CA VAL O 142 17.32 56.01 -58.78
C VAL O 142 18.19 57.03 -58.03
N ALA O 143 19.41 57.28 -58.53
CA ALA O 143 20.44 58.29 -58.19
C ALA O 143 21.09 58.41 -56.80
N VAL O 144 20.82 57.47 -55.89
CA VAL O 144 21.71 57.23 -54.73
C VAL O 144 23.08 56.77 -55.22
N ASP O 145 24.16 57.12 -54.53
CA ASP O 145 25.54 57.01 -55.04
C ASP O 145 26.08 55.57 -55.16
N ASP O 146 25.24 54.57 -54.89
CA ASP O 146 25.53 53.14 -54.96
C ASP O 146 25.71 52.61 -56.40
N GLY O 147 25.53 53.45 -57.41
CA GLY O 147 25.81 53.15 -58.81
C GLY O 147 24.74 52.33 -59.53
N PHE O 148 23.61 52.00 -58.90
CA PHE O 148 22.42 51.57 -59.65
C PHE O 148 21.81 52.77 -60.38
N THR O 149 21.64 52.66 -61.69
CA THR O 149 21.36 53.79 -62.58
C THR O 149 19.92 53.76 -63.14
N ALA O 150 19.56 54.77 -63.92
CA ALA O 150 18.19 55.07 -64.30
C ALA O 150 17.47 53.96 -65.10
N ASP O 151 18.18 53.16 -65.90
CA ASP O 151 17.61 52.01 -66.63
C ASP O 151 17.81 50.67 -65.92
N ASP O 152 18.33 50.64 -64.69
CA ASP O 152 18.29 49.43 -63.85
C ASP O 152 16.90 49.13 -63.27
N PHE O 153 15.95 50.05 -63.42
CA PHE O 153 14.59 49.95 -62.89
C PHE O 153 13.53 50.30 -63.94
N THR O 154 12.31 49.83 -63.71
CA THR O 154 11.09 50.39 -64.31
C THR O 154 9.95 50.42 -63.29
N VAL O 155 9.00 51.35 -63.43
CA VAL O 155 7.99 51.68 -62.39
C VAL O 155 6.61 51.89 -63.01
N THR O 156 5.55 51.44 -62.35
CA THR O 156 4.17 51.50 -62.87
C THR O 156 3.09 51.43 -61.77
N GLY O 157 1.88 51.89 -62.05
CA GLY O 157 0.71 51.86 -61.15
C GLY O 157 0.59 53.14 -60.31
N THR O 158 0.12 54.22 -60.91
CA THR O 158 0.10 55.58 -60.34
C THR O 158 -0.94 55.75 -59.23
N ALA O 159 -0.68 55.17 -58.07
CA ALA O 159 -1.67 54.93 -57.04
C ALA O 159 -1.00 54.77 -55.67
N PRO O 160 -1.75 54.80 -54.56
CA PRO O 160 -1.21 54.40 -53.26
C PRO O 160 -0.63 52.97 -53.23
N ASN O 161 -0.99 52.13 -54.20
CA ASN O 161 -0.23 50.92 -54.54
C ASN O 161 0.56 51.13 -55.84
N PHE O 162 1.90 51.02 -55.79
CA PHE O 162 2.78 51.13 -56.98
C PHE O 162 3.44 49.77 -57.27
N THR O 163 4.32 49.66 -58.27
CA THR O 163 5.10 48.43 -58.61
C THR O 163 6.50 48.90 -59.01
N ILE O 164 7.57 48.10 -58.84
CA ILE O 164 8.97 48.47 -59.21
C ILE O 164 9.74 47.22 -59.68
N VAL O 165 10.11 47.12 -60.95
CA VAL O 165 10.77 45.94 -61.53
C VAL O 165 12.22 46.26 -61.87
N THR O 166 13.18 45.35 -61.63
CA THR O 166 14.63 45.60 -61.91
C THR O 166 15.09 44.49 -62.84
N THR O 167 16.18 44.72 -63.58
CA THR O 167 16.75 43.76 -64.55
C THR O 167 17.83 42.92 -63.87
N ARG O 168 18.04 43.06 -62.55
CA ARG O 168 19.18 42.42 -61.84
C ARG O 168 18.71 41.70 -60.57
N THR O 169 19.51 40.75 -60.05
CA THR O 169 19.17 39.93 -58.89
C THR O 169 19.43 40.62 -57.54
N ASP O 170 20.38 41.55 -57.47
CA ASP O 170 20.94 42.09 -56.23
C ASP O 170 20.18 43.31 -55.68
N VAL O 171 19.78 44.22 -56.56
CA VAL O 171 18.92 45.36 -56.25
C VAL O 171 17.67 44.88 -55.52
N THR O 172 17.39 45.48 -54.37
CA THR O 172 16.38 45.06 -53.40
C THR O 172 15.69 46.29 -52.82
N ILE O 173 14.40 46.25 -52.52
CA ILE O 173 13.66 47.43 -52.05
C ILE O 173 12.87 47.12 -50.78
N THR O 174 12.83 48.07 -49.85
CA THR O 174 12.23 47.94 -48.52
C THR O 174 11.62 49.28 -48.08
N ALA O 175 10.77 49.25 -47.05
CA ALA O 175 10.35 50.45 -46.34
C ALA O 175 11.49 51.02 -45.47
N SER O 176 11.42 52.28 -45.04
CA SER O 176 12.42 52.87 -44.14
C SER O 176 11.83 53.83 -43.12
N GLY O 177 11.08 54.83 -43.57
CA GLY O 177 10.14 55.56 -42.72
C GLY O 177 8.89 54.73 -42.44
N GLU O 178 8.07 55.20 -41.51
CA GLU O 178 6.69 54.76 -41.40
C GLU O 178 5.84 55.21 -42.61
N GLY O 179 4.60 54.75 -42.68
CA GLY O 179 3.62 55.18 -43.68
C GLY O 179 3.69 54.44 -45.02
N VAL O 180 4.52 53.40 -45.10
CA VAL O 180 4.61 52.52 -46.26
C VAL O 180 5.00 51.09 -45.86
N THR O 181 4.45 50.11 -46.58
CA THR O 181 4.84 48.70 -46.53
C THR O 181 5.34 48.29 -47.91
N VAL O 182 6.42 47.52 -48.00
CA VAL O 182 6.97 47.03 -49.27
C VAL O 182 6.95 45.50 -49.26
N THR O 183 6.38 44.92 -50.32
CA THR O 183 6.31 43.48 -50.55
C THR O 183 7.07 43.11 -51.80
N GLU O 184 8.06 42.23 -51.71
CA GLU O 184 8.60 41.59 -52.91
C GLU O 184 7.58 40.61 -53.49
N ALA O 185 7.22 40.79 -54.76
CA ALA O 185 6.31 39.89 -55.47
C ALA O 185 7.04 38.61 -55.91
N THR O 186 7.60 37.92 -54.94
CA THR O 186 8.42 36.72 -55.12
C THR O 186 7.57 35.55 -55.61
N SER O 187 8.09 34.79 -56.60
CA SER O 187 7.40 33.65 -57.23
C SER O 187 7.92 32.35 -56.62
N VAL O 188 7.06 31.54 -56.02
CA VAL O 188 7.44 30.23 -55.41
C VAL O 188 6.46 29.20 -55.96
N ALA O 189 6.85 27.94 -56.02
CA ALA O 189 6.00 26.87 -56.59
C ALA O 189 4.75 26.69 -55.70
N ALA O 190 3.54 26.67 -56.28
CA ALA O 190 2.30 26.43 -55.58
C ALA O 190 1.68 25.10 -56.00
N ALA O 191 1.07 24.39 -55.06
CA ALA O 191 0.31 23.18 -55.34
C ALA O 191 -0.92 23.51 -56.19
N GLY O 192 -1.38 22.55 -56.97
CA GLY O 192 -2.61 22.63 -57.76
C GLY O 192 -2.76 23.92 -58.56
N THR O 193 -1.75 24.32 -59.30
CA THR O 193 -1.70 25.63 -59.99
C THR O 193 -1.30 25.46 -61.45
N ASN O 194 -1.86 26.25 -62.36
CA ASN O 194 -1.49 26.29 -63.79
C ASN O 194 -0.25 27.17 -64.02
N TYR O 195 0.64 26.78 -64.92
CA TYR O 195 1.87 27.51 -65.24
C TYR O 195 2.01 27.83 -66.72
N TYR O 196 2.63 28.96 -67.01
CA TYR O 196 2.68 29.56 -68.33
C TYR O 196 4.12 29.89 -68.71
N GLY O 197 4.54 29.53 -69.91
CA GLY O 197 5.73 30.07 -70.54
C GLY O 197 5.45 31.46 -71.09
N HIS O 198 6.48 32.29 -71.26
CA HIS O 198 6.37 33.66 -71.73
C HIS O 198 7.38 33.96 -72.84
N ALA O 199 7.19 35.03 -73.60
CA ALA O 199 8.10 35.45 -74.66
C ALA O 199 9.55 35.62 -74.19
N ASP O 200 9.76 35.97 -72.92
CA ASP O 200 11.03 36.08 -72.22
C ASP O 200 11.75 34.74 -72.02
N GLY O 201 11.00 33.64 -71.92
CA GLY O 201 11.46 32.32 -71.51
C GLY O 201 11.25 31.98 -70.04
N THR O 202 10.76 32.91 -69.25
CA THR O 202 10.29 32.70 -67.87
C THR O 202 9.10 31.76 -67.81
N VAL O 203 8.88 31.15 -66.66
CA VAL O 203 7.78 30.22 -66.40
C VAL O 203 7.18 30.54 -65.05
N ASN O 204 5.95 31.02 -65.00
CA ASN O 204 5.29 31.42 -63.76
C ASN O 204 3.77 31.17 -63.83
N ALA O 205 3.07 31.32 -62.72
CA ALA O 205 1.65 31.03 -62.60
C ALA O 205 0.73 32.08 -63.25
N VAL O 206 1.26 33.11 -63.90
CA VAL O 206 0.44 34.23 -64.40
C VAL O 206 0.37 34.22 -65.92
N LYS O 207 -0.84 34.15 -66.48
CA LYS O 207 -1.08 34.37 -67.90
C LYS O 207 -1.23 35.87 -68.16
N GLY O 208 -0.24 36.49 -68.79
CA GLY O 208 -0.30 37.90 -69.21
C GLY O 208 -1.05 38.05 -70.53
N SER O 209 -0.68 39.04 -71.32
CA SER O 209 -1.11 39.10 -72.72
C SER O 209 -0.39 38.05 -73.60
N ASP O 210 0.71 37.46 -73.14
CA ASP O 210 1.56 36.56 -73.92
C ASP O 210 1.63 35.10 -73.42
N GLY O 211 0.96 34.74 -72.33
CA GLY O 211 1.26 33.50 -71.64
C GLY O 211 0.79 32.25 -72.40
N VAL O 212 1.66 31.26 -72.54
CA VAL O 212 1.40 29.99 -73.23
C VAL O 212 1.35 28.88 -72.20
N TYR O 213 0.25 28.15 -72.09
CA TYR O 213 0.09 27.12 -71.07
C TYR O 213 1.11 25.99 -71.22
N VAL O 214 1.88 25.70 -70.17
CA VAL O 214 2.88 24.62 -70.20
C VAL O 214 2.58 23.45 -69.28
N GLY O 215 1.71 23.61 -68.29
CA GLY O 215 1.45 22.52 -67.34
C GLY O 215 0.76 22.95 -66.07
N HIS O 216 0.63 22.02 -65.14
CA HIS O 216 0.01 22.24 -63.84
C HIS O 216 0.71 21.39 -62.77
N THR O 217 0.69 21.80 -61.51
CA THR O 217 1.61 21.20 -60.53
C THR O 217 1.23 19.85 -59.95
N GLN O 218 0.00 19.62 -59.47
CA GLN O 218 -0.23 18.63 -58.40
C GLN O 218 0.49 19.07 -57.11
N GLU O 219 1.26 18.24 -56.41
CA GLU O 219 2.04 18.73 -55.26
C GLU O 219 3.03 19.81 -55.70
N ALA O 220 3.33 20.79 -54.86
CA ALA O 220 4.03 21.99 -55.30
C ALA O 220 5.42 21.73 -55.91
N ASP O 221 6.10 20.67 -55.47
CA ASP O 221 7.42 20.28 -55.92
C ASP O 221 7.42 19.59 -57.29
N ARG O 222 6.27 19.36 -57.92
CA ARG O 222 6.15 18.66 -59.21
C ARG O 222 5.40 19.53 -60.21
N LEU O 223 5.73 19.42 -61.48
CA LEU O 223 4.97 19.98 -62.59
C LEU O 223 4.68 18.86 -63.56
N ILE O 224 3.43 18.73 -63.97
CA ILE O 224 3.03 17.85 -65.04
C ILE O 224 3.05 18.67 -66.32
N VAL O 225 3.89 18.30 -67.26
CA VAL O 225 4.17 19.12 -68.43
C VAL O 225 3.24 18.71 -69.56
N ASN O 226 2.52 19.66 -70.12
CA ASN O 226 1.61 19.46 -71.23
C ASN O 226 1.50 20.70 -72.10
N VAL O 227 2.57 21.01 -72.82
CA VAL O 227 2.72 22.26 -73.55
C VAL O 227 1.68 22.33 -74.64
N LYS O 228 0.79 23.33 -74.59
CA LYS O 228 -0.11 23.60 -75.70
C LYS O 228 0.56 24.60 -76.61
N ASP O 229 1.32 24.07 -77.56
CA ASP O 229 2.14 24.81 -78.51
C ASP O 229 1.51 26.12 -78.94
N GLU O 230 2.28 27.20 -78.87
CA GLU O 230 1.85 28.47 -79.40
C GLU O 230 1.67 28.41 -80.91
N GLU O 231 0.79 29.23 -81.45
CA GLU O 231 0.49 29.28 -82.88
C GLU O 231 0.29 30.72 -83.38
N ASP O 232 0.30 30.89 -84.69
CA ASP O 232 0.21 32.20 -85.36
C ASP O 232 -1.21 32.77 -85.34
N ALA P 2 65.85 20.23 58.86
CA ALA P 2 65.79 20.72 60.25
C ALA P 2 65.52 22.22 60.23
N LEU P 3 64.94 22.79 61.29
CA LEU P 3 64.30 24.11 61.21
C LEU P 3 65.20 25.26 60.72
N LYS P 4 66.49 25.28 61.06
CA LYS P 4 67.30 26.51 61.05
C LYS P 4 68.69 26.38 60.44
N THR P 5 69.13 27.45 59.78
CA THR P 5 70.56 27.70 59.50
C THR P 5 71.18 28.53 60.62
N LYS P 6 72.50 28.46 60.80
CA LYS P 6 73.29 29.28 61.71
C LYS P 6 74.44 29.91 60.93
N PRO P 7 74.91 31.12 61.24
CA PRO P 7 76.08 31.72 60.62
C PRO P 7 77.33 30.85 60.69
N ARG P 8 78.16 30.87 59.65
CA ARG P 8 79.45 30.20 59.57
C ARG P 8 80.43 31.00 58.73
N TRP P 9 81.72 30.82 58.93
CA TRP P 9 82.70 31.23 57.92
C TRP P 9 82.57 30.34 56.68
N ASP P 10 82.50 30.94 55.51
CA ASP P 10 82.61 30.28 54.23
C ASP P 10 84.05 30.28 53.77
N LYS P 11 84.66 31.46 53.64
CA LYS P 11 86.09 31.59 53.34
C LYS P 11 86.78 32.28 54.52
N TYR P 12 87.82 31.65 55.04
CA TYR P 12 88.67 32.13 56.12
C TYR P 12 90.07 31.55 55.93
N ASP P 13 91.09 32.37 55.76
CA ASP P 13 92.45 31.92 55.43
C ASP P 13 93.35 31.68 56.65
N GLY P 14 93.56 32.67 57.52
CA GLY P 14 94.36 32.49 58.74
C GLY P 14 95.87 32.64 58.61
N TYR P 15 96.41 32.88 57.42
CA TYR P 15 97.77 33.37 57.19
C TYR P 15 97.80 34.85 56.83
N VAL P 16 96.64 35.49 56.56
CA VAL P 16 96.53 36.96 56.28
C VAL P 16 96.40 37.70 57.65
N GLY P 17 95.52 38.70 57.82
CA GLY P 17 95.30 39.42 59.09
C GLY P 17 94.41 38.67 60.09
N ASN P 18 93.94 37.45 59.79
CA ASN P 18 93.06 36.66 60.65
C ASN P 18 93.90 35.86 61.67
N TYR P 19 93.47 35.71 62.92
CA TYR P 19 94.36 35.33 64.00
C TYR P 19 93.74 34.44 65.09
N ARG P 20 94.56 33.59 65.69
CA ARG P 20 94.26 32.88 66.93
C ARG P 20 94.42 33.82 68.13
N GLY P 21 93.57 33.69 69.13
CA GLY P 21 93.70 34.35 70.42
C GLY P 21 93.16 33.47 71.54
N VAL P 22 93.04 33.99 72.74
CA VAL P 22 92.37 33.32 73.87
C VAL P 22 91.23 34.17 74.37
N LEU P 23 90.13 33.57 74.78
CA LEU P 23 88.97 34.30 75.29
C LEU P 23 89.28 34.85 76.68
N GLY P 24 88.98 36.12 76.92
CA GLY P 24 89.19 36.77 78.23
C GLY P 24 88.07 36.56 79.23
N GLU P 25 86.94 36.01 78.77
CA GLU P 25 85.69 35.85 79.49
C GLU P 25 84.89 34.69 78.87
N ASP P 26 83.95 34.09 79.59
CA ASP P 26 83.09 33.06 78.99
C ASP P 26 82.12 33.66 77.97
N ILE P 27 81.88 32.95 76.88
CA ILE P 27 80.80 33.20 75.93
C ILE P 27 79.50 32.69 76.52
N ASP P 28 78.44 33.49 76.50
CA ASP P 28 77.12 33.08 76.94
C ASP P 28 76.42 32.26 75.84
N LEU P 29 76.32 30.94 76.01
CA LEU P 29 75.78 30.09 74.96
C LEU P 29 74.36 30.45 74.55
N ASP P 30 73.52 30.97 75.45
CA ASP P 30 72.14 31.30 75.10
C ASP P 30 72.02 32.60 74.31
N THR P 31 73.06 33.42 74.26
CA THR P 31 73.02 34.81 73.81
C THR P 31 74.03 35.11 72.72
N GLU P 32 75.12 34.35 72.66
CA GLU P 32 76.32 34.70 71.90
C GLU P 32 76.90 33.56 71.08
N ALA P 33 76.64 32.29 71.41
CA ALA P 33 77.04 31.20 70.53
C ALA P 33 76.31 31.24 69.19
N ASN P 34 76.91 30.71 68.13
CA ASN P 34 76.33 30.62 66.79
C ASN P 34 75.82 31.97 66.27
N ARG P 35 76.53 33.05 66.57
CA ARG P 35 76.23 34.42 66.14
C ARG P 35 77.52 35.11 65.72
N VAL P 36 77.38 36.16 64.90
CA VAL P 36 78.51 36.98 64.43
C VAL P 36 78.82 38.06 65.45
N LEU P 37 79.90 37.90 66.20
CA LEU P 37 80.22 38.81 67.29
C LEU P 37 81.33 39.76 66.87
N ALA P 38 81.16 41.05 67.10
CA ALA P 38 82.27 42.00 66.97
C ALA P 38 83.16 41.91 68.20
N VAL P 39 84.45 41.69 68.02
CA VAL P 39 85.40 41.47 69.11
C VAL P 39 86.53 42.48 69.15
N GLY P 40 87.04 42.77 70.34
CA GLY P 40 88.26 43.52 70.58
C GLY P 40 89.25 42.75 71.44
N THR P 41 90.23 43.43 72.02
CA THR P 41 91.25 42.84 72.91
C THR P 41 91.27 43.59 74.24
N ASN P 42 91.31 42.92 75.38
CA ASN P 42 91.39 43.57 76.70
C ASN P 42 92.81 44.09 77.02
N SER P 43 93.07 44.54 78.25
CA SER P 43 94.41 44.97 78.68
C SER P 43 95.42 43.84 78.82
N ASN P 44 94.99 42.59 78.90
CA ASN P 44 95.86 41.43 78.65
C ASN P 44 95.88 41.11 77.14
N GLY P 45 96.32 39.93 76.75
CA GLY P 45 96.32 39.53 75.34
C GLY P 45 94.98 38.99 74.80
N ALA P 46 93.87 39.07 75.54
CA ALA P 46 92.72 38.22 75.32
C ALA P 46 91.62 38.85 74.47
N ILE P 47 90.93 38.05 73.68
CA ILE P 47 89.74 38.38 72.91
C ILE P 47 88.58 38.67 73.87
N VAL P 48 87.89 39.77 73.69
CA VAL P 48 86.66 40.10 74.42
C VAL P 48 85.57 40.55 73.48
N VAL P 49 84.32 40.18 73.76
CA VAL P 49 83.17 40.59 72.95
C VAL P 49 82.88 42.06 73.16
N GLY P 50 82.72 42.80 72.08
CA GLY P 50 82.65 44.26 72.11
C GLY P 50 84.02 44.92 72.17
N ALA P 51 84.04 46.23 72.36
CA ALA P 51 85.30 46.95 72.45
C ALA P 51 86.03 46.58 73.75
N GLY P 52 87.27 46.12 73.63
CA GLY P 52 88.16 45.96 74.78
C GLY P 52 88.94 47.24 75.06
N GLN P 53 90.21 47.11 75.41
CA GLN P 53 91.15 48.22 75.43
C GLN P 53 91.38 48.79 74.02
N THR P 54 91.42 47.93 73.00
CA THR P 54 91.86 48.29 71.65
C THR P 54 90.75 48.76 70.72
N GLY P 55 89.49 48.66 71.11
CA GLY P 55 88.34 48.83 70.22
C GLY P 55 88.03 47.57 69.41
N ILE P 56 87.11 47.62 68.45
CA ILE P 56 86.77 46.44 67.62
C ILE P 56 87.88 46.15 66.63
N LYS P 57 88.44 44.95 66.66
CA LYS P 57 89.56 44.52 65.82
C LYS P 57 89.20 43.38 64.87
N GLY P 58 88.01 42.82 64.92
CA GLY P 58 87.65 41.67 64.09
C GLY P 58 86.25 41.15 64.36
N LEU P 59 85.87 40.08 63.68
CA LEU P 59 84.64 39.33 63.91
C LEU P 59 84.95 37.90 64.35
N MET P 60 84.06 37.31 65.13
CA MET P 60 84.19 35.94 65.62
C MET P 60 82.85 35.23 65.57
N ILE P 61 82.84 33.95 65.21
CA ILE P 61 81.68 33.07 65.34
C ILE P 61 82.09 31.92 66.25
N VAL P 62 81.43 31.80 67.39
CA VAL P 62 81.65 30.71 68.33
C VAL P 62 80.74 29.56 67.93
N ALA P 63 81.24 28.60 67.15
CA ALA P 63 80.45 27.54 66.57
C ALA P 63 80.23 26.43 67.59
N VAL P 64 78.98 26.18 67.97
CA VAL P 64 78.61 25.27 69.06
C VAL P 64 77.53 24.32 68.60
N GLY P 65 77.71 23.02 68.87
CA GLY P 65 76.69 22.02 68.59
C GLY P 65 75.54 22.06 69.59
N ALA P 66 74.35 21.75 69.11
CA ALA P 66 73.15 21.60 69.92
C ALA P 66 72.59 20.18 69.81
N ASP P 67 71.94 19.71 70.88
CA ASP P 67 71.16 18.46 70.85
C ASP P 67 69.85 18.63 70.04
N ILE P 68 69.17 17.53 69.72
CA ILE P 68 67.88 17.59 68.97
C ILE P 68 66.81 18.39 69.72
N HIS P 69 66.90 18.49 71.04
CA HIS P 69 66.04 19.32 71.89
C HIS P 69 66.37 20.82 71.80
N GLY P 70 67.34 21.22 70.98
CA GLY P 70 67.71 22.61 70.73
C GLY P 70 68.64 23.25 71.75
N ALA P 71 69.18 22.50 72.72
CA ALA P 71 70.14 23.06 73.65
C ALA P 71 71.61 22.68 73.59
N MET P 72 72.45 23.60 74.06
CA MET P 72 73.87 23.61 73.74
C MET P 72 74.72 23.05 74.88
N LEU P 73 75.69 22.21 74.53
CA LEU P 73 76.58 21.60 75.52
C LEU P 73 77.52 22.63 76.13
N ASP P 74 77.64 22.66 77.45
CA ASP P 74 78.59 23.54 78.15
C ASP P 74 80.01 22.95 78.23
N GLY P 75 80.21 21.69 77.86
CA GLY P 75 81.50 21.00 77.89
C GLY P 75 82.46 21.33 76.76
N GLY P 76 82.18 22.35 75.94
CA GLY P 76 83.02 22.73 74.81
C GLY P 76 84.42 23.23 75.22
N ILE P 77 85.32 23.29 74.26
CA ILE P 77 86.72 23.71 74.46
C ILE P 77 87.06 24.99 73.68
N ASN P 78 86.06 25.78 73.30
CA ASN P 78 86.22 26.99 72.49
C ASN P 78 85.31 28.14 72.95
N ASN P 79 84.89 28.18 74.22
CA ASN P 79 83.87 29.13 74.67
C ASN P 79 84.01 29.61 76.12
N HIS P 80 84.90 29.02 76.92
CA HIS P 80 85.21 29.49 78.26
C HIS P 80 86.41 30.44 78.27
N ALA P 81 86.55 31.25 79.30
CA ALA P 81 87.74 32.07 79.49
C ALA P 81 89.01 31.21 79.45
N GLY P 82 90.02 31.65 78.71
CA GLY P 82 91.25 30.93 78.46
C GLY P 82 91.19 29.92 77.32
N ASP P 83 90.03 29.65 76.72
CA ASP P 83 89.94 28.84 75.51
C ASP P 83 90.44 29.59 74.29
N PRO P 84 91.08 28.90 73.33
CA PRO P 84 91.46 29.51 72.08
C PRO P 84 90.25 29.78 71.18
N GLN P 85 90.31 30.85 70.40
CA GLN P 85 89.33 31.15 69.37
C GLN P 85 90.00 31.82 68.17
N ASP P 86 89.46 31.58 66.98
CA ASP P 86 89.80 32.27 65.75
C ASP P 86 89.03 33.58 65.61
N VAL P 87 89.66 34.60 65.03
CA VAL P 87 89.08 35.91 64.75
C VAL P 87 89.40 36.33 63.33
N GLY P 88 88.42 36.82 62.57
CA GLY P 88 88.57 37.20 61.17
C GLY P 88 88.53 38.69 60.95
N LYS P 89 89.40 39.16 60.08
CA LYS P 89 89.41 40.49 59.47
C LYS P 89 88.99 40.46 58.01
N HIS P 90 89.27 39.37 57.31
CA HIS P 90 89.04 39.20 55.89
C HIS P 90 88.45 37.82 55.64
N GLY P 91 87.38 37.73 54.87
CA GLY P 91 86.75 36.47 54.56
C GLY P 91 85.32 36.62 54.14
N GLU P 92 84.57 35.54 54.13
CA GLU P 92 83.13 35.58 53.88
C GLU P 92 82.39 34.79 54.94
N ILE P 93 81.30 35.32 55.47
CA ILE P 93 80.39 34.62 56.37
C ILE P 93 79.11 34.32 55.61
N THR P 94 78.59 33.10 55.71
CA THR P 94 77.36 32.65 55.03
C THR P 94 76.30 32.22 56.03
N ASN P 95 75.05 32.24 55.59
CA ASN P 95 73.87 32.27 56.45
C ASN P 95 73.92 33.42 57.43
N PHE P 96 74.43 34.56 56.98
CA PHE P 96 74.59 35.76 57.79
C PHE P 96 73.28 36.26 58.39
N GLN P 97 73.34 36.79 59.61
CA GLN P 97 72.30 37.54 60.27
C GLN P 97 72.92 38.67 61.09
N PRO P 98 72.24 39.80 61.28
CA PRO P 98 72.62 40.78 62.28
C PRO P 98 72.66 40.16 63.67
N THR P 99 73.51 40.68 64.55
CA THR P 99 73.60 40.24 65.95
C THR P 99 72.99 41.29 66.83
N VAL P 100 72.02 40.92 67.65
CA VAL P 100 71.33 41.77 68.62
C VAL P 100 71.25 41.05 69.97
N PHE P 101 71.39 41.80 71.06
CA PHE P 101 71.31 41.30 72.42
C PHE P 101 70.08 41.91 73.11
N GLY P 102 69.39 41.13 73.93
CA GLY P 102 68.14 41.58 74.53
C GLY P 102 66.98 41.68 73.55
N ARG P 103 65.94 42.42 73.96
CA ARG P 103 64.70 42.68 73.20
C ARG P 103 64.47 44.17 73.18
N THR P 104 63.90 44.72 72.14
CA THR P 104 63.57 46.15 72.07
C THR P 104 62.21 46.40 71.44
N PHE P 105 61.47 47.34 72.02
CA PHE P 105 60.08 47.66 71.70
C PHE P 105 59.95 49.17 71.44
N GLY P 106 59.20 49.52 70.40
CA GLY P 106 58.75 50.89 70.12
C GLY P 106 57.34 51.08 70.64
N VAL P 107 57.12 52.13 71.42
CA VAL P 107 55.81 52.52 71.97
C VAL P 107 55.39 53.86 71.40
N ALA P 108 54.18 53.91 70.85
CA ALA P 108 53.59 55.15 70.35
C ALA P 108 52.16 55.30 70.89
N ILE P 109 51.82 56.47 71.45
CA ILE P 109 50.50 56.74 72.01
C ILE P 109 49.62 57.55 71.05
N SER P 110 48.54 56.91 70.62
CA SER P 110 47.48 57.47 69.78
C SER P 110 46.56 58.40 70.57
N ALA P 111 46.46 58.21 71.89
CA ALA P 111 45.66 59.04 72.79
C ALA P 111 46.32 60.38 73.11
N THR P 112 45.51 61.43 73.21
CA THR P 112 45.87 62.73 73.80
C THR P 112 45.03 63.02 75.05
N GLU P 113 44.47 61.97 75.64
CA GLU P 113 43.51 62.05 76.75
C GLU P 113 43.69 60.89 77.73
N GLY P 114 43.43 61.17 79.01
CA GLY P 114 43.31 60.12 80.03
C GLY P 114 44.54 59.22 80.13
N ASN P 115 44.31 57.91 80.03
CA ASN P 115 45.30 56.87 80.24
C ASN P 115 45.10 55.66 79.31
N VAL P 116 46.21 54.98 79.04
CA VAL P 116 46.40 53.85 78.13
C VAL P 116 47.01 52.68 78.90
N LYS P 117 46.80 51.45 78.43
CA LYS P 117 47.19 50.23 79.15
C LYS P 117 48.15 49.35 78.33
N LEU P 118 49.35 49.15 78.88
CA LEU P 118 50.36 48.21 78.42
C LEU P 118 50.27 46.89 79.19
N ALA P 119 50.88 45.85 78.67
CA ALA P 119 51.04 44.55 79.32
C ALA P 119 52.51 44.11 79.30
N VAL P 120 52.93 43.40 80.35
CA VAL P 120 54.26 42.80 80.45
C VAL P 120 54.06 41.30 80.58
N ASN P 121 54.50 40.51 79.61
CA ASN P 121 54.21 39.07 79.53
C ASN P 121 52.73 38.70 79.71
N GLY P 122 51.82 39.59 79.30
CA GLY P 122 50.37 39.38 79.34
C GLY P 122 49.64 39.87 80.60
N VAL P 123 50.33 40.42 81.60
CA VAL P 123 49.70 41.07 82.78
C VAL P 123 49.92 42.58 82.75
N ASP P 124 48.88 43.35 83.03
CA ASP P 124 48.81 44.77 82.69
C ASP P 124 49.52 45.72 83.66
N THR P 125 49.97 46.86 83.14
CA THR P 125 50.60 47.99 83.87
C THR P 125 49.64 48.75 84.80
N GLY P 126 48.35 48.42 84.83
CA GLY P 126 47.32 49.26 85.42
C GLY P 126 46.99 50.45 84.51
N ASN P 127 47.48 51.65 84.84
CA ASN P 127 47.32 52.84 84.01
C ASN P 127 48.63 53.58 83.76
N ILE P 128 48.85 53.95 82.49
CA ILE P 128 49.81 54.95 82.04
C ILE P 128 49.02 56.15 81.57
N ALA P 129 49.23 57.35 82.12
CA ALA P 129 48.64 58.56 81.57
C ALA P 129 49.15 58.80 80.13
N TYR P 130 48.39 59.50 79.28
CA TYR P 130 48.99 60.15 78.12
C TYR P 130 50.02 61.19 78.61
N ASP P 131 51.03 61.52 77.80
CA ASP P 131 52.03 62.55 78.11
C ASP P 131 52.82 62.29 79.41
N THR P 132 53.28 61.07 79.66
CA THR P 132 54.20 60.79 80.78
C THR P 132 55.61 61.34 80.53
N SER P 133 56.42 61.45 81.58
CA SER P 133 57.88 61.40 81.42
C SER P 133 58.35 59.98 81.09
N ALA P 134 59.60 59.84 80.65
CA ALA P 134 60.21 58.53 80.42
C ALA P 134 60.31 57.70 81.72
N ALA P 135 60.72 58.32 82.83
CA ALA P 135 60.82 57.65 84.11
C ALA P 135 59.47 57.18 84.66
N ASN P 136 58.40 57.94 84.44
CA ASN P 136 57.04 57.50 84.76
C ASN P 136 56.64 56.29 83.91
N LEU P 137 57.01 56.22 82.63
CA LEU P 137 56.71 55.06 81.79
C LEU P 137 57.45 53.83 82.31
N LYS P 138 58.76 53.93 82.57
CA LYS P 138 59.59 52.88 83.17
C LYS P 138 59.03 52.38 84.49
N SER P 139 58.64 53.29 85.37
CA SER P 139 58.04 52.97 86.65
C SER P 139 56.79 52.11 86.49
N GLY P 140 55.88 52.47 85.58
CA GLY P 140 54.69 51.67 85.29
C GLY P 140 54.98 50.27 84.73
N ILE P 141 56.09 50.08 84.01
CA ILE P 141 56.53 48.74 83.58
C ILE P 141 57.02 47.92 84.77
N VAL P 142 57.92 48.44 85.61
CA VAL P 142 58.48 47.65 86.73
C VAL P 142 57.48 47.38 87.85
N ALA P 143 56.42 48.20 87.96
CA ALA P 143 55.44 48.10 89.04
C ALA P 143 54.54 46.84 88.96
N VAL P 144 54.59 46.06 87.89
CA VAL P 144 53.88 44.78 87.79
C VAL P 144 54.51 43.75 88.75
N ASP P 145 53.72 42.91 89.41
CA ASP P 145 54.22 41.86 90.32
C ASP P 145 54.72 40.60 89.57
N ASP P 146 55.61 40.80 88.61
CA ASP P 146 56.19 39.76 87.74
C ASP P 146 57.60 39.32 88.15
N GLY P 147 58.21 40.00 89.11
CA GLY P 147 59.58 39.75 89.55
C GLY P 147 60.67 40.34 88.64
N PHE P 148 60.33 41.12 87.62
CA PHE P 148 61.28 41.94 86.86
C PHE P 148 61.44 43.33 87.51
N THR P 149 62.61 43.94 87.39
CA THR P 149 63.04 45.10 88.18
C THR P 149 63.71 46.19 87.35
N ALA P 150 63.94 47.36 87.94
CA ALA P 150 64.45 48.57 87.27
C ALA P 150 65.87 48.49 86.67
N ASP P 151 66.50 47.33 86.70
CA ASP P 151 67.74 46.97 86.02
C ASP P 151 67.51 46.03 84.82
N ASP P 152 66.35 45.37 84.72
CA ASP P 152 65.94 44.59 83.56
C ASP P 152 65.56 45.46 82.36
N PHE P 153 65.20 46.72 82.60
CA PHE P 153 64.68 47.66 81.59
C PHE P 153 65.51 48.93 81.44
N THR P 154 65.45 49.52 80.25
CA THR P 154 65.86 50.90 79.94
C THR P 154 64.78 51.55 79.12
N VAL P 155 64.43 52.80 79.38
CA VAL P 155 63.41 53.54 78.61
C VAL P 155 63.97 54.89 78.19
N THR P 156 63.74 55.27 76.94
CA THR P 156 64.07 56.60 76.40
C THR P 156 62.95 57.08 75.50
N GLY P 157 62.72 58.41 75.46
CA GLY P 157 61.64 59.03 74.66
C GLY P 157 61.05 60.23 75.40
N THR P 158 60.97 61.41 74.77
CA THR P 158 60.36 62.64 75.37
C THR P 158 59.36 63.14 74.32
N ALA P 159 58.43 62.28 73.90
CA ALA P 159 57.43 62.59 72.85
C ALA P 159 56.34 61.53 72.96
N PRO P 160 55.23 61.56 72.19
CA PRO P 160 54.27 60.45 72.21
C PRO P 160 55.05 59.15 71.93
N ASN P 161 56.10 59.20 71.08
CA ASN P 161 56.92 58.00 70.80
C ASN P 161 57.89 57.72 71.95
N PHE P 162 58.34 56.47 72.12
CA PHE P 162 59.35 56.08 73.16
C PHE P 162 59.97 54.75 72.73
N THR P 163 60.93 54.20 73.49
CA THR P 163 61.38 52.82 73.29
C THR P 163 61.80 52.17 74.61
N ILE P 164 61.41 50.91 74.78
CA ILE P 164 61.78 50.05 75.91
C ILE P 164 62.87 49.10 75.43
N VAL P 165 64.00 49.03 76.12
CA VAL P 165 65.06 48.08 75.84
C VAL P 165 65.27 47.20 77.05
N THR P 166 65.27 45.90 76.82
CA THR P 166 65.35 44.86 77.84
C THR P 166 66.65 44.11 77.65
N THR P 167 67.47 43.94 78.68
CA THR P 167 68.70 43.13 78.54
C THR P 167 68.42 41.63 78.58
N ARG P 168 67.37 41.20 79.27
CA ARG P 168 66.82 39.84 79.24
C ARG P 168 66.20 39.52 77.88
N THR P 169 66.03 38.24 77.58
CA THR P 169 65.38 37.78 76.33
C THR P 169 63.88 37.45 76.46
N ASP P 170 63.35 37.34 77.68
CA ASP P 170 62.08 36.67 77.97
C ASP P 170 60.97 37.60 78.48
N VAL P 171 61.16 38.91 78.39
CA VAL P 171 60.13 39.90 78.68
C VAL P 171 59.57 40.43 77.38
N THR P 172 58.27 40.29 77.17
CA THR P 172 57.56 40.82 76.01
C THR P 172 56.72 42.00 76.46
N ILE P 173 57.00 43.21 75.94
CA ILE P 173 56.17 44.44 76.21
C ILE P 173 55.18 44.47 75.05
N THR P 174 53.91 44.78 75.30
CA THR P 174 52.83 44.76 74.28
C THR P 174 51.81 45.81 74.67
N ALA P 175 50.77 46.05 73.88
CA ALA P 175 49.65 46.96 74.24
C ALA P 175 48.49 46.05 74.66
N SER P 176 47.55 46.52 75.52
CA SER P 176 46.35 45.75 75.83
C SER P 176 45.09 46.60 75.71
N GLY P 177 45.14 47.86 76.14
CA GLY P 177 44.09 48.85 75.91
C GLY P 177 44.15 49.51 74.53
N GLU P 178 43.17 50.37 74.25
CA GLU P 178 43.24 51.34 73.14
C GLU P 178 44.14 52.54 73.49
N GLY P 179 44.40 53.41 72.51
CA GLY P 179 45.19 54.64 72.69
C GLY P 179 46.71 54.48 72.64
N VAL P 180 47.20 53.22 72.56
CA VAL P 180 48.66 52.90 72.55
C VAL P 180 48.86 51.66 71.70
N THR P 181 50.03 51.53 71.06
CA THR P 181 50.41 50.35 70.25
C THR P 181 51.82 50.01 70.70
N VAL P 182 52.29 48.78 70.50
CA VAL P 182 53.69 48.39 70.82
C VAL P 182 54.23 47.54 69.66
N THR P 183 55.30 47.97 68.98
CA THR P 183 55.93 47.17 67.92
C THR P 183 57.29 46.67 68.40
N GLU P 184 57.53 45.35 68.35
CA GLU P 184 58.86 44.81 68.61
C GLU P 184 59.78 45.12 67.44
N ALA P 185 60.94 45.70 67.71
CA ALA P 185 61.90 46.12 66.71
C ALA P 185 62.83 44.97 66.29
N THR P 186 62.32 44.13 65.38
CA THR P 186 63.05 43.01 64.75
C THR P 186 64.19 43.48 63.84
N SER P 187 65.10 42.59 63.46
CA SER P 187 66.30 42.86 62.67
C SER P 187 66.64 41.68 61.77
N VAL P 188 66.66 41.89 60.46
CA VAL P 188 66.92 40.89 59.42
C VAL P 188 68.03 41.39 58.51
N ALA P 189 68.80 40.48 57.90
CA ALA P 189 69.80 40.84 56.91
C ALA P 189 69.18 41.47 55.65
N ALA P 190 69.86 42.45 55.08
CA ALA P 190 69.45 43.13 53.86
C ALA P 190 70.54 43.01 52.81
N ALA P 191 70.16 42.80 51.56
CA ALA P 191 71.10 42.77 50.46
C ALA P 191 71.78 44.13 50.28
N GLY P 192 73.00 44.15 49.76
CA GLY P 192 73.68 45.38 49.34
C GLY P 192 73.89 46.41 50.46
N THR P 193 74.12 45.96 51.69
CA THR P 193 74.12 46.81 52.88
C THR P 193 75.46 46.74 53.61
N ASN P 194 75.95 47.86 54.12
CA ASN P 194 77.11 47.91 55.02
C ASN P 194 76.73 47.54 56.45
N TYR P 195 77.55 46.74 57.13
CA TYR P 195 77.34 46.33 58.52
C TYR P 195 78.47 46.83 59.40
N TYR P 196 78.13 47.18 60.64
CA TYR P 196 79.03 47.81 61.60
C TYR P 196 79.04 47.04 62.92
N GLY P 197 80.22 46.80 63.46
CA GLY P 197 80.43 46.21 64.78
C GLY P 197 80.41 47.30 65.85
N HIS P 198 79.63 47.12 66.91
CA HIS P 198 79.49 48.08 68.01
C HIS P 198 80.27 47.68 69.26
N ALA P 199 80.48 48.62 70.18
CA ALA P 199 81.14 48.39 71.45
C ALA P 199 80.45 47.35 72.33
N ASP P 200 79.14 47.16 72.17
CA ASP P 200 78.38 46.05 72.74
C ASP P 200 78.86 44.67 72.28
N GLY P 201 79.47 44.59 71.10
CA GLY P 201 79.71 43.33 70.38
C GLY P 201 78.63 42.95 69.37
N THR P 202 77.57 43.75 69.22
CA THR P 202 76.49 43.46 68.25
C THR P 202 77.03 43.74 66.84
N VAL P 203 76.30 43.42 65.77
CA VAL P 203 76.68 43.84 64.39
C VAL P 203 75.36 44.35 63.85
N ASN P 204 75.29 45.50 63.21
CA ASN P 204 73.99 46.09 62.80
C ASN P 204 74.20 46.96 61.57
N ALA P 205 73.23 47.02 60.66
CA ALA P 205 73.35 47.91 59.50
C ALA P 205 73.36 49.39 59.87
N VAL P 206 73.12 49.73 61.13
CA VAL P 206 73.18 51.08 61.68
C VAL P 206 74.54 51.34 62.31
N LYS P 207 75.14 52.47 61.98
CA LYS P 207 76.28 53.10 62.67
C LYS P 207 75.75 54.27 63.50
N GLY P 208 76.23 54.45 64.73
CA GLY P 208 75.79 55.52 65.62
C GLY P 208 76.97 56.43 66.00
N SER P 209 77.00 56.92 67.24
CA SER P 209 78.28 57.42 67.80
C SER P 209 79.48 56.48 67.96
N ASP P 210 79.27 55.19 67.69
CA ASP P 210 80.23 54.11 67.55
C ASP P 210 79.75 53.18 66.42
N GLY P 211 80.63 52.32 65.91
CA GLY P 211 80.29 51.42 64.79
C GLY P 211 81.40 51.42 63.76
N VAL P 212 82.48 50.66 63.98
CA VAL P 212 83.56 50.53 62.96
C VAL P 212 82.93 49.75 61.82
N TYR P 213 83.41 49.87 60.59
CA TYR P 213 82.90 49.06 59.46
C TYR P 213 83.38 47.61 59.65
N VAL P 214 82.57 46.57 59.39
CA VAL P 214 83.06 45.19 59.34
C VAL P 214 82.89 44.53 57.99
N GLY P 215 82.03 45.02 57.12
CA GLY P 215 81.76 44.39 55.85
C GLY P 215 80.48 44.86 55.18
N HIS P 216 80.10 44.18 54.11
CA HIS P 216 78.88 44.45 53.36
C HIS P 216 78.29 43.14 52.85
N THR P 217 77.00 43.06 52.56
CA THR P 217 76.35 41.77 52.28
C THR P 217 76.54 41.17 50.89
N GLN P 218 76.32 41.91 49.80
CA GLN P 218 75.90 41.28 48.52
C GLN P 218 74.49 40.67 48.66
N GLU P 219 74.22 39.41 48.32
CA GLU P 219 72.94 38.81 48.70
C GLU P 219 72.81 38.70 50.22
N ALA P 220 71.61 38.87 50.77
CA ALA P 220 71.42 39.06 52.20
C ALA P 220 71.97 37.92 53.07
N ASP P 221 71.96 36.67 52.59
CA ASP P 221 72.50 35.51 53.30
C ASP P 221 74.03 35.47 53.41
N ARG P 222 74.75 36.40 52.76
CA ARG P 222 76.23 36.42 52.75
C ARG P 222 76.74 37.75 53.29
N LEU P 223 77.87 37.77 54.01
CA LEU P 223 78.60 38.95 54.43
C LEU P 223 80.02 38.84 53.91
N ILE P 224 80.46 39.82 53.16
CA ILE P 224 81.84 39.95 52.72
C ILE P 224 82.56 40.73 53.83
N VAL P 225 83.44 40.06 54.55
CA VAL P 225 84.08 40.60 55.75
C VAL P 225 85.36 41.30 55.37
N ASN P 226 85.47 42.57 55.76
CA ASN P 226 86.64 43.40 55.51
C ASN P 226 86.73 44.45 56.61
N VAL P 227 87.22 44.06 57.77
CA VAL P 227 87.15 44.89 58.97
C VAL P 227 88.09 46.08 58.86
N LYS P 228 87.58 47.29 59.05
CA LYS P 228 88.39 48.49 59.18
C LYS P 228 88.59 48.77 60.67
N ASP P 229 89.63 48.16 61.22
CA ASP P 229 89.92 48.14 62.66
C ASP P 229 89.74 49.48 63.35
N GLU P 230 89.22 49.45 64.57
CA GLU P 230 89.07 50.66 65.37
C GLU P 230 90.44 51.25 65.71
N GLU P 231 90.48 52.57 65.87
CA GLU P 231 91.69 53.37 65.97
C GLU P 231 91.54 54.47 67.03
N ASP P 232 92.64 54.87 67.67
CA ASP P 232 92.65 55.96 68.65
C ASP P 232 92.21 57.29 68.05
#